data_8T9R
#
_entry.id   8T9R
#
_cell.length_a   1.00
_cell.length_b   1.00
_cell.length_c   1.00
_cell.angle_alpha   90.00
_cell.angle_beta   90.00
_cell.angle_gamma   90.00
#
_symmetry.space_group_name_H-M   'P 1'
#
loop_
_entity.id
_entity.type
_entity.pdbx_description
1 polymer 'Highly immunogenic outer capsid protein'
2 polymer 'Mature major capsid protein'
#
loop_
_entity_poly.entity_id
_entity_poly.type
_entity_poly.pdbx_seq_one_letter_code
_entity_poly.pdbx_strand_id
1 'polypeptide(L)'
;MTFTVDITPKTPTGVIDETKQFTATPSGQTGGGTITYAWSVDNVPQDGAEATFSYVLKGPAGQKTIKVVATNTLSEGGPE
TAEATTTITVKNKTQTTTLAVTPASPAAGVIGTPVQFTAALASQPDGASATYQWYVDDSQVGGETNSTFSYTPTTSGVKR
IKCVAQVTATDYDALSVTSNEVSLTVNKKTMNPQVTLTPPSINVQQDASATFTANVTGAPEEAQITYSWKKDSSPVEGST
NVYTVDTSSVGSQTIEVTATVTAADYNPVTVTKTGNVTVTAKVAPEPEGELPYVHPLPHRSSAYIWCGWWVMDEIQKMTE
EGKDWKTDDPDSKYYLHRYTLQKMMKDYPEVDVQESRNGYIIHKTALETGIIYTYP
;
X,Y
2 'polypeptide(L)'
;AEIGGDHGYNATNIAAGQTSGAVTQIGPAVMGMVRRAIPNLIAFDICGVQPMNSPTGQVFALRAVYGKDPVAAGAKEAFH
PMYGPDAMFSGQGAAKKFPALAASTQTTVGDIYTHFFQETGTVYLQASVQVTIDAGATDAAKLDAEIKKQMEAGALVEIA
EGMATSIAELQEGFNGSTDNPWNEMGFRIDKQVIEAKSRQLKAAYSIELAQDLRAVHGMDADAELSGILATEIMLEINRE
VVDWINYSAQVGKSGMTLTPGSKAGVFDFQDPIDIRGARWAGESFKALLFQIDKEAVEIARQTGRGEGNFIIASRNVVNV
LASVDTGISYAAQGLATGFSTDTTKSVFAGVLGGKYRVYIDQYAKQDYFTVGYKGPNEMDAGIYYAPYVALTPLRGSDPK
NFQPVMGFKTRYGIGINPFAESAAQAPASRIQSGMPSILNSLGKNAYFRRVYVKGI
;
A,B,C,D,E,F
#
# COMPACT_ATOMS: atom_id res chain seq x y z
N ALA A 281 39.29 -5.12 -1.01
CA ALA A 281 40.26 -6.01 -1.64
C ALA A 281 40.42 -7.28 -0.83
N LYS A 282 39.37 -7.66 -0.11
CA LYS A 282 39.41 -8.80 0.80
C LYS A 282 38.19 -9.70 0.57
N VAL A 283 38.36 -10.98 0.91
CA VAL A 283 37.31 -11.98 0.80
C VAL A 283 36.58 -12.07 2.13
N ALA A 284 35.25 -12.04 2.06
CA ALA A 284 34.45 -12.03 3.27
C ALA A 284 34.54 -13.36 3.99
N PRO A 285 34.53 -13.36 5.33
CA PRO A 285 34.44 -14.64 6.05
C PRO A 285 33.16 -15.37 5.71
N GLU A 286 33.26 -16.68 5.60
CA GLU A 286 32.10 -17.48 5.21
C GLU A 286 31.19 -17.66 6.41
N PRO A 287 29.98 -17.08 6.40
CA PRO A 287 29.10 -17.13 7.59
C PRO A 287 28.21 -18.37 7.60
N GLU A 288 28.85 -19.54 7.72
CA GLU A 288 28.16 -20.82 7.73
C GLU A 288 27.42 -20.99 6.40
N GLY A 289 26.37 -21.82 6.39
CA GLY A 289 25.57 -22.02 5.20
C GLY A 289 24.16 -21.49 5.35
N GLU A 290 23.19 -22.24 4.84
CA GLU A 290 21.78 -21.86 4.90
C GLU A 290 21.55 -20.47 4.30
N LEU A 291 22.25 -20.17 3.21
CA LEU A 291 22.09 -18.89 2.56
C LEU A 291 20.69 -18.77 1.99
N PRO A 292 20.13 -17.56 1.95
CA PRO A 292 18.83 -17.36 1.30
C PRO A 292 18.89 -17.76 -0.17
N TYR A 293 17.79 -18.30 -0.67
CA TYR A 293 17.73 -18.76 -2.05
C TYR A 293 17.92 -17.58 -3.00
N VAL A 294 18.75 -17.80 -4.03
CA VAL A 294 18.95 -16.84 -5.10
C VAL A 294 18.36 -17.43 -6.37
N HIS A 295 17.53 -16.65 -7.05
CA HIS A 295 16.79 -17.18 -8.20
C HIS A 295 17.50 -16.76 -9.48
N PRO A 296 18.13 -17.68 -10.19
CA PRO A 296 18.81 -17.30 -11.44
C PRO A 296 17.79 -16.97 -12.53
N LEU A 297 18.06 -15.90 -13.26
CA LEU A 297 17.26 -15.49 -14.40
C LEU A 297 18.17 -15.47 -15.62
N PRO A 298 18.29 -16.58 -16.35
CA PRO A 298 19.23 -16.64 -17.48
C PRO A 298 18.83 -15.77 -18.65
N HIS A 299 17.60 -15.30 -18.71
CA HIS A 299 17.14 -14.55 -19.88
C HIS A 299 17.78 -13.17 -19.94
N ARG A 300 18.09 -12.60 -18.78
CA ARG A 300 18.81 -11.32 -18.71
C ARG A 300 20.14 -11.47 -18.00
N SER A 301 20.61 -12.69 -17.77
CA SER A 301 21.84 -12.95 -17.03
C SER A 301 21.79 -12.26 -15.66
N SER A 302 20.63 -12.31 -15.04
CA SER A 302 20.37 -11.60 -13.79
C SER A 302 19.95 -12.59 -12.72
N ALA A 303 19.50 -12.05 -11.59
CA ALA A 303 19.01 -12.86 -10.48
C ALA A 303 17.86 -12.11 -9.83
N TYR A 304 17.31 -12.69 -8.77
CA TYR A 304 16.26 -12.04 -8.00
C TYR A 304 16.31 -12.57 -6.58
N ILE A 305 16.37 -11.66 -5.60
CA ILE A 305 16.27 -12.04 -4.19
C ILE A 305 15.49 -10.96 -3.46
N TRP A 306 14.64 -11.38 -2.53
CA TRP A 306 13.87 -10.47 -1.70
C TRP A 306 14.59 -10.36 -0.35
N CYS A 307 15.06 -9.16 -0.03
CA CYS A 307 15.82 -8.94 1.20
C CYS A 307 14.95 -8.31 2.29
N GLY A 308 14.08 -7.39 1.91
CA GLY A 308 13.24 -6.71 2.88
C GLY A 308 13.57 -5.23 2.96
N TRP A 309 13.34 -4.62 4.12
CA TRP A 309 13.65 -3.21 4.29
C TRP A 309 14.77 -2.97 5.28
N TRP A 310 14.97 -3.87 6.24
CA TRP A 310 16.07 -3.70 7.19
C TRP A 310 17.41 -3.89 6.50
N VAL A 311 17.45 -4.73 5.46
CA VAL A 311 18.69 -4.95 4.73
C VAL A 311 19.15 -3.67 4.04
N MET A 312 18.24 -3.00 3.32
CA MET A 312 18.61 -1.79 2.60
C MET A 312 19.02 -0.68 3.55
N ASP A 313 18.30 -0.52 4.66
CA ASP A 313 18.68 0.50 5.63
C ASP A 313 20.01 0.18 6.27
N GLU A 314 20.27 -1.11 6.53
CA GLU A 314 21.57 -1.50 7.08
C GLU A 314 22.70 -1.16 6.11
N ILE A 315 22.50 -1.44 4.83
CA ILE A 315 23.52 -1.16 3.83
C ILE A 315 23.74 0.35 3.69
N GLN A 316 22.66 1.13 3.69
CA GLN A 316 22.79 2.59 3.58
C GLN A 316 23.46 3.16 4.82
N LYS A 317 23.17 2.59 5.99
CA LYS A 317 23.86 2.99 7.21
C LYS A 317 25.34 2.67 7.11
N MET A 318 25.67 1.51 6.54
CA MET A 318 27.08 1.15 6.37
C MET A 318 27.80 2.12 5.47
N THR A 319 27.19 2.48 4.34
CA THR A 319 27.87 3.39 3.41
C THR A 319 27.50 4.86 3.68
N GLU A 320 27.57 5.26 4.95
CA GLU A 320 27.54 6.66 5.32
C GLU A 320 28.57 7.02 6.39
N GLU A 321 29.08 6.06 7.14
CA GLU A 321 30.28 6.25 7.94
C GLU A 321 31.53 5.87 7.19
N GLY A 322 31.44 5.69 5.87
CA GLY A 322 32.57 5.41 5.03
C GLY A 322 32.96 3.95 4.94
N LYS A 323 32.26 3.07 5.65
CA LYS A 323 32.65 1.68 5.73
C LYS A 323 32.22 0.94 4.46
N ASP A 324 32.36 -0.38 4.46
CA ASP A 324 32.05 -1.20 3.30
C ASP A 324 30.91 -2.14 3.64
N TRP A 325 29.90 -2.18 2.78
CA TRP A 325 28.78 -3.08 3.01
C TRP A 325 28.96 -4.44 2.37
N LYS A 326 29.93 -4.59 1.46
CA LYS A 326 30.13 -5.87 0.81
C LYS A 326 30.82 -6.88 1.72
N THR A 327 31.79 -6.43 2.53
CA THR A 327 32.66 -7.35 3.24
C THR A 327 32.88 -7.05 4.72
N ASP A 328 32.61 -5.83 5.20
CA ASP A 328 32.98 -5.49 6.56
C ASP A 328 31.93 -5.98 7.56
N ASP A 329 32.30 -5.89 8.85
CA ASP A 329 31.49 -6.28 10.00
C ASP A 329 30.99 -7.71 9.88
N PRO A 330 31.86 -8.70 10.05
CA PRO A 330 31.46 -10.10 9.86
C PRO A 330 30.62 -10.67 11.00
N ASP A 331 30.11 -9.85 11.91
CA ASP A 331 29.33 -10.33 13.04
C ASP A 331 28.07 -9.50 13.27
N SER A 332 27.69 -8.67 12.30
CA SER A 332 26.50 -7.86 12.45
C SER A 332 25.26 -8.74 12.47
N LYS A 333 24.12 -8.11 12.79
CA LYS A 333 22.87 -8.87 12.85
C LYS A 333 22.47 -9.39 11.46
N TYR A 334 22.68 -8.59 10.41
CA TYR A 334 22.22 -8.92 9.07
C TYR A 334 23.40 -9.02 8.10
N TYR A 335 24.50 -9.61 8.56
CA TYR A 335 25.65 -9.80 7.68
C TYR A 335 25.41 -10.93 6.68
N LEU A 336 24.56 -11.90 7.03
CA LEU A 336 24.31 -13.02 6.13
C LEU A 336 23.68 -12.57 4.82
N HIS A 337 22.71 -11.67 4.90
CA HIS A 337 22.06 -11.19 3.68
C HIS A 337 23.00 -10.30 2.87
N ARG A 338 23.85 -9.53 3.54
CA ARG A 338 24.86 -8.75 2.84
C ARG A 338 25.82 -9.67 2.09
N TYR A 339 26.23 -10.76 2.72
CA TYR A 339 27.09 -11.73 2.06
C TYR A 339 26.39 -12.37 0.86
N THR A 340 25.11 -12.71 1.01
CA THR A 340 24.38 -13.29 -0.11
C THR A 340 24.25 -12.31 -1.27
N LEU A 341 23.96 -11.04 -0.97
CA LEU A 341 23.88 -10.04 -2.03
C LEU A 341 25.23 -9.82 -2.70
N GLN A 342 26.30 -9.83 -1.91
CA GLN A 342 27.63 -9.69 -2.47
C GLN A 342 27.94 -10.82 -3.45
N LYS A 343 27.70 -12.07 -3.04
CA LYS A 343 27.90 -13.19 -3.94
C LYS A 343 27.02 -13.08 -5.18
N MET A 344 25.77 -12.65 -4.99
CA MET A 344 24.83 -12.54 -6.10
C MET A 344 25.32 -11.54 -7.13
N MET A 345 25.83 -10.40 -6.67
CA MET A 345 26.41 -9.43 -7.60
C MET A 345 27.68 -9.96 -8.24
N LYS A 346 28.47 -10.73 -7.49
CA LYS A 346 29.71 -11.27 -8.01
C LYS A 346 29.46 -12.22 -9.17
N ASP A 347 28.51 -13.14 -9.02
CA ASP A 347 28.25 -14.12 -10.07
C ASP A 347 27.35 -13.54 -11.16
N TYR A 348 26.38 -12.70 -10.79
CA TYR A 348 25.41 -12.16 -11.72
C TYR A 348 25.66 -10.68 -11.93
N PRO A 349 25.83 -10.23 -13.17
CA PRO A 349 26.19 -8.82 -13.42
C PRO A 349 25.03 -7.85 -13.41
N GLU A 350 23.78 -8.32 -13.37
CA GLU A 350 22.62 -7.43 -13.45
C GLU A 350 21.58 -7.81 -12.40
N VAL A 351 22.02 -7.97 -11.15
CA VAL A 351 21.11 -8.41 -10.10
C VAL A 351 19.94 -7.43 -9.97
N ASP A 352 18.76 -7.98 -9.66
CA ASP A 352 17.52 -7.21 -9.54
C ASP A 352 16.93 -7.44 -8.15
N VAL A 353 17.44 -6.69 -7.17
CA VAL A 353 17.06 -6.87 -5.78
C VAL A 353 15.85 -5.99 -5.48
N GLN A 354 14.85 -6.56 -4.84
CA GLN A 354 13.62 -5.84 -4.52
C GLN A 354 13.56 -5.59 -3.02
N GLU A 355 13.47 -4.32 -2.64
CA GLU A 355 13.30 -3.97 -1.24
C GLU A 355 11.86 -4.23 -0.83
N SER A 356 11.46 -3.79 0.36
CA SER A 356 10.08 -3.96 0.81
C SER A 356 9.38 -2.66 1.10
N ARG A 357 10.11 -1.59 1.46
CA ARG A 357 9.46 -0.30 1.73
C ARG A 357 8.65 0.15 0.53
N ASN A 358 9.23 0.07 -0.65
CA ASN A 358 8.52 0.39 -1.87
C ASN A 358 8.52 -0.76 -2.87
N GLY A 359 9.30 -1.80 -2.65
CA GLY A 359 9.30 -2.92 -3.57
C GLY A 359 9.91 -2.63 -4.91
N TYR A 360 10.71 -1.57 -5.01
CA TYR A 360 11.43 -1.29 -6.24
C TYR A 360 12.52 -2.33 -6.46
N ILE A 361 12.80 -2.61 -7.73
CA ILE A 361 13.84 -3.56 -8.10
C ILE A 361 15.08 -2.74 -8.41
N ILE A 362 15.89 -2.51 -7.38
CA ILE A 362 17.16 -1.80 -7.57
C ILE A 362 18.19 -2.77 -8.11
N HIS A 363 19.02 -2.30 -9.03
CA HIS A 363 19.89 -3.18 -9.78
C HIS A 363 21.29 -3.24 -9.17
N LYS A 364 22.20 -3.95 -9.85
CA LYS A 364 23.56 -4.08 -9.35
C LYS A 364 24.30 -2.76 -9.41
N THR A 365 24.18 -2.03 -10.53
CA THR A 365 24.75 -0.69 -10.57
C THR A 365 24.11 0.20 -9.52
N ALA A 366 22.80 0.04 -9.28
CA ALA A 366 22.15 0.74 -8.20
C ALA A 366 22.71 0.33 -6.85
N LEU A 367 22.92 -0.97 -6.63
CA LEU A 367 23.34 -1.49 -5.34
C LEU A 367 24.81 -1.25 -5.04
N GLU A 368 25.61 -0.89 -6.05
CA GLU A 368 27.06 -0.80 -5.87
C GLU A 368 27.45 0.25 -4.84
N THR A 369 26.80 1.42 -4.88
CA THR A 369 27.15 2.46 -3.91
C THR A 369 26.72 2.09 -2.51
N GLY A 370 25.56 1.45 -2.35
CA GLY A 370 24.98 1.24 -1.05
C GLY A 370 23.94 2.27 -0.65
N ILE A 371 23.75 3.30 -1.47
CA ILE A 371 22.75 4.33 -1.24
C ILE A 371 21.65 4.13 -2.29
N ILE A 372 20.41 3.93 -1.83
CA ILE A 372 19.37 3.45 -2.73
C ILE A 372 18.62 4.60 -3.39
N TYR A 373 17.84 5.36 -2.62
CA TYR A 373 17.06 6.47 -3.18
C TYR A 373 17.37 7.81 -2.53
N THR A 374 17.23 7.91 -1.21
CA THR A 374 17.35 9.19 -0.51
C THR A 374 17.87 8.92 0.90
N TYR A 375 17.75 9.93 1.77
CA TYR A 375 17.99 9.87 3.21
C TYR A 375 19.46 9.67 3.55
N PRO A 376 19.94 10.26 4.66
CA PRO A 376 21.33 10.18 5.10
C PRO A 376 21.63 8.97 5.97
N ALA B 281 38.61 0.82 -4.17
CA ALA B 281 40.00 1.15 -4.46
C ALA B 281 40.11 2.48 -5.19
N LYS B 282 39.32 2.64 -6.23
CA LYS B 282 39.38 3.82 -7.09
C LYS B 282 38.30 4.81 -6.67
N VAL B 283 38.39 6.01 -7.23
CA VAL B 283 37.45 7.09 -6.96
C VAL B 283 36.49 7.19 -8.14
N ALA B 284 35.21 7.23 -7.85
CA ALA B 284 34.24 7.42 -8.92
C ALA B 284 34.37 8.83 -9.47
N PRO B 285 34.55 8.99 -10.77
CA PRO B 285 34.72 10.34 -11.34
C PRO B 285 33.52 11.22 -11.05
N GLU B 286 33.78 12.51 -10.86
CA GLU B 286 32.77 13.45 -10.43
C GLU B 286 31.87 13.83 -11.60
N PRO B 287 30.57 13.55 -11.55
CA PRO B 287 29.67 13.90 -12.66
C PRO B 287 29.03 15.27 -12.48
N GLU B 288 29.84 16.32 -12.60
CA GLU B 288 29.37 17.72 -12.51
C GLU B 288 28.72 17.91 -11.13
N GLY B 289 27.65 18.69 -11.03
CA GLY B 289 26.98 18.95 -9.77
C GLY B 289 25.58 18.39 -9.72
N GLU B 290 24.67 19.16 -9.13
CA GLU B 290 23.26 18.75 -8.97
C GLU B 290 23.13 17.45 -8.18
N LEU B 291 23.93 17.30 -7.13
CA LEU B 291 23.87 16.09 -6.32
C LEU B 291 22.53 16.02 -5.61
N PRO B 292 21.87 14.85 -5.60
CA PRO B 292 20.63 14.72 -4.84
C PRO B 292 20.86 15.00 -3.36
N TYR B 293 19.87 15.62 -2.74
CA TYR B 293 20.01 16.10 -1.37
C TYR B 293 20.12 14.93 -0.41
N VAL B 294 21.14 14.97 0.46
CA VAL B 294 21.28 14.00 1.53
C VAL B 294 21.08 14.72 2.86
N HIS B 295 20.14 14.22 3.64
CA HIS B 295 19.75 14.88 4.88
C HIS B 295 20.73 14.48 5.96
N PRO B 296 21.44 15.41 6.58
CA PRO B 296 22.33 15.06 7.69
C PRO B 296 21.53 14.68 8.93
N LEU B 297 21.93 13.58 9.57
CA LEU B 297 21.32 13.13 10.82
C LEU B 297 22.45 12.88 11.81
N PRO B 298 22.88 13.92 12.53
CA PRO B 298 23.93 13.73 13.53
C PRO B 298 23.42 13.07 14.80
N HIS B 299 22.12 12.77 14.83
CA HIS B 299 21.51 12.15 16.01
C HIS B 299 22.09 10.76 16.25
N ARG B 300 22.48 10.08 15.17
CA ARG B 300 23.11 8.77 15.24
C ARG B 300 24.22 8.64 14.21
N SER B 301 24.73 9.78 13.72
CA SER B 301 25.72 9.81 12.64
C SER B 301 25.19 9.10 11.39
N SER B 302 23.93 9.34 11.07
CA SER B 302 23.24 8.69 9.98
C SER B 302 22.79 9.72 8.95
N ALA B 303 22.17 9.26 7.87
CA ALA B 303 21.73 10.18 6.83
C ALA B 303 20.62 9.54 6.02
N TYR B 304 19.71 10.37 5.52
CA TYR B 304 18.50 9.90 4.87
C TYR B 304 18.37 10.51 3.49
N ILE B 305 18.11 9.64 2.51
CA ILE B 305 17.85 10.08 1.14
C ILE B 305 16.92 9.07 0.49
N TRP B 306 15.96 9.56 -0.27
CA TRP B 306 14.98 8.72 -0.95
C TRP B 306 15.51 8.45 -2.35
N CYS B 307 15.89 7.20 -2.61
CA CYS B 307 16.46 6.83 -3.90
C CYS B 307 15.39 6.36 -4.87
N GLY B 308 14.66 5.31 -4.52
CA GLY B 308 13.62 4.77 -5.35
C GLY B 308 13.88 3.33 -5.73
N TRP B 309 12.89 2.73 -6.37
CA TRP B 309 12.99 1.32 -6.73
C TRP B 309 13.92 1.11 -7.92
N TRP B 310 13.96 2.07 -8.86
CA TRP B 310 14.81 1.89 -10.03
C TRP B 310 16.28 1.80 -9.66
N VAL B 311 16.73 2.64 -8.71
CA VAL B 311 18.11 2.56 -8.25
C VAL B 311 18.34 1.28 -7.46
N MET B 312 17.41 0.94 -6.57
CA MET B 312 17.59 -0.26 -5.75
C MET B 312 17.49 -1.53 -6.59
N ASP B 313 16.80 -1.46 -7.74
CA ASP B 313 16.84 -2.57 -8.68
C ASP B 313 18.10 -2.52 -9.54
N GLU B 314 18.49 -1.32 -9.98
CA GLU B 314 19.68 -1.20 -10.83
C GLU B 314 20.93 -1.64 -10.08
N ILE B 315 21.09 -1.17 -8.84
CA ILE B 315 22.23 -1.61 -8.04
C ILE B 315 22.11 -3.10 -7.74
N GLN B 316 20.88 -3.61 -7.59
CA GLN B 316 20.68 -5.05 -7.53
C GLN B 316 21.08 -5.72 -8.84
N LYS B 317 20.91 -5.04 -9.97
CA LYS B 317 21.42 -5.54 -11.24
C LYS B 317 22.94 -5.44 -11.28
N MET B 318 23.50 -4.42 -10.63
CA MET B 318 24.94 -4.20 -10.69
C MET B 318 25.73 -5.33 -10.04
N THR B 319 25.32 -5.76 -8.84
CA THR B 319 26.08 -6.78 -8.13
C THR B 319 25.61 -8.19 -8.44
N GLU B 320 25.54 -8.53 -9.73
CA GLU B 320 25.21 -9.89 -10.14
C GLU B 320 26.12 -10.46 -11.21
N GLU B 321 26.93 -9.66 -11.89
CA GLU B 321 27.94 -10.15 -12.83
C GLU B 321 29.35 -9.87 -12.33
N GLY B 322 29.56 -9.79 -11.02
CA GLY B 322 30.84 -9.44 -10.45
C GLY B 322 31.14 -7.96 -10.46
N LYS B 323 30.23 -7.13 -10.95
CA LYS B 323 30.48 -5.72 -11.21
C LYS B 323 30.51 -4.95 -9.89
N ASP B 324 30.61 -3.64 -9.99
CA ASP B 324 30.64 -2.75 -8.82
C ASP B 324 29.58 -1.67 -8.99
N TRP B 325 28.99 -1.27 -7.86
CA TRP B 325 28.04 -0.17 -7.87
C TRP B 325 28.61 1.11 -7.27
N LYS B 326 29.68 1.03 -6.47
CA LYS B 326 30.27 2.24 -5.92
C LYS B 326 30.79 3.16 -7.01
N THR B 327 31.55 2.62 -7.96
CA THR B 327 32.26 3.48 -8.92
C THR B 327 32.18 3.03 -10.37
N ASP B 328 31.70 1.82 -10.66
CA ASP B 328 31.69 1.35 -12.04
C ASP B 328 30.54 2.01 -12.83
N ASP B 329 30.64 1.90 -14.16
CA ASP B 329 29.67 2.42 -15.12
C ASP B 329 29.49 3.92 -14.99
N PRO B 330 30.50 4.73 -15.34
CA PRO B 330 30.39 6.18 -15.17
C PRO B 330 29.41 6.87 -16.10
N ASP B 331 29.02 6.22 -17.20
CA ASP B 331 28.07 6.79 -18.16
C ASP B 331 26.68 6.18 -17.99
N SER B 332 26.33 5.81 -16.76
CA SER B 332 25.07 5.14 -16.50
C SER B 332 23.89 6.10 -16.70
N LYS B 333 22.76 5.53 -17.10
CA LYS B 333 21.51 6.28 -17.15
C LYS B 333 21.06 6.72 -15.76
N TYR B 334 21.47 6.01 -14.71
CA TYR B 334 21.14 6.33 -13.34
C TYR B 334 22.39 6.36 -12.47
N TYR B 335 23.43 7.04 -12.96
CA TYR B 335 24.68 7.12 -12.23
C TYR B 335 24.60 8.09 -11.06
N LEU B 336 23.77 9.13 -11.18
CA LEU B 336 23.82 10.22 -10.21
C LEU B 336 23.46 9.75 -8.80
N HIS B 337 22.35 9.03 -8.67
CA HIS B 337 21.97 8.51 -7.36
C HIS B 337 22.96 7.46 -6.85
N ARG B 338 23.67 6.78 -7.76
CA ARG B 338 24.70 5.84 -7.35
C ARG B 338 25.96 6.54 -6.83
N TYR B 339 26.35 7.65 -7.45
CA TYR B 339 27.55 8.35 -7.01
C TYR B 339 27.36 9.02 -5.66
N THR B 340 26.20 9.64 -5.42
CA THR B 340 25.97 10.32 -4.15
C THR B 340 25.94 9.32 -2.99
N LEU B 341 25.31 8.17 -3.19
CA LEU B 341 25.26 7.15 -2.14
C LEU B 341 26.67 6.74 -1.71
N GLN B 342 27.60 6.63 -2.66
CA GLN B 342 28.96 6.21 -2.33
C GLN B 342 29.64 7.21 -1.42
N LYS B 343 29.54 8.51 -1.73
CA LYS B 343 30.09 9.53 -0.85
C LYS B 343 29.35 9.57 0.48
N MET B 344 28.03 9.31 0.44
CA MET B 344 27.20 9.39 1.63
C MET B 344 27.61 8.36 2.68
N MET B 345 27.97 7.16 2.23
CA MET B 345 28.43 6.13 3.16
C MET B 345 29.80 6.49 3.73
N LYS B 346 30.62 7.24 2.99
CA LYS B 346 31.90 7.69 3.53
C LYS B 346 31.70 8.81 4.55
N ASP B 347 30.81 9.76 4.24
CA ASP B 347 30.52 10.84 5.19
C ASP B 347 29.81 10.31 6.43
N TYR B 348 28.90 9.36 6.27
CA TYR B 348 28.05 8.89 7.35
C TYR B 348 28.24 7.40 7.57
N PRO B 349 28.56 6.94 8.78
CA PRO B 349 28.83 5.51 9.00
C PRO B 349 27.60 4.61 8.98
N GLU B 350 26.39 5.13 9.16
CA GLU B 350 25.18 4.29 9.25
C GLU B 350 24.05 4.88 8.42
N VAL B 351 24.32 5.16 7.13
CA VAL B 351 23.32 5.80 6.27
C VAL B 351 22.00 5.04 6.31
N ASP B 352 20.91 5.80 6.08
CA ASP B 352 19.54 5.27 6.12
C ASP B 352 18.86 5.60 4.78
N VAL B 353 19.02 4.71 3.81
CA VAL B 353 18.50 4.91 2.46
C VAL B 353 17.23 4.10 2.28
N GLN B 354 16.18 4.74 1.80
CA GLN B 354 14.86 4.14 1.68
C GLN B 354 14.51 3.91 0.22
N GLU B 355 14.02 2.72 -0.08
CA GLU B 355 13.54 2.39 -1.41
C GLU B 355 12.07 2.75 -1.51
N SER B 356 11.41 2.31 -2.60
CA SER B 356 9.99 2.51 -2.76
C SER B 356 9.20 1.21 -2.93
N ARG B 357 9.82 0.13 -3.41
CA ARG B 357 9.11 -1.14 -3.55
C ARG B 357 8.47 -1.54 -2.22
N ASN B 358 9.21 -1.41 -1.13
CA ASN B 358 8.68 -1.64 0.20
C ASN B 358 8.94 -0.50 1.16
N GLY B 359 9.78 0.47 0.80
CA GLY B 359 10.01 1.59 1.68
C GLY B 359 10.87 1.30 2.89
N TYR B 360 11.73 0.28 2.82
CA TYR B 360 12.60 -0.02 3.94
C TYR B 360 13.86 0.83 3.91
N ILE B 361 14.37 1.12 5.10
CA ILE B 361 15.56 1.95 5.26
C ILE B 361 16.73 1.00 5.51
N ILE B 362 17.38 0.59 4.43
CA ILE B 362 18.54 -0.29 4.52
C ILE B 362 19.75 0.53 4.96
N HIS B 363 20.50 0.00 5.91
CA HIS B 363 21.57 0.75 6.54
C HIS B 363 22.85 0.67 5.70
N LYS B 364 23.92 1.31 6.19
CA LYS B 364 25.15 1.40 5.41
C LYS B 364 25.72 0.03 5.10
N THR B 365 25.94 -0.80 6.12
CA THR B 365 26.44 -2.15 5.84
C THR B 365 25.33 -3.02 5.26
N ALA B 366 24.07 -2.63 5.48
CA ALA B 366 22.98 -3.26 4.75
C ALA B 366 22.94 -2.81 3.30
N LEU B 367 23.43 -1.61 3.02
CA LEU B 367 23.61 -1.14 1.65
C LEU B 367 24.94 -1.62 1.04
N GLU B 368 25.85 -2.15 1.85
CA GLU B 368 27.17 -2.53 1.35
C GLU B 368 27.05 -3.56 0.23
N THR B 369 26.25 -4.61 0.44
CA THR B 369 26.25 -5.73 -0.49
C THR B 369 25.62 -5.35 -1.82
N GLY B 370 24.46 -4.71 -1.78
CA GLY B 370 23.68 -4.44 -2.96
C GLY B 370 22.47 -5.34 -3.14
N ILE B 371 22.44 -6.48 -2.46
CA ILE B 371 21.27 -7.35 -2.44
C ILE B 371 20.40 -6.93 -1.27
N ILE B 372 19.16 -6.52 -1.56
CA ILE B 372 18.33 -5.88 -0.55
C ILE B 372 17.50 -6.91 0.19
N TYR B 373 16.54 -7.54 -0.48
CA TYR B 373 15.72 -8.52 0.21
C TYR B 373 15.70 -9.90 -0.45
N THR B 374 15.44 -9.94 -1.76
CA THR B 374 15.18 -11.20 -2.45
C THR B 374 15.80 -11.16 -3.85
N TYR B 375 15.43 -12.15 -4.67
CA TYR B 375 15.44 -12.11 -6.13
C TYR B 375 16.82 -12.15 -6.77
N PRO B 376 16.93 -12.64 -8.03
CA PRO B 376 18.17 -12.80 -8.80
C PRO B 376 18.56 -11.56 -9.59
N ALA C 1 -13.10 -72.70 33.61
CA ALA C 1 -12.92 -71.30 33.27
C ALA C 1 -13.07 -71.09 31.78
N GLU C 2 -14.30 -71.17 31.29
CA GLU C 2 -14.56 -71.04 29.86
C GLU C 2 -14.17 -69.63 29.42
N ILE C 3 -13.03 -69.52 28.73
CA ILE C 3 -12.44 -68.24 28.38
C ILE C 3 -12.76 -67.95 26.93
N GLY C 4 -13.22 -66.72 26.66
CA GLY C 4 -13.48 -66.34 25.29
C GLY C 4 -12.24 -66.25 24.43
N GLY C 5 -11.17 -65.67 24.96
CA GLY C 5 -9.94 -65.58 24.21
C GLY C 5 -9.96 -64.50 23.15
N ASP C 6 -9.03 -64.62 22.21
CA ASP C 6 -8.87 -63.65 21.13
C ASP C 6 -8.37 -64.39 19.90
N HIS C 7 -8.49 -63.74 18.74
CA HIS C 7 -8.19 -64.51 17.53
C HIS C 7 -6.70 -64.67 17.34
N GLY C 8 -6.04 -63.64 16.83
CA GLY C 8 -4.62 -63.48 17.05
C GLY C 8 -4.20 -62.05 16.82
N TYR C 9 -5.18 -61.20 16.53
CA TYR C 9 -4.95 -59.97 15.78
C TYR C 9 -4.27 -60.26 14.45
N ASN C 10 -4.55 -61.43 13.88
CA ASN C 10 -3.99 -61.87 12.61
C ASN C 10 -5.12 -61.94 11.59
N ALA C 11 -4.89 -61.39 10.41
CA ALA C 11 -5.97 -61.20 9.45
C ALA C 11 -6.61 -62.53 9.07
N THR C 12 -5.80 -63.56 8.86
CA THR C 12 -6.34 -64.86 8.51
C THR C 12 -7.20 -65.41 9.64
N ASN C 13 -6.73 -65.27 10.88
CA ASN C 13 -7.49 -65.77 12.01
C ASN C 13 -8.80 -65.02 12.18
N ILE C 14 -8.78 -63.70 12.00
CA ILE C 14 -10.00 -62.93 12.09
C ILE C 14 -10.99 -63.36 11.01
N ALA C 15 -10.50 -63.49 9.78
CA ALA C 15 -11.40 -63.86 8.68
C ALA C 15 -11.97 -65.24 8.88
N ALA C 16 -11.18 -66.17 9.40
CA ALA C 16 -11.67 -67.51 9.63
C ALA C 16 -12.54 -67.61 10.87
N GLY C 17 -12.55 -66.59 11.72
CA GLY C 17 -13.28 -66.69 12.96
C GLY C 17 -12.61 -67.55 14.01
N GLN C 18 -11.34 -67.85 13.85
CA GLN C 18 -10.59 -68.63 14.82
C GLN C 18 -10.46 -67.85 16.11
N THR C 19 -10.28 -68.57 17.22
CA THR C 19 -10.01 -67.98 18.51
C THR C 19 -9.01 -68.84 19.26
N SER C 20 -8.39 -68.24 20.27
CA SER C 20 -7.65 -69.00 21.25
C SER C 20 -8.52 -69.54 22.36
N GLY C 21 -9.78 -69.11 22.42
CA GLY C 21 -10.66 -69.49 23.51
C GLY C 21 -11.51 -70.69 23.18
N ALA C 22 -12.71 -70.76 23.74
CA ALA C 22 -13.54 -71.96 23.59
C ALA C 22 -14.72 -71.77 22.66
N VAL C 23 -14.86 -70.62 22.00
CA VAL C 23 -15.95 -70.37 21.08
C VAL C 23 -15.37 -69.94 19.74
N THR C 24 -15.81 -70.59 18.67
CA THR C 24 -15.31 -70.26 17.34
C THR C 24 -16.31 -69.39 16.59
N GLN C 25 -15.88 -68.19 16.25
CA GLN C 25 -16.78 -67.16 15.76
C GLN C 25 -17.40 -67.54 14.44
N ILE C 26 -18.58 -66.97 14.16
CA ILE C 26 -19.21 -67.17 12.87
C ILE C 26 -18.37 -66.56 11.77
N GLY C 27 -18.00 -65.30 11.94
CA GLY C 27 -17.31 -64.59 10.90
C GLY C 27 -17.15 -63.12 11.24
N PRO C 28 -16.32 -62.45 10.51
CA PRO C 28 -15.89 -61.10 10.87
C PRO C 28 -16.79 -59.97 10.37
N ALA C 29 -18.10 -60.12 10.59
CA ALA C 29 -19.08 -59.08 10.28
C ALA C 29 -18.95 -58.55 8.86
N VAL C 30 -19.45 -57.34 8.62
CA VAL C 30 -19.38 -56.67 7.32
C VAL C 30 -19.46 -55.18 7.57
N MET C 31 -18.62 -54.40 6.90
CA MET C 31 -18.74 -52.96 7.02
C MET C 31 -19.20 -52.30 5.74
N GLY C 32 -18.91 -52.89 4.59
CA GLY C 32 -19.32 -52.35 3.31
C GLY C 32 -18.33 -52.73 2.24
N MET C 33 -18.49 -52.11 1.08
CA MET C 33 -17.59 -52.31 -0.05
C MET C 33 -17.17 -50.96 -0.58
N VAL C 34 -15.88 -50.81 -0.86
CA VAL C 34 -15.29 -49.54 -1.27
C VAL C 34 -14.69 -49.70 -2.66
N ARG C 35 -15.12 -48.86 -3.59
CA ARG C 35 -14.62 -48.95 -4.96
C ARG C 35 -14.22 -47.57 -5.45
N ARG C 36 -13.18 -47.56 -6.31
CA ARG C 36 -12.68 -46.30 -6.84
C ARG C 36 -13.75 -45.56 -7.59
N ALA C 37 -13.91 -44.28 -7.29
CA ALA C 37 -14.87 -43.46 -8.00
C ALA C 37 -14.40 -43.25 -9.44
N ILE C 38 -15.36 -43.27 -10.35
CA ILE C 38 -15.06 -43.02 -11.76
C ILE C 38 -14.52 -41.59 -11.90
N PRO C 39 -13.32 -41.41 -12.44
CA PRO C 39 -12.85 -40.05 -12.70
C PRO C 39 -13.73 -39.32 -13.68
N ASN C 40 -13.81 -38.01 -13.52
CA ASN C 40 -14.68 -37.20 -14.35
C ASN C 40 -13.95 -36.78 -15.63
N LEU C 41 -14.73 -36.42 -16.63
CA LEU C 41 -14.22 -36.12 -17.95
C LEU C 41 -14.27 -34.62 -18.22
N ILE C 42 -13.46 -34.19 -19.18
CA ILE C 42 -13.33 -32.79 -19.54
C ILE C 42 -14.30 -32.40 -20.64
N ALA C 43 -15.26 -33.28 -20.96
CA ALA C 43 -16.34 -33.07 -21.93
C ALA C 43 -15.73 -32.76 -23.29
N PHE C 44 -16.45 -32.10 -24.20
CA PHE C 44 -15.95 -31.79 -25.53
C PHE C 44 -16.43 -30.43 -25.97
N ASP C 45 -16.67 -29.54 -25.02
CA ASP C 45 -17.03 -28.18 -25.38
C ASP C 45 -15.82 -27.32 -25.69
N ILE C 46 -14.62 -27.90 -25.61
CA ILE C 46 -13.38 -27.21 -25.92
C ILE C 46 -12.87 -27.55 -27.31
N CYS C 47 -13.52 -28.48 -28.00
CA CYS C 47 -13.09 -28.86 -29.33
C CYS C 47 -14.33 -29.25 -30.13
N GLY C 48 -14.21 -29.19 -31.43
CA GLY C 48 -15.31 -29.53 -32.29
C GLY C 48 -15.58 -31.01 -32.29
N VAL C 49 -16.75 -31.37 -32.81
CA VAL C 49 -17.12 -32.78 -32.84
C VAL C 49 -17.29 -33.25 -34.28
N GLN C 50 -18.29 -32.73 -34.97
CA GLN C 50 -18.58 -33.12 -36.34
C GLN C 50 -18.67 -34.63 -36.50
N PRO C 51 -19.75 -35.26 -36.02
CA PRO C 51 -19.88 -36.70 -36.18
C PRO C 51 -19.89 -37.09 -37.66
N MET C 52 -19.27 -38.23 -37.96
CA MET C 52 -19.12 -38.71 -39.32
C MET C 52 -19.91 -40.01 -39.50
N ASN C 53 -20.63 -40.09 -40.61
CA ASN C 53 -21.35 -41.30 -40.98
C ASN C 53 -20.60 -42.11 -42.02
N SER C 54 -19.37 -41.71 -42.33
CA SER C 54 -18.48 -42.43 -43.23
C SER C 54 -17.09 -42.28 -42.68
N PRO C 55 -16.20 -43.25 -42.87
CA PRO C 55 -14.83 -43.08 -42.40
C PRO C 55 -14.11 -42.04 -43.25
N THR C 56 -12.96 -41.60 -42.76
CA THR C 56 -12.01 -40.84 -43.56
C THR C 56 -12.65 -39.57 -44.13
N GLY C 57 -13.01 -38.64 -43.26
CA GLY C 57 -13.64 -37.42 -43.68
C GLY C 57 -12.67 -36.44 -44.30
N GLN C 58 -13.23 -35.42 -44.95
CA GLN C 58 -12.43 -34.37 -45.58
C GLN C 58 -13.09 -33.01 -45.37
N VAL C 59 -12.26 -31.98 -45.36
CA VAL C 59 -12.68 -30.60 -45.24
C VAL C 59 -12.05 -29.77 -46.35
N PHE C 60 -12.70 -28.67 -46.68
CA PHE C 60 -12.23 -27.75 -47.69
C PHE C 60 -11.94 -26.39 -47.07
N ALA C 61 -10.89 -25.75 -47.56
CA ALA C 61 -10.49 -24.43 -47.10
C ALA C 61 -10.56 -23.47 -48.27
N LEU C 62 -11.29 -22.38 -48.11
CA LEU C 62 -11.42 -21.36 -49.14
C LEU C 62 -10.52 -20.19 -48.76
N ARG C 63 -9.53 -19.91 -49.59
CA ARG C 63 -8.63 -18.80 -49.37
C ARG C 63 -8.84 -17.74 -50.44
N ALA C 64 -9.19 -16.54 -50.02
CA ALA C 64 -9.38 -15.41 -50.92
C ALA C 64 -8.02 -14.85 -51.25
N VAL C 65 -7.53 -15.15 -52.46
CA VAL C 65 -6.19 -14.78 -52.87
C VAL C 65 -6.30 -13.80 -54.04
N TYR C 66 -5.63 -12.67 -53.93
CA TYR C 66 -5.57 -11.73 -55.04
C TYR C 66 -4.25 -11.90 -55.80
N GLY C 67 -4.26 -11.48 -57.06
CA GLY C 67 -3.05 -11.56 -57.86
C GLY C 67 -3.15 -12.39 -59.13
N LYS C 68 -4.34 -12.45 -59.72
CA LYS C 68 -4.58 -12.99 -61.06
C LYS C 68 -4.39 -14.49 -61.17
N ASP C 69 -3.94 -15.16 -60.12
CA ASP C 69 -3.62 -16.57 -60.22
C ASP C 69 -3.75 -17.21 -58.86
N PRO C 70 -4.93 -17.71 -58.51
CA PRO C 70 -5.17 -18.18 -57.15
C PRO C 70 -4.22 -19.28 -56.71
N VAL C 71 -3.65 -20.04 -57.62
CA VAL C 71 -2.70 -21.10 -57.29
C VAL C 71 -1.37 -20.67 -57.87
N ALA C 72 -0.57 -19.99 -57.07
CA ALA C 72 0.71 -19.48 -57.54
C ALA C 72 1.63 -19.29 -56.35
N ALA C 73 2.94 -19.30 -56.62
CA ALA C 73 3.90 -19.01 -55.58
C ALA C 73 3.76 -17.56 -55.14
N GLY C 74 3.96 -17.32 -53.85
CA GLY C 74 3.99 -15.98 -53.32
C GLY C 74 2.66 -15.27 -53.29
N ALA C 75 1.59 -15.92 -53.71
CA ALA C 75 0.28 -15.29 -53.65
C ALA C 75 -0.13 -15.05 -52.21
N LYS C 76 -0.79 -13.92 -51.97
CA LYS C 76 -1.21 -13.54 -50.63
C LYS C 76 -2.70 -13.80 -50.45
N GLU C 77 -3.09 -14.12 -49.23
CA GLU C 77 -4.49 -14.30 -48.89
C GLU C 77 -5.07 -12.95 -48.51
N ALA C 78 -6.25 -12.64 -49.06
CA ALA C 78 -6.76 -11.27 -49.00
C ALA C 78 -7.24 -10.91 -47.59
N PHE C 79 -8.00 -11.79 -46.96
CA PHE C 79 -8.59 -11.49 -45.65
C PHE C 79 -7.82 -12.15 -44.52
N HIS C 80 -6.51 -12.22 -44.64
CA HIS C 80 -5.70 -12.94 -43.68
C HIS C 80 -5.68 -12.19 -42.35
N PRO C 81 -6.02 -12.85 -41.23
CA PRO C 81 -6.11 -12.12 -39.95
C PRO C 81 -4.81 -11.51 -39.50
N MET C 82 -3.68 -12.18 -39.67
CA MET C 82 -2.39 -11.62 -39.28
C MET C 82 -1.97 -10.47 -40.16
N TYR C 83 -2.37 -10.47 -41.43
CA TYR C 83 -1.72 -9.64 -42.43
C TYR C 83 -2.70 -8.57 -42.92
N GLY C 84 -2.24 -7.33 -42.91
CA GLY C 84 -3.06 -6.21 -43.29
C GLY C 84 -3.40 -6.25 -44.75
N PRO C 85 -4.48 -5.57 -45.15
CA PRO C 85 -4.85 -5.56 -46.56
C PRO C 85 -3.82 -4.81 -47.38
N ASP C 86 -3.74 -5.17 -48.64
CA ASP C 86 -2.93 -4.41 -49.59
C ASP C 86 -3.67 -3.10 -49.81
N ALA C 87 -3.35 -2.11 -48.98
CA ALA C 87 -4.19 -0.92 -48.88
C ALA C 87 -4.23 -0.15 -50.18
N MET C 88 -3.16 -0.20 -50.96
CA MET C 88 -3.11 0.43 -52.26
C MET C 88 -3.19 -0.57 -53.40
N PHE C 89 -3.68 -1.78 -53.14
CA PHE C 89 -3.85 -2.75 -54.21
C PHE C 89 -4.85 -2.24 -55.25
N SER C 90 -6.00 -1.80 -54.79
CA SER C 90 -7.04 -1.28 -55.67
C SER C 90 -6.88 0.21 -55.94
N GLY C 91 -6.02 0.89 -55.20
CA GLY C 91 -5.79 2.30 -55.43
C GLY C 91 -4.61 2.52 -56.35
N GLN C 92 -3.61 3.28 -55.88
CA GLN C 92 -2.49 3.64 -56.74
C GLN C 92 -1.75 2.42 -57.25
N GLY C 93 -1.75 1.32 -56.51
CA GLY C 93 -1.04 0.14 -56.93
C GLY C 93 -1.52 -0.44 -58.23
N ALA C 94 -2.72 -0.07 -58.68
CA ALA C 94 -3.18 -0.43 -60.01
C ALA C 94 -2.78 0.58 -61.07
N ALA C 95 -2.15 1.69 -60.67
CA ALA C 95 -1.65 2.69 -61.60
C ALA C 95 -0.14 2.69 -61.71
N LYS C 96 0.56 2.30 -60.65
CA LYS C 96 2.00 2.16 -60.70
C LYS C 96 2.45 1.15 -59.67
N LYS C 97 3.64 0.60 -59.87
CA LYS C 97 4.20 -0.39 -58.98
C LYS C 97 5.22 0.25 -58.06
N PHE C 98 5.03 0.05 -56.76
CA PHE C 98 5.92 0.68 -55.80
C PHE C 98 7.14 -0.19 -55.54
N PRO C 99 8.32 0.42 -55.52
CA PRO C 99 9.54 -0.37 -55.41
C PRO C 99 9.57 -1.17 -54.11
N ALA C 100 10.06 -2.39 -54.20
CA ALA C 100 10.21 -3.21 -53.01
C ALA C 100 11.34 -2.66 -52.16
N LEU C 101 11.05 -2.42 -50.90
CA LEU C 101 12.02 -1.83 -49.99
C LEU C 101 12.91 -2.94 -49.45
N ALA C 102 14.12 -3.03 -49.97
CA ALA C 102 15.04 -4.08 -49.57
C ALA C 102 16.35 -3.44 -49.13
N ALA C 103 17.26 -4.28 -48.66
CA ALA C 103 18.52 -3.79 -48.11
C ALA C 103 19.29 -2.98 -49.14
N SER C 104 20.02 -1.98 -48.65
CA SER C 104 20.90 -1.09 -49.40
C SER C 104 20.15 -0.02 -50.18
N THR C 105 18.82 0.03 -50.09
CA THR C 105 18.07 1.05 -50.82
C THR C 105 18.37 2.43 -50.24
N GLN C 106 18.37 3.44 -51.09
CA GLN C 106 18.53 4.82 -50.69
C GLN C 106 17.19 5.53 -50.82
N THR C 107 16.55 5.83 -49.69
CA THR C 107 15.21 6.37 -49.70
C THR C 107 15.20 7.76 -50.30
N THR C 108 14.05 8.12 -50.88
CA THR C 108 13.87 9.41 -51.55
C THR C 108 12.67 10.11 -50.94
N VAL C 109 12.85 11.38 -50.58
CA VAL C 109 11.78 12.12 -49.92
C VAL C 109 10.57 12.20 -50.83
N GLY C 110 9.41 11.83 -50.30
CA GLY C 110 8.18 11.86 -51.03
C GLY C 110 7.87 10.60 -51.80
N ASP C 111 8.87 9.78 -52.08
CA ASP C 111 8.63 8.55 -52.81
C ASP C 111 7.99 7.51 -51.90
N ILE C 112 7.44 6.47 -52.50
CA ILE C 112 6.72 5.43 -51.79
C ILE C 112 7.34 4.09 -52.10
N TYR C 113 7.48 3.25 -51.08
CA TYR C 113 8.02 1.91 -51.20
C TYR C 113 7.00 0.91 -50.69
N THR C 114 7.21 -0.37 -50.98
CA THR C 114 6.37 -1.43 -50.46
C THR C 114 7.21 -2.42 -49.67
N HIS C 115 6.55 -3.10 -48.73
CA HIS C 115 7.20 -4.15 -47.96
C HIS C 115 6.16 -5.10 -47.43
N PHE C 116 6.60 -6.30 -47.05
CA PHE C 116 5.74 -7.30 -46.45
C PHE C 116 6.45 -7.86 -45.22
N PHE C 117 5.97 -7.46 -44.04
CA PHE C 117 6.53 -7.99 -42.81
C PHE C 117 6.08 -9.42 -42.57
N GLN C 118 6.94 -10.21 -41.94
CA GLN C 118 6.57 -11.59 -41.64
C GLN C 118 5.38 -11.65 -40.71
N GLU C 119 5.14 -10.60 -39.94
CA GLU C 119 3.94 -10.44 -39.14
C GLU C 119 3.38 -9.06 -39.37
N THR C 120 2.04 -8.96 -39.33
CA THR C 120 1.22 -7.79 -39.62
C THR C 120 1.10 -7.51 -41.11
N GLY C 121 1.79 -8.26 -41.98
CA GLY C 121 1.47 -8.23 -43.40
C GLY C 121 2.07 -7.07 -44.18
N THR C 122 1.37 -6.71 -45.27
CA THR C 122 1.88 -5.76 -46.24
C THR C 122 1.89 -4.35 -45.66
N VAL C 123 2.67 -3.46 -46.28
CA VAL C 123 2.69 -2.06 -45.91
C VAL C 123 3.29 -1.26 -47.06
N TYR C 124 2.85 -0.01 -47.20
CA TYR C 124 3.43 0.93 -48.15
C TYR C 124 3.90 2.15 -47.40
N LEU C 125 5.15 2.54 -47.64
CA LEU C 125 5.85 3.51 -46.82
C LEU C 125 6.31 4.68 -47.67
N GLN C 126 5.77 5.85 -47.41
CA GLN C 126 6.27 7.07 -48.00
C GLN C 126 7.44 7.56 -47.17
N ALA C 127 8.55 7.87 -47.83
CA ALA C 127 9.72 8.34 -47.12
C ALA C 127 9.75 9.86 -47.08
N SER C 128 9.96 10.41 -45.90
CA SER C 128 10.06 11.85 -45.73
C SER C 128 11.48 12.35 -45.52
N VAL C 129 12.44 11.46 -45.31
CA VAL C 129 13.84 11.83 -45.15
C VAL C 129 14.69 10.82 -45.93
N GLN C 130 15.66 11.33 -46.69
CA GLN C 130 16.56 10.47 -47.46
C GLN C 130 17.46 9.69 -46.50
N VAL C 131 17.15 8.41 -46.33
CA VAL C 131 17.95 7.56 -45.46
C VAL C 131 18.32 6.29 -46.21
N THR C 132 19.39 5.65 -45.74
CA THR C 132 19.76 4.32 -46.16
C THR C 132 19.12 3.30 -45.22
N ILE C 133 18.97 2.07 -45.69
CA ILE C 133 18.25 1.08 -44.90
C ILE C 133 19.16 0.02 -44.30
N ASP C 134 20.44 0.34 -44.05
CA ASP C 134 21.34 -0.59 -43.36
C ASP C 134 21.50 -1.90 -44.12
N ALA C 135 22.18 -1.84 -45.27
CA ALA C 135 22.36 -3.00 -46.14
C ALA C 135 22.85 -4.25 -45.42
N GLY C 136 23.35 -4.12 -44.20
CA GLY C 136 23.79 -5.29 -43.46
C GLY C 136 22.71 -6.32 -43.20
N ALA C 137 21.45 -5.93 -43.29
CA ALA C 137 20.35 -6.87 -43.09
C ALA C 137 20.22 -7.80 -44.29
N THR C 138 20.21 -9.10 -44.02
CA THR C 138 20.09 -10.09 -45.08
C THR C 138 18.77 -10.85 -44.99
N ASP C 139 18.52 -11.45 -43.82
CA ASP C 139 17.34 -12.28 -43.67
C ASP C 139 16.11 -11.42 -43.43
N ALA C 140 14.94 -12.05 -43.55
CA ALA C 140 13.68 -11.32 -43.49
C ALA C 140 13.45 -10.68 -42.12
N ALA C 141 13.76 -11.40 -41.04
CA ALA C 141 13.51 -10.85 -39.71
C ALA C 141 14.33 -9.59 -39.46
N LYS C 142 15.61 -9.61 -39.83
CA LYS C 142 16.47 -8.45 -39.67
C LYS C 142 15.98 -7.26 -40.47
N LEU C 143 15.56 -7.50 -41.72
CA LEU C 143 15.06 -6.41 -42.55
C LEU C 143 13.76 -5.85 -41.98
N ASP C 144 12.86 -6.72 -41.52
CA ASP C 144 11.61 -6.24 -40.95
C ASP C 144 11.87 -5.39 -39.71
N ALA C 145 12.80 -5.82 -38.86
CA ALA C 145 13.14 -5.03 -37.69
C ALA C 145 13.73 -3.69 -38.08
N GLU C 146 14.58 -3.66 -39.12
CA GLU C 146 15.17 -2.39 -39.54
C GLU C 146 14.12 -1.46 -40.12
N ILE C 147 13.19 -1.99 -40.89
CA ILE C 147 12.11 -1.16 -41.41
C ILE C 147 11.24 -0.65 -40.27
N LYS C 148 11.04 -1.46 -39.24
CA LYS C 148 10.30 -1.00 -38.06
C LYS C 148 11.03 0.14 -37.36
N LYS C 149 12.36 0.03 -37.23
CA LYS C 149 13.11 1.13 -36.64
C LYS C 149 12.95 2.39 -37.45
N GLN C 150 13.05 2.29 -38.77
CA GLN C 150 12.88 3.46 -39.61
C GLN C 150 11.47 4.03 -39.51
N MET C 151 10.45 3.17 -39.44
CA MET C 151 9.09 3.65 -39.32
C MET C 151 8.89 4.41 -38.02
N GLU C 152 9.42 3.87 -36.92
CA GLU C 152 9.30 4.58 -35.65
C GLU C 152 10.06 5.90 -35.71
N ALA C 153 11.18 5.93 -36.44
CA ALA C 153 11.99 7.14 -36.53
C ALA C 153 11.27 8.26 -37.28
N GLY C 154 10.14 7.96 -37.92
CA GLY C 154 9.38 8.99 -38.60
C GLY C 154 9.91 9.35 -39.97
N ALA C 155 10.96 8.69 -40.44
CA ALA C 155 11.46 8.95 -41.77
C ALA C 155 10.77 8.07 -42.79
N LEU C 156 9.85 7.23 -42.38
CA LEU C 156 9.21 6.27 -43.27
C LEU C 156 7.82 5.98 -42.73
N VAL C 157 6.81 6.67 -43.25
CA VAL C 157 5.47 6.59 -42.69
C VAL C 157 4.55 5.83 -43.64
N GLU C 158 3.73 4.96 -43.06
CA GLU C 158 2.78 4.20 -43.86
C GLU C 158 1.79 5.14 -44.52
N ILE C 159 1.26 4.72 -45.67
CA ILE C 159 0.31 5.54 -46.40
C ILE C 159 -0.54 4.64 -47.27
N ALA C 160 -1.65 5.19 -47.76
CA ALA C 160 -2.50 4.55 -48.74
C ALA C 160 -3.29 5.63 -49.46
N GLU C 161 -3.36 5.55 -50.78
CA GLU C 161 -4.00 6.59 -51.57
C GLU C 161 -4.95 5.97 -52.58
N GLY C 162 -5.94 6.74 -52.97
CA GLY C 162 -6.79 6.36 -54.07
C GLY C 162 -6.11 6.61 -55.40
N MET C 163 -6.80 6.23 -56.47
CA MET C 163 -6.31 6.40 -57.82
C MET C 163 -7.10 7.49 -58.54
N ALA C 164 -6.42 8.22 -59.41
CA ALA C 164 -7.06 9.32 -60.12
C ALA C 164 -8.20 8.82 -61.00
N THR C 165 -9.25 9.64 -61.13
CA THR C 165 -10.31 9.31 -62.07
C THR C 165 -9.81 9.35 -63.51
N SER C 166 -8.93 10.31 -63.83
CA SER C 166 -8.43 10.40 -65.20
C SER C 166 -7.57 9.21 -65.57
N ILE C 167 -7.18 8.39 -64.61
CA ILE C 167 -6.53 7.12 -64.87
C ILE C 167 -7.53 5.98 -64.86
N ALA C 168 -8.26 5.82 -63.76
CA ALA C 168 -9.16 4.68 -63.62
C ALA C 168 -10.26 4.70 -64.67
N GLU C 169 -10.43 5.82 -65.36
CA GLU C 169 -11.38 5.87 -66.46
C GLU C 169 -10.86 5.10 -67.67
N LEU C 170 -9.54 4.99 -67.79
CA LEU C 170 -8.89 4.36 -68.93
C LEU C 170 -8.32 2.99 -68.61
N GLN C 171 -8.85 2.32 -67.60
CA GLN C 171 -8.18 1.15 -67.05
C GLN C 171 -8.39 -0.09 -67.91
N GLU C 172 -7.30 -0.78 -68.21
CA GLU C 172 -7.27 -1.94 -69.10
C GLU C 172 -7.79 -1.57 -70.47
N GLY C 173 -7.06 -0.70 -71.15
CA GLY C 173 -7.22 -0.52 -72.58
C GLY C 173 -8.50 0.11 -73.04
N PHE C 174 -9.00 1.11 -72.33
CA PHE C 174 -10.09 1.92 -72.84
C PHE C 174 -9.51 3.05 -73.67
N ASN C 175 -10.29 3.52 -74.64
CA ASN C 175 -9.96 4.73 -75.40
C ASN C 175 -8.65 4.57 -76.18
N GLY C 176 -8.27 3.33 -76.44
CA GLY C 176 -7.01 3.08 -77.10
C GLY C 176 -5.80 3.06 -76.20
N SER C 177 -5.99 3.05 -74.89
CA SER C 177 -4.86 2.99 -73.97
C SER C 177 -4.21 1.60 -74.00
N THR C 178 -3.23 1.41 -73.14
CA THR C 178 -2.54 0.13 -73.06
C THR C 178 -1.79 0.04 -71.74
N ASP C 179 -1.40 -1.19 -71.40
CA ASP C 179 -0.44 -1.45 -70.32
C ASP C 179 -0.93 -0.88 -68.99
N ASN C 180 -2.23 -0.92 -68.76
CA ASN C 180 -2.81 -0.52 -67.48
C ASN C 180 -3.86 -1.52 -67.04
N PRO C 181 -3.45 -2.75 -66.75
CA PRO C 181 -4.42 -3.78 -66.37
C PRO C 181 -5.02 -3.50 -65.00
N TRP C 182 -6.26 -3.96 -64.81
CA TRP C 182 -6.88 -3.92 -63.51
C TRP C 182 -6.17 -4.87 -62.57
N ASN C 183 -6.36 -4.65 -61.27
CA ASN C 183 -5.95 -5.65 -60.29
C ASN C 183 -7.08 -6.62 -60.04
N GLU C 184 -6.73 -7.89 -59.89
CA GLU C 184 -7.70 -8.96 -59.85
C GLU C 184 -7.55 -9.77 -58.58
N MET C 185 -8.55 -10.62 -58.33
CA MET C 185 -8.55 -11.48 -57.16
C MET C 185 -9.52 -12.63 -57.37
N GLY C 186 -9.13 -13.81 -56.90
CA GLY C 186 -10.01 -14.96 -56.92
C GLY C 186 -9.91 -15.77 -55.65
N PHE C 187 -10.27 -17.04 -55.70
CA PHE C 187 -10.18 -17.90 -54.54
C PHE C 187 -9.55 -19.21 -54.95
N ARG C 188 -9.02 -19.94 -53.97
CA ARG C 188 -8.16 -21.09 -54.25
C ARG C 188 -8.81 -22.42 -53.88
N ILE C 189 -9.24 -22.61 -52.63
CA ILE C 189 -9.90 -23.83 -52.18
C ILE C 189 -8.96 -25.03 -52.25
N ASP C 190 -8.42 -25.43 -51.11
CA ASP C 190 -7.64 -26.65 -51.00
C ASP C 190 -8.30 -27.62 -50.03
N LYS C 191 -7.71 -28.80 -49.88
CA LYS C 191 -8.37 -29.94 -49.27
C LYS C 191 -7.51 -30.57 -48.18
N GLN C 192 -8.16 -30.90 -47.06
CA GLN C 192 -7.49 -31.56 -45.96
C GLN C 192 -8.29 -32.79 -45.56
N VAL C 193 -7.60 -33.90 -45.30
CA VAL C 193 -8.27 -35.17 -45.07
C VAL C 193 -7.76 -35.82 -43.79
N ILE C 194 -8.61 -36.61 -43.16
CA ILE C 194 -8.29 -37.35 -41.95
C ILE C 194 -8.80 -38.78 -42.11
N GLU C 195 -8.34 -39.66 -41.23
CA GLU C 195 -8.78 -41.05 -41.22
C GLU C 195 -9.17 -41.42 -39.81
N ALA C 196 -10.08 -42.38 -39.68
CA ALA C 196 -10.60 -42.79 -38.37
C ALA C 196 -9.80 -43.99 -37.84
N LYS C 197 -8.95 -43.71 -36.86
CA LYS C 197 -8.28 -44.78 -36.15
C LYS C 197 -9.24 -45.41 -35.14
N SER C 198 -8.88 -46.59 -34.65
CA SER C 198 -9.78 -47.34 -33.77
C SER C 198 -9.10 -47.67 -32.45
N ARG C 199 -9.87 -48.34 -31.59
CA ARG C 199 -9.49 -48.57 -30.20
C ARG C 199 -10.48 -49.57 -29.60
N GLN C 200 -9.97 -50.56 -28.86
CA GLN C 200 -10.79 -51.69 -28.46
C GLN C 200 -10.25 -52.32 -27.19
N LEU C 201 -11.12 -53.04 -26.48
CA LEU C 201 -10.76 -53.76 -25.27
C LEU C 201 -11.66 -54.98 -25.10
N LYS C 202 -11.20 -55.94 -24.30
CA LYS C 202 -11.87 -57.22 -24.10
C LYS C 202 -11.89 -57.56 -22.62
N ALA C 203 -12.92 -58.31 -22.19
CA ALA C 203 -13.04 -58.69 -20.78
C ALA C 203 -12.95 -60.19 -20.53
N ALA C 204 -13.89 -60.96 -21.05
CA ALA C 204 -13.84 -62.42 -21.01
C ALA C 204 -13.78 -62.98 -19.60
N TYR C 205 -14.90 -62.85 -18.88
CA TYR C 205 -14.98 -63.43 -17.56
C TYR C 205 -15.42 -64.89 -17.62
N SER C 206 -15.35 -65.56 -16.49
CA SER C 206 -15.82 -66.94 -16.38
C SER C 206 -17.22 -66.97 -15.78
N ILE C 207 -17.95 -68.04 -16.06
CA ILE C 207 -19.33 -68.13 -15.58
C ILE C 207 -19.36 -68.31 -14.07
N GLU C 208 -18.49 -69.19 -13.54
CA GLU C 208 -18.52 -69.50 -12.12
C GLU C 208 -18.27 -68.25 -11.28
N LEU C 209 -17.33 -67.41 -11.70
CA LEU C 209 -17.05 -66.19 -10.95
C LEU C 209 -18.27 -65.27 -10.98
N ALA C 210 -18.99 -65.23 -12.10
CA ALA C 210 -20.20 -64.42 -12.16
C ALA C 210 -21.27 -64.93 -11.19
N GLN C 211 -21.44 -66.26 -11.12
CA GLN C 211 -22.40 -66.82 -10.19
C GLN C 211 -22.00 -66.51 -8.75
N ASP C 212 -20.72 -66.65 -8.43
CA ASP C 212 -20.28 -66.38 -7.07
C ASP C 212 -20.46 -64.91 -6.71
N LEU C 213 -20.15 -64.01 -7.65
CA LEU C 213 -20.37 -62.59 -7.38
C LEU C 213 -21.84 -62.29 -7.12
N ARG C 214 -22.72 -62.82 -7.96
CA ARG C 214 -24.15 -62.54 -7.76
C ARG C 214 -24.62 -63.11 -6.44
N ALA C 215 -24.15 -64.30 -6.07
CA ALA C 215 -24.61 -64.92 -4.85
C ALA C 215 -24.08 -64.19 -3.61
N VAL C 216 -22.84 -63.73 -3.65
CA VAL C 216 -22.23 -63.14 -2.46
C VAL C 216 -22.41 -61.63 -2.42
N HIS C 217 -21.84 -60.92 -3.37
CA HIS C 217 -21.84 -59.47 -3.34
C HIS C 217 -22.96 -58.85 -4.15
N GLY C 218 -23.81 -59.66 -4.75
CA GLY C 218 -24.98 -59.15 -5.45
C GLY C 218 -24.69 -58.37 -6.71
N MET C 219 -23.43 -58.06 -6.98
CA MET C 219 -23.07 -57.28 -8.15
C MET C 219 -23.28 -58.13 -9.40
N ASP C 220 -23.60 -57.45 -10.51
CA ASP C 220 -24.06 -58.18 -11.68
C ASP C 220 -22.95 -59.02 -12.30
N ALA C 221 -21.70 -58.58 -12.15
CA ALA C 221 -20.49 -59.26 -12.60
C ALA C 221 -20.35 -59.30 -14.10
N ASP C 222 -21.34 -58.82 -14.85
CA ASP C 222 -21.22 -58.66 -16.30
C ASP C 222 -21.30 -57.19 -16.70
N ALA C 223 -22.23 -56.45 -16.11
CA ALA C 223 -22.23 -55.01 -16.29
C ALA C 223 -21.03 -54.37 -15.60
N GLU C 224 -20.47 -55.04 -14.58
CA GLU C 224 -19.28 -54.52 -13.94
C GLU C 224 -18.10 -54.50 -14.90
N LEU C 225 -17.92 -55.56 -15.67
CA LEU C 225 -16.87 -55.54 -16.69
C LEU C 225 -17.27 -54.67 -17.87
N SER C 226 -18.53 -54.75 -18.30
CA SER C 226 -18.98 -53.93 -19.42
C SER C 226 -18.84 -52.45 -19.10
N GLY C 227 -19.28 -52.05 -17.90
CA GLY C 227 -19.12 -50.66 -17.50
C GLY C 227 -17.67 -50.26 -17.40
N ILE C 228 -16.84 -51.15 -16.87
CA ILE C 228 -15.42 -50.84 -16.72
C ILE C 228 -14.78 -50.60 -18.08
N LEU C 229 -15.08 -51.47 -19.05
CA LEU C 229 -14.49 -51.33 -20.38
C LEU C 229 -14.98 -50.06 -21.07
N ALA C 230 -16.29 -49.82 -21.04
CA ALA C 230 -16.81 -48.63 -21.71
C ALA C 230 -16.22 -47.37 -21.09
N THR C 231 -16.19 -47.31 -19.76
CA THR C 231 -15.63 -46.15 -19.09
C THR C 231 -14.17 -45.98 -19.46
N GLU C 232 -13.42 -47.08 -19.50
CA GLU C 232 -12.00 -46.99 -19.82
C GLU C 232 -11.79 -46.45 -21.22
N ILE C 233 -12.54 -46.95 -22.20
CA ILE C 233 -12.32 -46.52 -23.58
C ILE C 233 -12.67 -45.05 -23.72
N MET C 234 -13.83 -44.64 -23.19
CA MET C 234 -14.21 -43.24 -23.29
C MET C 234 -13.23 -42.34 -22.57
N LEU C 235 -12.73 -42.78 -21.41
CA LEU C 235 -11.77 -42.01 -20.65
C LEU C 235 -10.46 -41.85 -21.41
N GLU C 236 -9.99 -42.91 -22.05
CA GLU C 236 -8.76 -42.81 -22.80
C GLU C 236 -8.92 -41.91 -24.00
N ILE C 237 -10.09 -41.96 -24.66
CA ILE C 237 -10.34 -41.04 -25.76
C ILE C 237 -10.27 -39.60 -25.26
N ASN C 238 -10.87 -39.34 -24.10
CA ASN C 238 -10.85 -37.99 -23.56
C ASN C 238 -9.42 -37.54 -23.23
N ARG C 239 -8.63 -38.42 -22.62
CA ARG C 239 -7.24 -38.09 -22.34
C ARG C 239 -6.49 -37.83 -23.63
N GLU C 240 -6.83 -38.56 -24.69
CA GLU C 240 -6.16 -38.34 -25.97
C GLU C 240 -6.50 -36.98 -26.53
N VAL C 241 -7.76 -36.58 -26.46
CA VAL C 241 -8.15 -35.27 -26.97
C VAL C 241 -7.39 -34.17 -26.22
N VAL C 242 -7.34 -34.30 -24.89
CA VAL C 242 -6.62 -33.30 -24.09
C VAL C 242 -5.14 -33.28 -24.45
N ASP C 243 -4.56 -34.47 -24.59
CA ASP C 243 -3.14 -34.55 -24.92
C ASP C 243 -2.86 -33.92 -26.27
N TRP C 244 -3.76 -34.09 -27.24
CA TRP C 244 -3.55 -33.47 -28.54
C TRP C 244 -3.68 -31.96 -28.44
N ILE C 245 -4.59 -31.45 -27.63
CA ILE C 245 -4.70 -30.00 -27.47
C ILE C 245 -3.41 -29.43 -26.90
N ASN C 246 -2.85 -30.10 -25.88
CA ASN C 246 -1.57 -29.64 -25.34
C ASN C 246 -0.44 -29.89 -26.32
N TYR C 247 -0.59 -30.88 -27.19
CA TYR C 247 0.46 -31.24 -28.14
C TYR C 247 0.60 -30.19 -29.23
N SER C 248 -0.52 -29.76 -29.80
CA SER C 248 -0.49 -28.83 -30.91
C SER C 248 -0.51 -27.38 -30.48
N ALA C 249 -0.68 -27.11 -29.18
CA ALA C 249 -0.79 -25.74 -28.71
C ALA C 249 0.47 -24.96 -29.04
N GLN C 250 0.28 -23.75 -29.54
CA GLN C 250 1.40 -22.87 -29.81
C GLN C 250 2.09 -22.49 -28.50
N VAL C 251 3.39 -22.24 -28.60
CA VAL C 251 4.12 -21.76 -27.45
C VAL C 251 3.67 -20.35 -27.14
N GLY C 252 2.88 -20.20 -26.08
CA GLY C 252 2.41 -18.90 -25.65
C GLY C 252 3.50 -18.11 -24.96
N LYS C 253 3.14 -16.87 -24.59
CA LYS C 253 4.10 -15.93 -24.04
C LYS C 253 5.32 -15.84 -24.95
N SER C 254 5.06 -15.49 -26.20
CA SER C 254 6.11 -15.40 -27.20
C SER C 254 5.65 -14.48 -28.32
N GLY C 255 6.59 -13.74 -28.88
CA GLY C 255 6.25 -12.89 -30.02
C GLY C 255 5.58 -11.61 -29.56
N MET C 256 4.29 -11.48 -29.86
CA MET C 256 3.53 -10.34 -29.40
C MET C 256 3.18 -10.42 -27.93
N THR C 257 3.18 -11.63 -27.36
CA THR C 257 2.79 -11.83 -25.97
C THR C 257 3.97 -11.74 -25.01
N LEU C 258 5.14 -11.36 -25.49
CA LEU C 258 6.33 -11.32 -24.65
C LEU C 258 6.61 -9.89 -24.18
N THR C 259 6.64 -9.71 -22.90
CA THR C 259 7.25 -8.49 -22.40
C THR C 259 8.75 -8.59 -22.57
N PRO C 260 9.39 -7.61 -23.21
CA PRO C 260 10.74 -7.81 -23.76
C PRO C 260 11.76 -8.54 -22.90
N GLY C 261 11.63 -8.50 -21.58
CA GLY C 261 12.60 -9.14 -20.72
C GLY C 261 12.25 -10.51 -20.17
N SER C 262 11.25 -11.19 -20.72
CA SER C 262 10.75 -12.42 -20.11
C SER C 262 11.44 -13.65 -20.72
N LYS C 263 10.97 -14.83 -20.33
CA LYS C 263 11.59 -16.08 -20.75
C LYS C 263 10.78 -16.85 -21.79
N ALA C 264 9.92 -16.19 -22.54
CA ALA C 264 9.46 -16.75 -23.80
C ALA C 264 8.79 -18.11 -23.66
N GLY C 265 7.69 -18.19 -22.93
CA GLY C 265 6.93 -19.41 -22.84
C GLY C 265 6.68 -19.90 -21.44
N VAL C 266 7.38 -19.37 -20.45
CA VAL C 266 7.23 -19.80 -19.06
C VAL C 266 6.96 -18.57 -18.21
N PHE C 267 5.91 -18.63 -17.41
CA PHE C 267 5.56 -17.56 -16.49
C PHE C 267 6.17 -17.88 -15.14
N ASP C 268 7.11 -17.05 -14.71
CA ASP C 268 7.86 -17.29 -13.48
C ASP C 268 7.41 -16.27 -12.44
N PHE C 269 6.87 -16.76 -11.33
CA PHE C 269 6.41 -15.87 -10.26
C PHE C 269 7.56 -15.20 -9.54
N GLN C 270 8.80 -15.55 -9.83
CA GLN C 270 9.93 -14.89 -9.22
C GLN C 270 10.58 -13.86 -10.12
N ASP C 271 10.05 -13.63 -11.31
CA ASP C 271 10.65 -12.68 -12.26
C ASP C 271 9.84 -11.40 -12.27
N PRO C 272 10.42 -10.26 -11.87
CA PRO C 272 9.63 -9.02 -11.81
C PRO C 272 9.00 -8.61 -13.12
N ILE C 273 9.67 -8.85 -14.26
CA ILE C 273 9.11 -8.43 -15.54
C ILE C 273 7.84 -9.22 -15.84
N ASP C 274 7.80 -10.50 -15.47
CA ASP C 274 6.61 -11.29 -15.68
C ASP C 274 5.43 -10.82 -14.85
N ILE C 275 5.68 -10.38 -13.61
CA ILE C 275 4.63 -9.90 -12.72
C ILE C 275 4.55 -8.38 -12.70
N ARG C 276 5.16 -7.70 -13.66
CA ARG C 276 5.06 -6.26 -13.81
C ARG C 276 5.61 -5.52 -12.59
N GLY C 277 6.41 -6.21 -11.80
CA GLY C 277 6.95 -5.63 -10.58
C GLY C 277 6.03 -5.69 -9.38
N ALA C 278 5.07 -6.60 -9.36
CA ALA C 278 4.13 -6.67 -8.26
C ALA C 278 4.81 -7.14 -6.98
N ARG C 279 4.17 -6.86 -5.86
CA ARG C 279 4.62 -7.31 -4.54
C ARG C 279 3.51 -8.16 -3.91
N TRP C 280 3.93 -9.03 -2.99
CA TRP C 280 3.08 -10.00 -2.29
C TRP C 280 2.08 -10.71 -3.20
N ALA C 281 1.23 -11.54 -2.60
CA ALA C 281 0.43 -12.43 -3.42
C ALA C 281 -0.80 -11.74 -3.96
N GLY C 282 -1.14 -10.58 -3.39
CA GLY C 282 -2.34 -9.89 -3.83
C GLY C 282 -2.22 -9.37 -5.25
N GLU C 283 -1.03 -8.96 -5.63
CA GLU C 283 -0.82 -8.33 -6.92
C GLU C 283 -0.21 -9.28 -7.94
N SER C 284 0.60 -10.23 -7.49
CA SER C 284 1.22 -11.19 -8.40
C SER C 284 0.16 -12.03 -9.11
N PHE C 285 -0.86 -12.47 -8.37
CA PHE C 285 -1.90 -13.27 -8.99
C PHE C 285 -2.66 -12.45 -10.03
N LYS C 286 -2.90 -11.18 -9.76
CA LYS C 286 -3.52 -10.33 -10.77
C LYS C 286 -2.61 -10.17 -11.98
N ALA C 287 -1.30 -10.20 -11.77
CA ALA C 287 -0.38 -10.20 -12.91
C ALA C 287 -0.60 -11.45 -13.76
N LEU C 288 -0.78 -12.59 -13.11
CA LEU C 288 -1.11 -13.81 -13.85
C LEU C 288 -2.39 -13.64 -14.66
N LEU C 289 -3.40 -13.01 -14.05
CA LEU C 289 -4.64 -12.76 -14.78
C LEU C 289 -4.40 -11.92 -16.02
N PHE C 290 -3.59 -10.86 -15.88
CA PHE C 290 -3.32 -10.01 -17.04
C PHE C 290 -2.58 -10.77 -18.13
N GLN C 291 -1.66 -11.64 -17.74
CA GLN C 291 -0.95 -12.44 -18.73
C GLN C 291 -1.92 -13.33 -19.50
N ILE C 292 -2.87 -13.94 -18.78
CA ILE C 292 -3.87 -14.76 -19.44
C ILE C 292 -4.67 -13.92 -20.43
N ASP C 293 -5.03 -12.71 -20.03
CA ASP C 293 -5.75 -11.82 -20.94
C ASP C 293 -4.94 -11.55 -22.20
N LYS C 294 -3.64 -11.35 -22.04
CA LYS C 294 -2.77 -11.11 -23.19
C LYS C 294 -2.79 -12.29 -24.15
N GLU C 295 -2.71 -13.50 -23.61
CA GLU C 295 -2.73 -14.69 -24.48
C GLU C 295 -4.04 -14.79 -25.23
N ALA C 296 -5.16 -14.52 -24.55
CA ALA C 296 -6.45 -14.58 -25.23
C ALA C 296 -6.52 -13.55 -26.35
N VAL C 297 -5.97 -12.36 -26.12
CA VAL C 297 -5.94 -11.34 -27.17
C VAL C 297 -5.19 -11.84 -28.38
N GLU C 298 -4.02 -12.45 -28.15
CA GLU C 298 -3.25 -12.95 -29.29
C GLU C 298 -3.98 -14.06 -30.01
N ILE C 299 -4.71 -14.91 -29.29
CA ILE C 299 -5.52 -15.92 -29.95
C ILE C 299 -6.53 -15.27 -30.88
N ALA C 300 -7.21 -14.22 -30.40
CA ALA C 300 -8.11 -13.49 -31.27
C ALA C 300 -7.39 -12.98 -32.49
N ARG C 301 -6.15 -12.52 -32.31
CA ARG C 301 -5.41 -11.95 -33.43
C ARG C 301 -5.13 -12.99 -34.50
N GLN C 302 -4.56 -14.13 -34.11
CA GLN C 302 -4.06 -15.06 -35.11
C GLN C 302 -5.16 -15.82 -35.83
N THR C 303 -6.22 -16.23 -35.13
CA THR C 303 -7.27 -16.93 -35.84
C THR C 303 -8.12 -15.99 -36.67
N GLY C 304 -8.47 -14.84 -36.13
CA GLY C 304 -9.43 -13.98 -36.76
C GLY C 304 -10.87 -14.37 -36.54
N ARG C 305 -11.13 -15.39 -35.72
CA ARG C 305 -12.49 -15.80 -35.39
C ARG C 305 -12.96 -15.26 -34.05
N GLY C 306 -12.10 -15.25 -33.04
CA GLY C 306 -12.51 -14.73 -31.75
C GLY C 306 -11.48 -14.84 -30.65
N GLU C 307 -11.70 -14.14 -29.55
CA GLU C 307 -10.80 -14.19 -28.41
C GLU C 307 -10.86 -15.56 -27.76
N GLY C 308 -9.86 -15.87 -26.94
CA GLY C 308 -9.83 -17.12 -26.21
C GLY C 308 -11.07 -17.33 -25.36
N ASN C 309 -11.64 -18.53 -25.40
CA ASN C 309 -12.87 -18.81 -24.69
C ASN C 309 -12.68 -19.67 -23.45
N PHE C 310 -11.68 -20.53 -23.41
CA PHE C 310 -11.54 -21.44 -22.28
C PHE C 310 -10.10 -21.50 -21.84
N ILE C 311 -9.90 -22.13 -20.68
CA ILE C 311 -8.59 -22.30 -20.08
C ILE C 311 -8.51 -23.70 -19.49
N ILE C 312 -7.41 -24.40 -19.77
CA ILE C 312 -7.14 -25.70 -19.18
C ILE C 312 -5.86 -25.59 -18.38
N ALA C 313 -5.92 -25.81 -17.07
CA ALA C 313 -4.75 -25.60 -16.25
C ALA C 313 -4.69 -26.67 -15.18
N SER C 314 -3.51 -26.84 -14.59
CA SER C 314 -3.34 -27.80 -13.53
C SER C 314 -4.12 -27.36 -12.30
N ARG C 315 -4.17 -28.25 -11.31
CA ARG C 315 -4.90 -27.94 -10.08
C ARG C 315 -4.35 -26.68 -9.43
N ASN C 316 -3.03 -26.53 -9.39
CA ASN C 316 -2.44 -25.41 -8.68
C ASN C 316 -2.76 -24.08 -9.35
N VAL C 317 -2.80 -24.04 -10.67
CA VAL C 317 -3.10 -22.78 -11.34
C VAL C 317 -4.56 -22.39 -11.11
N VAL C 318 -5.47 -23.35 -11.20
CA VAL C 318 -6.86 -23.04 -10.87
C VAL C 318 -6.97 -22.59 -9.43
N ASN C 319 -6.18 -23.21 -8.55
CA ASN C 319 -6.18 -22.85 -7.14
C ASN C 319 -5.71 -21.42 -6.95
N VAL C 320 -4.71 -21.00 -7.74
CA VAL C 320 -4.30 -19.60 -7.74
C VAL C 320 -5.44 -18.71 -8.23
N LEU C 321 -6.12 -19.13 -9.29
CA LEU C 321 -7.18 -18.32 -9.85
C LEU C 321 -8.30 -18.09 -8.84
N ALA C 322 -8.70 -19.12 -8.13
CA ALA C 322 -9.86 -19.00 -7.25
C ALA C 322 -9.58 -18.14 -6.03
N SER C 323 -8.32 -17.87 -5.70
CA SER C 323 -7.97 -17.19 -4.46
C SER C 323 -7.51 -15.77 -4.67
N VAL C 324 -7.88 -15.15 -5.77
CA VAL C 324 -7.50 -13.76 -6.04
C VAL C 324 -8.69 -13.06 -6.66
N ASP C 325 -8.86 -11.79 -6.30
CA ASP C 325 -10.02 -11.01 -6.75
C ASP C 325 -9.87 -10.78 -8.24
N THR C 326 -10.55 -11.60 -9.04
CA THR C 326 -10.38 -11.56 -10.48
C THR C 326 -10.94 -10.30 -11.12
N GLY C 327 -11.74 -9.53 -10.39
CA GLY C 327 -12.23 -8.28 -10.91
C GLY C 327 -11.17 -7.20 -10.83
N ILE C 328 -11.59 -5.99 -11.16
CA ILE C 328 -10.70 -4.83 -11.17
C ILE C 328 -10.92 -4.13 -9.84
N SER C 329 -10.19 -4.54 -8.80
CA SER C 329 -10.32 -3.91 -7.50
C SER C 329 -9.13 -4.28 -6.62
N TYR C 330 -8.40 -3.25 -6.18
CA TYR C 330 -7.18 -3.31 -5.36
C TYR C 330 -6.45 -4.64 -5.40
N ALA C 331 -5.91 -5.05 -4.25
CA ALA C 331 -5.10 -6.26 -4.17
C ALA C 331 -5.71 -7.13 -3.09
N ALA C 332 -6.04 -8.37 -3.44
CA ALA C 332 -6.72 -9.22 -2.48
C ALA C 332 -6.36 -10.67 -2.74
N GLN C 333 -6.34 -11.45 -1.66
CA GLN C 333 -6.11 -12.88 -1.72
C GLN C 333 -6.72 -13.52 -0.49
N GLY C 334 -7.29 -14.71 -0.67
CA GLY C 334 -7.87 -15.40 0.45
C GLY C 334 -8.02 -16.87 0.17
N LEU C 335 -8.92 -17.49 0.89
CA LEU C 335 -9.24 -18.89 0.60
C LEU C 335 -9.91 -18.99 -0.75
N ALA C 336 -9.58 -20.06 -1.48
CA ALA C 336 -10.19 -20.26 -2.79
C ALA C 336 -11.69 -20.42 -2.66
N THR C 337 -12.42 -19.58 -3.38
CA THR C 337 -13.88 -19.62 -3.33
C THR C 337 -14.52 -19.70 -4.70
N GLY C 338 -13.96 -19.01 -5.70
CA GLY C 338 -14.69 -18.79 -6.93
C GLY C 338 -14.92 -20.05 -7.75
N PHE C 339 -13.93 -20.94 -7.77
CA PHE C 339 -13.95 -22.05 -8.72
C PHE C 339 -13.88 -23.37 -7.99
N SER C 340 -14.20 -24.44 -8.71
CA SER C 340 -14.22 -25.76 -8.12
C SER C 340 -12.90 -26.46 -8.36
N THR C 341 -11.94 -26.26 -7.46
CA THR C 341 -10.64 -26.90 -7.57
C THR C 341 -10.71 -28.38 -7.21
N ASP C 342 -11.90 -28.91 -7.02
CA ASP C 342 -12.13 -30.31 -6.70
C ASP C 342 -12.34 -31.06 -8.01
N THR C 343 -11.43 -31.97 -8.33
CA THR C 343 -11.57 -32.78 -9.54
C THR C 343 -12.47 -33.98 -9.33
N THR C 344 -12.81 -34.34 -8.09
CA THR C 344 -13.73 -35.46 -7.89
C THR C 344 -15.13 -35.11 -8.34
N LYS C 345 -15.64 -33.95 -7.93
CA LYS C 345 -17.02 -33.58 -8.21
C LYS C 345 -17.23 -33.21 -9.67
N SER C 346 -16.31 -32.43 -10.25
CA SER C 346 -16.36 -32.12 -11.67
C SER C 346 -15.05 -31.47 -12.05
N VAL C 347 -14.54 -31.84 -13.23
CA VAL C 347 -13.30 -31.24 -13.70
C VAL C 347 -13.51 -29.77 -14.04
N PHE C 348 -14.69 -29.43 -14.54
CA PHE C 348 -14.99 -28.05 -14.88
C PHE C 348 -14.83 -27.16 -13.66
N ALA C 349 -13.82 -26.31 -13.68
CA ALA C 349 -13.47 -25.47 -12.54
C ALA C 349 -14.41 -24.29 -12.36
N GLY C 350 -14.86 -23.68 -13.44
CA GLY C 350 -15.84 -22.62 -13.32
C GLY C 350 -15.81 -21.71 -14.52
N VAL C 351 -16.22 -20.46 -14.28
CA VAL C 351 -16.24 -19.42 -15.29
C VAL C 351 -15.46 -18.24 -14.75
N LEU C 352 -14.35 -17.92 -15.42
CA LEU C 352 -13.49 -16.81 -15.02
C LEU C 352 -13.99 -15.52 -15.67
N GLY C 353 -14.35 -14.56 -14.83
CA GLY C 353 -14.70 -13.22 -15.27
C GLY C 353 -15.88 -13.14 -16.20
N GLY C 354 -16.78 -14.13 -16.19
CA GLY C 354 -17.82 -14.17 -17.17
C GLY C 354 -17.35 -14.35 -18.58
N LYS C 355 -16.09 -14.73 -18.77
CA LYS C 355 -15.51 -14.89 -20.09
C LYS C 355 -15.03 -16.30 -20.37
N TYR C 356 -14.23 -16.88 -19.47
CA TYR C 356 -13.51 -18.11 -19.74
C TYR C 356 -14.20 -19.29 -19.08
N ARG C 357 -14.24 -20.42 -19.76
CA ARG C 357 -14.69 -21.66 -19.13
C ARG C 357 -13.47 -22.43 -18.66
N VAL C 358 -13.15 -22.30 -17.38
CA VAL C 358 -11.94 -22.88 -16.82
C VAL C 358 -12.19 -24.33 -16.47
N TYR C 359 -11.40 -25.22 -17.05
CA TYR C 359 -11.40 -26.65 -16.78
C TYR C 359 -10.10 -27.03 -16.10
N ILE C 360 -10.04 -28.22 -15.52
CA ILE C 360 -8.86 -28.71 -14.85
C ILE C 360 -8.39 -29.99 -15.52
N ASP C 361 -7.15 -29.99 -15.99
CA ASP C 361 -6.51 -31.19 -16.53
C ASP C 361 -5.88 -31.94 -15.37
N GLN C 362 -6.67 -32.77 -14.68
CA GLN C 362 -6.22 -33.29 -13.41
C GLN C 362 -4.98 -34.16 -13.53
N TYR C 363 -4.64 -34.64 -14.72
CA TYR C 363 -3.42 -35.41 -14.90
C TYR C 363 -2.30 -34.57 -15.49
N ALA C 364 -2.30 -33.27 -15.20
CA ALA C 364 -1.22 -32.42 -15.68
C ALA C 364 0.11 -32.88 -15.13
N LYS C 365 1.14 -32.85 -15.97
CA LYS C 365 2.43 -33.37 -15.58
C LYS C 365 3.18 -32.46 -14.61
N GLN C 366 3.48 -31.22 -14.99
CA GLN C 366 4.14 -30.38 -14.00
C GLN C 366 3.31 -29.18 -13.59
N ASP C 367 3.08 -28.23 -14.50
CA ASP C 367 2.27 -27.06 -14.23
C ASP C 367 2.11 -26.23 -15.51
N TYR C 368 0.90 -25.83 -15.85
CA TYR C 368 0.73 -24.99 -17.04
C TYR C 368 -0.66 -24.41 -17.06
N PHE C 369 -0.89 -23.55 -18.06
CA PHE C 369 -2.24 -23.20 -18.44
C PHE C 369 -2.28 -22.99 -19.95
N THR C 370 -3.37 -23.43 -20.55
CA THR C 370 -3.54 -23.38 -21.99
C THR C 370 -4.86 -22.70 -22.32
N VAL C 371 -4.77 -21.61 -23.07
CA VAL C 371 -5.94 -20.85 -23.49
C VAL C 371 -6.28 -21.25 -24.92
N GLY C 372 -7.56 -21.48 -25.18
CA GLY C 372 -7.99 -21.89 -26.50
C GLY C 372 -9.24 -21.13 -26.91
N TYR C 373 -9.79 -21.53 -28.05
CA TYR C 373 -10.99 -20.93 -28.58
C TYR C 373 -11.98 -22.01 -29.00
N LYS C 374 -13.26 -21.72 -28.83
CA LYS C 374 -14.32 -22.58 -29.35
C LYS C 374 -15.52 -21.68 -29.68
N GLY C 375 -15.82 -21.55 -30.96
CA GLY C 375 -16.91 -20.69 -31.38
C GLY C 375 -18.26 -21.36 -31.22
N PRO C 376 -19.29 -20.76 -31.80
CA PRO C 376 -20.60 -21.41 -31.80
C PRO C 376 -20.68 -22.58 -32.77
N ASN C 377 -19.83 -22.59 -33.79
CA ASN C 377 -19.90 -23.57 -34.86
C ASN C 377 -19.02 -24.78 -34.53
N GLU C 378 -19.29 -25.90 -35.19
CA GLU C 378 -18.46 -27.08 -35.05
C GLU C 378 -17.26 -27.08 -35.97
N MET C 379 -17.31 -26.35 -37.07
CA MET C 379 -16.15 -26.26 -37.95
C MET C 379 -15.06 -25.39 -37.34
N ASP C 380 -15.45 -24.41 -36.52
CA ASP C 380 -14.52 -23.43 -35.96
C ASP C 380 -14.07 -23.90 -34.59
N ALA C 381 -13.10 -24.81 -34.59
CA ALA C 381 -12.74 -25.55 -33.39
C ALA C 381 -11.27 -25.52 -33.02
N GLY C 382 -10.36 -25.55 -33.98
CA GLY C 382 -8.97 -25.83 -33.66
C GLY C 382 -8.61 -27.30 -33.80
N ILE C 383 -9.27 -28.19 -33.06
CA ILE C 383 -9.07 -29.61 -33.21
C ILE C 383 -10.42 -30.31 -33.21
N TYR C 384 -10.62 -31.20 -34.18
CA TYR C 384 -11.86 -31.92 -34.39
C TYR C 384 -11.72 -33.34 -33.86
N TYR C 385 -12.74 -33.79 -33.13
CA TYR C 385 -12.86 -35.18 -32.73
C TYR C 385 -14.16 -35.70 -33.32
N ALA C 386 -14.08 -36.56 -34.34
CA ALA C 386 -15.23 -36.98 -35.11
C ALA C 386 -15.51 -38.45 -34.85
N PRO C 387 -16.46 -38.76 -33.99
CA PRO C 387 -16.81 -40.17 -33.75
C PRO C 387 -17.47 -40.77 -34.98
N TYR C 388 -17.05 -41.96 -35.32
CA TYR C 388 -17.55 -42.67 -36.49
C TYR C 388 -18.27 -43.97 -36.11
N VAL C 389 -17.64 -44.81 -35.31
CA VAL C 389 -18.28 -45.97 -34.72
C VAL C 389 -18.05 -45.91 -33.23
N ALA C 390 -19.12 -45.94 -32.45
CA ALA C 390 -19.04 -45.56 -31.05
C ALA C 390 -19.43 -46.70 -30.14
N LEU C 391 -18.46 -47.17 -29.35
CA LEU C 391 -18.69 -48.12 -28.26
C LEU C 391 -19.61 -49.25 -28.69
N THR C 392 -19.24 -49.90 -29.78
CA THR C 392 -19.96 -51.07 -30.23
C THR C 392 -19.60 -52.25 -29.33
N PRO C 393 -20.58 -52.92 -28.73
CA PRO C 393 -20.29 -54.11 -27.95
C PRO C 393 -20.24 -55.35 -28.83
N LEU C 394 -19.21 -56.16 -28.60
CA LEU C 394 -19.03 -57.40 -29.31
C LEU C 394 -18.96 -58.53 -28.28
N ARG C 395 -19.85 -59.50 -28.42
CA ARG C 395 -19.92 -60.60 -27.47
C ARG C 395 -19.80 -61.92 -28.20
N GLY C 396 -19.29 -62.92 -27.49
CA GLY C 396 -19.23 -64.25 -28.03
C GLY C 396 -19.02 -65.26 -26.92
N SER C 397 -18.89 -66.51 -27.33
CA SER C 397 -18.63 -67.57 -26.37
C SER C 397 -17.58 -68.48 -26.98
N ASP C 398 -16.86 -69.21 -26.14
CA ASP C 398 -15.94 -70.19 -26.70
C ASP C 398 -16.56 -71.57 -26.58
N PRO C 399 -16.91 -72.22 -27.69
CA PRO C 399 -17.63 -73.51 -27.60
C PRO C 399 -16.89 -74.58 -26.81
N LYS C 400 -15.56 -74.54 -26.76
CA LYS C 400 -14.84 -75.53 -25.98
C LYS C 400 -15.11 -75.39 -24.49
N ASN C 401 -15.48 -74.21 -24.02
CA ASN C 401 -15.74 -74.03 -22.60
C ASN C 401 -17.02 -73.27 -22.32
N PHE C 402 -17.69 -72.72 -23.32
CA PHE C 402 -18.94 -71.98 -23.18
C PHE C 402 -18.77 -70.70 -22.38
N GLN C 403 -17.57 -70.38 -21.96
CA GLN C 403 -17.43 -69.15 -21.22
C GLN C 403 -17.59 -67.96 -22.15
N PRO C 404 -18.11 -66.85 -21.64
CA PRO C 404 -18.39 -65.70 -22.49
C PRO C 404 -17.22 -64.76 -22.56
N VAL C 405 -17.08 -64.13 -23.72
CA VAL C 405 -16.06 -63.12 -23.97
C VAL C 405 -16.78 -61.85 -24.42
N MET C 406 -16.39 -60.73 -23.84
CA MET C 406 -17.05 -59.46 -24.11
C MET C 406 -15.99 -58.41 -24.42
N GLY C 407 -16.33 -57.50 -25.32
CA GLY C 407 -15.39 -56.44 -25.64
C GLY C 407 -16.13 -55.26 -26.24
N PHE C 408 -15.41 -54.16 -26.34
CA PHE C 408 -15.94 -52.96 -26.96
C PHE C 408 -14.95 -52.45 -28.00
N LYS C 409 -15.50 -51.97 -29.12
CA LYS C 409 -14.70 -51.43 -30.21
C LYS C 409 -15.24 -50.08 -30.62
N THR C 410 -14.33 -49.18 -31.01
CA THR C 410 -14.69 -47.80 -31.30
C THR C 410 -13.69 -47.20 -32.28
N ARG C 411 -14.21 -46.55 -33.32
CA ARG C 411 -13.35 -45.91 -34.31
C ARG C 411 -13.73 -44.44 -34.42
N TYR C 412 -12.82 -43.54 -34.07
CA TYR C 412 -13.16 -42.12 -34.13
C TYR C 412 -12.35 -41.33 -35.15
N GLY C 413 -11.04 -41.25 -34.96
CA GLY C 413 -10.29 -40.35 -35.82
C GLY C 413 -10.51 -38.89 -35.44
N ILE C 414 -9.43 -38.11 -35.53
CA ILE C 414 -9.45 -36.70 -35.19
C ILE C 414 -8.84 -35.91 -36.34
N GLY C 415 -8.73 -34.60 -36.15
CA GLY C 415 -8.20 -33.76 -37.21
C GLY C 415 -7.79 -32.40 -36.72
N ILE C 416 -6.88 -31.79 -37.48
CA ILE C 416 -6.42 -30.43 -37.25
C ILE C 416 -7.13 -29.52 -38.24
N ASN C 417 -7.74 -28.46 -37.74
CA ASN C 417 -8.54 -27.63 -38.62
C ASN C 417 -7.65 -26.93 -39.65
N PRO C 418 -8.16 -26.68 -40.85
CA PRO C 418 -7.45 -25.81 -41.77
C PRO C 418 -7.32 -24.43 -41.16
N PHE C 419 -6.28 -23.70 -41.59
CA PHE C 419 -5.89 -22.40 -41.04
C PHE C 419 -5.28 -22.51 -39.66
N ALA C 420 -4.96 -23.71 -39.19
CA ALA C 420 -4.40 -23.83 -37.85
C ALA C 420 -3.06 -23.13 -37.75
N GLU C 421 -2.19 -23.31 -38.74
CA GLU C 421 -0.95 -22.56 -38.76
C GLU C 421 -1.21 -21.07 -38.84
N SER C 422 -2.10 -20.66 -39.75
CA SER C 422 -2.62 -19.30 -39.80
C SER C 422 -1.53 -18.28 -40.07
N ALA C 423 -0.29 -18.71 -40.23
CA ALA C 423 0.75 -17.81 -40.69
C ALA C 423 0.95 -17.95 -42.19
N ALA C 424 1.16 -19.18 -42.64
CA ALA C 424 1.29 -19.43 -44.06
C ALA C 424 -0.03 -19.11 -44.77
N GLN C 425 0.07 -18.57 -45.97
CA GLN C 425 -1.09 -18.13 -46.71
C GLN C 425 -1.51 -19.13 -47.78
N ALA C 426 -0.97 -20.34 -47.75
CA ALA C 426 -1.35 -21.38 -48.70
C ALA C 426 -0.91 -22.72 -48.14
N PRO C 427 -1.77 -23.72 -48.18
CA PRO C 427 -1.37 -25.06 -47.74
C PRO C 427 -0.55 -25.77 -48.79
N ALA C 428 0.04 -26.89 -48.38
CA ALA C 428 0.97 -27.63 -49.22
C ALA C 428 0.24 -28.65 -50.08
N SER C 429 0.52 -28.64 -51.37
CA SER C 429 0.14 -29.70 -52.31
C SER C 429 -1.37 -29.78 -52.55
N ARG C 430 -2.15 -28.88 -51.95
CA ARG C 430 -3.57 -28.73 -52.25
C ARG C 430 -4.40 -29.91 -51.74
N ILE C 431 -3.74 -30.96 -51.28
CA ILE C 431 -4.38 -32.11 -50.64
C ILE C 431 -3.43 -32.58 -49.57
N GLN C 432 -3.79 -32.36 -48.30
CA GLN C 432 -2.88 -32.72 -47.24
C GLN C 432 -3.61 -33.41 -46.11
N SER C 433 -2.84 -34.16 -45.33
CA SER C 433 -3.39 -34.93 -44.23
C SER C 433 -3.74 -34.04 -43.06
N GLY C 434 -5.02 -34.05 -42.68
CA GLY C 434 -5.49 -33.25 -41.58
C GLY C 434 -5.28 -33.84 -40.21
N MET C 435 -4.86 -35.09 -40.13
CA MET C 435 -4.55 -35.66 -38.83
C MET C 435 -3.34 -34.97 -38.24
N PRO C 436 -3.31 -34.74 -36.93
CA PRO C 436 -2.15 -34.09 -36.32
C PRO C 436 -0.89 -34.93 -36.46
N SER C 437 0.23 -34.25 -36.66
CA SER C 437 1.54 -34.88 -36.76
C SER C 437 2.60 -33.85 -36.39
N ILE C 438 3.85 -34.27 -36.39
CA ILE C 438 4.95 -33.35 -36.07
C ILE C 438 5.02 -32.21 -37.10
N LEU C 439 4.85 -32.55 -38.38
CA LEU C 439 5.08 -31.57 -39.43
C LEU C 439 4.04 -30.45 -39.41
N ASN C 440 2.78 -30.80 -39.16
CA ASN C 440 1.68 -29.86 -39.40
C ASN C 440 1.07 -29.31 -38.13
N SER C 441 1.30 -29.93 -36.97
CA SER C 441 0.54 -29.51 -35.81
C SER C 441 1.37 -29.26 -34.55
N LEU C 442 2.53 -29.89 -34.44
CA LEU C 442 3.31 -29.77 -33.21
C LEU C 442 3.76 -28.33 -33.01
N GLY C 443 3.13 -27.64 -32.05
CA GLY C 443 3.51 -26.28 -31.76
C GLY C 443 3.13 -25.29 -32.83
N LYS C 444 2.09 -25.56 -33.62
CA LYS C 444 1.70 -24.67 -34.70
C LYS C 444 0.24 -24.28 -34.69
N ASN C 445 -0.59 -24.91 -33.87
CA ASN C 445 -2.03 -24.64 -33.90
C ASN C 445 -2.28 -23.27 -33.29
N ALA C 446 -2.77 -22.34 -34.10
CA ALA C 446 -2.98 -20.98 -33.63
C ALA C 446 -4.14 -20.89 -32.64
N TYR C 447 -4.95 -21.94 -32.51
CA TYR C 447 -6.11 -21.88 -31.63
C TYR C 447 -5.78 -22.22 -30.18
N PHE C 448 -4.55 -22.61 -29.86
CA PHE C 448 -4.21 -22.96 -28.48
C PHE C 448 -2.85 -22.40 -28.13
N ARG C 449 -2.79 -21.67 -27.02
CA ARG C 449 -1.56 -21.09 -26.51
C ARG C 449 -1.30 -21.63 -25.12
N ARG C 450 -0.11 -22.17 -24.90
CA ARG C 450 0.23 -22.85 -23.66
C ARG C 450 1.39 -22.16 -22.99
N VAL C 451 1.29 -21.94 -21.68
CA VAL C 451 2.32 -21.25 -20.90
C VAL C 451 2.59 -22.06 -19.64
N TYR C 452 3.86 -22.20 -19.30
CA TYR C 452 4.21 -22.89 -18.07
C TYR C 452 4.30 -21.90 -16.91
N VAL C 453 3.85 -22.34 -15.75
CA VAL C 453 3.79 -21.49 -14.56
C VAL C 453 4.74 -22.04 -13.52
N LYS C 454 5.70 -21.23 -13.11
CA LYS C 454 6.68 -21.62 -12.10
C LYS C 454 6.67 -20.64 -10.95
N GLY C 455 7.07 -21.14 -9.79
CA GLY C 455 6.99 -20.37 -8.57
C GLY C 455 5.67 -20.46 -7.85
N ILE C 456 4.77 -21.34 -8.28
CA ILE C 456 3.51 -21.54 -7.59
C ILE C 456 3.78 -22.11 -6.20
N ALA D 1 4.57 -8.80 80.04
CA ALA D 1 3.85 -8.44 78.83
C ALA D 1 3.53 -9.68 78.02
N GLU D 2 2.25 -10.03 77.95
CA GLU D 2 1.82 -11.24 77.25
C GLU D 2 1.79 -10.94 75.75
N ILE D 3 2.86 -11.28 75.05
CA ILE D 3 3.02 -10.99 73.63
C ILE D 3 2.21 -12.01 72.85
N GLY D 4 1.44 -11.54 71.88
CA GLY D 4 0.69 -12.46 71.05
C GLY D 4 1.57 -13.31 70.16
N GLY D 5 2.58 -12.71 69.54
CA GLY D 5 3.45 -13.44 68.65
C GLY D 5 2.73 -13.81 67.36
N ASP D 6 3.37 -14.70 66.60
CA ASP D 6 2.84 -15.15 65.32
C ASP D 6 3.27 -16.59 65.10
N HIS D 7 2.61 -17.24 64.14
CA HIS D 7 3.15 -18.47 63.61
C HIS D 7 4.47 -18.14 62.93
N GLY D 8 5.42 -19.05 62.96
CA GLY D 8 6.71 -18.71 62.41
C GLY D 8 6.73 -18.49 60.91
N TYR D 9 5.57 -18.35 60.28
CA TYR D 9 5.42 -18.33 58.83
C TYR D 9 5.95 -19.59 58.17
N ASN D 10 6.09 -20.66 58.94
CA ASN D 10 6.36 -21.98 58.41
C ASN D 10 5.04 -22.76 58.40
N ALA D 11 4.65 -23.22 57.22
CA ALA D 11 3.29 -23.72 57.03
C ALA D 11 2.97 -24.87 57.97
N THR D 12 3.98 -25.62 58.39
CA THR D 12 3.73 -26.66 59.40
C THR D 12 3.25 -26.05 60.70
N ASN D 13 3.82 -24.92 61.11
CA ASN D 13 3.29 -24.20 62.25
C ASN D 13 1.88 -23.69 61.99
N ILE D 14 1.65 -23.08 60.83
CA ILE D 14 0.39 -22.40 60.58
C ILE D 14 -0.77 -23.39 60.59
N ALA D 15 -0.60 -24.52 59.93
CA ALA D 15 -1.67 -25.51 59.93
C ALA D 15 -1.87 -26.08 61.32
N ALA D 16 -0.80 -26.22 62.09
CA ALA D 16 -0.87 -26.77 63.43
C ALA D 16 -1.37 -25.79 64.46
N GLY D 17 -1.51 -24.52 64.11
CA GLY D 17 -1.89 -23.54 65.09
C GLY D 17 -0.85 -23.33 66.16
N GLN D 18 0.41 -23.60 65.86
CA GLN D 18 1.51 -23.20 66.72
C GLN D 18 1.60 -21.68 66.71
N THR D 19 2.48 -21.16 67.54
CA THR D 19 2.74 -19.73 67.57
C THR D 19 4.01 -19.42 68.32
N SER D 20 4.52 -18.22 68.09
CA SER D 20 5.70 -17.76 68.81
C SER D 20 5.37 -17.18 70.17
N GLY D 21 4.10 -16.98 70.48
CA GLY D 21 3.72 -16.28 71.69
C GLY D 21 2.89 -17.12 72.64
N ALA D 22 2.05 -16.44 73.42
CA ALA D 22 1.31 -17.13 74.48
C ALA D 22 0.17 -17.97 73.92
N VAL D 23 -0.63 -17.42 73.03
CA VAL D 23 -1.92 -18.00 72.67
C VAL D 23 -1.74 -18.86 71.44
N THR D 24 -1.82 -20.17 71.62
CA THR D 24 -1.94 -21.02 70.45
C THR D 24 -3.33 -20.89 69.87
N GLN D 25 -3.44 -21.12 68.57
CA GLN D 25 -4.71 -20.99 67.88
C GLN D 25 -5.30 -22.38 67.67
N ILE D 26 -6.54 -22.41 67.20
CA ILE D 26 -7.21 -23.67 66.96
C ILE D 26 -6.81 -24.22 65.59
N GLY D 27 -7.19 -23.53 64.53
CA GLY D 27 -6.98 -24.02 63.20
C GLY D 27 -7.03 -22.92 62.17
N PRO D 28 -6.39 -23.14 61.05
CA PRO D 28 -6.21 -22.07 60.07
C PRO D 28 -7.36 -21.92 59.09
N ALA D 29 -8.58 -21.83 59.61
CA ALA D 29 -9.78 -21.59 58.82
C ALA D 29 -9.93 -22.51 57.60
N VAL D 30 -10.68 -22.06 56.59
CA VAL D 30 -10.86 -22.79 55.35
C VAL D 30 -11.38 -21.82 54.30
N MET D 31 -10.96 -22.01 53.06
CA MET D 31 -11.31 -21.08 51.98
C MET D 31 -11.82 -21.80 50.75
N GLY D 32 -12.24 -23.05 50.90
CA GLY D 32 -12.72 -23.80 49.75
C GLY D 32 -11.78 -24.89 49.34
N MET D 33 -12.03 -25.43 48.14
CA MET D 33 -11.27 -26.53 47.58
C MET D 33 -11.16 -26.35 46.07
N VAL D 34 -10.01 -26.70 45.51
CA VAL D 34 -9.69 -26.39 44.12
C VAL D 34 -9.43 -27.68 43.36
N ARG D 35 -10.05 -27.81 42.19
CA ARG D 35 -9.84 -28.95 41.32
C ARG D 35 -9.48 -28.48 39.92
N ARG D 36 -8.83 -29.35 39.16
CA ARG D 36 -8.49 -29.04 37.79
C ARG D 36 -9.64 -29.38 36.86
N ALA D 37 -9.88 -28.51 35.89
CA ALA D 37 -10.98 -28.69 34.96
C ALA D 37 -10.77 -29.96 34.14
N ILE D 38 -11.88 -30.56 33.74
CA ILE D 38 -11.81 -31.73 32.86
C ILE D 38 -11.53 -31.25 31.44
N PRO D 39 -10.37 -31.54 30.87
CA PRO D 39 -10.06 -31.04 29.54
C PRO D 39 -11.01 -31.61 28.50
N ASN D 40 -11.33 -30.78 27.51
CA ASN D 40 -12.36 -31.10 26.54
C ASN D 40 -11.90 -32.21 25.60
N LEU D 41 -12.86 -33.03 25.20
CA LEU D 41 -12.65 -34.02 24.16
C LEU D 41 -12.67 -33.32 22.81
N ILE D 42 -12.31 -34.05 21.75
CA ILE D 42 -12.33 -33.44 20.43
C ILE D 42 -13.12 -34.30 19.45
N ALA D 43 -14.41 -34.03 19.35
CA ALA D 43 -15.39 -34.59 18.42
C ALA D 43 -15.20 -36.09 18.25
N PHE D 44 -15.85 -36.68 17.25
CA PHE D 44 -15.39 -37.91 16.63
C PHE D 44 -15.76 -37.89 15.16
N ASP D 45 -15.87 -36.70 14.59
CA ASP D 45 -16.28 -36.52 13.20
C ASP D 45 -15.12 -35.95 12.39
N ILE D 46 -13.91 -36.16 12.88
CA ILE D 46 -12.72 -35.92 12.10
C ILE D 46 -12.28 -37.26 11.53
N CYS D 47 -13.07 -38.29 11.84
CA CYS D 47 -12.80 -39.66 11.41
C CYS D 47 -14.08 -40.46 11.51
N GLY D 48 -14.20 -41.52 10.73
CA GLY D 48 -15.44 -42.26 10.71
C GLY D 48 -15.71 -42.97 12.01
N VAL D 49 -16.97 -43.34 12.26
CA VAL D 49 -17.32 -43.99 13.51
C VAL D 49 -17.69 -45.44 13.24
N GLN D 50 -18.80 -45.65 12.55
CA GLN D 50 -19.23 -47.00 12.18
C GLN D 50 -19.26 -47.92 13.38
N PRO D 51 -20.26 -47.84 14.24
CA PRO D 51 -20.28 -48.69 15.43
C PRO D 51 -20.27 -50.15 15.05
N MET D 52 -19.54 -50.95 15.82
CA MET D 52 -19.52 -52.38 15.63
C MET D 52 -20.70 -53.01 16.36
N ASN D 53 -21.32 -53.99 15.72
CA ASN D 53 -22.36 -54.79 16.35
C ASN D 53 -21.80 -56.12 16.82
N SER D 54 -20.53 -56.39 16.53
CA SER D 54 -19.86 -57.63 16.90
C SER D 54 -18.37 -57.39 16.69
N PRO D 55 -17.51 -58.15 17.36
CA PRO D 55 -16.08 -57.93 17.23
C PRO D 55 -15.59 -58.24 15.83
N THR D 56 -14.54 -57.53 15.42
CA THR D 56 -13.79 -57.84 14.22
C THR D 56 -14.64 -57.72 12.95
N GLY D 57 -14.99 -56.50 12.61
CA GLY D 57 -15.61 -56.24 11.33
C GLY D 57 -14.65 -56.40 10.16
N GLN D 58 -15.21 -56.47 8.96
CA GLN D 58 -14.44 -56.61 7.73
C GLN D 58 -15.00 -55.65 6.68
N VAL D 59 -14.15 -55.30 5.71
CA VAL D 59 -14.54 -54.39 4.63
C VAL D 59 -13.76 -54.77 3.38
N PHE D 60 -14.44 -54.72 2.24
CA PHE D 60 -13.89 -55.12 0.94
C PHE D 60 -13.52 -53.91 0.09
N ALA D 61 -12.68 -54.16 -0.90
CA ALA D 61 -12.33 -53.15 -1.89
C ALA D 61 -12.37 -53.77 -3.27
N LEU D 62 -12.69 -52.97 -4.28
CA LEU D 62 -12.76 -53.41 -5.65
C LEU D 62 -11.86 -52.53 -6.50
N ARG D 63 -10.85 -53.12 -7.10
CA ARG D 63 -9.91 -52.41 -7.94
C ARG D 63 -10.00 -52.97 -9.36
N ALA D 64 -10.20 -52.09 -10.33
CA ALA D 64 -10.19 -52.49 -11.73
C ALA D 64 -8.75 -52.48 -12.20
N VAL D 65 -8.20 -53.67 -12.45
CA VAL D 65 -6.81 -53.84 -12.82
C VAL D 65 -6.77 -54.31 -14.27
N TYR D 66 -6.00 -53.61 -15.09
CA TYR D 66 -5.93 -54.01 -16.49
C TYR D 66 -4.60 -54.66 -16.81
N GLY D 67 -4.65 -55.57 -17.77
CA GLY D 67 -3.53 -56.42 -18.11
C GLY D 67 -3.96 -57.87 -18.12
N LYS D 68 -5.27 -58.09 -18.16
CA LYS D 68 -5.88 -59.40 -18.37
C LYS D 68 -5.71 -60.30 -17.16
N ASP D 69 -4.92 -59.86 -16.20
CA ASP D 69 -4.70 -60.65 -14.99
C ASP D 69 -5.03 -59.79 -13.78
N PRO D 70 -6.19 -59.97 -13.15
CA PRO D 70 -6.54 -59.14 -12.00
C PRO D 70 -5.52 -59.22 -10.89
N VAL D 71 -4.92 -60.37 -10.64
CA VAL D 71 -3.90 -60.51 -9.61
C VAL D 71 -2.63 -60.99 -10.29
N ALA D 72 -1.61 -60.15 -10.28
CA ALA D 72 -0.29 -60.44 -10.84
C ALA D 72 0.62 -59.30 -10.44
N ALA D 73 1.90 -59.62 -10.26
CA ALA D 73 2.84 -58.63 -9.75
C ALA D 73 2.88 -57.41 -10.66
N GLY D 74 2.82 -56.24 -10.05
CA GLY D 74 3.00 -55.00 -10.78
C GLY D 74 1.88 -54.63 -11.74
N ALA D 75 0.71 -55.22 -11.60
CA ALA D 75 -0.41 -54.82 -12.44
C ALA D 75 -0.82 -53.38 -12.14
N LYS D 76 -1.54 -52.77 -13.06
CA LYS D 76 -1.91 -51.37 -12.96
C LYS D 76 -3.39 -51.24 -12.66
N GLU D 77 -3.73 -50.29 -11.79
CA GLU D 77 -5.12 -50.02 -11.44
C GLU D 77 -5.73 -49.09 -12.48
N ALA D 78 -7.00 -49.31 -12.80
CA ALA D 78 -7.61 -48.56 -13.88
C ALA D 78 -7.84 -47.11 -13.51
N PHE D 79 -8.65 -46.86 -12.48
CA PHE D 79 -9.16 -45.53 -12.22
C PHE D 79 -8.48 -44.89 -11.02
N HIS D 80 -7.20 -45.15 -10.84
CA HIS D 80 -6.48 -44.61 -9.71
C HIS D 80 -6.51 -43.09 -9.78
N PRO D 81 -6.73 -42.39 -8.66
CA PRO D 81 -6.81 -40.93 -8.73
C PRO D 81 -5.48 -40.26 -9.02
N MET D 82 -4.40 -40.71 -8.39
CA MET D 82 -3.09 -40.17 -8.69
C MET D 82 -2.64 -40.47 -10.10
N TYR D 83 -2.92 -41.65 -10.61
CA TYR D 83 -2.30 -42.16 -11.82
C TYR D 83 -3.24 -41.98 -12.99
N GLY D 84 -2.76 -41.31 -14.03
CA GLY D 84 -3.49 -41.20 -15.26
C GLY D 84 -3.60 -42.55 -15.93
N PRO D 85 -4.69 -42.79 -16.65
CA PRO D 85 -4.82 -44.04 -17.38
C PRO D 85 -3.79 -44.10 -18.50
N ASP D 86 -3.42 -45.33 -18.86
CA ASP D 86 -2.49 -45.52 -19.97
C ASP D 86 -3.22 -45.02 -21.21
N ALA D 87 -2.86 -43.83 -21.65
CA ALA D 87 -3.58 -43.18 -22.73
C ALA D 87 -3.54 -44.01 -24.01
N MET D 88 -2.60 -44.93 -24.11
CA MET D 88 -2.49 -45.80 -25.26
C MET D 88 -2.67 -47.27 -24.92
N PHE D 89 -3.27 -47.59 -23.78
CA PHE D 89 -3.45 -48.99 -23.42
C PHE D 89 -4.36 -49.70 -24.42
N SER D 90 -5.50 -49.10 -24.72
CA SER D 90 -6.44 -49.69 -25.67
C SER D 90 -6.17 -49.27 -27.09
N GLY D 91 -5.27 -48.32 -27.31
CA GLY D 91 -5.00 -47.84 -28.64
C GLY D 91 -3.75 -48.46 -29.21
N GLN D 92 -2.75 -47.64 -29.54
CA GLN D 92 -1.59 -48.14 -30.24
C GLN D 92 -0.79 -49.11 -29.38
N GLY D 93 -0.97 -49.06 -28.07
CA GLY D 93 -0.29 -50.01 -27.20
C GLY D 93 -0.65 -51.44 -27.48
N ALA D 94 -1.88 -51.70 -27.88
CA ALA D 94 -2.25 -53.03 -28.35
C ALA D 94 -1.60 -53.35 -29.69
N ALA D 95 -1.39 -52.32 -30.52
CA ALA D 95 -0.72 -52.54 -31.79
C ALA D 95 0.74 -52.93 -31.59
N LYS D 96 1.44 -52.21 -30.72
CA LYS D 96 2.87 -52.43 -30.56
C LYS D 96 3.30 -51.95 -29.19
N LYS D 97 4.40 -52.51 -28.71
CA LYS D 97 4.97 -52.08 -27.45
C LYS D 97 6.07 -51.03 -27.69
N PHE D 98 6.07 -50.01 -26.86
CA PHE D 98 7.01 -48.92 -27.06
C PHE D 98 8.24 -49.11 -26.20
N PRO D 99 9.41 -48.68 -26.68
CA PRO D 99 10.62 -48.87 -25.89
C PRO D 99 10.52 -48.11 -24.58
N ALA D 100 11.03 -48.74 -23.53
CA ALA D 100 11.04 -48.08 -22.23
C ALA D 100 12.00 -46.89 -22.25
N LEU D 101 11.56 -45.79 -21.65
CA LEU D 101 12.41 -44.62 -21.51
C LEU D 101 13.20 -44.73 -20.22
N ALA D 102 14.51 -44.58 -20.33
CA ALA D 102 15.37 -44.74 -19.17
C ALA D 102 16.60 -43.88 -19.33
N ALA D 103 17.48 -43.95 -18.33
CA ALA D 103 18.69 -43.15 -18.35
C ALA D 103 19.56 -43.52 -19.55
N SER D 104 20.20 -42.51 -20.13
CA SER D 104 21.10 -42.57 -21.28
C SER D 104 20.35 -42.89 -22.58
N THR D 105 19.03 -42.90 -22.58
CA THR D 105 18.30 -43.13 -23.82
C THR D 105 18.53 -41.98 -24.78
N GLN D 106 18.84 -42.31 -26.03
CA GLN D 106 19.04 -41.32 -27.08
C GLN D 106 17.80 -41.28 -27.97
N THR D 107 17.05 -40.19 -27.89
CA THR D 107 15.75 -40.14 -28.51
C THR D 107 15.87 -40.18 -30.04
N THR D 108 14.86 -40.75 -30.67
CA THR D 108 14.75 -40.80 -32.12
C THR D 108 13.56 -39.94 -32.52
N VAL D 109 13.80 -38.98 -33.43
CA VAL D 109 12.76 -38.03 -33.79
C VAL D 109 11.55 -38.75 -34.37
N GLY D 110 10.39 -38.54 -33.74
CA GLY D 110 9.16 -39.18 -34.14
C GLY D 110 8.86 -40.46 -33.39
N ASP D 111 9.85 -41.08 -32.78
CA ASP D 111 9.62 -42.31 -32.03
C ASP D 111 8.89 -42.00 -30.74
N ILE D 112 8.12 -42.96 -30.26
CA ILE D 112 7.30 -42.80 -29.07
C ILE D 112 7.85 -43.70 -27.97
N TYR D 113 8.22 -43.10 -26.85
CA TYR D 113 8.70 -43.82 -25.69
C TYR D 113 7.65 -43.72 -24.59
N THR D 114 7.78 -44.57 -23.59
CA THR D 114 6.80 -44.63 -22.52
C THR D 114 7.48 -44.45 -21.16
N HIS D 115 6.77 -43.83 -20.22
CA HIS D 115 7.32 -43.70 -18.88
C HIS D 115 6.19 -43.72 -17.87
N PHE D 116 6.54 -44.01 -16.62
CA PHE D 116 5.59 -44.12 -15.52
C PHE D 116 6.14 -43.37 -14.32
N PHE D 117 5.60 -42.18 -14.08
CA PHE D 117 6.09 -41.33 -13.01
C PHE D 117 5.66 -41.85 -11.66
N GLN D 118 6.27 -41.29 -10.61
CA GLN D 118 5.83 -41.62 -9.26
C GLN D 118 4.58 -40.84 -8.87
N GLU D 119 4.27 -39.77 -9.61
CA GLU D 119 3.00 -39.09 -9.52
C GLU D 119 2.52 -38.82 -10.94
N THR D 120 1.21 -38.97 -11.15
CA THR D 120 0.50 -38.85 -12.42
C THR D 120 0.73 -40.05 -13.32
N GLY D 121 1.38 -41.10 -12.86
CA GLY D 121 1.27 -42.39 -13.53
C GLY D 121 1.97 -42.46 -14.87
N THR D 122 1.23 -42.93 -15.87
CA THR D 122 1.81 -43.32 -17.15
C THR D 122 1.65 -42.23 -18.20
N VAL D 123 2.75 -41.91 -18.88
CA VAL D 123 2.76 -40.96 -19.98
C VAL D 123 3.44 -41.60 -21.18
N TYR D 124 3.08 -41.14 -22.37
CA TYR D 124 3.72 -41.56 -23.61
C TYR D 124 4.21 -40.32 -24.34
N LEU D 125 5.45 -40.37 -24.81
CA LEU D 125 6.15 -39.19 -25.28
C LEU D 125 6.64 -39.40 -26.71
N GLN D 126 6.26 -38.49 -27.60
CA GLN D 126 6.85 -38.37 -28.92
C GLN D 126 8.02 -37.41 -28.83
N ALA D 127 9.18 -37.85 -29.30
CA ALA D 127 10.37 -37.02 -29.24
C ALA D 127 10.55 -36.25 -30.54
N SER D 128 10.70 -34.94 -30.43
CA SER D 128 10.95 -34.10 -31.59
C SER D 128 12.42 -33.78 -31.79
N VAL D 129 13.27 -34.03 -30.80
CA VAL D 129 14.68 -33.72 -30.88
C VAL D 129 15.47 -34.93 -30.38
N GLN D 130 16.56 -35.25 -31.06
CA GLN D 130 17.46 -36.31 -30.61
C GLN D 130 18.21 -35.81 -29.39
N VAL D 131 17.77 -36.25 -28.20
CA VAL D 131 18.42 -35.88 -26.96
C VAL D 131 18.73 -37.13 -26.16
N THR D 132 19.73 -37.01 -25.30
CA THR D 132 20.17 -38.08 -24.42
C THR D 132 19.66 -37.80 -23.00
N ILE D 133 19.04 -38.79 -22.39
CA ILE D 133 18.40 -38.56 -21.10
C ILE D 133 19.42 -38.75 -19.99
N ASP D 134 20.25 -37.74 -19.76
CA ASP D 134 20.97 -37.52 -18.51
C ASP D 134 21.52 -38.81 -17.92
N ALA D 135 22.48 -39.45 -18.60
CA ALA D 135 22.94 -40.78 -18.22
C ALA D 135 23.17 -40.95 -16.73
N GLY D 136 23.43 -39.88 -15.99
CA GLY D 136 23.59 -39.94 -14.56
C GLY D 136 22.32 -39.90 -13.76
N ALA D 137 21.15 -39.91 -14.40
CA ALA D 137 19.86 -39.84 -13.69
C ALA D 137 19.29 -41.25 -13.51
N THR D 138 19.97 -42.02 -12.66
CA THR D 138 19.57 -43.40 -12.40
C THR D 138 18.35 -43.51 -11.51
N ASP D 139 18.30 -42.72 -10.43
CA ASP D 139 17.22 -42.80 -9.47
C ASP D 139 15.89 -42.43 -10.11
N ALA D 140 14.81 -42.99 -9.58
CA ALA D 140 13.49 -42.68 -10.11
C ALA D 140 13.19 -41.20 -10.00
N ALA D 141 13.54 -40.58 -8.87
CA ALA D 141 13.26 -39.16 -8.68
C ALA D 141 14.00 -38.31 -9.71
N LYS D 142 15.30 -38.55 -9.88
CA LYS D 142 16.07 -37.76 -10.82
C LYS D 142 15.66 -38.07 -12.25
N LEU D 143 15.27 -39.31 -12.53
CA LEU D 143 14.78 -39.65 -13.86
C LEU D 143 13.51 -38.89 -14.18
N ASP D 144 12.57 -38.85 -13.24
CA ASP D 144 11.34 -38.09 -13.48
C ASP D 144 11.63 -36.60 -13.59
N ALA D 145 12.58 -36.10 -12.80
CA ALA D 145 12.96 -34.70 -12.92
C ALA D 145 13.49 -34.40 -14.31
N GLU D 146 14.37 -35.25 -14.83
CA GLU D 146 14.93 -35.02 -16.15
C GLU D 146 13.88 -35.12 -17.24
N ILE D 147 12.97 -36.09 -17.13
CA ILE D 147 11.91 -36.20 -18.13
C ILE D 147 11.01 -34.98 -18.10
N LYS D 148 10.71 -34.47 -16.89
CA LYS D 148 9.94 -33.24 -16.80
C LYS D 148 10.67 -32.07 -17.43
N LYS D 149 11.98 -31.96 -17.19
CA LYS D 149 12.75 -30.87 -17.78
C LYS D 149 12.71 -30.94 -19.29
N GLN D 150 12.88 -32.13 -19.86
CA GLN D 150 12.81 -32.26 -21.31
C GLN D 150 11.42 -31.92 -21.84
N MET D 151 10.36 -32.36 -21.15
CA MET D 151 9.02 -32.04 -21.60
C MET D 151 8.78 -30.54 -21.57
N GLU D 152 9.29 -29.85 -20.54
CA GLU D 152 9.12 -28.40 -20.47
C GLU D 152 9.84 -27.71 -21.63
N ALA D 153 11.03 -28.19 -21.98
CA ALA D 153 11.71 -27.66 -23.16
C ALA D 153 11.00 -28.00 -24.45
N GLY D 154 10.04 -28.92 -24.42
CA GLY D 154 9.30 -29.28 -25.60
C GLY D 154 9.95 -30.33 -26.47
N ALA D 155 11.15 -30.78 -26.10
CA ALA D 155 11.84 -31.77 -26.93
C ALA D 155 11.19 -33.13 -26.83
N LEU D 156 10.26 -33.32 -25.91
CA LEU D 156 9.68 -34.63 -25.64
C LEU D 156 8.25 -34.41 -25.17
N VAL D 157 7.28 -34.45 -26.09
CA VAL D 157 5.94 -34.01 -25.75
C VAL D 157 5.02 -35.22 -25.63
N GLU D 158 4.03 -35.11 -24.76
CA GLU D 158 3.10 -36.20 -24.56
C GLU D 158 2.26 -36.41 -25.81
N ILE D 159 1.76 -37.63 -25.98
CA ILE D 159 0.94 -37.98 -27.13
C ILE D 159 0.19 -39.26 -26.84
N ALA D 160 -1.07 -39.30 -27.23
CA ALA D 160 -1.88 -40.51 -27.15
C ALA D 160 -2.49 -40.76 -28.52
N GLU D 161 -2.32 -41.98 -29.03
CA GLU D 161 -2.73 -42.22 -30.40
C GLU D 161 -3.48 -43.52 -30.48
N GLY D 162 -4.50 -43.55 -31.33
CA GLY D 162 -5.31 -44.72 -31.52
C GLY D 162 -4.59 -45.80 -32.30
N MET D 163 -5.36 -46.81 -32.68
CA MET D 163 -4.83 -47.98 -33.36
C MET D 163 -5.21 -47.96 -34.84
N ALA D 164 -4.24 -48.25 -35.70
CA ALA D 164 -4.53 -48.37 -37.12
C ALA D 164 -5.49 -49.53 -37.36
N THR D 165 -6.45 -49.31 -38.26
CA THR D 165 -7.50 -50.30 -38.47
C THR D 165 -6.94 -51.61 -38.98
N SER D 166 -5.91 -51.55 -39.82
CA SER D 166 -5.36 -52.78 -40.40
C SER D 166 -4.71 -53.66 -39.35
N ILE D 167 -4.50 -53.17 -38.14
CA ILE D 167 -4.03 -53.97 -37.02
C ILE D 167 -5.18 -54.32 -36.07
N ALA D 168 -6.17 -53.44 -35.97
CA ALA D 168 -7.29 -53.71 -35.09
C ALA D 168 -8.17 -54.83 -35.61
N GLU D 169 -8.45 -54.83 -36.92
CA GLU D 169 -9.35 -55.84 -37.46
C GLU D 169 -8.75 -57.24 -37.39
N LEU D 170 -7.42 -57.35 -37.38
CA LEU D 170 -6.76 -58.64 -37.43
C LEU D 170 -6.27 -59.10 -36.06
N GLN D 171 -6.72 -58.46 -34.98
CA GLN D 171 -6.25 -58.86 -33.67
C GLN D 171 -6.88 -60.18 -33.25
N GLU D 172 -6.11 -60.96 -32.48
CA GLU D 172 -6.44 -62.34 -32.14
C GLU D 172 -6.37 -63.26 -33.35
N GLY D 173 -5.31 -63.12 -34.15
CA GLY D 173 -5.02 -64.07 -35.19
C GLY D 173 -6.12 -64.25 -36.21
N PHE D 174 -6.84 -63.19 -36.54
CA PHE D 174 -7.92 -63.31 -37.52
C PHE D 174 -7.36 -63.36 -38.93
N ASN D 175 -7.88 -64.29 -39.72
CA ASN D 175 -7.46 -64.45 -41.12
C ASN D 175 -5.97 -64.72 -41.20
N GLY D 176 -5.46 -65.51 -40.26
CA GLY D 176 -4.14 -66.08 -40.36
C GLY D 176 -3.02 -65.32 -39.72
N SER D 177 -3.30 -64.17 -39.10
CA SER D 177 -2.25 -63.47 -38.38
C SER D 177 -1.92 -64.22 -37.09
N THR D 178 -1.03 -63.64 -36.29
CA THR D 178 -0.61 -64.28 -35.06
C THR D 178 -0.08 -63.24 -34.08
N ASP D 179 -0.11 -63.60 -32.80
CA ASP D 179 0.48 -62.79 -31.73
C ASP D 179 -0.06 -61.37 -31.73
N ASN D 180 -1.39 -61.25 -31.80
CA ASN D 180 -2.06 -59.97 -31.65
C ASN D 180 -3.24 -60.12 -30.70
N PRO D 181 -2.98 -60.38 -29.42
CA PRO D 181 -4.08 -60.50 -28.46
C PRO D 181 -4.54 -59.14 -27.98
N TRP D 182 -5.84 -59.05 -27.71
CA TRP D 182 -6.41 -57.80 -27.26
C TRP D 182 -5.92 -57.46 -25.86
N ASN D 183 -5.96 -56.16 -25.54
CA ASN D 183 -5.66 -55.71 -24.19
C ASN D 183 -6.90 -55.93 -23.35
N GLU D 184 -6.76 -56.70 -22.28
CA GLU D 184 -7.91 -57.02 -21.45
C GLU D 184 -7.73 -56.46 -20.05
N MET D 185 -8.84 -56.39 -19.33
CA MET D 185 -8.81 -55.97 -17.93
C MET D 185 -9.81 -56.77 -17.13
N GLY D 186 -9.64 -56.74 -15.81
CA GLY D 186 -10.54 -57.41 -14.90
C GLY D 186 -10.58 -56.67 -13.59
N PHE D 187 -11.12 -57.29 -12.55
CA PHE D 187 -11.24 -56.61 -11.27
C PHE D 187 -10.78 -57.56 -10.17
N ARG D 188 -10.34 -56.97 -9.06
CA ARG D 188 -9.55 -57.67 -8.07
C ARG D 188 -10.31 -58.02 -6.79
N ILE D 189 -10.90 -57.04 -6.10
CA ILE D 189 -11.60 -57.22 -4.83
C ILE D 189 -10.72 -57.87 -3.76
N ASP D 190 -10.25 -57.06 -2.82
CA ASP D 190 -9.48 -57.51 -1.68
C ASP D 190 -10.30 -57.31 -0.41
N LYS D 191 -9.80 -57.80 0.71
CA LYS D 191 -10.53 -57.74 1.97
C LYS D 191 -9.60 -57.42 3.13
N GLN D 192 -10.05 -56.54 4.01
CA GLN D 192 -9.28 -56.23 5.20
C GLN D 192 -10.20 -56.27 6.42
N VAL D 193 -9.60 -56.54 7.57
CA VAL D 193 -10.36 -56.84 8.79
C VAL D 193 -9.76 -56.08 9.96
N ILE D 194 -10.61 -55.84 10.96
CA ILE D 194 -10.18 -55.15 12.18
C ILE D 194 -10.47 -56.07 13.36
N GLU D 195 -10.14 -55.62 14.57
CA GLU D 195 -10.36 -56.41 15.77
C GLU D 195 -10.43 -55.50 16.98
N ALA D 196 -11.38 -55.77 17.88
CA ALA D 196 -11.75 -54.84 18.95
C ALA D 196 -10.79 -54.98 20.13
N LYS D 197 -9.82 -54.06 20.18
CA LYS D 197 -8.91 -54.02 21.31
C LYS D 197 -9.63 -53.53 22.55
N SER D 198 -9.28 -54.10 23.69
CA SER D 198 -9.91 -53.76 24.95
C SER D 198 -9.03 -52.80 25.74
N ARG D 199 -9.64 -52.22 26.77
CA ARG D 199 -9.01 -51.17 27.57
C ARG D 199 -9.81 -51.03 28.85
N GLN D 200 -9.12 -50.94 29.99
CA GLN D 200 -9.83 -51.03 31.25
C GLN D 200 -9.04 -50.38 32.38
N LEU D 201 -9.73 -50.17 33.51
CA LEU D 201 -9.16 -49.46 34.65
C LEU D 201 -9.79 -49.92 35.96
N LYS D 202 -9.13 -49.60 37.06
CA LYS D 202 -9.54 -50.00 38.41
C LYS D 202 -9.28 -48.87 39.40
N ALA D 203 -10.02 -48.85 40.51
CA ALA D 203 -9.78 -47.82 41.53
C ALA D 203 -9.38 -48.38 42.89
N ALA D 204 -10.23 -49.20 43.51
CA ALA D 204 -9.91 -49.92 44.74
C ALA D 204 -9.53 -48.99 45.90
N TYR D 205 -10.52 -48.23 46.38
CA TYR D 205 -10.33 -47.41 47.57
C TYR D 205 -10.65 -48.23 48.81
N SER D 206 -10.60 -47.57 49.97
CA SER D 206 -10.84 -48.24 51.25
C SER D 206 -11.96 -47.57 52.02
N ILE D 207 -12.53 -48.33 52.97
CA ILE D 207 -13.70 -47.88 53.71
C ILE D 207 -13.37 -46.69 54.62
N GLU D 208 -12.29 -46.82 55.39
CA GLU D 208 -11.93 -45.78 56.34
C GLU D 208 -11.61 -44.47 55.64
N LEU D 209 -11.01 -44.55 54.46
CA LEU D 209 -10.82 -43.34 53.66
C LEU D 209 -12.16 -42.68 53.39
N ALA D 210 -13.15 -43.47 52.97
CA ALA D 210 -14.45 -42.89 52.66
C ALA D 210 -15.10 -42.27 53.88
N GLN D 211 -15.04 -42.95 55.03
CA GLN D 211 -15.61 -42.40 56.25
C GLN D 211 -14.97 -41.07 56.61
N ASP D 212 -13.64 -41.04 56.68
CA ASP D 212 -12.99 -39.81 57.09
C ASP D 212 -13.17 -38.70 56.07
N LEU D 213 -13.23 -39.05 54.78
CA LEU D 213 -13.39 -38.03 53.75
C LEU D 213 -14.80 -37.43 53.80
N ARG D 214 -15.81 -38.27 54.00
CA ARG D 214 -17.16 -37.75 54.13
C ARG D 214 -17.29 -36.91 55.38
N ALA D 215 -16.68 -37.34 56.47
CA ALA D 215 -16.76 -36.61 57.73
C ALA D 215 -16.06 -35.25 57.64
N VAL D 216 -14.91 -35.20 56.99
CA VAL D 216 -14.09 -34.00 56.98
C VAL D 216 -14.48 -33.07 55.84
N HIS D 217 -14.41 -33.54 54.61
CA HIS D 217 -14.64 -32.69 53.45
C HIS D 217 -16.04 -32.82 52.86
N GLY D 218 -16.75 -33.90 53.16
CA GLY D 218 -18.08 -34.08 52.64
C GLY D 218 -18.15 -34.63 51.23
N MET D 219 -17.01 -34.86 50.59
CA MET D 219 -17.00 -35.51 49.29
C MET D 219 -17.33 -36.99 49.44
N ASP D 220 -17.84 -37.58 48.36
CA ASP D 220 -18.32 -38.95 48.45
C ASP D 220 -17.17 -39.94 48.58
N ALA D 221 -16.03 -39.66 47.94
CA ALA D 221 -14.83 -40.49 47.88
C ALA D 221 -15.09 -41.78 47.13
N ASP D 222 -16.25 -41.92 46.49
CA ASP D 222 -16.57 -43.08 45.68
C ASP D 222 -17.06 -42.64 44.31
N ALA D 223 -17.77 -41.52 44.25
CA ALA D 223 -18.08 -40.92 42.96
C ALA D 223 -16.97 -39.95 42.53
N GLU D 224 -16.06 -39.63 43.44
CA GLU D 224 -14.86 -38.90 43.04
C GLU D 224 -13.85 -39.81 42.35
N LEU D 225 -13.97 -41.13 42.52
CA LEU D 225 -13.08 -42.06 41.87
C LEU D 225 -13.67 -42.63 40.59
N SER D 226 -14.90 -43.13 40.63
CA SER D 226 -15.52 -43.64 39.41
C SER D 226 -15.56 -42.58 38.33
N GLY D 227 -15.75 -41.33 38.72
CA GLY D 227 -15.75 -40.26 37.74
C GLY D 227 -14.42 -40.10 37.05
N ILE D 228 -13.33 -40.09 37.82
CA ILE D 228 -12.04 -39.90 37.19
C ILE D 228 -11.67 -41.12 36.38
N LEU D 229 -12.10 -42.31 36.80
CA LEU D 229 -11.84 -43.50 35.99
C LEU D 229 -12.49 -43.39 34.62
N ALA D 230 -13.80 -43.12 34.59
CA ALA D 230 -14.49 -43.05 33.32
C ALA D 230 -13.91 -41.92 32.46
N THR D 231 -13.62 -40.78 33.08
CA THR D 231 -13.10 -39.65 32.33
C THR D 231 -11.73 -39.95 31.74
N GLU D 232 -10.87 -40.62 32.51
CA GLU D 232 -9.55 -40.94 31.99
C GLU D 232 -9.64 -41.93 30.84
N ILE D 233 -10.51 -42.94 30.96
CA ILE D 233 -10.65 -43.88 29.85
C ILE D 233 -11.11 -43.17 28.59
N MET D 234 -12.09 -42.28 28.73
CA MET D 234 -12.58 -41.59 27.53
C MET D 234 -11.54 -40.63 26.98
N LEU D 235 -10.80 -39.94 27.84
CA LEU D 235 -9.74 -39.05 27.37
C LEU D 235 -8.68 -39.82 26.61
N GLU D 236 -8.27 -40.99 27.13
CA GLU D 236 -7.26 -41.78 26.45
C GLU D 236 -7.76 -42.28 25.11
N ILE D 237 -9.01 -42.74 25.04
CA ILE D 237 -9.52 -43.19 23.75
C ILE D 237 -9.53 -42.05 22.74
N ASN D 238 -9.97 -40.88 23.18
CA ASN D 238 -10.03 -39.73 22.28
C ASN D 238 -8.63 -39.31 21.83
N ARG D 239 -7.67 -39.28 22.75
CA ARG D 239 -6.31 -38.91 22.37
C ARG D 239 -5.70 -39.95 21.47
N GLU D 240 -6.03 -41.23 21.67
CA GLU D 240 -5.54 -42.25 20.75
C GLU D 240 -6.04 -42.01 19.34
N VAL D 241 -7.32 -41.65 19.20
CA VAL D 241 -7.83 -41.35 17.86
C VAL D 241 -7.08 -40.17 17.27
N VAL D 242 -6.88 -39.13 18.07
CA VAL D 242 -6.14 -37.96 17.58
C VAL D 242 -4.75 -38.36 17.12
N ASP D 243 -4.07 -39.20 17.90
CA ASP D 243 -2.73 -39.62 17.54
C ASP D 243 -2.73 -40.41 16.24
N TRP D 244 -3.64 -41.36 16.10
CA TRP D 244 -3.70 -42.12 14.86
C TRP D 244 -3.97 -41.22 13.66
N ILE D 245 -4.67 -40.12 13.86
CA ILE D 245 -4.82 -39.16 12.77
C ILE D 245 -3.46 -38.58 12.41
N ASN D 246 -2.66 -38.20 13.41
CA ASN D 246 -1.35 -37.66 13.13
C ASN D 246 -0.34 -38.76 12.81
N TYR D 247 -0.57 -39.96 13.34
CA TYR D 247 0.33 -41.07 13.07
C TYR D 247 0.35 -41.39 11.58
N SER D 248 -0.82 -41.41 10.96
CA SER D 248 -0.88 -41.75 9.54
C SER D 248 -0.89 -40.52 8.65
N ALA D 249 -0.40 -39.38 9.12
CA ALA D 249 -0.40 -38.19 8.30
C ALA D 249 0.76 -38.21 7.30
N GLN D 250 0.43 -38.06 6.03
CA GLN D 250 1.45 -37.84 5.02
C GLN D 250 2.20 -36.55 5.32
N VAL D 251 3.50 -36.59 5.11
CA VAL D 251 4.31 -35.39 5.32
C VAL D 251 3.88 -34.35 4.31
N GLY D 252 3.22 -33.30 4.79
CA GLY D 252 2.63 -32.31 3.94
C GLY D 252 3.65 -31.35 3.37
N LYS D 253 3.17 -30.48 2.50
CA LYS D 253 4.03 -29.58 1.73
C LYS D 253 5.17 -30.36 1.10
N SER D 254 4.81 -31.36 0.31
CA SER D 254 5.79 -32.19 -0.37
C SER D 254 5.26 -32.51 -1.76
N GLY D 255 6.18 -32.72 -2.69
CA GLY D 255 5.78 -33.09 -4.03
C GLY D 255 5.05 -31.95 -4.72
N MET D 256 3.79 -32.18 -5.10
CA MET D 256 3.05 -31.18 -5.86
C MET D 256 2.79 -29.93 -5.03
N THR D 257 2.91 -30.00 -3.72
CA THR D 257 2.65 -28.88 -2.83
C THR D 257 3.86 -27.99 -2.65
N LEU D 258 4.97 -28.31 -3.31
CA LEU D 258 6.24 -27.66 -3.04
C LEU D 258 6.49 -26.54 -4.04
N THR D 259 6.69 -25.34 -3.54
CA THR D 259 7.31 -24.30 -4.35
C THR D 259 8.80 -24.61 -4.47
N PRO D 260 9.36 -24.61 -5.67
CA PRO D 260 10.75 -25.05 -5.84
C PRO D 260 11.76 -24.39 -4.91
N GLY D 261 11.40 -23.34 -4.20
CA GLY D 261 12.34 -22.73 -3.27
C GLY D 261 12.08 -22.97 -1.81
N SER D 262 11.02 -23.68 -1.45
CA SER D 262 10.61 -23.79 -0.06
C SER D 262 11.48 -24.82 0.68
N LYS D 263 11.03 -25.18 1.87
CA LYS D 263 11.81 -26.02 2.77
C LYS D 263 11.31 -27.45 2.86
N ALA D 264 10.44 -27.88 1.96
CA ALA D 264 10.06 -29.29 1.87
C ALA D 264 9.49 -29.85 3.16
N GLY D 265 8.34 -29.36 3.57
CA GLY D 265 7.62 -29.92 4.70
C GLY D 265 7.45 -29.00 5.87
N VAL D 266 7.93 -27.76 5.78
CA VAL D 266 7.72 -26.76 6.81
C VAL D 266 7.39 -25.44 6.14
N PHE D 267 6.30 -24.83 6.56
CA PHE D 267 5.96 -23.48 6.12
C PHE D 267 6.57 -22.49 7.10
N ASP D 268 7.51 -21.68 6.61
CA ASP D 268 8.28 -20.79 7.46
C ASP D 268 7.84 -19.36 7.18
N PHE D 269 7.43 -18.64 8.22
CA PHE D 269 7.05 -17.24 8.05
C PHE D 269 8.24 -16.34 7.80
N GLN D 270 9.47 -16.86 7.93
CA GLN D 270 10.67 -16.09 7.66
C GLN D 270 11.24 -16.35 6.27
N ASP D 271 10.72 -17.33 5.54
CA ASP D 271 11.26 -17.65 4.23
C ASP D 271 10.48 -16.90 3.17
N PRO D 272 11.09 -15.96 2.46
CA PRO D 272 10.34 -15.15 1.49
C PRO D 272 9.71 -15.96 0.37
N ILE D 273 10.27 -17.13 0.05
CA ILE D 273 9.62 -17.99 -0.93
C ILE D 273 8.27 -18.46 -0.42
N ASP D 274 8.19 -18.81 0.87
CA ASP D 274 6.94 -19.30 1.43
C ASP D 274 5.86 -18.22 1.49
N ILE D 275 6.22 -17.03 1.96
CA ILE D 275 5.21 -16.00 2.23
C ILE D 275 4.92 -15.19 0.98
N ARG D 276 5.42 -15.63 -0.17
CA ARG D 276 5.14 -14.98 -1.44
C ARG D 276 5.54 -13.50 -1.40
N GLY D 277 6.65 -13.22 -0.74
CA GLY D 277 7.14 -11.87 -0.64
C GLY D 277 6.24 -10.90 0.07
N ALA D 278 5.43 -11.36 1.02
CA ALA D 278 4.47 -10.50 1.68
C ALA D 278 5.17 -9.54 2.64
N ARG D 279 4.44 -8.50 3.03
CA ARG D 279 4.94 -7.52 3.98
C ARG D 279 3.92 -7.37 5.11
N TRP D 280 4.44 -7.13 6.30
CA TRP D 280 3.69 -7.09 7.56
C TRP D 280 2.70 -8.24 7.72
N ALA D 281 2.00 -8.26 8.85
CA ALA D 281 1.25 -9.44 9.22
C ALA D 281 -0.05 -9.56 8.46
N GLY D 282 -0.45 -8.49 7.76
CA GLY D 282 -1.67 -8.56 6.99
C GLY D 282 -1.56 -9.50 5.83
N GLU D 283 -0.44 -9.47 5.13
CA GLU D 283 -0.23 -10.27 3.93
C GLU D 283 0.54 -11.56 4.19
N SER D 284 1.35 -11.58 5.24
CA SER D 284 2.17 -12.75 5.48
C SER D 284 1.36 -13.95 5.93
N PHE D 285 0.19 -13.75 6.54
CA PHE D 285 -0.65 -14.88 6.93
C PHE D 285 -1.43 -15.45 5.75
N LYS D 286 -1.81 -14.60 4.81
CA LYS D 286 -2.55 -15.09 3.67
C LYS D 286 -1.72 -16.09 2.88
N ALA D 287 -0.40 -16.07 3.08
CA ALA D 287 0.43 -17.13 2.53
C ALA D 287 0.08 -18.48 3.14
N LEU D 288 -0.10 -18.53 4.46
CA LEU D 288 -0.52 -19.78 5.08
C LEU D 288 -1.90 -20.17 4.59
N LEU D 289 -2.74 -19.18 4.33
CA LEU D 289 -4.03 -19.49 3.72
C LEU D 289 -3.86 -20.24 2.40
N PHE D 290 -3.05 -19.69 1.50
CA PHE D 290 -2.86 -20.33 0.20
C PHE D 290 -2.21 -21.70 0.35
N GLN D 291 -1.31 -21.83 1.31
CA GLN D 291 -0.67 -23.12 1.55
C GLN D 291 -1.67 -24.17 1.98
N ILE D 292 -2.61 -23.79 2.85
CA ILE D 292 -3.65 -24.73 3.26
C ILE D 292 -4.53 -25.10 2.08
N ASP D 293 -4.79 -24.13 1.20
CA ASP D 293 -5.54 -24.44 -0.01
C ASP D 293 -4.82 -25.50 -0.84
N LYS D 294 -3.51 -25.35 -1.01
CA LYS D 294 -2.75 -26.33 -1.78
C LYS D 294 -2.80 -27.70 -1.14
N GLU D 295 -2.68 -27.76 0.19
CA GLU D 295 -2.75 -29.06 0.85
C GLU D 295 -4.10 -29.72 0.65
N ALA D 296 -5.18 -28.94 0.75
CA ALA D 296 -6.51 -29.50 0.52
C ALA D 296 -6.63 -30.04 -0.90
N VAL D 297 -6.12 -29.28 -1.87
CA VAL D 297 -6.18 -29.74 -3.25
C VAL D 297 -5.41 -31.05 -3.42
N GLU D 298 -4.24 -31.16 -2.79
CA GLU D 298 -3.46 -32.38 -2.94
C GLU D 298 -4.15 -33.57 -2.29
N ILE D 299 -4.86 -33.35 -1.18
CA ILE D 299 -5.65 -34.44 -0.62
C ILE D 299 -6.74 -34.87 -1.60
N ALA D 300 -7.36 -33.89 -2.28
CA ALA D 300 -8.33 -34.23 -3.30
C ALA D 300 -7.70 -35.07 -4.39
N ARG D 301 -6.45 -34.78 -4.75
CA ARG D 301 -5.82 -35.52 -5.83
C ARG D 301 -5.48 -36.94 -5.40
N GLN D 302 -4.89 -37.09 -4.22
CA GLN D 302 -4.42 -38.40 -3.81
C GLN D 302 -5.55 -39.32 -3.40
N THR D 303 -6.53 -38.82 -2.64
CA THR D 303 -7.62 -39.68 -2.21
C THR D 303 -8.62 -39.93 -3.32
N GLY D 304 -8.90 -38.91 -4.12
CA GLY D 304 -9.89 -39.06 -5.16
C GLY D 304 -11.32 -38.92 -4.69
N ARG D 305 -11.53 -38.68 -3.40
CA ARG D 305 -12.87 -38.53 -2.84
C ARG D 305 -13.36 -37.10 -2.80
N GLY D 306 -12.49 -36.14 -2.55
CA GLY D 306 -12.91 -34.76 -2.51
C GLY D 306 -11.87 -33.90 -1.84
N GLU D 307 -12.02 -32.59 -2.03
CA GLU D 307 -11.08 -31.64 -1.46
C GLU D 307 -11.15 -31.70 0.06
N GLY D 308 -10.01 -31.53 0.71
CA GLY D 308 -9.94 -31.66 2.15
C GLY D 308 -10.85 -30.71 2.88
N ASN D 309 -11.44 -31.14 4.00
CA ASN D 309 -12.38 -30.28 4.70
C ASN D 309 -12.29 -30.30 6.22
N PHE D 310 -11.12 -30.55 6.81
CA PHE D 310 -10.95 -30.24 8.22
C PHE D 310 -9.48 -30.01 8.50
N ILE D 311 -9.20 -29.30 9.59
CA ILE D 311 -7.83 -28.98 9.98
C ILE D 311 -7.69 -29.23 11.47
N ILE D 312 -6.56 -29.77 11.88
CA ILE D 312 -6.21 -29.94 13.27
C ILE D 312 -4.91 -29.21 13.52
N ALA D 313 -4.91 -28.23 14.41
CA ALA D 313 -3.79 -27.31 14.49
C ALA D 313 -3.37 -27.11 15.93
N SER D 314 -2.22 -26.48 16.11
CA SER D 314 -1.79 -26.05 17.42
C SER D 314 -2.49 -24.75 17.79
N ARG D 315 -2.24 -24.28 19.01
CA ARG D 315 -2.86 -23.05 19.45
C ARG D 315 -2.39 -21.86 18.62
N ASN D 316 -1.10 -21.81 18.30
CA ASN D 316 -0.57 -20.66 17.58
C ASN D 316 -1.09 -20.60 16.16
N VAL D 317 -1.22 -21.75 15.50
CA VAL D 317 -1.74 -21.74 14.14
C VAL D 317 -3.17 -21.25 14.11
N VAL D 318 -3.99 -21.73 15.05
CA VAL D 318 -5.37 -21.26 15.11
C VAL D 318 -5.41 -19.78 15.46
N ASN D 319 -4.48 -19.35 16.31
CA ASN D 319 -4.41 -17.94 16.69
C ASN D 319 -4.09 -17.08 15.48
N VAL D 320 -3.23 -17.56 14.59
CA VAL D 320 -2.95 -16.83 13.36
C VAL D 320 -4.17 -16.84 12.45
N LEU D 321 -4.81 -17.99 12.33
CA LEU D 321 -5.99 -18.09 11.47
C LEU D 321 -7.10 -17.18 11.95
N ALA D 322 -7.14 -16.90 13.25
CA ALA D 322 -8.14 -16.01 13.81
C ALA D 322 -7.85 -14.55 13.51
N SER D 323 -6.59 -14.16 13.53
CA SER D 323 -6.23 -12.75 13.48
C SER D 323 -5.86 -12.26 12.09
N VAL D 324 -6.42 -12.85 11.05
CA VAL D 324 -6.22 -12.38 9.69
C VAL D 324 -7.54 -12.45 8.96
N ASP D 325 -7.66 -11.66 7.89
CA ASP D 325 -8.87 -11.66 7.09
C ASP D 325 -8.88 -12.92 6.22
N THR D 326 -9.63 -13.92 6.65
CA THR D 326 -9.61 -15.22 5.97
C THR D 326 -10.18 -15.17 4.56
N GLY D 327 -11.21 -14.36 4.32
CA GLY D 327 -11.76 -14.23 3.00
C GLY D 327 -10.94 -13.30 2.13
N ILE D 328 -11.30 -13.25 0.86
CA ILE D 328 -10.54 -12.52 -0.15
C ILE D 328 -10.68 -11.03 0.16
N SER D 329 -9.61 -10.42 0.65
CA SER D 329 -9.70 -9.04 1.09
C SER D 329 -8.34 -8.36 0.97
N TYR D 330 -8.33 -7.06 1.21
CA TYR D 330 -7.21 -6.18 0.90
C TYR D 330 -5.99 -6.43 1.77
N ALA D 331 -6.15 -7.25 2.81
CA ALA D 331 -5.09 -7.79 3.66
C ALA D 331 -4.99 -7.00 4.94
N ALA D 332 -5.45 -7.58 6.04
CA ALA D 332 -5.47 -6.89 7.31
C ALA D 332 -5.33 -7.88 8.44
N GLN D 333 -4.87 -7.40 9.59
CA GLN D 333 -4.76 -8.23 10.77
C GLN D 333 -5.16 -7.41 11.99
N GLY D 334 -5.41 -8.08 13.09
CA GLY D 334 -5.83 -7.41 14.29
C GLY D 334 -6.02 -8.40 15.42
N LEU D 335 -6.77 -8.00 16.43
CA LEU D 335 -7.04 -8.90 17.54
C LEU D 335 -7.87 -10.08 17.04
N ALA D 336 -7.81 -11.19 17.77
CA ALA D 336 -8.49 -12.40 17.32
C ALA D 336 -9.98 -12.30 17.57
N THR D 337 -10.76 -12.46 16.51
CA THR D 337 -12.20 -12.36 16.64
C THR D 337 -12.92 -13.65 16.29
N GLY D 338 -12.59 -14.22 15.13
CA GLY D 338 -13.46 -15.20 14.52
C GLY D 338 -13.57 -16.51 15.27
N PHE D 339 -12.48 -17.01 15.82
CA PHE D 339 -12.40 -18.39 16.23
C PHE D 339 -12.32 -18.53 17.74
N SER D 340 -12.61 -19.75 18.21
CA SER D 340 -12.46 -20.08 19.63
C SER D 340 -11.05 -20.59 19.89
N THR D 341 -10.08 -19.67 19.90
CA THR D 341 -8.70 -20.07 20.14
C THR D 341 -8.49 -20.66 21.52
N ASP D 342 -9.42 -20.44 22.44
CA ASP D 342 -9.38 -21.02 23.76
C ASP D 342 -9.62 -22.52 23.67
N THR D 343 -9.04 -23.26 24.62
CA THR D 343 -9.26 -24.69 24.73
C THR D 343 -10.11 -25.07 25.92
N THR D 344 -10.16 -24.25 26.97
CA THR D 344 -10.95 -24.60 28.14
C THR D 344 -12.43 -24.68 27.81
N LYS D 345 -12.94 -23.73 27.01
CA LYS D 345 -14.34 -23.78 26.63
C LYS D 345 -14.62 -24.93 25.66
N SER D 346 -13.80 -25.09 24.64
CA SER D 346 -13.94 -26.19 23.70
C SER D 346 -12.66 -26.31 22.89
N VAL D 347 -12.49 -27.46 22.25
CA VAL D 347 -11.38 -27.65 21.34
C VAL D 347 -11.73 -27.13 19.96
N PHE D 348 -12.95 -27.40 19.50
CA PHE D 348 -13.39 -26.93 18.19
C PHE D 348 -13.22 -25.42 18.12
N ALA D 349 -12.39 -24.98 17.19
CA ALA D 349 -12.03 -23.57 17.10
C ALA D 349 -13.01 -22.76 16.27
N GLY D 350 -13.47 -23.31 15.16
CA GLY D 350 -14.40 -22.60 14.31
C GLY D 350 -14.56 -23.30 12.98
N VAL D 351 -15.13 -22.58 12.03
CA VAL D 351 -15.26 -23.06 10.66
C VAL D 351 -14.59 -22.02 9.76
N LEU D 352 -13.45 -22.39 9.20
CA LEU D 352 -12.60 -21.44 8.47
C LEU D 352 -13.15 -21.24 7.07
N GLY D 353 -13.43 -19.98 6.72
CA GLY D 353 -13.88 -19.64 5.38
C GLY D 353 -15.12 -20.37 4.95
N GLY D 354 -15.95 -20.81 5.89
CA GLY D 354 -17.11 -21.62 5.56
C GLY D 354 -16.76 -22.93 4.92
N LYS D 355 -15.50 -23.35 4.96
CA LYS D 355 -15.07 -24.54 4.25
C LYS D 355 -14.47 -25.61 5.15
N TYR D 356 -13.57 -25.25 6.06
CA TYR D 356 -12.79 -26.21 6.83
C TYR D 356 -13.16 -26.14 8.29
N ARG D 357 -13.36 -27.31 8.90
CA ARG D 357 -13.66 -27.40 10.32
C ARG D 357 -12.35 -27.46 11.09
N VAL D 358 -12.08 -26.49 11.94
CA VAL D 358 -10.80 -26.35 12.59
C VAL D 358 -10.91 -26.89 14.02
N TYR D 359 -9.95 -27.70 14.42
CA TYR D 359 -9.88 -28.27 15.75
C TYR D 359 -8.51 -28.00 16.36
N ILE D 360 -8.50 -27.59 17.62
CA ILE D 360 -7.25 -27.22 18.29
C ILE D 360 -6.71 -28.42 19.02
N ASP D 361 -5.61 -28.97 18.53
CA ASP D 361 -4.94 -30.06 19.23
C ASP D 361 -4.24 -29.45 20.43
N GLN D 362 -4.92 -29.52 21.58
CA GLN D 362 -4.42 -28.85 22.79
C GLN D 362 -3.05 -29.38 23.21
N TYR D 363 -2.75 -30.63 22.90
CA TYR D 363 -1.47 -31.23 23.26
C TYR D 363 -0.52 -31.30 22.08
N ALA D 364 -0.56 -30.30 21.20
CA ALA D 364 0.40 -30.22 20.12
C ALA D 364 1.80 -30.07 20.68
N LYS D 365 2.77 -30.73 20.03
CA LYS D 365 4.12 -30.77 20.54
C LYS D 365 4.93 -29.52 20.21
N GLN D 366 5.15 -29.21 18.94
CA GLN D 366 5.81 -27.93 18.67
C GLN D 366 4.94 -26.96 17.89
N ASP D 367 4.59 -27.30 16.66
CA ASP D 367 3.70 -26.47 15.86
C ASP D 367 3.36 -27.17 14.56
N TYR D 368 2.08 -27.26 14.19
CA TYR D 368 1.74 -27.92 12.95
C TYR D 368 0.29 -27.64 12.61
N PHE D 369 -0.12 -28.13 11.45
CA PHE D 369 -1.52 -28.28 11.13
C PHE D 369 -1.68 -29.44 10.17
N THR D 370 -2.69 -30.27 10.44
CA THR D 370 -3.01 -31.42 9.64
C THR D 370 -4.31 -31.15 8.91
N VAL D 371 -4.25 -31.07 7.59
CA VAL D 371 -5.45 -30.94 6.79
C VAL D 371 -5.88 -32.34 6.38
N GLY D 372 -7.15 -32.64 6.60
CA GLY D 372 -7.67 -33.95 6.27
C GLY D 372 -9.04 -33.83 5.63
N TYR D 373 -9.54 -34.97 5.19
CA TYR D 373 -10.84 -35.06 4.54
C TYR D 373 -11.75 -35.97 5.33
N LYS D 374 -13.01 -35.55 5.47
CA LYS D 374 -14.06 -36.37 6.05
C LYS D 374 -15.34 -36.09 5.27
N GLY D 375 -15.91 -37.14 4.69
CA GLY D 375 -16.98 -36.98 3.73
C GLY D 375 -18.37 -37.24 4.28
N PRO D 376 -19.37 -37.13 3.41
CA PRO D 376 -20.76 -37.36 3.86
C PRO D 376 -21.01 -38.77 4.36
N ASN D 377 -20.39 -39.78 3.77
CA ASN D 377 -20.62 -41.16 4.14
C ASN D 377 -19.70 -41.53 5.31
N GLU D 378 -20.15 -42.48 6.13
CA GLU D 378 -19.30 -42.96 7.21
C GLU D 378 -18.05 -43.64 6.68
N MET D 379 -18.20 -44.50 5.66
CA MET D 379 -17.06 -45.23 5.14
C MET D 379 -16.00 -44.29 4.60
N ASP D 380 -16.42 -43.15 4.06
CA ASP D 380 -15.51 -42.18 3.45
C ASP D 380 -14.78 -41.41 4.54
N ALA D 381 -13.90 -42.13 5.24
CA ALA D 381 -13.32 -41.65 6.48
C ALA D 381 -11.82 -41.47 6.48
N GLY D 382 -11.07 -42.47 6.03
CA GLY D 382 -9.64 -42.46 6.27
C GLY D 382 -9.26 -43.20 7.53
N ILE D 383 -9.90 -42.87 8.64
CA ILE D 383 -9.76 -43.61 9.89
C ILE D 383 -11.15 -43.91 10.43
N TYR D 384 -11.34 -45.10 10.96
CA TYR D 384 -12.60 -45.49 11.60
C TYR D 384 -12.35 -45.74 13.07
N TYR D 385 -13.15 -45.13 13.93
CA TYR D 385 -13.19 -45.46 15.34
C TYR D 385 -14.51 -46.16 15.60
N ALA D 386 -14.47 -47.48 15.77
CA ALA D 386 -15.65 -48.31 15.81
C ALA D 386 -15.90 -48.83 17.23
N PRO D 387 -16.56 -48.03 18.08
CA PRO D 387 -16.79 -48.49 19.44
C PRO D 387 -17.74 -49.67 19.46
N TYR D 388 -17.46 -50.63 20.33
CA TYR D 388 -18.20 -51.87 20.38
C TYR D 388 -18.86 -52.12 21.72
N VAL D 389 -18.14 -51.96 22.82
CA VAL D 389 -18.70 -52.06 24.16
C VAL D 389 -18.21 -50.86 24.96
N ALA D 390 -19.13 -50.11 25.54
CA ALA D 390 -18.79 -48.83 26.13
C ALA D 390 -18.86 -48.89 27.64
N LEU D 391 -17.72 -48.65 28.29
CA LEU D 391 -17.62 -48.35 29.72
C LEU D 391 -18.55 -49.20 30.57
N THR D 392 -18.33 -50.50 30.56
CA THR D 392 -19.04 -51.38 31.47
C THR D 392 -18.45 -51.23 32.88
N PRO D 393 -19.22 -50.81 33.87
CA PRO D 393 -18.68 -50.65 35.21
C PRO D 393 -18.90 -51.89 36.05
N LEU D 394 -17.92 -52.19 36.89
CA LEU D 394 -17.87 -53.39 37.70
C LEU D 394 -17.54 -53.03 39.13
N ARG D 395 -18.11 -53.79 40.06
CA ARG D 395 -17.91 -53.57 41.48
C ARG D 395 -17.58 -54.89 42.15
N GLY D 396 -16.84 -54.81 43.24
CA GLY D 396 -16.58 -55.99 44.03
C GLY D 396 -15.96 -55.61 45.34
N SER D 397 -15.72 -56.61 46.18
CA SER D 397 -15.17 -56.36 47.50
C SER D 397 -14.47 -57.63 47.95
N ASP D 398 -13.38 -57.45 48.68
CA ASP D 398 -12.52 -58.59 48.99
C ASP D 398 -12.79 -59.14 50.39
N PRO D 399 -13.44 -60.29 50.50
CA PRO D 399 -13.89 -60.77 51.82
C PRO D 399 -12.78 -60.99 52.83
N LYS D 400 -11.53 -61.00 52.39
CA LYS D 400 -10.47 -60.98 53.38
C LYS D 400 -10.36 -59.63 54.07
N ASN D 401 -10.63 -58.55 53.35
CA ASN D 401 -10.53 -57.23 53.94
C ASN D 401 -11.77 -56.38 53.73
N PHE D 402 -12.80 -56.90 53.06
CA PHE D 402 -14.11 -56.26 52.94
C PHE D 402 -14.06 -54.94 52.21
N GLN D 403 -12.90 -54.52 51.78
CA GLN D 403 -12.80 -53.25 51.12
C GLN D 403 -13.41 -53.33 49.72
N PRO D 404 -13.81 -52.19 49.17
CA PRO D 404 -14.44 -52.17 47.85
C PRO D 404 -13.45 -51.87 46.76
N VAL D 405 -13.74 -52.39 45.57
CA VAL D 405 -12.93 -52.21 44.38
C VAL D 405 -13.86 -51.99 43.21
N MET D 406 -13.52 -51.05 42.33
CA MET D 406 -14.35 -50.76 41.18
C MET D 406 -13.49 -50.81 39.93
N GLY D 407 -14.14 -51.01 38.79
CA GLY D 407 -13.41 -51.07 37.55
C GLY D 407 -14.30 -50.70 36.38
N PHE D 408 -13.66 -50.41 35.26
CA PHE D 408 -14.35 -50.06 34.03
C PHE D 408 -13.71 -50.79 32.86
N LYS D 409 -14.55 -51.18 31.89
CA LYS D 409 -14.09 -51.92 30.71
C LYS D 409 -14.60 -51.28 29.42
N THR D 410 -13.85 -51.49 28.32
CA THR D 410 -14.21 -50.96 27.01
C THR D 410 -13.52 -51.80 25.94
N ARG D 411 -14.15 -51.91 24.78
CA ARG D 411 -13.57 -52.61 23.64
C ARG D 411 -13.94 -51.88 22.36
N TYR D 412 -12.98 -51.18 21.75
CA TYR D 412 -13.32 -50.37 20.58
C TYR D 412 -12.67 -50.84 19.29
N GLY D 413 -11.35 -50.82 19.21
CA GLY D 413 -10.78 -51.19 17.92
C GLY D 413 -10.87 -50.06 16.91
N ILE D 414 -9.79 -49.90 16.14
CA ILE D 414 -9.64 -48.84 15.15
C ILE D 414 -9.42 -49.48 13.80
N GLY D 415 -10.06 -48.94 12.76
CA GLY D 415 -9.91 -49.48 11.43
C GLY D 415 -9.31 -48.50 10.44
N ILE D 416 -8.59 -49.00 9.44
CA ILE D 416 -7.94 -48.16 8.44
C ILE D 416 -8.69 -48.30 7.13
N ASN D 417 -8.93 -47.17 6.48
CA ASN D 417 -9.69 -47.17 5.24
C ASN D 417 -8.90 -47.86 4.15
N PRO D 418 -9.48 -48.79 3.40
CA PRO D 418 -8.81 -49.29 2.21
C PRO D 418 -8.61 -48.15 1.23
N PHE D 419 -7.53 -48.23 0.46
CA PHE D 419 -7.02 -47.14 -0.37
C PHE D 419 -6.40 -46.03 0.46
N ALA D 420 -6.06 -46.29 1.72
CA ALA D 420 -5.41 -45.27 2.51
C ALA D 420 -4.07 -44.88 1.90
N GLU D 421 -3.26 -45.87 1.52
CA GLU D 421 -1.93 -45.56 0.99
C GLU D 421 -2.02 -44.83 -0.34
N SER D 422 -2.93 -45.24 -1.21
CA SER D 422 -3.22 -44.52 -2.44
C SER D 422 -1.98 -44.30 -3.29
N ALA D 423 -0.93 -45.09 -3.07
CA ALA D 423 0.25 -45.02 -3.91
C ALA D 423 0.57 -46.38 -4.49
N ALA D 424 -0.34 -47.33 -4.34
CA ALA D 424 -0.12 -48.69 -4.81
C ALA D 424 -1.45 -49.20 -5.34
N GLN D 425 -1.36 -50.23 -6.18
CA GLN D 425 -2.54 -50.81 -6.79
C GLN D 425 -2.76 -52.25 -6.36
N ALA D 426 -2.11 -52.71 -5.30
CA ALA D 426 -2.09 -54.14 -4.98
C ALA D 426 -1.79 -54.33 -3.51
N PRO D 427 -2.81 -54.53 -2.69
CA PRO D 427 -2.55 -54.87 -1.29
C PRO D 427 -1.94 -56.25 -1.18
N ALA D 428 -1.12 -56.44 -0.15
CA ALA D 428 -0.52 -57.75 0.07
C ALA D 428 -1.57 -58.75 0.55
N SER D 429 -1.35 -60.02 0.19
CA SER D 429 -1.99 -61.19 0.77
C SER D 429 -3.48 -61.29 0.52
N ARG D 430 -4.12 -60.24 0.00
CA ARG D 430 -5.54 -60.25 -0.39
C ARG D 430 -6.47 -60.37 0.82
N ILE D 431 -5.91 -60.60 2.00
CA ILE D 431 -6.67 -60.61 3.25
C ILE D 431 -5.76 -60.02 4.30
N GLN D 432 -6.05 -58.80 4.71
CA GLN D 432 -5.05 -58.04 5.44
C GLN D 432 -5.66 -57.40 6.68
N SER D 433 -4.77 -57.03 7.61
CA SER D 433 -5.20 -56.38 8.83
C SER D 433 -5.58 -54.94 8.56
N GLY D 434 -6.77 -54.55 9.00
CA GLY D 434 -7.18 -53.17 8.98
C GLY D 434 -6.73 -52.36 10.17
N MET D 435 -6.13 -52.99 11.16
CA MET D 435 -5.55 -52.20 12.23
C MET D 435 -4.36 -51.40 11.70
N PRO D 436 -4.17 -50.18 12.18
CA PRO D 436 -3.02 -49.40 11.73
C PRO D 436 -1.72 -50.00 12.24
N SER D 437 -0.66 -49.79 11.48
CA SER D 437 0.68 -50.26 11.82
C SER D 437 1.65 -49.60 10.87
N ILE D 438 2.93 -49.93 11.04
CA ILE D 438 3.96 -49.28 10.22
C ILE D 438 3.79 -49.65 8.75
N LEU D 439 3.46 -50.90 8.46
CA LEU D 439 3.40 -51.34 7.08
C LEU D 439 2.30 -50.63 6.31
N ASN D 440 1.13 -50.45 6.93
CA ASN D 440 -0.05 -50.02 6.20
C ASN D 440 -0.52 -48.62 6.56
N SER D 441 0.04 -47.99 7.58
CA SER D 441 -0.50 -46.70 7.97
C SER D 441 0.55 -45.61 8.15
N LEU D 442 1.74 -45.96 8.61
CA LEU D 442 2.68 -44.94 9.05
C LEU D 442 3.06 -44.01 7.92
N GLY D 443 2.68 -42.74 8.06
CA GLY D 443 3.06 -41.73 7.09
C GLY D 443 2.64 -42.01 5.67
N LYS D 444 1.59 -42.78 5.45
CA LYS D 444 1.17 -43.13 4.11
C LYS D 444 -0.25 -42.72 3.78
N ASN D 445 -1.14 -42.63 4.76
CA ASN D 445 -2.57 -42.47 4.52
C ASN D 445 -2.78 -41.17 3.74
N ALA D 446 -3.34 -41.29 2.54
CA ALA D 446 -3.49 -40.13 1.68
C ALA D 446 -4.51 -39.14 2.21
N TYR D 447 -5.29 -39.53 3.21
CA TYR D 447 -6.38 -38.67 3.67
C TYR D 447 -5.91 -37.48 4.49
N PHE D 448 -4.72 -37.52 5.07
CA PHE D 448 -4.26 -36.43 5.93
C PHE D 448 -2.87 -36.00 5.53
N ARG D 449 -2.69 -34.69 5.37
CA ARG D 449 -1.40 -34.10 5.08
C ARG D 449 -1.08 -33.09 6.16
N ARG D 450 0.05 -33.26 6.83
CA ARG D 450 0.40 -32.46 7.99
C ARG D 450 1.64 -31.63 7.68
N VAL D 451 1.57 -30.35 7.99
CA VAL D 451 2.65 -29.42 7.67
C VAL D 451 3.06 -28.71 8.95
N TYR D 452 4.36 -28.70 9.23
CA TYR D 452 4.85 -27.94 10.37
C TYR D 452 4.96 -26.48 10.00
N VAL D 453 4.84 -25.62 11.01
CA VAL D 453 4.92 -24.18 10.82
C VAL D 453 5.95 -23.61 11.77
N LYS D 454 6.82 -22.75 11.26
CA LYS D 454 7.88 -22.15 12.05
C LYS D 454 7.84 -20.64 11.90
N GLY D 455 8.40 -19.95 12.89
CA GLY D 455 8.50 -18.51 12.83
C GLY D 455 7.19 -17.77 12.96
N ILE D 456 6.17 -18.38 13.54
CA ILE D 456 4.90 -17.71 13.75
C ILE D 456 5.10 -16.42 14.53
N ALA E 1 9.03 65.38 45.69
CA ALA E 1 8.08 64.53 45.00
C ALA E 1 7.93 63.20 45.73
N GLU E 2 6.95 63.11 46.63
CA GLU E 2 6.72 61.88 47.38
C GLU E 2 6.39 60.77 46.41
N ILE E 3 7.28 59.79 46.32
CA ILE E 3 7.22 58.75 45.30
C ILE E 3 7.00 57.41 45.99
N GLY E 4 5.95 56.71 45.58
CA GLY E 4 5.64 55.44 46.21
C GLY E 4 6.73 54.41 46.03
N GLY E 5 7.55 54.58 45.01
CA GLY E 5 8.64 53.68 44.77
C GLY E 5 8.14 52.32 44.37
N ASP E 6 9.05 51.36 44.39
CA ASP E 6 8.71 49.98 44.04
C ASP E 6 9.63 49.06 44.82
N HIS E 7 9.19 47.81 44.96
CA HIS E 7 10.02 46.78 45.55
C HIS E 7 11.23 46.55 44.65
N GLY E 8 12.18 45.78 45.14
CA GLY E 8 13.25 45.35 44.28
C GLY E 8 12.91 44.15 43.46
N TYR E 9 11.63 43.76 43.42
CA TYR E 9 11.18 42.53 42.80
C TYR E 9 11.88 41.31 43.35
N ASN E 10 12.39 41.41 44.58
CA ASN E 10 13.03 40.31 45.27
C ASN E 10 12.00 39.69 46.21
N ALA E 11 11.87 38.36 46.15
CA ALA E 11 10.76 37.70 46.83
C ALA E 11 10.73 38.02 48.32
N THR E 12 11.88 38.19 48.94
CA THR E 12 11.91 38.54 50.36
C THR E 12 11.36 39.94 50.59
N ASN E 13 11.81 40.92 49.81
CA ASN E 13 11.31 42.27 49.96
C ASN E 13 9.81 42.31 49.71
N ILE E 14 9.33 41.54 48.75
CA ILE E 14 7.91 41.48 48.47
C ILE E 14 7.16 40.89 49.65
N ALA E 15 7.70 39.84 50.26
CA ALA E 15 7.02 39.22 51.39
C ALA E 15 6.89 40.19 52.56
N ALA E 16 7.92 40.98 52.81
CA ALA E 16 7.87 41.95 53.90
C ALA E 16 7.28 43.29 53.47
N GLY E 17 6.92 43.43 52.21
CA GLY E 17 6.32 44.66 51.75
C GLY E 17 7.23 45.86 51.74
N GLN E 18 8.52 45.68 51.98
CA GLN E 18 9.46 46.79 51.92
C GLN E 18 9.48 47.37 50.52
N THR E 19 9.55 48.69 50.41
CA THR E 19 9.66 49.35 49.12
C THR E 19 10.78 50.36 49.15
N SER E 20 11.31 50.66 47.96
CA SER E 20 12.28 51.72 47.78
C SER E 20 11.65 53.09 47.84
N GLY E 21 10.32 53.18 47.96
CA GLY E 21 9.65 54.45 48.06
C GLY E 21 9.29 54.83 49.48
N ALA E 22 8.30 55.69 49.64
CA ALA E 22 7.93 56.13 50.98
C ALA E 22 7.11 55.08 51.71
N VAL E 23 6.11 54.52 51.04
CA VAL E 23 5.09 53.72 51.70
C VAL E 23 5.60 52.31 51.86
N THR E 24 5.65 51.84 53.10
CA THR E 24 6.01 50.46 53.38
C THR E 24 4.74 49.62 53.50
N GLN E 25 4.59 48.66 52.59
CA GLN E 25 3.34 47.95 52.40
C GLN E 25 3.03 47.06 53.60
N ILE E 26 1.77 46.64 53.68
CA ILE E 26 1.37 45.72 54.73
C ILE E 26 1.87 44.31 54.43
N GLY E 27 1.51 43.77 53.27
CA GLY E 27 1.84 42.42 52.94
C GLY E 27 1.44 42.05 51.54
N PRO E 28 1.75 40.86 51.15
CA PRO E 28 1.52 40.41 49.77
C PRO E 28 0.17 39.72 49.53
N ALA E 29 -0.91 40.34 50.01
CA ALA E 29 -2.25 39.80 49.79
C ALA E 29 -2.34 38.31 50.05
N VAL E 30 -3.26 37.63 49.36
CA VAL E 30 -3.33 36.17 49.30
C VAL E 30 -4.22 35.80 48.13
N MET E 31 -3.89 34.70 47.47
CA MET E 31 -4.66 34.25 46.32
C MET E 31 -4.93 32.75 46.33
N GLY E 32 -4.92 32.11 47.49
CA GLY E 32 -5.31 30.72 47.59
C GLY E 32 -4.18 29.80 48.02
N MET E 33 -4.53 28.53 48.15
CA MET E 33 -3.61 27.47 48.52
C MET E 33 -3.87 26.25 47.64
N VAL E 34 -2.81 25.69 47.08
CA VAL E 34 -2.93 24.58 46.14
C VAL E 34 -2.14 23.39 46.67
N ARG E 35 -2.71 22.19 46.52
CA ARG E 35 -2.05 20.98 46.96
C ARG E 35 -2.14 19.93 45.87
N ARG E 36 -1.35 18.87 46.02
CA ARG E 36 -1.28 17.82 45.04
C ARG E 36 -2.57 17.01 44.98
N ALA E 37 -2.91 16.54 43.80
CA ALA E 37 -4.06 15.67 43.62
C ALA E 37 -3.73 14.25 44.06
N ILE E 38 -4.72 13.57 44.62
CA ILE E 38 -4.54 12.24 45.18
C ILE E 38 -4.52 11.19 44.08
N PRO E 39 -3.49 10.35 44.02
CA PRO E 39 -3.41 9.35 42.96
C PRO E 39 -4.53 8.33 43.05
N ASN E 40 -4.92 7.81 41.90
CA ASN E 40 -6.02 6.85 41.83
C ASN E 40 -5.54 5.43 42.08
N LEU E 41 -6.48 4.50 42.13
CA LEU E 41 -6.22 3.12 42.48
C LEU E 41 -6.69 2.18 41.38
N ILE E 42 -6.03 1.03 41.30
CA ILE E 42 -6.29 0.05 40.25
C ILE E 42 -7.42 -0.90 40.61
N ALA E 43 -8.07 -0.69 41.75
CA ALA E 43 -9.09 -1.57 42.30
C ALA E 43 -8.58 -2.99 42.46
N PHE E 44 -9.49 -3.96 42.51
CA PHE E 44 -9.11 -5.35 42.67
C PHE E 44 -10.00 -6.27 41.86
N ASP E 45 -10.36 -5.85 40.65
CA ASP E 45 -10.96 -6.79 39.71
C ASP E 45 -9.90 -7.69 39.10
N ILE E 46 -8.62 -7.42 39.41
CA ILE E 46 -7.51 -8.17 38.86
C ILE E 46 -7.04 -9.28 39.78
N CYS E 47 -7.64 -9.39 40.97
CA CYS E 47 -7.28 -10.45 41.88
C CYS E 47 -8.42 -10.67 42.85
N GLY E 48 -8.51 -11.88 43.39
CA GLY E 48 -9.54 -12.23 44.33
C GLY E 48 -9.34 -11.52 45.65
N VAL E 49 -10.41 -11.48 46.43
CA VAL E 49 -10.32 -10.80 47.71
C VAL E 49 -10.26 -11.83 48.83
N GLN E 50 -11.30 -12.63 48.99
CA GLN E 50 -11.36 -13.66 50.01
C GLN E 50 -11.04 -13.11 51.41
N PRO E 51 -11.76 -12.08 51.86
CA PRO E 51 -11.38 -11.44 53.12
C PRO E 51 -11.42 -12.41 54.29
N MET E 52 -10.41 -12.29 55.15
CA MET E 52 -10.26 -13.17 56.29
C MET E 52 -10.90 -12.55 57.52
N ASN E 53 -11.64 -13.36 58.27
CA ASN E 53 -12.20 -12.94 59.54
C ASN E 53 -11.31 -13.35 60.69
N SER E 54 -10.29 -14.15 60.43
CA SER E 54 -9.34 -14.60 61.43
C SER E 54 -8.01 -14.80 60.74
N PRO E 55 -6.91 -14.73 61.46
CA PRO E 55 -5.59 -14.88 60.81
C PRO E 55 -5.45 -16.27 60.22
N THR E 56 -4.58 -16.37 59.22
CA THR E 56 -4.13 -17.65 58.70
C THR E 56 -5.28 -18.51 58.18
N GLY E 57 -5.85 -18.08 57.06
CA GLY E 57 -6.74 -18.94 56.31
C GLY E 57 -5.97 -20.08 55.64
N GLN E 58 -6.71 -20.97 54.99
CA GLN E 58 -6.10 -22.09 54.27
C GLN E 58 -7.05 -22.57 53.19
N VAL E 59 -6.50 -23.34 52.23
CA VAL E 59 -7.30 -23.86 51.12
C VAL E 59 -6.70 -25.18 50.64
N PHE E 60 -7.57 -26.09 50.22
CA PHE E 60 -7.18 -27.41 49.78
C PHE E 60 -7.19 -27.50 48.26
N ALA E 61 -6.46 -28.49 47.75
CA ALA E 61 -6.34 -28.70 46.31
C ALA E 61 -6.25 -30.18 46.03
N LEU E 62 -7.15 -30.68 45.18
CA LEU E 62 -7.27 -32.10 44.88
C LEU E 62 -6.67 -32.37 43.52
N ARG E 63 -5.85 -33.42 43.42
CA ARG E 63 -5.23 -33.83 42.18
C ARG E 63 -5.59 -35.27 41.88
N ALA E 64 -5.82 -35.58 40.61
CA ALA E 64 -6.07 -36.94 40.18
C ALA E 64 -4.76 -37.56 39.74
N VAL E 65 -4.21 -38.45 40.57
CA VAL E 65 -2.92 -39.08 40.35
C VAL E 65 -3.17 -40.56 40.10
N TYR E 66 -2.61 -41.09 39.02
CA TYR E 66 -2.86 -42.48 38.69
C TYR E 66 -1.62 -43.32 38.92
N GLY E 67 -1.83 -44.54 39.37
CA GLY E 67 -0.73 -45.44 39.64
C GLY E 67 -0.68 -46.14 40.98
N LYS E 68 -1.80 -46.22 41.69
CA LYS E 68 -1.99 -47.03 42.90
C LYS E 68 -1.28 -46.48 44.12
N ASP E 69 -0.52 -45.39 44.01
CA ASP E 69 0.18 -44.83 45.15
C ASP E 69 0.18 -43.32 45.03
N PRO E 70 -0.95 -42.69 45.30
CA PRO E 70 -1.07 -41.23 45.06
C PRO E 70 0.00 -40.42 45.76
N VAL E 71 0.56 -40.94 46.85
CA VAL E 71 1.69 -40.28 47.49
C VAL E 71 2.94 -41.06 47.09
N ALA E 72 3.57 -40.65 46.00
CA ALA E 72 4.76 -41.32 45.51
C ALA E 72 5.49 -40.37 44.59
N ALA E 73 6.82 -40.41 44.65
CA ALA E 73 7.61 -39.55 43.80
C ALA E 73 7.41 -39.93 42.34
N GLY E 74 7.21 -38.93 41.51
CA GLY E 74 7.12 -39.15 40.08
C GLY E 74 5.79 -39.66 39.58
N ALA E 75 4.78 -39.79 40.44
CA ALA E 75 3.45 -40.09 39.94
C ALA E 75 2.88 -38.87 39.22
N LYS E 76 2.04 -39.11 38.24
CA LYS E 76 1.63 -38.07 37.30
C LYS E 76 0.18 -37.69 37.53
N GLU E 77 -0.11 -36.41 37.33
CA GLU E 77 -1.47 -35.90 37.47
C GLU E 77 -2.29 -36.26 36.24
N ALA E 78 -3.52 -36.73 36.47
CA ALA E 78 -4.32 -37.24 35.36
C ALA E 78 -4.81 -36.14 34.44
N PHE E 79 -5.38 -35.08 35.00
CA PHE E 79 -6.05 -34.07 34.22
C PHE E 79 -5.27 -32.77 34.20
N HIS E 80 -3.95 -32.88 34.13
CA HIS E 80 -3.11 -31.69 34.09
C HIS E 80 -3.44 -30.90 32.83
N PRO E 81 -3.46 -29.57 32.90
CA PRO E 81 -3.74 -28.80 31.68
C PRO E 81 -2.59 -28.77 30.70
N MET E 82 -1.35 -28.66 31.18
CA MET E 82 -0.20 -28.64 30.29
C MET E 82 0.16 -30.01 29.74
N TYR E 83 -0.05 -31.06 30.52
CA TYR E 83 0.47 -32.37 30.19
C TYR E 83 -0.61 -33.24 29.56
N GLY E 84 -0.23 -33.95 28.50
CA GLY E 84 -1.14 -34.84 27.84
C GLY E 84 -1.48 -36.05 28.68
N PRO E 85 -2.62 -36.65 28.40
CA PRO E 85 -2.99 -37.87 29.13
C PRO E 85 -2.11 -39.02 28.70
N ASP E 86 -1.91 -39.96 29.62
CA ASP E 86 -1.17 -41.16 29.26
C ASP E 86 -1.96 -41.94 28.23
N ALA E 87 -1.57 -41.78 26.96
CA ALA E 87 -2.35 -42.33 25.86
C ALA E 87 -2.49 -43.84 25.98
N MET E 88 -1.49 -44.51 26.55
CA MET E 88 -1.63 -45.92 26.87
C MET E 88 -1.24 -46.11 28.33
N PHE E 89 -2.20 -45.88 29.21
CA PHE E 89 -2.09 -46.28 30.60
C PHE E 89 -3.15 -47.28 30.97
N SER E 90 -4.32 -47.20 30.35
CA SER E 90 -5.35 -48.22 30.45
C SER E 90 -5.37 -49.15 29.24
N GLY E 91 -4.60 -48.85 28.21
CA GLY E 91 -4.58 -49.64 26.99
C GLY E 91 -3.47 -50.66 27.01
N GLN E 92 -2.54 -50.52 26.05
CA GLN E 92 -1.39 -51.42 26.03
C GLN E 92 -0.50 -51.20 27.23
N GLY E 93 -0.54 -49.99 27.81
CA GLY E 93 0.34 -49.70 28.92
C GLY E 93 0.10 -50.60 30.11
N ALA E 94 -1.10 -51.17 30.22
CA ALA E 94 -1.42 -52.11 31.27
C ALA E 94 -0.94 -53.52 30.97
N ALA E 95 -0.37 -53.76 29.80
CA ALA E 95 0.09 -55.09 29.46
C ALA E 95 1.60 -55.24 29.61
N LYS E 96 2.36 -54.23 29.21
CA LYS E 96 3.82 -54.34 29.26
C LYS E 96 4.43 -52.97 29.53
N LYS E 97 5.52 -52.98 30.27
CA LYS E 97 6.30 -51.77 30.45
C LYS E 97 6.99 -51.41 29.14
N PHE E 98 7.36 -50.15 29.01
CA PHE E 98 8.07 -49.71 27.83
C PHE E 98 9.38 -49.02 28.22
N PRO E 99 10.39 -49.10 27.37
CA PRO E 99 11.68 -48.51 27.72
C PRO E 99 11.63 -47.00 27.74
N ALA E 100 12.44 -46.41 28.62
CA ALA E 100 12.58 -44.97 28.66
C ALA E 100 13.51 -44.49 27.57
N LEU E 101 13.02 -43.57 26.76
CA LEU E 101 13.80 -43.03 25.65
C LEU E 101 14.76 -41.98 26.20
N ALA E 102 16.06 -42.28 26.13
CA ALA E 102 17.04 -41.49 26.84
C ALA E 102 18.26 -41.28 25.96
N ALA E 103 19.29 -40.68 26.55
CA ALA E 103 20.52 -40.43 25.83
C ALA E 103 21.18 -41.73 25.42
N SER E 104 21.77 -41.73 24.23
CA SER E 104 22.52 -42.84 23.65
C SER E 104 21.67 -44.07 23.44
N THR E 105 20.36 -44.01 23.65
CA THR E 105 19.49 -45.13 23.32
C THR E 105 19.46 -45.31 21.82
N GLN E 106 19.61 -46.56 21.36
CA GLN E 106 19.53 -46.88 19.94
C GLN E 106 18.15 -47.44 19.64
N THR E 107 17.39 -46.70 18.83
CA THR E 107 16.00 -47.05 18.56
C THR E 107 15.90 -48.27 17.66
N THR E 108 15.01 -49.17 18.02
CA THR E 108 14.67 -50.34 17.21
C THR E 108 13.42 -50.04 16.41
N VAL E 109 13.45 -50.33 15.11
CA VAL E 109 12.30 -50.05 14.26
C VAL E 109 11.15 -50.94 14.66
N GLY E 110 9.99 -50.35 14.88
CA GLY E 110 8.79 -51.04 15.28
C GLY E 110 8.45 -50.93 16.75
N ASP E 111 9.45 -50.77 17.61
CA ASP E 111 9.22 -50.77 19.04
C ASP E 111 8.65 -49.42 19.49
N ILE E 112 8.25 -49.38 20.76
CA ILE E 112 7.64 -48.21 21.36
C ILE E 112 8.41 -47.86 22.61
N TYR E 113 8.74 -46.58 22.75
CA TYR E 113 9.47 -46.05 23.88
C TYR E 113 8.60 -45.00 24.57
N THR E 114 8.96 -44.63 25.79
CA THR E 114 8.22 -43.60 26.51
C THR E 114 9.07 -42.34 26.64
N HIS E 115 8.38 -41.22 26.81
CA HIS E 115 9.09 -40.01 27.19
C HIS E 115 8.10 -39.08 27.86
N PHE E 116 8.62 -38.12 28.61
CA PHE E 116 7.80 -37.14 29.31
C PHE E 116 8.49 -35.79 29.22
N PHE E 117 8.06 -34.97 28.26
CA PHE E 117 8.64 -33.65 28.11
C PHE E 117 8.33 -32.79 29.32
N GLN E 118 9.04 -31.68 29.43
CA GLN E 118 8.74 -30.70 30.46
C GLN E 118 7.53 -29.84 30.12
N GLU E 119 6.93 -30.09 28.97
CA GLU E 119 5.58 -29.65 28.69
C GLU E 119 4.89 -30.78 27.93
N THR E 120 3.58 -30.66 27.75
CA THR E 120 2.84 -31.56 26.87
C THR E 120 2.85 -33.00 27.38
N GLY E 121 3.52 -33.26 28.49
CA GLY E 121 3.34 -34.51 29.19
C GLY E 121 3.90 -35.76 28.55
N THR E 122 3.37 -36.91 28.95
CA THR E 122 3.91 -38.19 28.53
C THR E 122 3.46 -38.54 27.13
N VAL E 123 4.39 -39.05 26.33
CA VAL E 123 4.13 -39.47 24.97
C VAL E 123 4.82 -40.80 24.72
N TYR E 124 4.14 -41.70 24.02
CA TYR E 124 4.68 -42.98 23.61
C TYR E 124 5.05 -42.91 22.14
N LEU E 125 6.29 -43.25 21.82
CA LEU E 125 6.87 -43.01 20.52
C LEU E 125 7.25 -44.32 19.87
N GLN E 126 6.67 -44.59 18.71
CA GLN E 126 7.09 -45.68 17.84
C GLN E 126 8.21 -45.17 16.97
N ALA E 127 9.29 -45.94 16.89
CA ALA E 127 10.46 -45.54 16.13
C ALA E 127 10.43 -46.20 14.76
N SER E 128 10.58 -45.39 13.71
CA SER E 128 10.57 -45.90 12.36
C SER E 128 11.94 -46.08 11.75
N VAL E 129 12.93 -45.33 12.22
CA VAL E 129 14.28 -45.36 11.68
C VAL E 129 15.26 -45.54 12.85
N GLN E 130 16.19 -46.46 12.72
CA GLN E 130 17.16 -46.67 13.78
C GLN E 130 18.02 -45.42 13.94
N VAL E 131 17.78 -44.68 15.02
CA VAL E 131 18.47 -43.42 15.27
C VAL E 131 19.01 -43.44 16.70
N THR E 132 20.26 -43.03 16.87
CA THR E 132 20.84 -42.87 18.18
C THR E 132 20.51 -41.47 18.69
N ILE E 133 19.99 -41.38 19.91
CA ILE E 133 19.47 -40.11 20.41
C ILE E 133 20.58 -39.31 21.07
N ASP E 134 21.38 -38.61 20.25
CA ASP E 134 22.16 -37.46 20.64
C ASP E 134 22.90 -37.63 21.96
N ALA E 135 23.86 -38.56 22.01
CA ALA E 135 24.42 -39.06 23.26
C ALA E 135 24.84 -37.97 24.23
N GLY E 136 24.95 -36.72 23.78
CA GLY E 136 25.30 -35.64 24.67
C GLY E 136 24.14 -35.03 25.43
N ALA E 137 22.91 -35.42 25.12
CA ALA E 137 21.72 -34.81 25.74
C ALA E 137 21.49 -35.40 27.13
N THR E 138 22.27 -34.89 28.09
CA THR E 138 22.10 -35.26 29.48
C THR E 138 21.15 -34.33 30.23
N ASP E 139 21.08 -33.06 29.86
CA ASP E 139 20.10 -32.15 30.42
C ASP E 139 18.72 -32.45 29.83
N ALA E 140 17.69 -32.28 30.64
CA ALA E 140 16.34 -32.63 30.21
C ALA E 140 15.87 -31.76 29.05
N ALA E 141 16.16 -30.45 29.10
CA ALA E 141 15.73 -29.57 28.02
C ALA E 141 16.35 -29.98 26.70
N LYS E 142 17.64 -30.32 26.71
CA LYS E 142 18.29 -30.84 25.51
C LYS E 142 17.61 -32.10 25.03
N LEU E 143 17.23 -32.98 25.95
CA LEU E 143 16.56 -34.20 25.56
C LEU E 143 15.24 -33.91 24.85
N ASP E 144 14.49 -32.95 25.39
CA ASP E 144 13.23 -32.59 24.75
C ASP E 144 13.46 -32.01 23.36
N ALA E 145 14.44 -31.13 23.22
CA ALA E 145 14.70 -30.54 21.90
C ALA E 145 15.10 -31.60 20.90
N GLU E 146 16.00 -32.51 21.30
CA GLU E 146 16.45 -33.56 20.40
C GLU E 146 15.31 -34.48 19.98
N ILE E 147 14.47 -34.89 20.91
CA ILE E 147 13.37 -35.79 20.56
C ILE E 147 12.34 -35.07 19.71
N LYS E 148 12.18 -33.76 19.94
CA LYS E 148 11.33 -32.98 19.04
C LYS E 148 11.88 -33.00 17.62
N LYS E 149 13.20 -32.85 17.48
CA LYS E 149 13.80 -32.92 16.15
C LYS E 149 13.53 -34.27 15.52
N GLN E 150 13.71 -35.35 16.30
CA GLN E 150 13.48 -36.69 15.75
C GLN E 150 12.03 -36.86 15.30
N MET E 151 11.08 -36.40 16.13
CA MET E 151 9.68 -36.54 15.76
C MET E 151 9.35 -35.72 14.51
N GLU E 152 9.86 -34.49 14.43
CA GLU E 152 9.59 -33.67 13.26
C GLU E 152 10.17 -34.30 12.00
N ALA E 153 11.38 -34.84 12.10
CA ALA E 153 11.99 -35.50 10.96
C ALA E 153 11.32 -36.83 10.64
N GLY E 154 10.33 -37.25 11.41
CA GLY E 154 9.59 -38.45 11.11
C GLY E 154 10.19 -39.73 11.63
N ALA E 155 11.34 -39.66 12.29
CA ALA E 155 11.98 -40.86 12.80
C ALA E 155 11.22 -41.47 13.96
N LEU E 156 10.24 -40.74 14.49
CA LEU E 156 9.67 -41.05 15.80
C LEU E 156 8.28 -40.44 15.86
N VAL E 157 7.24 -41.27 16.03
CA VAL E 157 5.89 -40.74 16.03
C VAL E 157 5.12 -41.23 17.25
N GLU E 158 4.22 -40.38 17.73
CA GLU E 158 3.37 -40.74 18.86
C GLU E 158 2.41 -41.85 18.47
N ILE E 159 2.03 -42.66 19.45
CA ILE E 159 1.23 -43.85 19.20
C ILE E 159 0.39 -44.14 20.43
N ALA E 160 -0.70 -44.88 20.22
CA ALA E 160 -1.57 -45.29 21.32
C ALA E 160 -2.47 -46.41 20.83
N GLU E 161 -2.64 -47.42 21.68
CA GLU E 161 -3.42 -48.59 21.27
C GLU E 161 -3.81 -49.37 22.51
N GLY E 162 -4.97 -49.99 22.44
CA GLY E 162 -5.50 -50.79 23.53
C GLY E 162 -4.79 -52.10 23.62
N MET E 163 -5.20 -52.92 24.58
CA MET E 163 -4.58 -54.21 24.80
C MET E 163 -5.47 -55.28 24.19
N ALA E 164 -4.84 -56.38 23.78
CA ALA E 164 -5.57 -57.48 23.19
C ALA E 164 -6.55 -58.07 24.19
N THR E 165 -7.67 -58.56 23.70
CA THR E 165 -8.71 -59.04 24.58
C THR E 165 -8.30 -60.27 25.37
N SER E 166 -7.46 -61.14 24.82
CA SER E 166 -7.08 -62.32 25.56
C SER E 166 -6.25 -61.99 26.79
N ILE E 167 -5.66 -60.80 26.85
CA ILE E 167 -4.88 -60.40 28.00
C ILE E 167 -5.79 -59.74 29.03
N ALA E 168 -6.67 -58.87 28.57
CA ALA E 168 -7.58 -58.19 29.48
C ALA E 168 -8.53 -59.18 30.14
N GLU E 169 -9.03 -60.15 29.39
CA GLU E 169 -9.99 -61.11 29.92
C GLU E 169 -9.42 -61.87 31.11
N LEU E 170 -8.10 -61.87 31.27
CA LEU E 170 -7.45 -62.56 32.38
C LEU E 170 -6.90 -61.62 33.43
N GLN E 171 -7.20 -60.32 33.35
CA GLN E 171 -6.51 -59.35 34.18
C GLN E 171 -6.67 -59.67 35.66
N GLU E 172 -5.54 -59.65 36.37
CA GLU E 172 -5.46 -60.02 37.78
C GLU E 172 -6.02 -61.40 38.04
N GLY E 173 -5.33 -62.43 37.57
CA GLY E 173 -5.52 -63.76 38.10
C GLY E 173 -6.77 -64.50 37.68
N PHE E 174 -7.16 -64.43 36.41
CA PHE E 174 -8.25 -65.27 35.97
C PHE E 174 -7.69 -66.48 35.22
N ASN E 175 -8.38 -67.61 35.36
CA ASN E 175 -8.05 -68.83 34.63
C ASN E 175 -6.66 -69.32 35.00
N GLY E 176 -6.24 -69.01 36.22
CA GLY E 176 -4.94 -69.42 36.69
C GLY E 176 -3.79 -68.50 36.38
N SER E 177 -4.04 -67.38 35.72
CA SER E 177 -2.93 -66.49 35.39
C SER E 177 -2.37 -65.86 36.67
N THR E 178 -1.38 -64.99 36.48
CA THR E 178 -0.73 -64.34 37.61
C THR E 178 0.06 -63.14 37.11
N ASP E 179 0.34 -62.23 38.05
CA ASP E 179 1.18 -61.06 37.79
C ASP E 179 0.69 -60.29 36.56
N ASN E 180 -0.60 -60.02 36.52
CA ASN E 180 -1.18 -59.14 35.52
C ASN E 180 -2.12 -58.14 36.19
N PRO E 181 -1.62 -57.32 37.09
CA PRO E 181 -2.50 -56.39 37.80
C PRO E 181 -2.95 -55.28 36.88
N TRP E 182 -4.13 -54.74 37.17
CA TRP E 182 -4.67 -53.66 36.38
C TRP E 182 -3.87 -52.39 36.60
N ASN E 183 -4.22 -51.36 35.86
CA ASN E 183 -3.75 -50.02 36.18
C ASN E 183 -4.83 -49.28 36.96
N GLU E 184 -4.39 -48.53 37.96
CA GLU E 184 -5.33 -47.91 38.90
C GLU E 184 -5.01 -46.44 39.04
N MET E 185 -6.02 -45.69 39.45
CA MET E 185 -5.89 -44.26 39.69
C MET E 185 -6.29 -43.96 41.12
N GLY E 186 -6.20 -42.70 41.49
CA GLY E 186 -6.57 -42.26 42.82
C GLY E 186 -6.48 -40.75 42.87
N PHE E 187 -6.71 -40.19 44.05
CA PHE E 187 -6.65 -38.75 44.23
C PHE E 187 -5.90 -38.46 45.52
N ARG E 188 -5.41 -37.23 45.63
CA ARG E 188 -4.39 -36.91 46.60
C ARG E 188 -4.86 -35.97 47.72
N ILE E 189 -5.36 -34.78 47.36
CA ILE E 189 -5.82 -33.79 48.32
C ILE E 189 -4.69 -33.27 49.20
N ASP E 190 -4.30 -32.01 49.01
CA ASP E 190 -3.28 -31.36 49.81
C ASP E 190 -3.80 -30.00 50.22
N LYS E 191 -2.99 -29.23 50.95
CA LYS E 191 -3.49 -27.93 51.38
C LYS E 191 -2.35 -26.93 51.47
N GLN E 192 -2.74 -25.66 51.48
CA GLN E 192 -1.84 -24.53 51.45
C GLN E 192 -2.40 -23.43 52.33
N VAL E 193 -1.53 -22.83 53.14
CA VAL E 193 -1.95 -21.92 54.19
C VAL E 193 -1.27 -20.58 54.02
N ILE E 194 -1.87 -19.54 54.59
CA ILE E 194 -1.32 -18.20 54.57
C ILE E 194 -1.34 -17.66 55.99
N GLU E 195 -0.85 -16.42 56.15
CA GLU E 195 -0.85 -15.76 57.44
C GLU E 195 -0.86 -14.26 57.24
N ALA E 196 -1.71 -13.57 57.97
CA ALA E 196 -1.84 -12.13 57.81
C ALA E 196 -0.59 -11.43 58.32
N LYS E 197 -0.20 -10.38 57.60
CA LYS E 197 0.94 -9.56 57.97
C LYS E 197 0.48 -8.13 58.22
N SER E 198 1.24 -7.41 59.03
CA SER E 198 0.86 -6.09 59.49
C SER E 198 1.46 -4.99 58.64
N ARG E 199 1.05 -3.76 58.92
CA ARG E 199 1.53 -2.58 58.25
C ARG E 199 1.04 -1.38 59.05
N GLN E 200 1.92 -0.41 59.33
CA GLN E 200 1.50 0.65 60.23
C GLN E 200 2.30 1.93 60.04
N LEU E 201 1.75 3.03 60.54
CA LEU E 201 2.33 4.36 60.35
C LEU E 201 2.06 5.24 61.56
N LYS E 202 2.79 6.35 61.66
CA LYS E 202 2.75 7.26 62.81
C LYS E 202 2.82 8.70 62.31
N ALA E 203 2.41 9.67 63.14
CA ALA E 203 2.49 11.05 62.68
C ALA E 203 3.15 12.05 63.63
N ALA E 204 2.78 12.02 64.92
CA ALA E 204 3.46 12.78 65.95
C ALA E 204 3.66 14.27 65.66
N TYR E 205 2.60 15.07 65.68
CA TYR E 205 2.72 16.51 65.46
C TYR E 205 2.88 17.24 66.79
N SER E 206 2.90 18.57 66.72
CA SER E 206 3.19 19.41 67.87
C SER E 206 2.06 20.41 68.09
N ILE E 207 1.82 20.78 69.35
CA ILE E 207 0.70 21.63 69.71
C ILE E 207 0.87 23.04 69.16
N GLU E 208 2.05 23.62 69.36
CA GLU E 208 2.29 24.98 68.87
C GLU E 208 2.09 25.06 67.37
N LEU E 209 2.48 24.01 66.66
CA LEU E 209 2.21 23.96 65.23
C LEU E 209 0.72 24.01 64.97
N ALA E 210 -0.07 23.27 65.74
CA ALA E 210 -1.51 23.28 65.53
C ALA E 210 -2.10 24.65 65.77
N GLN E 211 -1.69 25.32 66.85
CA GLN E 211 -2.19 26.64 67.15
C GLN E 211 -1.85 27.63 66.05
N ASP E 212 -0.61 27.61 65.57
CA ASP E 212 -0.23 28.58 64.56
C ASP E 212 -0.85 28.28 63.21
N LEU E 213 -0.99 27.00 62.86
CA LEU E 213 -1.64 26.65 61.60
C LEU E 213 -3.12 26.99 61.63
N ARG E 214 -3.74 26.90 62.81
CA ARG E 214 -5.13 27.30 62.91
C ARG E 214 -5.27 28.82 62.85
N ALA E 215 -4.42 29.53 63.58
CA ALA E 215 -4.53 30.99 63.62
C ALA E 215 -4.26 31.59 62.26
N VAL E 216 -3.26 31.08 61.55
CA VAL E 216 -2.82 31.73 60.32
C VAL E 216 -3.55 31.18 59.10
N HIS E 217 -3.61 29.86 58.95
CA HIS E 217 -4.20 29.28 57.75
C HIS E 217 -5.57 28.67 57.99
N GLY E 218 -5.95 28.42 59.24
CA GLY E 218 -7.25 27.83 59.48
C GLY E 218 -7.37 26.38 59.11
N MET E 219 -6.28 25.62 59.08
CA MET E 219 -6.32 24.20 58.82
C MET E 219 -6.20 23.42 60.12
N ASP E 220 -6.72 22.20 60.11
CA ASP E 220 -6.86 21.42 61.35
C ASP E 220 -5.52 21.04 61.95
N ALA E 221 -4.53 20.71 61.13
CA ALA E 221 -3.19 20.27 61.53
C ALA E 221 -3.18 18.89 62.16
N ASP E 222 -4.31 18.22 62.28
CA ASP E 222 -4.33 16.83 62.73
C ASP E 222 -5.32 15.99 61.95
N ALA E 223 -6.34 16.62 61.35
CA ALA E 223 -7.18 15.90 60.40
C ALA E 223 -6.47 15.73 59.08
N GLU E 224 -5.50 16.61 58.80
CA GLU E 224 -4.71 16.47 57.57
C GLU E 224 -3.71 15.34 57.69
N LEU E 225 -3.02 15.24 58.83
CA LEU E 225 -2.04 14.17 59.00
C LEU E 225 -2.71 12.81 59.05
N SER E 226 -3.82 12.69 59.77
CA SER E 226 -4.51 11.41 59.82
C SER E 226 -5.01 11.00 58.44
N GLY E 227 -5.57 11.95 57.70
CA GLY E 227 -5.94 11.67 56.32
C GLY E 227 -4.74 11.29 55.48
N ILE E 228 -3.61 11.96 55.71
CA ILE E 228 -2.39 11.62 54.99
C ILE E 228 -1.99 10.18 55.25
N LEU E 229 -1.98 9.77 56.51
CA LEU E 229 -1.54 8.41 56.83
C LEU E 229 -2.50 7.37 56.29
N ALA E 230 -3.81 7.60 56.40
CA ALA E 230 -4.75 6.65 55.85
C ALA E 230 -4.61 6.54 54.34
N THR E 231 -4.51 7.68 53.66
CA THR E 231 -4.34 7.65 52.21
C THR E 231 -3.06 6.93 51.83
N GLU E 232 -1.97 7.19 52.56
CA GLU E 232 -0.69 6.60 52.23
C GLU E 232 -0.72 5.09 52.40
N ILE E 233 -1.32 4.61 53.48
CA ILE E 233 -1.36 3.16 53.68
C ILE E 233 -2.24 2.50 52.63
N MET E 234 -3.34 3.14 52.26
CA MET E 234 -4.15 2.58 51.18
C MET E 234 -3.36 2.50 49.88
N LEU E 235 -2.67 3.58 49.52
CA LEU E 235 -1.88 3.58 48.29
C LEU E 235 -0.80 2.52 48.33
N GLU E 236 -0.14 2.36 49.48
CA GLU E 236 0.91 1.36 49.60
C GLU E 236 0.35 -0.04 49.44
N ILE E 237 -0.82 -0.32 50.01
CA ILE E 237 -1.38 -1.66 49.85
C ILE E 237 -1.72 -1.91 48.39
N ASN E 238 -2.29 -0.91 47.71
CA ASN E 238 -2.60 -1.09 46.30
C ASN E 238 -1.34 -1.32 45.46
N ARG E 239 -0.31 -0.51 45.70
CA ARG E 239 0.94 -0.68 44.99
C ARG E 239 1.57 -2.01 45.32
N GLU E 240 1.37 -2.50 46.55
CA GLU E 240 1.91 -3.81 46.91
C GLU E 240 1.26 -4.90 46.10
N VAL E 241 -0.07 -4.84 45.95
CA VAL E 241 -0.74 -5.86 45.15
C VAL E 241 -0.25 -5.82 43.72
N VAL E 242 -0.11 -4.62 43.15
CA VAL E 242 0.36 -4.52 41.78
C VAL E 242 1.78 -5.06 41.65
N ASP E 243 2.64 -4.71 42.60
CA ASP E 243 4.02 -5.18 42.57
C ASP E 243 4.08 -6.69 42.71
N TRP E 244 3.21 -7.28 43.53
CA TRP E 244 3.21 -8.74 43.64
C TRP E 244 2.76 -9.38 42.35
N ILE E 245 1.81 -8.76 41.64
CA ILE E 245 1.42 -9.30 40.33
C ILE E 245 2.61 -9.30 39.39
N ASN E 246 3.29 -8.15 39.28
CA ASN E 246 4.44 -8.09 38.38
C ASN E 246 5.59 -8.96 38.88
N TYR E 247 5.62 -9.26 40.17
CA TYR E 247 6.66 -10.11 40.73
C TYR E 247 6.44 -11.55 40.35
N SER E 248 5.21 -12.02 40.40
CA SER E 248 4.96 -13.42 40.09
C SER E 248 4.65 -13.65 38.62
N ALA E 249 4.52 -12.59 37.82
CA ALA E 249 4.16 -12.77 36.42
C ALA E 249 5.26 -13.50 35.68
N GLN E 250 4.86 -14.36 34.74
CA GLN E 250 5.80 -15.12 33.94
C GLN E 250 6.50 -14.23 32.92
N VAL E 251 7.66 -14.68 32.49
CA VAL E 251 8.37 -13.99 31.41
C VAL E 251 7.67 -14.33 30.10
N GLY E 252 6.99 -13.35 29.53
CA GLY E 252 6.25 -13.56 28.30
C GLY E 252 7.15 -13.50 27.08
N LYS E 253 6.54 -13.76 25.94
CA LYS E 253 7.25 -13.80 24.66
C LYS E 253 8.43 -14.76 24.73
N SER E 254 8.25 -15.82 25.50
CA SER E 254 9.29 -16.82 25.68
C SER E 254 8.62 -18.18 25.74
N GLY E 255 9.41 -19.23 25.57
CA GLY E 255 8.82 -20.55 25.47
C GLY E 255 8.02 -20.67 24.20
N MET E 256 6.72 -20.89 24.34
CA MET E 256 5.88 -21.14 23.18
C MET E 256 5.41 -19.87 22.49
N THR E 257 5.67 -18.70 23.06
CA THR E 257 5.12 -17.46 22.53
C THR E 257 6.12 -16.63 21.75
N LEU E 258 7.40 -17.01 21.76
CA LEU E 258 8.42 -16.23 21.08
C LEU E 258 8.34 -16.43 19.58
N THR E 259 9.01 -15.57 18.86
CA THR E 259 9.35 -15.89 17.49
C THR E 259 10.83 -16.25 17.44
N PRO E 260 11.19 -17.38 16.83
CA PRO E 260 12.50 -17.98 17.07
C PRO E 260 13.70 -17.06 16.87
N GLY E 261 13.55 -15.91 16.23
CA GLY E 261 14.68 -15.01 16.13
C GLY E 261 14.67 -13.86 17.10
N SER E 262 13.64 -13.75 17.94
CA SER E 262 13.38 -12.56 18.75
C SER E 262 14.21 -12.57 20.03
N LYS E 263 13.82 -11.71 20.97
CA LYS E 263 14.66 -11.35 22.11
C LYS E 263 14.27 -12.06 23.40
N ALA E 264 13.28 -12.95 23.37
CA ALA E 264 12.95 -13.80 24.50
C ALA E 264 12.59 -12.97 25.74
N GLY E 265 11.49 -12.23 25.60
CA GLY E 265 10.93 -11.48 26.70
C GLY E 265 10.90 -9.98 26.50
N VAL E 266 11.23 -9.49 25.31
CA VAL E 266 11.19 -8.07 24.98
C VAL E 266 10.57 -7.93 23.61
N PHE E 267 9.73 -6.93 23.43
CA PHE E 267 9.10 -6.67 22.14
C PHE E 267 9.60 -5.32 21.65
N ASP E 268 10.60 -5.35 20.79
CA ASP E 268 11.20 -4.12 20.27
C ASP E 268 10.44 -3.76 19.00
N PHE E 269 9.89 -2.54 18.96
CA PHE E 269 9.22 -2.09 17.76
C PHE E 269 10.18 -1.82 16.62
N GLN E 270 11.47 -1.74 16.90
CA GLN E 270 12.47 -1.53 15.85
C GLN E 270 13.04 -2.84 15.32
N ASP E 271 12.64 -3.98 15.88
CA ASP E 271 13.21 -5.26 15.50
C ASP E 271 12.32 -5.92 14.45
N PRO E 272 12.77 -6.05 13.21
CA PRO E 272 11.86 -6.46 12.13
C PRO E 272 11.25 -7.84 12.29
N ILE E 273 11.91 -8.74 13.02
CA ILE E 273 11.31 -10.06 13.25
C ILE E 273 10.08 -9.93 14.12
N ASP E 274 10.14 -9.09 15.16
CA ASP E 274 9.02 -8.97 16.09
C ASP E 274 7.78 -8.43 15.43
N ILE E 275 7.91 -7.38 14.62
CA ILE E 275 6.77 -6.68 14.08
C ILE E 275 6.34 -7.27 12.74
N ARG E 276 6.81 -8.48 12.43
CA ARG E 276 6.51 -9.13 11.16
C ARG E 276 6.94 -8.27 9.98
N GLY E 277 8.11 -7.67 10.10
CA GLY E 277 8.60 -6.83 9.02
C GLY E 277 7.70 -5.68 8.66
N ALA E 278 6.88 -5.21 9.58
CA ALA E 278 5.95 -4.14 9.25
C ALA E 278 6.68 -2.81 9.15
N ARG E 279 6.44 -2.10 8.06
CA ARG E 279 6.91 -0.74 7.91
C ARG E 279 5.78 0.19 8.29
N TRP E 280 6.13 1.39 8.74
CA TRP E 280 5.16 2.41 9.10
C TRP E 280 4.40 2.04 10.37
N ALA E 281 4.02 3.04 11.16
CA ALA E 281 3.38 2.78 12.45
C ALA E 281 2.01 2.14 12.28
N GLY E 282 1.40 2.30 11.11
CA GLY E 282 0.09 1.73 10.91
C GLY E 282 0.09 0.22 11.05
N GLU E 283 1.20 -0.42 10.70
CA GLU E 283 1.30 -1.87 10.75
C GLU E 283 2.23 -2.35 11.85
N SER E 284 3.19 -1.51 12.24
CA SER E 284 4.04 -1.85 13.37
C SER E 284 3.24 -2.00 14.64
N PHE E 285 2.29 -1.08 14.87
CA PHE E 285 1.47 -1.16 16.08
C PHE E 285 0.63 -2.44 16.09
N LYS E 286 -0.04 -2.75 14.99
CA LYS E 286 -0.91 -3.91 14.94
C LYS E 286 -0.21 -5.18 15.36
N ALA E 287 1.08 -5.31 15.04
CA ALA E 287 1.80 -6.52 15.41
C ALA E 287 1.83 -6.69 16.92
N LEU E 288 2.10 -5.60 17.65
CA LEU E 288 1.99 -5.66 19.11
C LEU E 288 0.66 -6.25 19.51
N LEU E 289 -0.40 -5.82 18.84
CA LEU E 289 -1.72 -6.37 19.07
C LEU E 289 -1.70 -7.89 18.97
N PHE E 290 -1.21 -8.41 17.84
CA PHE E 290 -1.08 -9.84 17.68
C PHE E 290 -0.32 -10.44 18.85
N GLN E 291 0.81 -9.82 19.20
CA GLN E 291 1.64 -10.39 20.24
C GLN E 291 0.84 -10.59 21.52
N ILE E 292 -0.01 -9.62 21.85
CA ILE E 292 -0.79 -9.73 23.09
C ILE E 292 -1.62 -11.00 23.06
N ASP E 293 -2.32 -11.23 21.94
CA ASP E 293 -3.11 -12.45 21.82
C ASP E 293 -2.29 -13.67 22.17
N LYS E 294 -1.06 -13.73 21.67
CA LYS E 294 -0.19 -14.86 21.97
C LYS E 294 -0.16 -15.11 23.46
N GLU E 295 0.25 -14.09 24.24
CA GLU E 295 0.35 -14.28 25.68
C GLU E 295 -0.98 -14.77 26.23
N ALA E 296 -2.07 -14.15 25.79
CA ALA E 296 -3.38 -14.54 26.28
C ALA E 296 -3.59 -16.04 26.10
N VAL E 297 -3.38 -16.53 24.89
CA VAL E 297 -3.64 -17.95 24.64
C VAL E 297 -2.79 -18.80 25.56
N GLU E 298 -1.54 -18.39 25.78
CA GLU E 298 -0.65 -19.22 26.58
C GLU E 298 -1.19 -19.40 27.99
N ILE E 299 -1.85 -18.38 28.52
CA ILE E 299 -2.42 -18.53 29.86
C ILE E 299 -3.43 -19.66 29.87
N ALA E 300 -4.30 -19.70 28.86
CA ALA E 300 -5.30 -20.75 28.79
C ALA E 300 -4.65 -22.11 28.74
N ARG E 301 -3.38 -22.17 28.34
CA ARG E 301 -2.70 -23.45 28.34
C ARG E 301 -2.18 -23.79 29.72
N GLN E 302 -1.55 -22.83 30.40
CA GLN E 302 -0.85 -23.17 31.63
C GLN E 302 -1.81 -23.20 32.81
N THR E 303 -2.69 -22.23 32.92
CA THR E 303 -3.65 -22.24 34.01
C THR E 303 -4.71 -23.31 33.80
N GLY E 304 -5.13 -23.50 32.57
CA GLY E 304 -6.22 -24.41 32.33
C GLY E 304 -7.57 -23.85 32.65
N ARG E 305 -7.66 -22.60 33.07
CA ARG E 305 -8.93 -22.02 33.44
C ARG E 305 -9.52 -21.13 32.36
N GLY E 306 -8.73 -20.65 31.41
CA GLY E 306 -9.25 -19.77 30.38
C GLY E 306 -8.23 -18.78 29.85
N GLU E 307 -8.57 -18.08 28.77
CA GLU E 307 -7.63 -17.15 28.17
C GLU E 307 -7.48 -15.91 29.05
N GLY E 308 -6.60 -15.02 28.63
CA GLY E 308 -6.36 -13.81 29.38
C GLY E 308 -7.56 -12.88 29.45
N ASN E 309 -7.70 -12.16 30.56
CA ASN E 309 -8.77 -11.20 30.73
C ASN E 309 -8.28 -9.77 30.79
N PHE E 310 -7.21 -9.50 31.54
CA PHE E 310 -6.87 -8.13 31.85
C PHE E 310 -5.42 -7.87 31.50
N ILE E 311 -5.16 -6.63 31.11
CA ILE E 311 -3.85 -6.20 30.64
C ILE E 311 -3.44 -5.00 31.48
N ILE E 312 -2.44 -5.17 32.32
CA ILE E 312 -1.87 -4.06 33.08
C ILE E 312 -0.70 -3.54 32.28
N ALA E 313 -0.84 -2.36 31.68
CA ALA E 313 0.16 -1.90 30.74
C ALA E 313 0.56 -0.48 31.07
N SER E 314 1.78 -0.14 30.71
CA SER E 314 2.29 1.18 30.99
C SER E 314 1.50 2.24 30.23
N ARG E 315 1.83 3.51 30.49
CA ARG E 315 1.12 4.61 29.85
C ARG E 315 1.24 4.51 28.34
N ASN E 316 2.47 4.36 27.84
CA ASN E 316 2.68 4.36 26.40
C ASN E 316 2.02 3.18 25.72
N VAL E 317 1.98 2.02 26.38
CA VAL E 317 1.35 0.87 25.74
C VAL E 317 -0.14 1.11 25.58
N VAL E 318 -0.77 1.74 26.57
CA VAL E 318 -2.18 2.09 26.42
C VAL E 318 -2.35 3.13 25.32
N ASN E 319 -1.47 4.13 25.29
CA ASN E 319 -1.52 5.14 24.25
C ASN E 319 -1.41 4.52 22.86
N VAL E 320 -0.51 3.55 22.71
CA VAL E 320 -0.38 2.83 21.44
C VAL E 320 -1.65 2.07 21.14
N LEU E 321 -2.20 1.38 22.13
CA LEU E 321 -3.38 0.56 21.88
C LEU E 321 -4.54 1.42 21.41
N ALA E 322 -4.70 2.61 22.00
CA ALA E 322 -5.80 3.49 21.61
C ALA E 322 -5.59 4.04 20.21
N SER E 323 -4.35 4.21 19.80
CA SER E 323 -4.03 4.94 18.58
C SER E 323 -3.97 4.07 17.34
N VAL E 324 -4.24 2.78 17.46
CA VAL E 324 -4.20 1.88 16.30
C VAL E 324 -5.51 1.10 16.23
N ASP E 325 -5.99 0.90 15.02
CA ASP E 325 -7.20 0.12 14.79
C ASP E 325 -6.96 -1.28 15.35
N THR E 326 -7.77 -1.67 16.33
CA THR E 326 -7.62 -2.97 16.97
C THR E 326 -8.37 -4.07 16.24
N GLY E 327 -9.41 -3.74 15.48
CA GLY E 327 -10.10 -4.73 14.71
C GLY E 327 -9.33 -5.10 13.46
N ILE E 328 -9.86 -6.09 12.74
CA ILE E 328 -9.21 -6.62 11.55
C ILE E 328 -9.57 -5.69 10.41
N SER E 329 -8.76 -4.67 10.18
CA SER E 329 -9.03 -3.75 9.08
C SER E 329 -7.76 -2.99 8.72
N TYR E 330 -7.48 -2.93 7.41
CA TYR E 330 -6.37 -2.19 6.83
C TYR E 330 -5.13 -2.24 7.69
N ALA E 331 -4.37 -1.17 7.64
CA ALA E 331 -3.52 -0.77 8.75
C ALA E 331 -3.81 0.70 8.98
N ALA E 332 -4.22 1.04 10.19
CA ALA E 332 -4.69 2.38 10.45
C ALA E 332 -4.07 2.87 11.75
N GLN E 333 -3.95 4.20 11.84
CA GLN E 333 -3.43 4.83 13.03
C GLN E 333 -3.87 6.28 13.01
N GLY E 334 -3.84 6.90 14.19
CA GLY E 334 -4.26 8.30 14.29
C GLY E 334 -4.37 8.73 15.72
N LEU E 335 -5.16 9.78 15.93
CA LEU E 335 -5.37 10.30 17.27
C LEU E 335 -6.07 9.27 18.14
N ALA E 336 -5.60 9.13 19.37
CA ALA E 336 -6.17 8.15 20.28
C ALA E 336 -7.62 8.48 20.60
N THR E 337 -8.47 7.48 20.45
CA THR E 337 -9.89 7.69 20.73
C THR E 337 -10.43 6.77 21.81
N GLY E 338 -10.05 5.50 21.80
CA GLY E 338 -10.75 4.54 22.63
C GLY E 338 -10.53 4.70 24.12
N PHE E 339 -9.29 4.90 24.54
CA PHE E 339 -8.87 4.51 25.87
C PHE E 339 -8.58 5.74 26.72
N SER E 340 -8.95 5.66 28.00
CA SER E 340 -8.66 6.75 28.91
C SER E 340 -7.19 6.71 29.31
N THR E 341 -6.39 7.57 28.67
CA THR E 341 -4.95 7.50 28.81
C THR E 341 -4.40 8.32 29.96
N ASP E 342 -4.99 9.46 30.29
CA ASP E 342 -4.47 10.18 31.43
C ASP E 342 -4.83 9.43 32.70
N THR E 343 -3.89 9.44 33.64
CA THR E 343 -4.02 8.65 34.87
C THR E 343 -4.52 9.49 36.03
N THR E 344 -5.25 10.55 35.75
CA THR E 344 -5.86 11.36 36.79
C THR E 344 -7.33 11.09 36.98
N LYS E 345 -8.11 11.11 35.90
CA LYS E 345 -9.54 10.86 36.03
C LYS E 345 -9.82 9.46 36.56
N SER E 346 -9.08 8.47 36.05
CA SER E 346 -9.17 7.11 36.55
C SER E 346 -7.97 6.34 36.03
N VAL E 347 -7.75 5.15 36.59
CA VAL E 347 -6.62 4.34 36.18
C VAL E 347 -7.06 3.27 35.19
N PHE E 348 -8.20 2.64 35.44
CA PHE E 348 -8.78 1.73 34.47
C PHE E 348 -8.86 2.41 33.11
N ALA E 349 -8.08 1.90 32.16
CA ALA E 349 -7.98 2.52 30.84
C ALA E 349 -9.17 2.21 29.95
N GLY E 350 -9.57 0.96 29.84
CA GLY E 350 -10.73 0.66 29.04
C GLY E 350 -10.88 -0.82 28.80
N VAL E 351 -11.66 -1.14 27.77
CA VAL E 351 -11.82 -2.52 27.32
C VAL E 351 -11.34 -2.59 25.88
N LEU E 352 -10.34 -3.41 25.65
CA LEU E 352 -9.74 -3.59 24.33
C LEU E 352 -10.43 -4.74 23.62
N GLY E 353 -10.90 -4.49 22.40
CA GLY E 353 -11.44 -5.52 21.56
C GLY E 353 -12.62 -6.26 22.13
N GLY E 354 -13.29 -5.69 23.12
CA GLY E 354 -14.38 -6.39 23.77
C GLY E 354 -13.94 -7.58 24.58
N LYS E 355 -12.64 -7.82 24.69
CA LYS E 355 -12.13 -9.02 25.33
C LYS E 355 -11.26 -8.73 26.53
N TYR E 356 -10.38 -7.73 26.45
CA TYR E 356 -9.41 -7.45 27.50
C TYR E 356 -9.81 -6.22 28.28
N ARG E 357 -9.43 -6.18 29.55
CA ARG E 357 -9.61 -4.99 30.36
C ARG E 357 -8.26 -4.34 30.59
N VAL E 358 -7.97 -3.27 29.86
CA VAL E 358 -6.69 -2.61 29.94
C VAL E 358 -6.70 -1.68 31.15
N TYR E 359 -5.82 -1.97 32.11
CA TYR E 359 -5.58 -1.15 33.27
C TYR E 359 -4.24 -0.45 33.13
N ILE E 360 -4.25 0.87 33.26
CA ILE E 360 -3.03 1.66 33.15
C ILE E 360 -2.23 1.43 34.42
N ASP E 361 -0.91 1.30 34.26
CA ASP E 361 -0.01 1.33 35.41
C ASP E 361 0.66 2.69 35.42
N GLN E 362 0.08 3.63 36.16
CA GLN E 362 0.59 4.99 36.14
C GLN E 362 2.03 5.08 36.62
N TYR E 363 2.50 4.14 37.43
CA TYR E 363 3.88 4.16 37.92
C TYR E 363 4.59 2.96 37.31
N ALA E 364 5.07 3.14 36.09
CA ALA E 364 5.80 2.12 35.36
C ALA E 364 7.26 2.50 35.33
N LYS E 365 8.12 1.54 35.65
CA LYS E 365 9.54 1.87 35.72
C LYS E 365 10.11 2.16 34.35
N GLN E 366 10.04 1.21 33.41
CA GLN E 366 10.43 1.58 32.06
C GLN E 366 9.32 1.46 31.02
N ASP E 367 8.83 0.24 30.80
CA ASP E 367 7.77 -0.01 29.83
C ASP E 367 7.39 -1.48 29.88
N TYR E 368 6.12 -1.82 29.77
CA TYR E 368 5.75 -3.23 29.72
C TYR E 368 4.27 -3.38 29.44
N PHE E 369 3.82 -4.63 29.43
CA PHE E 369 2.43 -4.97 29.63
C PHE E 369 2.37 -6.39 30.18
N THR E 370 1.41 -6.60 31.07
CA THR E 370 1.20 -7.88 31.73
C THR E 370 -0.20 -8.37 31.40
N VAL E 371 -0.30 -9.55 30.81
CA VAL E 371 -1.57 -10.15 30.49
C VAL E 371 -1.90 -11.19 31.55
N GLY E 372 -3.03 -11.02 32.21
CA GLY E 372 -3.38 -11.90 33.31
C GLY E 372 -4.73 -12.53 33.08
N TYR E 373 -5.22 -13.21 34.10
CA TYR E 373 -6.51 -13.86 34.08
C TYR E 373 -7.24 -13.62 35.39
N LYS E 374 -8.55 -13.41 35.32
CA LYS E 374 -9.39 -13.33 36.51
C LYS E 374 -10.72 -14.01 36.21
N GLY E 375 -10.96 -15.13 36.87
CA GLY E 375 -12.11 -15.95 36.58
C GLY E 375 -13.39 -15.33 37.08
N PRO E 376 -14.52 -15.99 36.80
CA PRO E 376 -15.80 -15.48 37.32
C PRO E 376 -15.85 -15.47 38.83
N ASN E 377 -15.20 -16.42 39.47
CA ASN E 377 -15.22 -16.55 40.92
C ASN E 377 -14.15 -15.65 41.53
N GLU E 378 -14.15 -15.58 42.86
CA GLU E 378 -13.06 -14.87 43.53
C GLU E 378 -11.91 -15.81 43.84
N MET E 379 -12.10 -17.12 43.65
CA MET E 379 -11.00 -18.06 43.85
C MET E 379 -10.12 -18.17 42.62
N ASP E 380 -10.72 -18.46 41.47
CA ASP E 380 -9.96 -18.62 40.22
C ASP E 380 -9.39 -17.26 39.83
N ALA E 381 -8.40 -16.83 40.61
CA ALA E 381 -7.85 -15.49 40.46
C ALA E 381 -6.37 -15.45 40.17
N GLY E 382 -5.55 -16.23 40.86
CA GLY E 382 -4.12 -16.17 40.68
C GLY E 382 -3.36 -15.61 41.86
N ILE E 383 -3.81 -14.51 42.44
CA ILE E 383 -3.20 -13.97 43.65
C ILE E 383 -4.30 -13.29 44.44
N TYR E 384 -4.19 -13.33 45.76
CA TYR E 384 -5.29 -13.02 46.65
C TYR E 384 -4.91 -11.89 47.60
N TYR E 385 -5.79 -10.91 47.74
CA TYR E 385 -5.65 -9.87 48.75
C TYR E 385 -6.77 -10.01 49.76
N ALA E 386 -6.46 -10.53 50.95
CA ALA E 386 -7.45 -10.95 51.92
C ALA E 386 -7.35 -10.13 53.20
N PRO E 387 -7.98 -8.97 53.26
CA PRO E 387 -7.80 -8.10 54.42
C PRO E 387 -8.34 -8.75 55.68
N TYR E 388 -7.72 -8.40 56.81
CA TYR E 388 -8.07 -8.96 58.10
C TYR E 388 -8.50 -7.91 59.10
N VAL E 389 -7.76 -6.80 59.21
CA VAL E 389 -8.12 -5.69 60.08
C VAL E 389 -8.02 -4.41 59.26
N ALA E 390 -9.05 -3.57 59.34
CA ALA E 390 -9.11 -2.43 58.42
C ALA E 390 -8.75 -1.14 59.14
N LEU E 391 -7.49 -0.73 59.00
CA LEU E 391 -7.03 0.62 59.36
C LEU E 391 -7.46 1.01 60.78
N THR E 392 -6.97 0.29 61.76
CA THR E 392 -7.25 0.64 63.14
C THR E 392 -6.50 1.92 63.50
N PRO E 393 -7.17 2.99 63.88
CA PRO E 393 -6.47 4.21 64.28
C PRO E 393 -6.14 4.21 65.76
N LEU E 394 -5.11 4.97 66.12
CA LEU E 394 -4.65 5.07 67.50
C LEU E 394 -4.10 6.46 67.75
N ARG E 395 -4.26 6.92 68.99
CA ARG E 395 -3.74 8.22 69.43
C ARG E 395 -2.92 8.00 70.70
N GLY E 396 -2.21 9.05 71.11
CA GLY E 396 -1.46 8.96 72.33
C GLY E 396 -0.72 10.25 72.61
N SER E 397 -0.02 10.26 73.75
CA SER E 397 0.76 11.42 74.13
C SER E 397 1.77 11.03 75.19
N ASP E 398 2.98 11.57 75.07
CA ASP E 398 4.04 11.29 76.02
C ASP E 398 3.90 12.25 77.21
N PRO E 399 3.86 11.75 78.44
CA PRO E 399 3.71 12.65 79.59
C PRO E 399 4.91 13.55 79.85
N LYS E 400 6.01 13.43 79.10
CA LYS E 400 7.14 14.30 79.40
C LYS E 400 7.13 15.56 78.54
N ASN E 401 6.44 15.55 77.42
CA ASN E 401 6.36 16.73 76.57
C ASN E 401 4.94 17.09 76.17
N PHE E 402 3.97 16.20 76.39
CA PHE E 402 2.54 16.45 76.16
C PHE E 402 2.21 16.75 74.71
N GLN E 403 3.07 16.38 73.77
CA GLN E 403 2.70 16.59 72.39
C GLN E 403 1.93 15.39 71.87
N PRO E 404 0.86 15.61 71.13
CA PRO E 404 0.04 14.49 70.66
C PRO E 404 0.71 13.74 69.52
N VAL E 405 0.66 12.42 69.60
CA VAL E 405 1.15 11.55 68.54
C VAL E 405 0.01 10.60 68.16
N MET E 406 0.07 10.09 66.94
CA MET E 406 -0.99 9.20 66.49
C MET E 406 -0.42 8.23 65.49
N GLY E 407 -1.25 7.26 65.10
CA GLY E 407 -0.80 6.23 64.18
C GLY E 407 -1.96 5.40 63.69
N PHE E 408 -1.65 4.51 62.76
CA PHE E 408 -2.60 3.60 62.15
C PHE E 408 -1.96 2.22 62.02
N LYS E 409 -2.81 1.20 62.04
CA LYS E 409 -2.40 -0.19 61.83
C LYS E 409 -3.32 -0.86 60.82
N THR E 410 -2.84 -1.95 60.23
CA THR E 410 -3.61 -2.75 59.29
C THR E 410 -2.97 -4.13 59.19
N ARG E 411 -3.80 -5.13 58.93
CA ARG E 411 -3.32 -6.51 58.74
C ARG E 411 -4.02 -7.10 57.53
N TYR E 412 -3.27 -7.37 56.46
CA TYR E 412 -3.92 -7.90 55.27
C TYR E 412 -3.47 -9.29 54.90
N GLY E 413 -2.19 -9.47 54.63
CA GLY E 413 -1.82 -10.79 54.14
C GLY E 413 -2.19 -10.97 52.67
N ILE E 414 -1.27 -11.59 51.94
CA ILE E 414 -1.44 -11.86 50.52
C ILE E 414 -1.25 -13.35 50.29
N GLY E 415 -2.10 -13.93 49.45
CA GLY E 415 -2.01 -15.34 49.15
C GLY E 415 -1.68 -15.63 47.70
N ILE E 416 -1.02 -16.76 47.47
CA ILE E 416 -0.74 -17.27 46.14
C ILE E 416 -1.75 -18.35 45.84
N ASN E 417 -2.46 -18.22 44.74
CA ASN E 417 -3.48 -19.21 44.42
C ASN E 417 -2.83 -20.57 44.25
N PRO E 418 -3.35 -21.62 44.88
CA PRO E 418 -2.82 -22.96 44.61
C PRO E 418 -3.05 -23.28 43.14
N PHE E 419 -2.17 -24.13 42.61
CA PHE E 419 -2.04 -24.39 41.19
C PHE E 419 -1.46 -23.20 40.44
N ALA E 420 -0.84 -22.24 41.13
CA ALA E 420 -0.18 -21.16 40.42
C ALA E 420 0.99 -21.67 39.59
N GLU E 421 1.86 -22.47 40.20
CA GLU E 421 2.99 -23.02 39.46
C GLU E 421 2.50 -23.82 38.27
N SER E 422 1.48 -24.66 38.47
CA SER E 422 0.73 -25.24 37.38
C SER E 422 1.60 -26.05 36.44
N ALA E 423 2.85 -26.28 36.82
CA ALA E 423 3.66 -27.24 36.09
C ALA E 423 3.81 -28.51 36.91
N ALA E 424 4.29 -28.37 38.15
CA ALA E 424 4.54 -29.53 38.99
C ALA E 424 3.23 -30.25 39.30
N GLN E 425 3.27 -31.57 39.24
CA GLN E 425 2.10 -32.40 39.46
C GLN E 425 1.97 -32.86 40.89
N ALA E 426 2.85 -32.41 41.78
CA ALA E 426 2.75 -32.76 43.19
C ALA E 426 3.57 -31.75 43.98
N PRO E 427 3.04 -31.25 45.09
CA PRO E 427 3.77 -30.25 45.87
C PRO E 427 4.77 -30.91 46.80
N ALA E 428 5.31 -30.10 47.70
CA ALA E 428 6.17 -30.59 48.76
C ALA E 428 5.42 -30.62 50.09
N SER E 429 5.55 -31.74 50.80
CA SER E 429 5.13 -31.90 52.20
C SER E 429 3.62 -31.92 52.39
N ARG E 430 2.85 -31.68 51.33
CA ARG E 430 1.38 -31.73 51.37
C ARG E 430 0.79 -30.59 52.19
N ILE E 431 1.63 -29.76 52.81
CA ILE E 431 1.17 -28.56 53.51
C ILE E 431 2.08 -27.44 53.07
N GLN E 432 1.66 -26.69 52.07
CA GLN E 432 2.51 -25.67 51.48
C GLN E 432 2.20 -24.32 52.08
N SER E 433 3.23 -23.48 52.12
CA SER E 433 3.05 -22.10 52.50
C SER E 433 2.66 -21.28 51.29
N GLY E 434 1.47 -20.72 51.32
CA GLY E 434 0.99 -19.97 50.19
C GLY E 434 1.49 -18.54 50.12
N MET E 435 2.28 -18.12 51.07
CA MET E 435 2.81 -16.78 51.01
C MET E 435 3.71 -16.63 49.79
N PRO E 436 3.56 -15.55 49.03
CA PRO E 436 4.46 -15.33 47.90
C PRO E 436 5.90 -15.25 48.37
N SER E 437 6.79 -15.84 47.58
CA SER E 437 8.22 -15.84 47.89
C SER E 437 8.96 -16.18 46.61
N ILE E 438 10.29 -16.17 46.71
CA ILE E 438 11.11 -16.52 45.55
C ILE E 438 10.84 -17.96 45.12
N LEU E 439 10.78 -18.87 46.08
CA LEU E 439 10.62 -20.27 45.74
C LEU E 439 9.23 -20.56 45.21
N ASN E 440 8.22 -19.95 45.82
CA ASN E 440 6.83 -20.20 45.41
C ASN E 440 6.50 -19.51 44.10
N SER E 441 6.89 -18.26 43.95
CA SER E 441 6.23 -17.45 42.94
C SER E 441 7.13 -16.53 42.14
N LEU E 442 8.44 -16.57 42.26
CA LEU E 442 9.23 -15.63 41.48
C LEU E 442 9.20 -16.04 40.02
N GLY E 443 8.42 -15.32 39.22
CA GLY E 443 8.33 -15.58 37.81
C GLY E 443 7.73 -16.91 37.43
N LYS E 444 6.94 -17.53 38.31
CA LYS E 444 6.35 -18.82 38.01
C LYS E 444 4.85 -18.82 37.93
N ASN E 445 4.18 -17.80 38.44
CA ASN E 445 2.71 -17.82 38.53
C ASN E 445 2.12 -17.84 37.14
N ALA E 446 1.40 -18.90 36.81
CA ALA E 446 0.88 -19.07 35.47
C ALA E 446 -0.14 -18.02 35.09
N TYR E 447 -0.71 -17.32 36.06
CA TYR E 447 -1.87 -16.48 35.78
C TYR E 447 -1.51 -15.14 35.17
N PHE E 448 -0.24 -14.75 35.15
CA PHE E 448 0.17 -13.52 34.50
C PHE E 448 1.41 -13.76 33.67
N ARG E 449 1.45 -13.14 32.49
CA ARG E 449 2.61 -13.20 31.61
C ARG E 449 3.03 -11.78 31.29
N ARG E 450 4.28 -11.45 31.55
CA ARG E 450 4.78 -10.09 31.44
C ARG E 450 5.72 -9.98 30.25
N VAL E 451 5.56 -8.92 29.47
CA VAL E 451 6.43 -8.63 28.34
C VAL E 451 6.81 -7.16 28.43
N TYR E 452 8.08 -6.85 28.21
CA TYR E 452 8.51 -5.48 28.07
C TYR E 452 8.41 -5.07 26.61
N VAL E 453 8.35 -3.77 26.37
CA VAL E 453 8.40 -3.26 25.00
C VAL E 453 9.48 -2.19 24.91
N LYS E 454 9.89 -1.90 23.69
CA LYS E 454 10.92 -0.92 23.45
C LYS E 454 10.55 -0.09 22.23
N GLY E 455 11.10 1.12 22.18
CA GLY E 455 11.03 1.90 20.97
C GLY E 455 9.66 2.37 20.56
N ILE E 456 8.74 2.51 21.50
CA ILE E 456 7.42 3.02 21.18
C ILE E 456 7.50 4.45 20.70
N ALA F 1 -8.69 71.51 -32.42
CA ALA F 1 -7.59 72.18 -31.74
C ALA F 1 -7.91 72.38 -30.27
N GLU F 2 -9.14 72.05 -29.88
CA GLU F 2 -9.56 72.18 -28.49
C GLU F 2 -9.44 70.83 -27.81
N ILE F 3 -8.21 70.33 -27.74
CA ILE F 3 -7.95 69.03 -27.17
C ILE F 3 -7.99 69.14 -25.65
N GLY F 4 -8.64 68.16 -25.02
CA GLY F 4 -8.62 68.13 -23.57
C GLY F 4 -7.23 67.89 -23.02
N GLY F 5 -6.42 67.16 -23.75
CA GLY F 5 -5.09 66.86 -23.28
C GLY F 5 -5.15 65.87 -22.13
N ASP F 6 -4.03 65.73 -21.46
CA ASP F 6 -3.90 64.78 -20.38
C ASP F 6 -2.74 65.19 -19.48
N HIS F 7 -2.74 64.66 -18.28
CA HIS F 7 -1.63 64.73 -17.36
C HIS F 7 -0.48 63.88 -17.89
N GLY F 8 0.72 64.21 -17.47
CA GLY F 8 1.88 63.46 -17.92
C GLY F 8 2.08 62.13 -17.23
N TYR F 9 1.05 61.57 -16.61
CA TYR F 9 1.17 60.38 -15.78
C TYR F 9 2.17 60.59 -14.65
N ASN F 10 2.40 61.85 -14.30
CA ASN F 10 3.21 62.21 -13.14
C ASN F 10 2.28 62.24 -11.94
N ALA F 11 2.61 61.46 -10.91
CA ALA F 11 1.70 61.33 -9.77
C ALA F 11 1.40 62.70 -9.18
N THR F 12 2.41 63.56 -9.09
CA THR F 12 2.16 64.93 -8.65
C THR F 12 1.25 65.66 -9.64
N ASN F 13 1.50 65.49 -10.93
CA ASN F 13 0.64 66.15 -11.91
C ASN F 13 -0.79 65.63 -11.85
N ILE F 14 -0.95 64.31 -11.69
CA ILE F 14 -2.31 63.77 -11.61
C ILE F 14 -3.03 64.29 -10.38
N ALA F 15 -2.33 64.33 -9.24
CA ALA F 15 -2.96 64.86 -8.04
C ALA F 15 -3.31 66.33 -8.19
N ALA F 16 -2.42 67.11 -8.80
CA ALA F 16 -2.64 68.54 -8.94
C ALA F 16 -3.46 68.88 -10.16
N GLY F 17 -3.97 67.90 -10.89
CA GLY F 17 -4.89 68.18 -11.97
C GLY F 17 -4.31 68.97 -13.11
N GLN F 18 -2.98 69.04 -13.20
CA GLN F 18 -2.30 69.71 -14.29
C GLN F 18 -2.58 68.96 -15.58
N THR F 19 -2.94 69.70 -16.63
CA THR F 19 -3.10 69.11 -17.94
C THR F 19 -2.39 69.97 -18.99
N SER F 20 -1.97 69.32 -20.06
CA SER F 20 -1.43 70.01 -21.21
C SER F 20 -2.50 70.38 -22.24
N GLY F 21 -3.76 70.09 -21.95
CA GLY F 21 -4.83 70.48 -22.84
C GLY F 21 -5.48 71.79 -22.43
N ALA F 22 -6.70 72.03 -22.90
CA ALA F 22 -7.33 73.33 -22.67
C ALA F 22 -7.94 73.43 -21.28
N VAL F 23 -8.25 72.31 -20.65
CA VAL F 23 -9.08 72.28 -19.46
C VAL F 23 -8.27 71.81 -18.27
N THR F 24 -8.05 72.70 -17.30
CA THR F 24 -7.42 72.30 -16.06
C THR F 24 -8.44 71.59 -15.19
N GLN F 25 -8.05 70.48 -14.59
CA GLN F 25 -8.97 69.59 -13.91
C GLN F 25 -9.16 70.01 -12.46
N ILE F 26 -10.32 69.65 -11.92
CA ILE F 26 -10.58 69.90 -10.50
C ILE F 26 -9.55 69.18 -9.65
N GLY F 27 -9.37 67.90 -9.90
CA GLY F 27 -8.53 67.06 -9.08
C GLY F 27 -8.87 65.61 -9.27
N PRO F 28 -8.11 64.76 -8.65
CA PRO F 28 -8.19 63.32 -8.93
C PRO F 28 -9.22 62.55 -8.11
N ALA F 29 -10.43 63.10 -8.02
CA ALA F 29 -11.56 62.45 -7.35
C ALA F 29 -11.16 61.81 -6.02
N VAL F 30 -11.81 60.71 -5.65
CA VAL F 30 -11.50 59.97 -4.43
C VAL F 30 -12.04 58.56 -4.54
N MET F 31 -11.31 57.61 -3.96
CA MET F 31 -11.70 56.21 -3.99
C MET F 31 -11.69 55.56 -2.62
N GLY F 32 -11.64 56.37 -1.56
CA GLY F 32 -11.69 55.82 -0.23
C GLY F 32 -10.34 55.85 0.47
N MET F 33 -10.35 55.34 1.71
CA MET F 33 -9.15 55.27 2.52
C MET F 33 -9.05 53.88 3.14
N VAL F 34 -7.85 53.31 3.10
CA VAL F 34 -7.61 51.92 3.48
C VAL F 34 -6.56 51.90 4.57
N ARG F 35 -6.73 50.99 5.54
CA ARG F 35 -5.78 50.85 6.64
C ARG F 35 -5.73 49.39 7.07
N ARG F 36 -4.65 49.06 7.78
CA ARG F 36 -4.40 47.69 8.19
C ARG F 36 -5.52 47.18 9.08
N ALA F 37 -6.05 46.01 8.75
CA ALA F 37 -6.93 45.32 9.66
C ALA F 37 -6.15 44.95 10.92
N ILE F 38 -6.78 45.11 12.06
CA ILE F 38 -6.09 44.90 13.33
C ILE F 38 -5.97 43.39 13.57
N PRO F 39 -4.77 42.89 13.88
CA PRO F 39 -4.60 41.45 14.02
C PRO F 39 -5.40 40.89 15.18
N ASN F 40 -5.81 39.64 15.03
CA ASN F 40 -6.61 38.99 16.07
C ASN F 40 -5.76 38.74 17.31
N LEU F 41 -6.39 38.13 18.31
CA LEU F 41 -5.74 37.80 19.55
C LEU F 41 -6.06 36.36 19.92
N ILE F 42 -5.31 35.82 20.88
CA ILE F 42 -5.46 34.42 21.26
C ILE F 42 -6.38 34.23 22.44
N ALA F 43 -7.01 35.30 22.93
CA ALA F 43 -7.80 35.32 24.16
C ALA F 43 -6.97 34.84 25.34
N PHE F 44 -7.61 34.33 26.38
CA PHE F 44 -6.87 33.82 27.53
C PHE F 44 -7.53 32.57 28.10
N ASP F 45 -8.09 31.73 27.24
CA ASP F 45 -8.51 30.42 27.69
C ASP F 45 -7.33 29.49 27.91
N ILE F 46 -6.13 29.93 27.58
CA ILE F 46 -4.93 29.13 27.66
C ILE F 46 -4.11 29.48 28.89
N CYS F 47 -4.56 30.44 29.68
CA CYS F 47 -3.87 30.80 30.91
C CYS F 47 -4.88 31.43 31.86
N GLY F 48 -4.63 31.28 33.14
CA GLY F 48 -5.52 31.84 34.14
C GLY F 48 -5.52 33.35 34.14
N VAL F 49 -6.52 33.92 34.83
CA VAL F 49 -6.63 35.37 34.90
C VAL F 49 -6.37 35.83 36.33
N GLN F 50 -7.25 35.48 37.25
CA GLN F 50 -7.01 35.72 38.67
C GLN F 50 -6.58 37.16 38.93
N PRO F 51 -7.46 38.15 38.76
CA PRO F 51 -7.03 39.54 38.83
C PRO F 51 -6.50 39.91 40.20
N MET F 52 -5.60 40.87 40.21
CA MET F 52 -5.04 41.41 41.43
C MET F 52 -5.74 42.72 41.77
N ASN F 53 -6.36 42.75 42.96
CA ASN F 53 -7.00 43.96 43.46
C ASN F 53 -6.02 44.79 44.28
N SER F 54 -4.81 44.27 44.48
CA SER F 54 -3.73 45.02 45.10
C SER F 54 -2.43 44.49 44.51
N PRO F 55 -1.38 45.31 44.47
CA PRO F 55 -0.11 44.83 43.92
C PRO F 55 0.50 43.76 44.81
N THR F 56 1.31 42.91 44.19
CA THR F 56 2.09 41.89 44.88
C THR F 56 1.21 40.89 45.63
N GLY F 57 0.54 40.04 44.87
CA GLY F 57 -0.20 38.94 45.46
C GLY F 57 0.71 37.89 46.06
N GLN F 58 0.11 36.77 46.47
CA GLN F 58 0.88 35.62 46.92
C GLN F 58 0.00 34.38 46.90
N VAL F 59 0.64 33.22 47.05
CA VAL F 59 -0.03 31.92 46.92
C VAL F 59 0.70 30.90 47.76
N PHE F 60 -0.03 29.90 48.27
CA PHE F 60 0.53 28.87 49.14
C PHE F 60 0.45 27.50 48.49
N ALA F 61 1.47 26.67 48.75
CA ALA F 61 1.55 25.32 48.21
C ALA F 61 1.87 24.35 49.33
N LEU F 62 1.22 23.19 49.32
CA LEU F 62 1.36 22.21 50.38
C LEU F 62 1.93 20.92 49.83
N ARG F 63 3.01 20.45 50.43
CA ARG F 63 3.66 19.22 50.03
C ARG F 63 3.62 18.22 51.18
N ALA F 64 3.23 16.99 50.87
CA ALA F 64 3.26 15.91 51.84
C ALA F 64 4.59 15.20 51.78
N VAL F 65 5.30 15.18 52.91
CA VAL F 65 6.63 14.62 53.00
C VAL F 65 6.60 13.55 54.07
N TYR F 66 7.38 12.49 53.88
CA TYR F 66 7.54 11.52 54.94
C TYR F 66 8.99 11.39 55.37
N GLY F 67 9.18 10.90 56.59
CA GLY F 67 10.51 10.68 57.11
C GLY F 67 10.94 11.55 58.27
N LYS F 68 10.01 11.88 59.17
CA LYS F 68 10.36 12.47 60.47
C LYS F 68 10.90 13.88 60.35
N ASP F 69 11.03 14.40 59.13
CA ASP F 69 11.52 15.76 58.95
C ASP F 69 10.92 16.35 57.69
N PRO F 70 9.82 17.10 57.78
CA PRO F 70 9.22 17.67 56.57
C PRO F 70 10.14 18.60 55.80
N VAL F 71 11.10 19.23 56.46
CA VAL F 71 12.03 20.13 55.80
C VAL F 71 13.44 19.59 55.99
N ALA F 72 13.92 18.86 54.99
CA ALA F 72 15.25 18.27 55.02
C ALA F 72 15.59 17.82 53.61
N ALA F 73 16.84 18.08 53.22
CA ALA F 73 17.27 17.78 51.86
C ALA F 73 17.13 16.29 51.59
N GLY F 74 16.73 15.96 50.37
CA GLY F 74 16.58 14.58 49.98
C GLY F 74 15.33 13.89 50.48
N ALA F 75 14.43 14.61 51.15
CA ALA F 75 13.17 14.02 51.55
C ALA F 75 12.30 13.73 50.34
N LYS F 76 11.53 12.66 50.40
CA LYS F 76 10.70 12.21 49.30
C LYS F 76 9.27 12.67 49.50
N GLU F 77 8.73 13.38 48.52
CA GLU F 77 7.36 13.87 48.57
C GLU F 77 6.38 12.71 48.49
N ALA F 78 5.26 12.82 49.22
CA ALA F 78 4.40 11.66 49.40
C ALA F 78 3.46 11.43 48.22
N PHE F 79 2.58 12.37 47.96
CA PHE F 79 1.60 12.22 46.88
C PHE F 79 2.12 12.99 45.69
N HIS F 80 2.70 12.27 44.73
CA HIS F 80 3.42 12.89 43.67
C HIS F 80 3.01 12.23 42.37
N PRO F 81 2.79 12.99 41.31
CA PRO F 81 2.43 12.36 40.03
C PRO F 81 3.56 11.57 39.42
N MET F 82 4.77 12.12 39.37
CA MET F 82 5.86 11.47 38.69
C MET F 82 6.46 10.30 39.47
N TYR F 83 6.19 10.21 40.75
CA TYR F 83 6.91 9.28 41.61
C TYR F 83 5.94 8.35 42.32
N GLY F 84 6.21 7.06 42.26
CA GLY F 84 5.45 6.10 43.00
C GLY F 84 5.83 6.12 44.46
N PRO F 85 4.94 5.56 45.29
CA PRO F 85 5.19 5.56 46.73
C PRO F 85 6.10 4.42 47.15
N ASP F 86 6.73 4.62 48.30
CA ASP F 86 7.63 3.61 48.87
C ASP F 86 6.77 2.48 49.42
N ALA F 87 6.46 1.51 48.56
CA ALA F 87 5.51 0.47 48.93
C ALA F 87 6.01 -0.36 50.10
N MET F 88 7.17 -0.03 50.65
CA MET F 88 7.66 -0.63 51.87
C MET F 88 7.90 0.38 52.98
N PHE F 89 7.47 1.63 52.80
CA PHE F 89 7.67 2.64 53.84
C PHE F 89 6.92 2.26 55.10
N SER F 90 5.70 1.76 54.94
CA SER F 90 4.93 1.25 56.06
C SER F 90 5.03 -0.25 56.21
N GLY F 91 5.64 -0.94 55.25
CA GLY F 91 5.68 -2.39 55.29
C GLY F 91 6.90 -2.91 56.01
N GLN F 92 7.70 -3.73 55.35
CA GLN F 92 8.89 -4.27 55.98
C GLN F 92 9.95 -3.20 56.19
N GLY F 93 9.90 -2.13 55.42
CA GLY F 93 10.93 -1.10 55.54
C GLY F 93 11.00 -0.46 56.91
N ALA F 94 9.89 -0.37 57.62
CA ALA F 94 9.91 0.14 58.97
C ALA F 94 10.60 -0.80 59.94
N ALA F 95 10.64 -2.10 59.61
CA ALA F 95 11.24 -3.10 60.48
C ALA F 95 12.74 -3.25 60.24
N LYS F 96 13.14 -3.33 58.97
CA LYS F 96 14.54 -3.52 58.65
C LYS F 96 14.97 -2.52 57.58
N LYS F 97 16.11 -1.89 57.82
CA LYS F 97 16.70 -1.01 56.83
C LYS F 97 17.20 -1.83 55.64
N PHE F 98 17.19 -1.20 54.48
CA PHE F 98 17.66 -1.85 53.27
C PHE F 98 18.83 -1.09 52.67
N PRO F 99 19.89 -1.78 52.27
CA PRO F 99 21.01 -1.08 51.64
C PRO F 99 20.62 -0.44 50.33
N ALA F 100 21.13 0.76 50.12
CA ALA F 100 20.89 1.48 48.88
C ALA F 100 21.69 0.85 47.76
N LEU F 101 21.13 0.91 46.55
CA LEU F 101 21.73 0.30 45.38
C LEU F 101 22.70 1.30 44.75
N ALA F 102 23.99 1.10 44.98
CA ALA F 102 25.00 2.00 44.44
C ALA F 102 26.02 1.18 43.66
N ALA F 103 26.60 1.80 42.64
CA ALA F 103 27.49 1.11 41.72
C ALA F 103 28.57 0.35 42.47
N SER F 104 29.01 -0.76 41.87
CA SER F 104 29.98 -1.73 42.37
C SER F 104 29.37 -2.65 43.43
N THR F 105 28.10 -2.46 43.79
CA THR F 105 27.47 -3.34 44.77
C THR F 105 27.26 -4.72 44.16
N GLN F 106 27.60 -5.75 44.90
CA GLN F 106 27.34 -7.11 44.50
C GLN F 106 26.17 -7.64 45.31
N THR F 107 25.12 -8.07 44.63
CA THR F 107 23.85 -8.41 45.25
C THR F 107 23.84 -9.88 45.60
N THR F 108 23.37 -10.20 46.80
CA THR F 108 23.16 -11.58 47.21
C THR F 108 21.82 -12.05 46.68
N VAL F 109 21.73 -13.34 46.35
CA VAL F 109 20.44 -13.88 45.92
C VAL F 109 19.51 -13.91 47.12
N GLY F 110 18.41 -13.16 47.03
CA GLY F 110 17.38 -13.17 48.04
C GLY F 110 17.29 -11.89 48.86
N ASP F 111 18.22 -10.96 48.69
CA ASP F 111 18.18 -9.73 49.45
C ASP F 111 17.50 -8.61 48.66
N ILE F 112 17.19 -7.52 49.35
CA ILE F 112 16.43 -6.42 48.79
C ILE F 112 17.26 -5.16 48.88
N TYR F 113 17.21 -4.34 47.82
CA TYR F 113 17.89 -3.05 47.77
C TYR F 113 16.93 -2.01 47.20
N THR F 114 17.02 -0.79 47.68
CA THR F 114 16.13 0.26 47.22
C THR F 114 16.85 1.18 46.25
N HIS F 115 16.08 1.74 45.32
CA HIS F 115 16.63 2.73 44.42
C HIS F 115 15.60 3.82 44.22
N PHE F 116 16.05 4.96 43.70
CA PHE F 116 15.19 6.08 43.36
C PHE F 116 15.62 6.61 42.00
N PHE F 117 14.89 6.23 40.95
CA PHE F 117 15.21 6.72 39.63
C PHE F 117 14.92 8.21 39.54
N GLN F 118 15.53 8.87 38.55
CA GLN F 118 15.34 10.30 38.40
C GLN F 118 13.95 10.64 37.90
N GLU F 119 13.21 9.64 37.47
CA GLU F 119 11.75 9.69 37.43
C GLU F 119 11.23 8.43 38.11
N THR F 120 9.92 8.30 38.19
CA THR F 120 9.32 7.02 38.57
C THR F 120 9.66 6.61 40.01
N GLY F 121 10.41 7.46 40.71
CA GLY F 121 10.46 7.38 42.17
C GLY F 121 11.15 6.20 42.81
N THR F 122 10.77 5.92 44.05
CA THR F 122 11.39 4.87 44.83
C THR F 122 10.88 3.50 44.38
N VAL F 123 11.78 2.52 44.40
CA VAL F 123 11.44 1.13 44.11
C VAL F 123 12.27 0.24 45.03
N TYR F 124 11.72 -0.92 45.37
CA TYR F 124 12.38 -1.88 46.24
C TYR F 124 12.58 -3.17 45.46
N LEU F 125 13.82 -3.45 45.09
CA LEU F 125 14.16 -4.51 44.16
C LEU F 125 14.80 -5.67 44.91
N GLN F 126 14.21 -6.84 44.78
CA GLN F 126 14.79 -8.07 45.27
C GLN F 126 15.70 -8.66 44.19
N ALA F 127 16.88 -9.10 44.61
CA ALA F 127 17.83 -9.68 43.67
C ALA F 127 17.64 -11.19 43.63
N SER F 128 17.48 -11.73 42.43
CA SER F 128 17.32 -13.16 42.23
C SER F 128 18.59 -13.86 41.80
N VAL F 129 19.49 -13.16 41.11
CA VAL F 129 20.72 -13.72 40.58
C VAL F 129 21.88 -12.84 41.02
N GLN F 130 22.91 -13.47 41.57
CA GLN F 130 24.04 -12.72 42.11
C GLN F 130 24.80 -12.03 40.99
N VAL F 131 24.63 -10.71 40.87
CA VAL F 131 25.32 -9.91 39.85
C VAL F 131 25.84 -8.64 40.50
N THR F 132 26.76 -7.98 39.80
CA THR F 132 27.24 -6.66 40.17
C THR F 132 26.78 -5.65 39.12
N ILE F 133 26.87 -4.38 39.47
CA ILE F 133 26.17 -3.34 38.74
C ILE F 133 27.12 -2.35 38.07
N ASP F 134 28.23 -2.84 37.55
CA ASP F 134 29.07 -2.02 36.66
C ASP F 134 29.62 -0.79 37.36
N ALA F 135 30.61 -1.00 38.24
CA ALA F 135 31.15 0.04 39.10
C ALA F 135 31.40 1.37 38.39
N GLY F 136 31.59 1.37 37.09
CA GLY F 136 31.83 2.60 36.37
C GLY F 136 30.63 3.52 36.22
N ALA F 137 29.46 3.11 36.72
CA ALA F 137 28.24 3.92 36.58
C ALA F 137 28.09 4.86 37.77
N THR F 138 28.75 6.02 37.66
CA THR F 138 28.72 7.01 38.72
C THR F 138 27.63 8.07 38.55
N ASP F 139 27.28 8.41 37.32
CA ASP F 139 26.21 9.36 37.09
C ASP F 139 24.89 8.79 37.58
N ALA F 140 23.96 9.68 37.93
CA ALA F 140 22.61 9.24 38.25
C ALA F 140 21.96 8.57 37.04
N ALA F 141 22.12 9.16 35.85
CA ALA F 141 21.53 8.58 34.66
C ALA F 141 22.13 7.21 34.34
N LYS F 142 23.46 7.09 34.46
CA LYS F 142 24.10 5.79 34.23
C LYS F 142 23.61 4.75 35.22
N LEU F 143 23.46 5.15 36.48
CA LEU F 143 22.96 4.22 37.48
C LEU F 143 21.54 3.78 37.16
N ASP F 144 20.69 4.72 36.75
CA ASP F 144 19.33 4.36 36.34
C ASP F 144 19.35 3.39 35.17
N ALA F 145 20.20 3.66 34.18
CA ALA F 145 20.27 2.78 33.02
C ALA F 145 20.72 1.38 33.40
N GLU F 146 21.76 1.28 34.22
CA GLU F 146 22.28 -0.04 34.58
C GLU F 146 21.26 -0.82 35.39
N ILE F 147 20.61 -0.18 36.36
CA ILE F 147 19.61 -0.88 37.15
C ILE F 147 18.41 -1.26 36.29
N LYS F 148 18.06 -0.41 35.32
CA LYS F 148 16.98 -0.75 34.41
C LYS F 148 17.32 -1.97 33.58
N LYS F 149 18.56 -2.05 33.08
CA LYS F 149 18.97 -3.23 32.33
C LYS F 149 18.92 -4.47 33.19
N GLN F 150 19.39 -4.37 34.43
CA GLN F 150 19.30 -5.51 35.33
C GLN F 150 17.85 -5.93 35.55
N MET F 151 16.94 -4.96 35.74
CA MET F 151 15.54 -5.29 35.97
C MET F 151 14.92 -5.95 34.75
N GLU F 152 15.19 -5.43 33.56
CA GLU F 152 14.66 -6.05 32.35
C GLU F 152 15.23 -7.45 32.17
N ALA F 153 16.44 -7.69 32.65
CA ALA F 153 16.98 -9.04 32.61
C ALA F 153 16.36 -9.96 33.65
N GLY F 154 15.68 -9.41 34.65
CA GLY F 154 15.06 -10.23 35.67
C GLY F 154 15.88 -10.46 36.91
N ALA F 155 17.11 -9.94 36.98
CA ALA F 155 17.89 -10.10 38.20
C ALA F 155 17.30 -9.30 39.35
N LEU F 156 16.81 -8.10 39.07
CA LEU F 156 16.21 -7.24 40.08
C LEU F 156 14.72 -7.13 39.79
N VAL F 157 13.88 -7.48 40.76
CA VAL F 157 12.44 -7.47 40.57
C VAL F 157 11.82 -6.61 41.67
N GLU F 158 10.94 -5.70 41.27
CA GLU F 158 10.24 -4.86 42.23
C GLU F 158 9.38 -5.70 43.15
N ILE F 159 9.37 -5.35 44.43
CA ILE F 159 8.66 -6.12 45.44
C ILE F 159 8.12 -5.20 46.52
N ALA F 160 6.98 -5.56 47.07
CA ALA F 160 6.42 -4.88 48.23
C ALA F 160 5.86 -5.92 49.19
N GLU F 161 6.30 -5.85 50.43
CA GLU F 161 6.00 -6.90 51.40
C GLU F 161 5.72 -6.25 52.74
N GLY F 162 4.72 -6.77 53.42
CA GLY F 162 4.38 -6.32 54.76
C GLY F 162 5.44 -6.69 55.76
N MET F 163 5.05 -6.71 57.03
CA MET F 163 5.96 -7.07 58.10
C MET F 163 5.27 -8.10 58.98
N ALA F 164 6.08 -8.95 59.61
CA ALA F 164 5.53 -9.99 60.45
C ALA F 164 4.78 -9.38 61.63
N THR F 165 3.72 -10.08 62.08
CA THR F 165 2.98 -9.59 63.24
C THR F 165 3.86 -9.56 64.48
N SER F 166 4.71 -10.56 64.66
CA SER F 166 5.61 -10.54 65.80
C SER F 166 6.61 -9.40 65.74
N ILE F 167 6.81 -8.81 64.58
CA ILE F 167 7.72 -7.67 64.45
C ILE F 167 6.98 -6.37 64.62
N ALA F 168 5.79 -6.26 64.03
CA ALA F 168 5.01 -5.04 64.16
C ALA F 168 4.54 -4.85 65.59
N GLU F 169 4.30 -5.94 66.31
CA GLU F 169 3.73 -5.83 67.65
C GLU F 169 4.68 -5.15 68.62
N LEU F 170 5.99 -5.21 68.36
CA LEU F 170 6.98 -4.70 69.30
C LEU F 170 7.44 -3.29 68.95
N GLN F 171 6.76 -2.62 68.03
CA GLN F 171 7.30 -1.38 67.48
C GLN F 171 7.51 -0.33 68.58
N GLU F 172 8.65 0.34 68.51
CA GLU F 172 9.06 1.41 69.41
C GLU F 172 9.22 0.97 70.85
N GLY F 173 9.75 -0.22 71.09
CA GLY F 173 10.13 -0.55 72.44
C GLY F 173 9.02 -1.13 73.28
N PHE F 174 8.39 -2.19 72.77
CA PHE F 174 7.51 -3.02 73.57
C PHE F 174 8.37 -3.98 74.38
N ASN F 175 7.86 -5.16 74.67
CA ASN F 175 8.34 -5.95 75.80
C ASN F 175 9.79 -6.35 75.58
N GLY F 176 10.70 -5.45 75.98
CA GLY F 176 12.11 -5.67 75.88
C GLY F 176 12.75 -5.27 74.58
N SER F 177 11.96 -4.89 73.58
CA SER F 177 12.51 -4.53 72.29
C SER F 177 13.14 -3.15 72.35
N THR F 178 14.02 -2.90 71.39
CA THR F 178 14.73 -1.63 71.32
C THR F 178 15.09 -1.34 69.88
N ASP F 179 15.10 -0.05 69.54
CA ASP F 179 15.54 0.41 68.23
C ASP F 179 14.67 -0.16 67.11
N ASN F 180 13.38 0.17 67.13
CA ASN F 180 12.48 -0.15 66.03
C ASN F 180 11.40 0.91 65.88
N PRO F 181 11.79 2.15 65.62
CA PRO F 181 10.79 3.22 65.52
C PRO F 181 9.91 3.08 64.30
N TRP F 182 8.69 3.59 64.42
CA TRP F 182 7.77 3.63 63.30
C TRP F 182 8.29 4.61 62.26
N ASN F 183 7.68 4.57 61.08
CA ASN F 183 7.89 5.62 60.10
C ASN F 183 6.76 6.63 60.17
N GLU F 184 7.09 7.90 59.98
CA GLU F 184 6.10 8.95 60.10
C GLU F 184 6.23 9.96 58.96
N MET F 185 5.12 10.62 58.65
CA MET F 185 5.03 11.54 57.53
C MET F 185 4.61 12.92 58.02
N GLY F 186 4.90 13.93 57.21
CA GLY F 186 4.61 15.30 57.58
C GLY F 186 4.12 16.13 56.41
N PHE F 187 4.12 17.46 56.56
CA PHE F 187 3.71 18.36 55.51
C PHE F 187 4.55 19.62 55.59
N ARG F 188 4.59 20.38 54.49
CA ARG F 188 5.57 21.45 54.42
C ARG F 188 4.97 22.87 54.39
N ILE F 189 4.14 23.17 53.39
CA ILE F 189 3.54 24.49 53.21
C ILE F 189 4.59 25.56 52.97
N ASP F 190 4.74 26.01 51.73
CA ASP F 190 5.59 27.13 51.37
C ASP F 190 4.78 28.12 50.53
N LYS F 191 5.40 29.23 50.15
CA LYS F 191 4.65 30.27 49.46
C LYS F 191 5.44 30.90 48.34
N GLN F 192 4.71 31.36 47.34
CA GLN F 192 5.24 32.14 46.23
C GLN F 192 4.63 33.52 46.27
N VAL F 193 5.37 34.50 45.79
CA VAL F 193 4.91 35.89 45.75
C VAL F 193 5.06 36.40 44.33
N ILE F 194 4.19 37.32 43.94
CA ILE F 194 4.24 37.91 42.60
C ILE F 194 4.27 39.42 42.75
N GLU F 195 4.32 40.15 41.64
CA GLU F 195 4.26 41.60 41.71
C GLU F 195 3.90 42.15 40.34
N ALA F 196 3.13 43.24 40.34
CA ALA F 196 2.65 43.82 39.09
C ALA F 196 3.70 44.71 38.47
N LYS F 197 3.79 44.69 37.15
CA LYS F 197 4.69 45.53 36.39
C LYS F 197 3.89 46.46 35.49
N SER F 198 4.44 47.63 35.24
CA SER F 198 3.74 48.69 34.55
C SER F 198 3.91 48.59 33.05
N ARG F 199 3.24 49.50 32.34
CA ARG F 199 3.27 49.55 30.89
C ARG F 199 2.59 50.85 30.46
N GLN F 200 3.21 51.63 29.58
CA GLN F 200 2.62 52.92 29.31
C GLN F 200 3.03 53.46 27.95
N LEU F 201 2.22 54.37 27.42
CA LEU F 201 2.47 54.97 26.12
C LEU F 201 1.89 56.38 26.10
N LYS F 202 2.28 57.17 25.11
CA LYS F 202 1.83 58.55 24.99
C LYS F 202 1.81 58.98 23.52
N ALA F 203 0.86 59.85 23.15
CA ALA F 203 0.54 60.12 21.76
C ALA F 203 0.95 61.53 21.30
N ALA F 204 0.42 62.57 21.91
CA ALA F 204 0.93 63.94 21.70
C ALA F 204 0.83 64.39 20.24
N TYR F 205 -0.39 64.61 19.78
CA TYR F 205 -0.63 65.16 18.44
C TYR F 205 -0.56 66.68 18.46
N SER F 206 -1.03 67.29 17.39
CA SER F 206 -1.04 68.74 17.29
C SER F 206 -2.42 69.27 16.95
N ILE F 207 -2.60 70.58 17.14
CA ILE F 207 -3.93 71.18 16.98
C ILE F 207 -4.25 71.37 15.50
N GLU F 208 -3.45 72.19 14.81
CA GLU F 208 -3.75 72.49 13.42
C GLU F 208 -3.86 71.21 12.61
N LEU F 209 -3.10 70.18 12.98
CA LEU F 209 -3.27 68.88 12.35
C LEU F 209 -4.67 68.34 12.60
N ALA F 210 -5.18 68.51 13.82
CA ALA F 210 -6.54 68.03 14.11
C ALA F 210 -7.57 68.81 13.30
N GLN F 211 -7.41 70.13 13.24
CA GLN F 211 -8.33 70.94 12.45
C GLN F 211 -8.35 70.46 11.01
N ASP F 212 -7.19 70.38 10.38
CA ASP F 212 -7.11 70.01 8.97
C ASP F 212 -7.58 68.59 8.73
N LEU F 213 -7.20 67.66 9.62
CA LEU F 213 -7.56 66.27 9.41
C LEU F 213 -9.06 66.06 9.53
N ARG F 214 -9.72 66.74 10.46
CA ARG F 214 -11.17 66.65 10.48
C ARG F 214 -11.77 67.34 9.27
N ALA F 215 -11.19 68.47 8.87
CA ALA F 215 -11.77 69.25 7.78
C ALA F 215 -11.76 68.47 6.48
N VAL F 216 -10.70 67.72 6.23
CA VAL F 216 -10.50 67.10 4.93
C VAL F 216 -11.13 65.73 4.84
N HIS F 217 -10.78 64.83 5.76
CA HIS F 217 -11.19 63.44 5.66
C HIS F 217 -12.39 63.09 6.52
N GLY F 218 -12.60 63.79 7.64
CA GLY F 218 -13.61 63.36 8.58
C GLY F 218 -13.10 62.44 9.67
N MET F 219 -11.81 62.52 9.99
CA MET F 219 -11.23 61.77 11.10
C MET F 219 -10.74 62.76 12.16
N ASP F 220 -10.75 62.32 13.41
CA ASP F 220 -10.56 63.24 14.52
C ASP F 220 -9.12 63.34 15.01
N ALA F 221 -8.34 62.28 14.88
CA ALA F 221 -6.92 62.23 15.25
C ALA F 221 -6.71 62.19 16.76
N ASP F 222 -7.76 62.37 17.55
CA ASP F 222 -7.65 62.01 18.97
C ASP F 222 -8.35 60.69 19.23
N ALA F 223 -9.28 60.33 18.35
CA ALA F 223 -9.84 58.97 18.38
C ALA F 223 -8.85 57.97 17.82
N GLU F 224 -8.16 58.33 16.74
CA GLU F 224 -7.18 57.40 16.17
C GLU F 224 -6.03 57.18 17.13
N LEU F 225 -5.41 58.26 17.61
CA LEU F 225 -4.23 58.11 18.43
C LEU F 225 -4.54 57.33 19.70
N SER F 226 -5.63 57.67 20.39
CA SER F 226 -5.98 56.90 21.58
C SER F 226 -6.32 55.46 21.24
N GLY F 227 -7.07 55.25 20.16
CA GLY F 227 -7.34 53.88 19.73
C GLY F 227 -6.07 53.14 19.36
N ILE F 228 -5.17 53.81 18.67
CA ILE F 228 -3.89 53.21 18.32
C ILE F 228 -3.16 52.75 19.56
N LEU F 229 -3.05 53.64 20.56
CA LEU F 229 -2.26 53.29 21.74
C LEU F 229 -2.92 52.18 22.54
N ALA F 230 -4.23 52.26 22.74
CA ALA F 230 -4.91 51.22 23.50
C ALA F 230 -4.81 49.88 22.81
N THR F 231 -5.07 49.84 21.50
CA THR F 231 -4.96 48.60 20.76
C THR F 231 -3.54 48.06 20.83
N GLU F 232 -2.55 48.94 20.74
CA GLU F 232 -1.17 48.51 20.78
C GLU F 232 -0.84 47.86 22.12
N ILE F 233 -1.27 48.46 23.22
CA ILE F 233 -0.94 47.90 24.52
C ILE F 233 -1.66 46.57 24.71
N MET F 234 -2.90 46.47 24.21
CA MET F 234 -3.58 45.18 24.26
C MET F 234 -2.81 44.11 23.50
N LEU F 235 -2.35 44.45 22.28
CA LEU F 235 -1.60 43.49 21.48
C LEU F 235 -0.32 43.08 22.19
N GLU F 236 0.41 44.04 22.75
CA GLU F 236 1.66 43.71 23.40
C GLU F 236 1.44 42.82 24.60
N ILE F 237 0.38 43.07 25.37
CA ILE F 237 0.09 42.21 26.50
C ILE F 237 -0.21 40.79 26.04
N ASN F 238 -1.01 40.65 24.98
CA ASN F 238 -1.31 39.31 24.48
C ASN F 238 -0.05 38.59 24.02
N ARG F 239 0.81 39.30 23.30
CA ARG F 239 2.04 38.67 22.83
C ARG F 239 2.94 38.31 23.99
N GLU F 240 2.99 39.15 25.01
CA GLU F 240 3.81 38.84 26.17
C GLU F 240 3.33 37.59 26.87
N VAL F 241 2.01 37.43 26.98
CA VAL F 241 1.49 36.23 27.63
C VAL F 241 1.84 34.99 26.82
N VAL F 242 1.64 35.05 25.50
CA VAL F 242 1.96 33.89 24.68
C VAL F 242 3.44 33.57 24.77
N ASP F 243 4.28 34.60 24.77
CA ASP F 243 5.71 34.39 24.82
C ASP F 243 6.15 33.84 26.16
N TRP F 244 5.47 34.19 27.25
CA TRP F 244 5.83 33.57 28.51
C TRP F 244 5.37 32.12 28.58
N ILE F 245 4.27 31.79 27.89
CA ILE F 245 3.89 30.39 27.79
C ILE F 245 4.95 29.60 27.05
N ASN F 246 5.46 30.16 25.95
CA ASN F 246 6.55 29.51 25.22
C ASN F 246 7.82 29.46 26.05
N TYR F 247 8.16 30.56 26.71
CA TYR F 247 9.39 30.67 27.48
C TYR F 247 9.43 29.65 28.60
N SER F 248 8.31 29.46 29.29
CA SER F 248 8.32 28.48 30.36
C SER F 248 8.11 27.06 29.87
N ALA F 249 7.77 26.86 28.61
CA ALA F 249 7.31 25.56 28.14
C ALA F 249 8.43 24.54 28.19
N GLN F 250 8.09 23.33 28.61
CA GLN F 250 9.08 22.27 28.69
C GLN F 250 9.53 21.84 27.30
N VAL F 251 10.78 21.45 27.20
CA VAL F 251 11.31 20.92 25.96
C VAL F 251 10.70 19.54 25.73
N GLY F 252 9.81 19.46 24.76
CA GLY F 252 9.07 18.24 24.52
C GLY F 252 9.86 17.22 23.74
N LYS F 253 9.24 16.06 23.56
CA LYS F 253 9.84 14.93 22.86
C LYS F 253 11.19 14.59 23.47
N SER F 254 11.21 14.52 24.80
CA SER F 254 12.38 14.07 25.52
C SER F 254 11.90 13.23 26.69
N GLY F 255 12.82 12.49 27.29
CA GLY F 255 12.44 11.64 28.40
C GLY F 255 11.46 10.57 27.96
N MET F 256 10.40 10.40 28.75
CA MET F 256 9.50 9.27 28.54
C MET F 256 8.73 9.35 27.23
N THR F 257 8.78 10.48 26.54
CA THR F 257 8.10 10.63 25.26
C THR F 257 9.04 10.47 24.08
N LEU F 258 10.30 10.10 24.34
CA LEU F 258 11.33 10.13 23.32
C LEU F 258 11.59 8.74 22.76
N THR F 259 11.60 8.63 21.45
CA THR F 259 12.11 7.44 20.79
C THR F 259 13.64 7.44 20.90
N PRO F 260 14.26 6.31 21.22
CA PRO F 260 15.69 6.33 21.59
C PRO F 260 16.62 6.84 20.50
N GLY F 261 16.19 6.83 19.24
CA GLY F 261 17.03 7.32 18.18
C GLY F 261 16.70 8.71 17.65
N SER F 262 15.92 9.50 18.37
CA SER F 262 15.46 10.77 17.84
C SER F 262 16.41 11.88 18.31
N LYS F 263 16.05 13.14 18.07
CA LYS F 263 16.91 14.25 18.44
C LYS F 263 16.50 14.92 19.75
N ALA F 264 15.50 14.38 20.45
CA ALA F 264 15.21 14.77 21.83
C ALA F 264 14.97 16.28 21.94
N GLY F 265 13.91 16.72 21.28
CA GLY F 265 13.51 18.12 21.32
C GLY F 265 13.03 18.66 20.01
N VAL F 266 13.13 17.92 18.92
CA VAL F 266 12.61 18.35 17.63
C VAL F 266 12.04 17.13 16.93
N PHE F 267 10.91 17.31 16.27
CA PHE F 267 10.32 16.27 15.44
C PHE F 267 10.71 16.59 14.01
N ASP F 268 11.39 15.66 13.36
CA ASP F 268 11.96 15.88 12.04
C ASP F 268 11.14 15.10 11.04
N PHE F 269 10.57 15.80 10.06
CA PHE F 269 9.77 15.11 9.06
C PHE F 269 10.61 14.32 8.07
N GLN F 270 11.92 14.43 8.12
CA GLN F 270 12.80 13.64 7.27
C GLN F 270 13.61 12.60 8.04
N ASP F 271 13.20 12.25 9.24
CA ASP F 271 13.95 11.29 10.05
C ASP F 271 13.11 10.04 10.28
N PRO F 272 13.51 8.89 9.76
CA PRO F 272 12.64 7.70 9.82
C PRO F 272 12.34 7.21 11.23
N ILE F 273 13.20 7.52 12.19
CA ILE F 273 12.88 7.18 13.58
C ILE F 273 11.75 8.07 14.08
N ASP F 274 11.79 9.35 13.73
CA ASP F 274 10.77 10.28 14.19
C ASP F 274 9.40 9.93 13.63
N ILE F 275 9.32 9.58 12.35
CA ILE F 275 8.04 9.28 11.73
C ILE F 275 7.73 7.80 11.71
N ARG F 276 8.47 7.00 12.48
CA ARG F 276 8.22 5.56 12.62
C ARG F 276 8.19 4.87 11.28
N GLY F 277 9.12 5.22 10.41
CA GLY F 277 9.25 4.57 9.13
C GLY F 277 8.14 4.86 8.14
N ALA F 278 7.44 5.98 8.28
CA ALA F 278 6.35 6.27 7.37
C ALA F 278 6.86 6.72 6.02
N ARG F 279 6.22 6.19 4.97
CA ARG F 279 6.44 6.60 3.60
C ARG F 279 5.29 7.48 3.18
N TRP F 280 5.53 8.35 2.21
CA TRP F 280 4.50 9.22 1.66
C TRP F 280 4.04 10.24 2.69
N ALA F 281 3.54 11.38 2.23
CA ALA F 281 3.01 12.39 3.15
C ALA F 281 1.77 11.89 3.86
N GLY F 282 1.01 11.01 3.22
CA GLY F 282 -0.25 10.59 3.79
C GLY F 282 -0.10 9.90 5.13
N GLU F 283 0.99 9.18 5.31
CA GLU F 283 1.28 8.53 6.58
C GLU F 283 2.37 9.24 7.37
N SER F 284 3.12 10.12 6.73
CA SER F 284 4.13 10.89 7.44
C SER F 284 3.50 11.84 8.44
N PHE F 285 2.30 12.32 8.16
CA PHE F 285 1.63 13.27 9.05
C PHE F 285 1.07 12.57 10.28
N LYS F 286 0.52 11.37 10.10
CA LYS F 286 -0.05 10.67 11.25
C LYS F 286 1.02 10.36 12.27
N ALA F 287 2.28 10.33 11.86
CA ALA F 287 3.36 10.27 12.83
C ALA F 287 3.38 11.49 13.73
N LEU F 288 3.18 12.68 13.14
CA LEU F 288 3.06 13.88 13.96
C LEU F 288 1.87 13.79 14.89
N LEU F 289 0.75 13.27 14.38
CA LEU F 289 -0.42 13.11 15.24
C LEU F 289 -0.08 12.25 16.45
N PHE F 290 0.54 11.09 16.22
CA PHE F 290 0.87 10.20 17.32
C PHE F 290 1.88 10.85 18.26
N GLN F 291 2.78 11.66 17.72
CA GLN F 291 3.73 12.35 18.58
C GLN F 291 3.02 13.36 19.48
N ILE F 292 2.02 14.05 18.94
CA ILE F 292 1.27 14.99 19.75
C ILE F 292 0.56 14.26 20.88
N ASP F 293 -0.08 13.13 20.54
CA ASP F 293 -0.73 12.33 21.58
C ASP F 293 0.28 11.88 22.64
N LYS F 294 1.43 11.39 22.19
CA LYS F 294 2.46 10.92 23.12
C LYS F 294 2.89 12.04 24.04
N GLU F 295 3.03 13.26 23.51
CA GLU F 295 3.40 14.40 24.33
C GLU F 295 2.33 14.72 25.36
N ALA F 296 1.05 14.66 24.96
CA ALA F 296 -0.01 15.12 25.84
C ALA F 296 -0.03 14.33 27.15
N VAL F 297 0.07 13.01 27.06
CA VAL F 297 -0.05 12.20 28.27
C VAL F 297 1.07 12.53 29.25
N GLU F 298 2.22 12.98 28.74
CA GLU F 298 3.32 13.33 29.64
C GLU F 298 2.95 14.49 30.54
N ILE F 299 2.10 15.39 30.06
CA ILE F 299 1.57 16.44 30.93
C ILE F 299 0.79 15.80 32.08
N ALA F 300 -0.04 14.82 31.77
CA ALA F 300 -0.82 14.16 32.81
C ALA F 300 0.06 13.44 33.81
N ARG F 301 1.21 12.93 33.36
CA ARG F 301 2.09 12.22 34.29
C ARG F 301 2.85 13.19 35.18
N GLN F 302 3.12 14.38 34.69
CA GLN F 302 3.95 15.30 35.46
C GLN F 302 3.14 16.27 36.31
N THR F 303 2.16 16.95 35.73
CA THR F 303 1.34 17.85 36.52
C THR F 303 0.36 17.12 37.40
N GLY F 304 -0.05 15.92 37.02
CA GLY F 304 -1.00 15.18 37.81
C GLY F 304 -2.41 15.69 37.70
N ARG F 305 -2.69 16.62 36.80
CA ARG F 305 -4.04 17.13 36.62
C ARG F 305 -4.76 16.44 35.48
N GLY F 306 -4.15 16.36 34.31
CA GLY F 306 -4.79 15.66 33.21
C GLY F 306 -3.98 15.82 31.95
N GLU F 307 -4.49 15.20 30.89
CA GLU F 307 -3.87 15.31 29.58
C GLU F 307 -3.95 16.74 29.09
N GLY F 308 -3.17 17.04 28.08
CA GLY F 308 -3.18 18.37 27.52
C GLY F 308 -4.51 18.71 26.84
N ASN F 309 -4.79 20.00 26.69
CA ASN F 309 -5.99 20.42 26.00
C ASN F 309 -5.76 21.38 24.84
N PHE F 310 -4.80 22.29 24.96
CA PHE F 310 -4.65 23.27 23.92
C PHE F 310 -3.32 23.07 23.24
N ILE F 311 -3.31 23.24 21.92
CA ILE F 311 -2.09 23.13 21.13
C ILE F 311 -1.87 24.46 20.43
N ILE F 312 -0.78 25.13 20.77
CA ILE F 312 -0.39 26.38 20.13
C ILE F 312 0.64 26.04 19.08
N ALA F 313 0.26 26.11 17.81
CA ALA F 313 1.15 25.68 16.75
C ALA F 313 1.29 26.81 15.74
N SER F 314 2.39 26.81 15.01
CA SER F 314 2.54 27.80 13.95
C SER F 314 1.64 27.46 12.77
N ARG F 315 1.66 28.32 11.76
CA ARG F 315 0.73 28.15 10.65
C ARG F 315 0.95 26.84 9.92
N ASN F 316 2.21 26.49 9.66
CA ASN F 316 2.48 25.29 8.86
C ASN F 316 2.03 24.02 9.56
N VAL F 317 2.19 23.94 10.88
CA VAL F 317 1.74 22.75 11.60
C VAL F 317 0.24 22.65 11.55
N VAL F 318 -0.47 23.77 11.69
CA VAL F 318 -1.91 23.74 11.59
C VAL F 318 -2.32 23.30 10.20
N ASN F 319 -1.61 23.78 9.18
CA ASN F 319 -1.91 23.38 7.81
C ASN F 319 -1.67 21.89 7.61
N VAL F 320 -0.65 21.34 8.27
CA VAL F 320 -0.47 19.90 8.25
C VAL F 320 -1.68 19.22 8.86
N LEU F 321 -2.10 19.66 10.04
CA LEU F 321 -3.18 18.98 10.75
C LEU F 321 -4.48 19.04 9.96
N ALA F 322 -4.71 20.15 9.26
CA ALA F 322 -5.94 20.28 8.49
C ALA F 322 -5.89 19.48 7.20
N SER F 323 -4.69 19.02 6.82
CA SER F 323 -4.51 18.34 5.56
C SER F 323 -4.37 16.83 5.70
N VAL F 324 -4.63 16.27 6.88
CA VAL F 324 -4.47 14.83 7.09
C VAL F 324 -5.73 14.28 7.74
N ASP F 325 -5.92 12.98 7.59
CA ASP F 325 -7.05 12.29 8.22
C ASP F 325 -6.74 12.11 9.69
N THR F 326 -7.30 12.96 10.54
CA THR F 326 -6.99 12.92 11.97
C THR F 326 -7.59 11.71 12.66
N GLY F 327 -8.49 11.00 12.02
CA GLY F 327 -9.13 9.86 12.64
C GLY F 327 -8.22 8.65 12.66
N ILE F 328 -8.83 7.51 12.87
CA ILE F 328 -8.14 6.23 12.81
C ILE F 328 -8.62 5.57 11.53
N SER F 329 -7.93 5.85 10.43
CA SER F 329 -8.38 5.37 9.14
C SER F 329 -7.24 5.40 8.14
N TYR F 330 -6.82 4.22 7.68
CA TYR F 330 -5.68 4.01 6.78
C TYR F 330 -4.73 5.19 6.72
N ALA F 331 -4.42 5.65 5.52
CA ALA F 331 -3.58 6.82 5.35
C ALA F 331 -4.18 7.69 4.28
N ALA F 332 -4.22 9.00 4.54
CA ALA F 332 -4.84 9.91 3.60
C ALA F 332 -4.29 11.31 3.82
N GLN F 333 -4.11 12.02 2.72
CA GLN F 333 -3.68 13.41 2.75
C GLN F 333 -4.39 14.13 1.63
N GLY F 334 -4.69 15.40 1.84
CA GLY F 334 -5.41 16.14 0.83
C GLY F 334 -5.47 17.62 1.16
N LEU F 335 -6.51 18.26 0.63
CA LEU F 335 -6.70 19.69 0.86
C LEU F 335 -7.08 19.96 2.30
N ALA F 336 -6.60 21.08 2.82
CA ALA F 336 -6.89 21.44 4.20
C ALA F 336 -8.33 21.93 4.31
N THR F 337 -9.15 21.18 5.03
CA THR F 337 -10.56 21.51 5.16
C THR F 337 -10.96 21.79 6.60
N GLY F 338 -10.61 20.89 7.52
CA GLY F 338 -11.28 20.86 8.81
C GLY F 338 -11.06 22.10 9.66
N PHE F 339 -9.98 22.83 9.42
CA PHE F 339 -9.53 23.88 10.33
C PHE F 339 -9.67 25.25 9.70
N SER F 340 -9.35 26.28 10.48
CA SER F 340 -9.21 27.63 9.95
C SER F 340 -7.73 27.98 9.83
N THR F 341 -7.10 27.54 8.74
CA THR F 341 -5.70 27.85 8.50
C THR F 341 -5.44 29.34 8.31
N ASP F 342 -6.48 30.11 8.01
CA ASP F 342 -6.43 31.56 7.94
C ASP F 342 -6.30 32.16 9.33
N THR F 343 -5.48 33.20 9.44
CA THR F 343 -5.35 33.96 10.67
C THR F 343 -5.93 35.35 10.57
N THR F 344 -6.22 35.85 9.38
CA THR F 344 -6.91 37.12 9.28
C THR F 344 -8.29 37.04 9.93
N LYS F 345 -9.01 35.96 9.66
CA LYS F 345 -10.36 35.82 10.17
C LYS F 345 -10.41 35.35 11.62
N SER F 346 -9.45 34.54 12.06
CA SER F 346 -9.41 34.08 13.44
C SER F 346 -8.05 33.52 13.75
N VAL F 347 -7.73 33.45 15.04
CA VAL F 347 -6.53 32.80 15.50
C VAL F 347 -6.81 31.38 15.99
N PHE F 348 -7.96 31.16 16.64
CA PHE F 348 -8.35 29.81 16.99
C PHE F 348 -8.45 28.96 15.73
N ALA F 349 -7.53 28.02 15.57
CA ALA F 349 -7.48 27.21 14.37
C ALA F 349 -8.60 26.18 14.28
N GLY F 350 -8.90 25.50 15.38
CA GLY F 350 -9.98 24.55 15.36
C GLY F 350 -9.89 23.62 16.55
N VAL F 351 -10.60 22.50 16.44
CA VAL F 351 -10.60 21.47 17.47
C VAL F 351 -10.09 20.18 16.85
N LEU F 352 -8.89 19.77 17.27
CA LEU F 352 -8.24 18.59 16.75
C LEU F 352 -8.72 17.37 17.53
N GLY F 353 -9.26 16.39 16.81
CA GLY F 353 -9.66 15.13 17.40
C GLY F 353 -10.76 15.21 18.44
N GLY F 354 -11.48 16.33 18.49
CA GLY F 354 -12.50 16.50 19.50
C GLY F 354 -11.99 16.57 20.91
N LYS F 355 -10.69 16.65 21.11
CA LYS F 355 -10.10 16.70 22.44
C LYS F 355 -9.10 17.82 22.61
N TYR F 356 -8.55 18.36 21.53
CA TYR F 356 -7.54 19.39 21.61
C TYR F 356 -8.05 20.68 20.99
N ARG F 357 -7.72 21.81 21.62
CA ARG F 357 -8.09 23.11 21.10
C ARG F 357 -6.89 23.75 20.44
N VAL F 358 -6.84 23.74 19.12
CA VAL F 358 -5.66 24.18 18.37
C VAL F 358 -5.77 25.66 18.06
N TYR F 359 -4.83 26.45 18.60
CA TYR F 359 -4.67 27.87 18.33
C TYR F 359 -3.42 28.09 17.49
N ILE F 360 -3.43 29.16 16.70
CA ILE F 360 -2.32 29.49 15.81
C ILE F 360 -1.46 30.55 16.47
N ASP F 361 -0.14 30.43 16.31
CA ASP F 361 0.75 31.52 16.67
C ASP F 361 1.02 32.33 15.41
N GLN F 362 0.28 33.42 15.24
CA GLN F 362 0.35 34.17 13.99
C GLN F 362 1.69 34.84 13.76
N TYR F 363 2.55 34.94 14.77
CA TYR F 363 3.82 35.63 14.62
C TYR F 363 5.00 34.70 14.86
N ALA F 364 4.76 33.39 14.82
CA ALA F 364 5.79 32.43 15.16
C ALA F 364 7.01 32.60 14.29
N LYS F 365 8.19 32.57 14.93
CA LYS F 365 9.43 32.86 14.25
C LYS F 365 9.82 31.82 13.24
N GLN F 366 10.04 30.56 13.64
CA GLN F 366 10.40 29.59 12.62
C GLN F 366 9.36 28.50 12.43
N ASP F 367 9.17 27.63 13.42
CA ASP F 367 8.15 26.59 13.37
C ASP F 367 8.15 25.77 14.66
N TYR F 368 6.99 25.35 15.13
CA TYR F 368 6.90 24.57 16.36
C TYR F 368 5.46 24.19 16.64
N PHE F 369 5.28 23.53 17.78
CA PHE F 369 3.97 23.43 18.42
C PHE F 369 4.18 23.15 19.90
N THR F 370 3.27 23.66 20.72
CA THR F 370 3.33 23.52 22.16
C THR F 370 2.03 22.95 22.68
N VAL F 371 2.11 21.87 23.43
CA VAL F 371 0.95 21.20 23.99
C VAL F 371 0.85 21.54 25.46
N GLY F 372 -0.32 22.01 25.89
CA GLY F 372 -0.49 22.42 27.27
C GLY F 372 -1.82 21.95 27.83
N TYR F 373 -1.99 22.21 29.12
CA TYR F 373 -3.21 21.88 29.84
C TYR F 373 -3.83 23.14 30.42
N LYS F 374 -5.16 23.21 30.36
CA LYS F 374 -5.90 24.28 31.00
C LYS F 374 -7.06 23.67 31.76
N GLY F 375 -6.92 23.61 33.09
CA GLY F 375 -7.96 23.05 33.92
C GLY F 375 -9.14 23.97 33.99
N PRO F 376 -10.30 23.43 34.37
CA PRO F 376 -11.49 24.28 34.51
C PRO F 376 -11.31 25.40 35.50
N ASN F 377 -10.68 25.13 36.64
CA ASN F 377 -10.37 26.15 37.62
C ASN F 377 -9.31 27.07 37.02
N GLU F 378 -9.39 28.37 37.33
CA GLU F 378 -8.38 29.27 36.80
C GLU F 378 -7.11 29.28 37.64
N MET F 379 -7.09 28.61 38.79
CA MET F 379 -5.82 28.36 39.45
C MET F 379 -5.05 27.27 38.76
N ASP F 380 -5.74 26.35 38.10
CA ASP F 380 -5.13 25.19 37.45
C ASP F 380 -4.93 25.51 35.97
N ALA F 381 -3.93 26.36 35.70
CA ALA F 381 -3.70 26.78 34.34
C ALA F 381 -2.22 26.87 33.94
N GLY F 382 -1.29 26.68 34.85
CA GLY F 382 0.10 26.73 34.45
C GLY F 382 0.75 28.11 34.48
N ILE F 383 0.08 29.14 33.99
CA ILE F 383 0.59 30.50 34.08
C ILE F 383 -0.58 31.45 34.19
N TYR F 384 -0.41 32.50 35.00
CA TYR F 384 -1.49 33.42 35.33
C TYR F 384 -1.18 34.80 34.78
N TYR F 385 -2.18 35.43 34.18
CA TYR F 385 -2.11 36.84 33.81
C TYR F 385 -3.08 37.60 34.69
N ALA F 386 -2.55 38.37 35.65
CA ALA F 386 -3.33 38.91 36.76
C ALA F 386 -3.37 40.44 36.67
N PRO F 387 -4.22 41.00 35.83
CA PRO F 387 -4.20 42.45 35.63
C PRO F 387 -4.57 43.18 36.91
N TYR F 388 -3.97 44.36 37.09
CA TYR F 388 -4.14 45.13 38.31
C TYR F 388 -4.73 46.50 38.06
N VAL F 389 -4.17 47.27 37.12
CA VAL F 389 -4.72 48.54 36.70
C VAL F 389 -4.93 48.49 35.20
N ALA F 390 -6.12 48.85 34.74
CA ALA F 390 -6.47 48.64 33.34
C ALA F 390 -6.61 49.97 32.62
N LEU F 391 -5.59 50.32 31.85
CA LEU F 391 -5.64 51.39 30.85
C LEU F 391 -6.24 52.68 31.41
N THR F 392 -5.56 53.26 32.37
CA THR F 392 -5.90 54.60 32.81
C THR F 392 -5.50 55.59 31.72
N PRO F 393 -6.43 56.35 31.16
CA PRO F 393 -6.05 57.40 30.22
C PRO F 393 -5.90 58.73 30.93
N LEU F 394 -4.92 59.50 30.48
CA LEU F 394 -4.74 60.85 30.97
C LEU F 394 -4.32 61.77 29.84
N ARG F 395 -4.74 63.02 29.94
CA ARG F 395 -4.48 64.00 28.91
C ARG F 395 -3.58 65.09 29.49
N GLY F 396 -3.39 66.13 28.71
CA GLY F 396 -2.68 67.29 29.22
C GLY F 396 -2.32 68.20 28.09
N SER F 397 -1.61 69.28 28.42
CA SER F 397 -1.13 70.17 27.37
C SER F 397 0.18 70.78 27.84
N ASP F 398 0.96 71.24 26.88
CA ASP F 398 2.22 71.92 27.21
C ASP F 398 1.95 73.42 27.24
N PRO F 399 2.01 74.07 28.41
CA PRO F 399 1.59 75.47 28.48
C PRO F 399 2.40 76.41 27.61
N LYS F 400 3.64 76.06 27.26
CA LYS F 400 4.40 76.91 26.37
C LYS F 400 3.77 76.99 24.99
N ASN F 401 3.23 75.88 24.50
CA ASN F 401 2.69 75.81 23.16
C ASN F 401 1.22 75.44 23.11
N PHE F 402 0.61 75.09 24.23
CA PHE F 402 -0.81 74.75 24.32
C PHE F 402 -1.16 73.56 23.45
N GLN F 403 -0.19 72.81 23.00
CA GLN F 403 -0.58 71.63 22.24
C GLN F 403 -0.98 70.51 23.18
N PRO F 404 -1.92 69.68 22.76
CA PRO F 404 -2.36 68.57 23.61
C PRO F 404 -1.41 67.40 23.56
N VAL F 405 -1.28 66.72 24.69
CA VAL F 405 -0.63 65.43 24.76
C VAL F 405 -1.59 64.48 25.48
N MET F 406 -1.40 63.19 25.23
CA MET F 406 -2.28 62.17 25.77
C MET F 406 -1.42 60.96 26.11
N GLY F 407 -1.94 60.10 26.95
CA GLY F 407 -1.20 58.90 27.30
C GLY F 407 -2.08 57.91 28.03
N PHE F 408 -1.60 56.68 28.06
CA PHE F 408 -2.28 55.56 28.68
C PHE F 408 -1.29 54.85 29.59
N LYS F 409 -1.78 54.35 30.71
CA LYS F 409 -0.96 53.60 31.65
C LYS F 409 -1.68 52.33 32.08
N THR F 410 -0.92 51.32 32.50
CA THR F 410 -1.49 50.09 33.05
C THR F 410 -0.43 49.36 33.84
N ARG F 411 -0.88 48.38 34.62
CA ARG F 411 -0.01 47.58 35.47
C ARG F 411 -0.63 46.20 35.63
N TYR F 412 0.06 45.16 35.17
CA TYR F 412 -0.56 43.83 35.24
C TYR F 412 0.16 42.82 36.11
N GLY F 413 1.38 42.47 35.78
CA GLY F 413 1.98 41.38 36.56
C GLY F 413 1.46 40.03 36.16
N ILE F 414 2.36 39.06 36.10
CA ILE F 414 2.05 37.69 35.70
C ILE F 414 2.74 36.73 36.65
N GLY F 415 2.30 35.48 36.63
CA GLY F 415 2.73 34.58 37.68
C GLY F 415 2.89 33.15 37.22
N ILE F 416 3.84 32.48 37.85
CA ILE F 416 4.09 31.06 37.63
C ILE F 416 3.09 30.26 38.47
N ASN F 417 2.62 29.16 37.93
CA ASN F 417 1.81 28.26 38.73
C ASN F 417 2.70 27.50 39.72
N PRO F 418 2.42 27.55 41.02
CA PRO F 418 3.13 26.66 41.94
C PRO F 418 2.90 25.22 41.53
N PHE F 419 3.94 24.42 41.63
CA PHE F 419 4.06 23.07 41.09
C PHE F 419 4.27 23.11 39.58
N ALA F 420 4.73 24.23 39.02
CA ALA F 420 5.12 24.23 37.61
C ALA F 420 6.30 23.31 37.38
N GLU F 421 7.26 23.31 38.31
CA GLU F 421 8.38 22.39 38.17
C GLU F 421 7.91 20.95 38.15
N SER F 422 7.14 20.55 39.16
CA SER F 422 6.52 19.24 39.24
C SER F 422 7.56 18.14 39.27
N ALA F 423 8.84 18.52 39.26
CA ALA F 423 9.89 17.52 39.45
C ALA F 423 10.56 17.71 40.80
N ALA F 424 10.74 18.95 41.21
CA ALA F 424 11.40 19.22 42.48
C ALA F 424 10.58 18.67 43.63
N GLN F 425 11.24 17.95 44.52
CA GLN F 425 10.61 17.42 45.72
C GLN F 425 10.14 18.52 46.65
N ALA F 426 10.81 19.66 46.65
CA ALA F 426 10.45 20.80 47.48
C ALA F 426 11.21 22.01 46.97
N PRO F 427 10.53 23.15 46.82
CA PRO F 427 11.21 24.34 46.27
C PRO F 427 12.22 24.91 47.25
N ALA F 428 13.16 25.66 46.70
CA ALA F 428 14.17 26.31 47.51
C ALA F 428 13.61 27.57 48.18
N SER F 429 14.16 27.89 49.35
CA SER F 429 14.05 29.17 50.05
C SER F 429 12.71 29.43 50.72
N ARG F 430 11.68 28.63 50.45
CA ARG F 430 10.40 28.70 51.15
C ARG F 430 9.64 29.99 50.88
N ILE F 431 10.27 30.95 50.20
CA ILE F 431 9.62 32.17 49.76
C ILE F 431 10.08 32.41 48.34
N GLN F 432 9.28 31.98 47.36
CA GLN F 432 9.77 31.89 46.00
C GLN F 432 9.16 32.98 45.14
N SER F 433 10.00 33.60 44.32
CA SER F 433 9.50 34.60 43.39
C SER F 433 8.62 33.93 42.35
N GLY F 434 7.32 34.18 42.45
CA GLY F 434 6.40 33.58 41.50
C GLY F 434 6.40 34.26 40.16
N MET F 435 7.16 35.31 40.01
CA MET F 435 7.43 35.97 38.73
C MET F 435 8.34 35.08 37.89
N PRO F 436 8.00 34.84 36.63
CA PRO F 436 8.84 33.96 35.81
C PRO F 436 10.21 34.58 35.56
N SER F 437 11.23 33.72 35.52
CA SER F 437 12.59 34.14 35.21
C SER F 437 13.40 32.91 34.84
N ILE F 438 14.73 33.09 34.76
CA ILE F 438 15.61 32.01 34.34
C ILE F 438 15.54 30.84 35.31
N LEU F 439 15.59 31.12 36.60
CA LEU F 439 15.88 30.09 37.59
C LEU F 439 14.65 29.31 38.04
N ASN F 440 13.46 29.70 37.59
CA ASN F 440 12.25 29.06 38.06
C ASN F 440 11.31 28.60 36.95
N SER F 441 11.45 29.12 35.74
CA SER F 441 10.44 28.87 34.72
C SER F 441 11.01 28.41 33.39
N LEU F 442 12.21 28.82 33.05
CA LEU F 442 12.72 28.61 31.70
C LEU F 442 12.84 27.13 31.40
N GLY F 443 11.94 26.62 30.56
CA GLY F 443 11.96 25.22 30.22
C GLY F 443 11.64 24.28 31.36
N LYS F 444 10.90 24.73 32.37
CA LYS F 444 10.60 23.92 33.53
C LYS F 444 9.12 23.80 33.83
N ASN F 445 8.26 24.61 33.22
CA ASN F 445 6.84 24.60 33.53
C ASN F 445 6.23 23.33 32.94
N ALA F 446 5.84 22.40 33.82
CA ALA F 446 5.36 21.11 33.37
C ALA F 446 4.03 21.19 32.63
N TYR F 447 3.38 22.34 32.66
CA TYR F 447 2.07 22.48 32.03
C TYR F 447 2.15 22.69 30.53
N PHE F 448 3.32 22.97 29.99
CA PHE F 448 3.47 23.13 28.55
C PHE F 448 4.71 22.39 28.08
N ARG F 449 4.57 21.64 26.99
CA ARG F 449 5.67 20.91 26.40
C ARG F 449 5.81 21.34 24.94
N ARG F 450 7.01 21.75 24.56
CA ARG F 450 7.23 22.38 23.27
C ARG F 450 8.08 21.48 22.38
N VAL F 451 7.72 21.40 21.11
CA VAL F 451 8.35 20.52 20.14
C VAL F 451 8.51 21.26 18.83
N TYR F 452 9.71 21.28 18.28
CA TYR F 452 9.91 21.84 16.95
C TYR F 452 9.56 20.81 15.89
N VAL F 453 9.23 21.29 14.69
CA VAL F 453 8.99 20.41 13.55
C VAL F 453 9.79 20.93 12.37
N LYS F 454 10.58 20.05 11.76
CA LYS F 454 11.41 20.40 10.63
C LYS F 454 10.98 19.62 9.40
N GLY F 455 11.03 20.30 8.27
CA GLY F 455 10.69 19.66 7.02
C GLY F 455 9.24 19.74 6.62
N ILE F 456 8.53 20.81 6.98
CA ILE F 456 7.18 21.00 6.50
C ILE F 456 7.19 21.88 5.25
N ALA G 1 -14.52 9.45 -77.80
CA ALA G 1 -15.05 8.75 -76.64
C ALA G 1 -15.20 9.76 -75.59
N GLU G 2 -16.41 9.91 -75.08
CA GLU G 2 -16.65 10.89 -74.05
C GLU G 2 -15.95 10.39 -72.81
N ILE G 3 -14.64 10.36 -72.85
CA ILE G 3 -13.92 9.98 -71.70
C ILE G 3 -13.99 11.29 -71.08
N GLY G 4 -14.94 11.42 -70.19
CA GLY G 4 -15.16 12.71 -69.59
C GLY G 4 -13.95 13.30 -68.96
N GLY G 5 -13.04 12.47 -68.59
CA GLY G 5 -11.82 13.02 -68.08
C GLY G 5 -11.91 13.30 -66.60
N ASP G 6 -10.99 14.14 -66.13
CA ASP G 6 -10.93 14.52 -64.74
C ASP G 6 -10.00 15.72 -64.61
N HIS G 7 -10.13 16.45 -63.51
CA HIS G 7 -9.28 17.59 -63.21
C HIS G 7 -7.83 17.15 -63.10
N GLY G 8 -6.94 18.12 -63.10
CA GLY G 8 -5.56 17.77 -62.87
C GLY G 8 -5.21 17.57 -61.42
N TYR G 9 -6.20 17.62 -60.53
CA TYR G 9 -6.03 17.70 -59.08
C TYR G 9 -5.30 18.96 -58.66
N ASN G 10 -5.15 19.91 -59.57
CA ASN G 10 -4.59 21.21 -59.24
C ASN G 10 -5.71 22.05 -58.64
N ALA G 11 -5.42 22.72 -57.53
CA ALA G 11 -6.45 23.43 -56.80
C ALA G 11 -7.22 24.38 -57.71
N THR G 12 -6.52 25.14 -58.55
CA THR G 12 -7.20 26.07 -59.44
C THR G 12 -8.09 25.32 -60.43
N ASN G 13 -7.58 24.23 -61.01
CA ASN G 13 -8.39 23.50 -61.98
C ASN G 13 -9.55 22.78 -61.32
N ILE G 14 -9.42 22.43 -60.04
CA ILE G 14 -10.55 21.85 -59.33
C ILE G 14 -11.61 22.92 -59.10
N ALA G 15 -11.19 24.12 -58.72
CA ALA G 15 -12.15 25.20 -58.51
C ALA G 15 -12.75 25.70 -59.81
N ALA G 16 -11.93 25.78 -60.86
CA ALA G 16 -12.37 26.38 -62.12
C ALA G 16 -13.35 25.51 -62.88
N GLY G 17 -13.51 24.26 -62.52
CA GLY G 17 -14.30 23.37 -63.33
C GLY G 17 -13.57 22.85 -64.54
N GLN G 18 -12.29 23.16 -64.66
CA GLN G 18 -11.45 22.68 -65.75
C GLN G 18 -11.27 21.17 -65.58
N THR G 19 -11.65 20.41 -66.59
CA THR G 19 -11.37 18.98 -66.62
C THR G 19 -10.72 18.62 -67.94
N SER G 20 -10.01 17.51 -67.92
CA SER G 20 -9.33 17.00 -69.11
C SER G 20 -10.27 16.33 -70.10
N GLY G 21 -11.56 16.26 -69.81
CA GLY G 21 -12.48 15.57 -70.68
C GLY G 21 -13.27 16.48 -71.57
N ALA G 22 -14.42 16.00 -72.05
CA ALA G 22 -15.24 16.80 -72.94
C ALA G 22 -16.23 17.66 -72.16
N VAL G 23 -16.57 17.27 -70.94
CA VAL G 23 -17.53 17.98 -70.12
C VAL G 23 -16.78 18.86 -69.13
N THR G 24 -17.13 20.14 -69.09
CA THR G 24 -16.53 21.08 -68.16
C THR G 24 -17.50 21.34 -67.00
N GLN G 25 -16.99 21.22 -65.78
CA GLN G 25 -17.84 21.23 -64.60
C GLN G 25 -18.42 22.61 -64.32
N ILE G 26 -19.41 22.64 -63.44
CA ILE G 26 -20.01 23.91 -63.03
C ILE G 26 -19.12 24.60 -62.01
N GLY G 27 -18.93 23.97 -60.86
CA GLY G 27 -18.18 24.54 -59.78
C GLY G 27 -17.93 23.51 -58.71
N PRO G 28 -17.05 23.79 -57.82
CA PRO G 28 -16.63 22.81 -56.82
C PRO G 28 -17.57 22.69 -55.61
N ALA G 29 -18.87 22.55 -55.89
CA ALA G 29 -19.89 22.42 -54.85
C ALA G 29 -19.71 23.43 -53.74
N VAL G 30 -20.11 23.08 -52.53
CA VAL G 30 -19.82 23.88 -51.35
C VAL G 30 -20.10 23.02 -50.12
N MET G 31 -19.33 23.21 -49.05
CA MET G 31 -19.45 22.39 -47.87
C MET G 31 -19.55 23.23 -46.60
N GLY G 32 -19.58 24.54 -46.73
CA GLY G 32 -19.73 25.39 -45.58
C GLY G 32 -18.43 26.08 -45.21
N MET G 33 -18.54 26.97 -44.24
CA MET G 33 -17.49 27.92 -43.94
C MET G 33 -16.96 27.67 -42.53
N VAL G 34 -15.64 27.56 -42.41
CA VAL G 34 -15.00 27.24 -41.15
C VAL G 34 -14.36 28.52 -40.62
N ARG G 35 -14.90 29.03 -39.52
CA ARG G 35 -14.39 30.25 -38.91
C ARG G 35 -13.51 29.90 -37.71
N ARG G 36 -12.52 30.72 -37.45
CA ARG G 36 -11.70 30.54 -36.28
C ARG G 36 -12.55 30.76 -35.03
N ALA G 37 -12.45 29.84 -34.08
CA ALA G 37 -13.26 29.95 -32.87
C ALA G 37 -12.82 31.14 -32.04
N ILE G 38 -13.79 31.83 -31.45
CA ILE G 38 -13.55 33.00 -30.62
C ILE G 38 -13.12 32.53 -29.23
N PRO G 39 -11.96 32.96 -28.73
CA PRO G 39 -11.50 32.47 -27.43
C PRO G 39 -12.36 33.02 -26.29
N ASN G 40 -12.38 32.27 -25.20
CA ASN G 40 -13.12 32.66 -24.01
C ASN G 40 -12.23 33.43 -23.05
N LEU G 41 -12.83 34.36 -22.32
CA LEU G 41 -12.10 35.27 -21.45
C LEU G 41 -11.86 34.61 -20.11
N ILE G 42 -11.25 35.36 -19.21
CA ILE G 42 -11.05 34.89 -17.84
C ILE G 42 -11.89 35.73 -16.89
N ALA G 43 -12.56 36.74 -17.43
CA ALA G 43 -13.34 37.69 -16.65
C ALA G 43 -12.49 38.35 -15.57
N PHE G 44 -13.13 38.89 -14.54
CA PHE G 44 -12.41 39.64 -13.52
C PHE G 44 -12.93 39.33 -12.13
N ASP G 45 -13.28 38.07 -11.90
CA ASP G 45 -13.45 37.61 -10.53
C ASP G 45 -12.10 37.38 -9.84
N ILE G 46 -11.01 37.73 -10.50
CA ILE G 46 -9.66 37.56 -9.99
C ILE G 46 -9.05 38.89 -9.60
N CYS G 47 -9.63 40.00 -10.04
CA CYS G 47 -9.07 41.32 -9.80
C CYS G 47 -10.22 42.28 -9.54
N GLY G 48 -9.89 43.44 -8.97
CA GLY G 48 -10.90 44.40 -8.62
C GLY G 48 -11.57 44.97 -9.85
N VAL G 49 -12.58 45.81 -9.63
CA VAL G 49 -13.17 46.51 -10.76
C VAL G 49 -13.16 48.01 -10.52
N GLN G 50 -13.91 48.49 -9.54
CA GLN G 50 -13.91 49.89 -9.16
C GLN G 50 -14.13 50.85 -10.33
N PRO G 51 -15.28 50.79 -10.99
CA PRO G 51 -15.48 51.63 -12.18
C PRO G 51 -15.34 53.11 -11.86
N MET G 52 -14.71 53.83 -12.77
CA MET G 52 -14.51 55.26 -12.61
C MET G 52 -15.72 56.01 -13.13
N ASN G 53 -15.94 57.20 -12.56
CA ASN G 53 -16.90 58.14 -13.09
C ASN G 53 -16.20 59.35 -13.71
N SER G 54 -14.89 59.43 -13.58
CA SER G 54 -14.07 60.46 -14.19
C SER G 54 -12.64 59.96 -14.22
N PRO G 55 -11.80 60.49 -15.10
CA PRO G 55 -10.40 60.08 -15.10
C PRO G 55 -9.73 60.45 -13.79
N THR G 56 -8.61 59.78 -13.53
CA THR G 56 -7.74 60.11 -12.41
C THR G 56 -8.45 59.96 -11.06
N GLY G 57 -8.68 58.72 -10.64
CA GLY G 57 -9.03 58.49 -9.26
C GLY G 57 -7.83 58.66 -8.34
N GLN G 58 -8.08 58.54 -7.04
CA GLN G 58 -7.00 58.46 -6.05
C GLN G 58 -7.51 57.71 -4.83
N VAL G 59 -6.59 57.02 -4.15
CA VAL G 59 -6.94 56.18 -3.01
C VAL G 59 -5.90 56.36 -1.93
N PHE G 60 -6.35 56.47 -0.68
CA PHE G 60 -5.47 56.76 0.44
C PHE G 60 -5.17 55.53 1.28
N ALA G 61 -4.16 55.66 2.12
CA ALA G 61 -3.68 54.56 2.93
C ALA G 61 -3.13 55.11 4.24
N LEU G 62 -3.55 54.53 5.34
CA LEU G 62 -3.20 55.00 6.67
C LEU G 62 -2.35 53.94 7.35
N ARG G 63 -1.23 54.36 7.93
CA ARG G 63 -0.30 53.45 8.55
C ARG G 63 -0.06 53.89 9.99
N ALA G 64 -0.04 52.93 10.90
CA ALA G 64 0.30 53.22 12.29
C ALA G 64 1.80 53.02 12.48
N VAL G 65 2.50 54.09 12.82
CA VAL G 65 3.95 54.15 12.77
C VAL G 65 4.48 54.44 14.16
N TYR G 66 5.42 53.61 14.62
CA TYR G 66 6.01 53.78 15.93
C TYR G 66 6.87 55.05 15.99
N GLY G 67 7.46 55.28 17.14
CA GLY G 67 8.66 56.10 17.24
C GLY G 67 8.56 57.56 16.84
N LYS G 68 7.59 58.29 17.36
CA LYS G 68 7.62 59.76 17.45
C LYS G 68 7.66 60.49 16.12
N ASP G 69 7.64 59.80 14.98
CA ASP G 69 7.74 60.46 13.68
C ASP G 69 7.09 59.61 12.60
N PRO G 70 5.91 59.99 12.15
CA PRO G 70 5.27 59.24 11.06
C PRO G 70 6.06 59.28 9.77
N VAL G 71 6.97 60.22 9.62
CA VAL G 71 7.72 60.39 8.38
C VAL G 71 9.20 60.34 8.73
N ALA G 72 9.78 59.15 8.66
CA ALA G 72 11.22 58.99 8.85
C ALA G 72 11.61 57.62 8.31
N ALA G 73 12.89 57.49 7.96
CA ALA G 73 13.38 56.22 7.45
C ALA G 73 13.46 55.20 8.58
N GLY G 74 13.06 53.98 8.28
CA GLY G 74 13.07 52.94 9.28
C GLY G 74 11.95 53.04 10.29
N ALA G 75 10.93 53.84 10.02
CA ALA G 75 9.81 53.97 10.94
C ALA G 75 8.96 52.71 10.89
N LYS G 76 9.09 51.85 11.90
CA LYS G 76 8.38 50.59 11.91
C LYS G 76 6.88 50.81 11.90
N GLU G 77 6.18 49.99 11.12
CA GLU G 77 4.72 50.04 11.08
C GLU G 77 4.17 49.24 12.25
N ALA G 78 3.08 49.73 12.83
CA ALA G 78 2.61 49.16 14.10
C ALA G 78 1.83 47.87 13.90
N PHE G 79 0.72 47.93 13.18
CA PHE G 79 -0.15 46.78 13.02
C PHE G 79 0.15 46.03 11.72
N HIS G 80 1.41 45.98 11.36
CA HIS G 80 1.81 45.34 10.11
C HIS G 80 1.46 43.86 10.15
N PRO G 81 1.02 43.27 9.04
CA PRO G 81 0.59 41.86 9.10
C PRO G 81 1.73 40.87 9.17
N MET G 82 2.85 41.15 8.51
CA MET G 82 4.02 40.30 8.63
C MET G 82 4.72 40.44 9.97
N TYR G 83 4.91 41.66 10.45
CA TYR G 83 5.76 41.92 11.59
C TYR G 83 4.94 41.89 12.87
N GLY G 84 5.46 41.20 13.88
CA GLY G 84 4.84 41.19 15.18
C GLY G 84 5.07 42.49 15.91
N PRO G 85 4.41 42.68 17.03
CA PRO G 85 4.55 43.93 17.79
C PRO G 85 5.89 44.00 18.50
N ASP G 86 6.34 45.23 18.73
CA ASP G 86 7.49 45.47 19.60
C ASP G 86 7.03 45.20 21.02
N ALA G 87 6.99 43.92 21.39
CA ALA G 87 6.37 43.54 22.65
C ALA G 87 7.03 44.21 23.84
N MET G 88 8.20 44.80 23.65
CA MET G 88 8.81 45.62 24.66
C MET G 88 8.84 47.11 24.30
N PHE G 89 8.04 47.56 23.34
CA PHE G 89 8.01 48.99 23.04
C PHE G 89 7.46 49.77 24.23
N SER G 90 6.34 49.32 24.78
CA SER G 90 5.79 49.96 25.97
C SER G 90 6.34 49.36 27.26
N GLY G 91 6.88 48.15 27.20
CA GLY G 91 7.39 47.49 28.38
C GLY G 91 8.77 47.98 28.73
N GLN G 92 9.68 47.07 29.08
CA GLN G 92 10.98 47.52 29.58
C GLN G 92 11.74 48.29 28.51
N GLY G 93 11.39 48.11 27.25
CA GLY G 93 12.13 48.79 26.19
C GLY G 93 12.07 50.29 26.31
N ALA G 94 10.97 50.82 26.83
CA ALA G 94 10.92 52.25 27.10
C ALA G 94 11.90 52.65 28.19
N ALA G 95 12.16 51.76 29.14
CA ALA G 95 13.03 52.10 30.25
C ALA G 95 14.48 52.22 29.82
N LYS G 96 14.98 51.25 29.06
CA LYS G 96 16.37 51.23 28.67
C LYS G 96 16.50 50.69 27.26
N LYS G 97 17.60 51.04 26.60
CA LYS G 97 17.85 50.57 25.25
C LYS G 97 18.54 49.22 25.28
N PHE G 98 17.92 48.22 24.66
CA PHE G 98 18.60 46.94 24.61
C PHE G 98 19.69 46.97 23.54
N PRO G 99 20.77 46.22 23.72
CA PRO G 99 21.81 46.17 22.69
C PRO G 99 21.36 45.36 21.49
N ALA G 100 21.74 45.83 20.31
CA ALA G 100 21.40 45.16 19.08
C ALA G 100 22.20 43.88 18.91
N LEU G 101 21.70 42.98 18.08
CA LEU G 101 22.40 41.74 17.79
C LEU G 101 23.13 41.87 16.45
N ALA G 102 24.45 41.95 16.51
CA ALA G 102 25.27 42.08 15.31
C ALA G 102 26.36 41.02 15.36
N ALA G 103 26.73 40.53 14.18
CA ALA G 103 27.67 39.41 14.09
C ALA G 103 28.94 39.70 14.86
N SER G 104 29.55 38.65 15.40
CA SER G 104 30.70 38.61 16.30
C SER G 104 30.32 38.96 17.74
N THR G 105 29.06 39.27 18.03
CA THR G 105 28.66 39.54 19.40
C THR G 105 28.67 38.27 20.22
N GLN G 106 29.00 38.40 21.50
CA GLN G 106 28.87 37.32 22.46
C GLN G 106 27.76 37.68 23.45
N THR G 107 26.84 36.75 23.66
CA THR G 107 25.78 36.98 24.62
C THR G 107 26.27 36.68 26.04
N THR G 108 25.70 37.39 27.00
CA THR G 108 25.96 37.15 28.41
C THR G 108 24.68 36.69 29.09
N VAL G 109 24.81 35.67 29.94
CA VAL G 109 23.63 34.95 30.40
C VAL G 109 22.70 35.89 31.16
N GLY G 110 21.46 35.99 30.69
CA GLY G 110 20.47 36.83 31.31
C GLY G 110 20.19 38.15 30.60
N ASP G 111 21.11 38.63 29.78
CA ASP G 111 20.90 39.89 29.07
C ASP G 111 19.98 39.65 27.87
N ILE G 112 19.24 40.69 27.52
CA ILE G 112 18.27 40.61 26.43
C ILE G 112 18.80 41.40 25.24
N TYR G 113 18.71 40.82 24.05
CA TYR G 113 19.15 41.46 22.82
C TYR G 113 17.99 41.52 21.83
N THR G 114 18.00 42.54 20.98
CA THR G 114 16.96 42.72 19.97
C THR G 114 17.45 42.27 18.61
N HIS G 115 16.51 41.85 17.78
CA HIS G 115 16.83 41.60 16.39
C HIS G 115 15.58 41.72 15.54
N PHE G 116 15.72 42.31 14.37
CA PHE G 116 14.60 42.52 13.45
C PHE G 116 14.67 41.49 12.34
N PHE G 117 13.99 40.36 12.53
CA PHE G 117 13.92 39.34 11.49
C PHE G 117 13.30 39.93 10.24
N GLN G 118 13.84 39.57 9.08
CA GLN G 118 13.31 40.12 7.83
C GLN G 118 11.87 39.70 7.62
N GLU G 119 11.48 38.55 8.15
CA GLU G 119 10.09 38.14 8.23
C GLU G 119 9.71 38.05 9.70
N THR G 120 8.45 38.31 10.01
CA THR G 120 7.99 38.24 11.38
C THR G 120 8.73 39.20 12.29
N GLY G 121 9.08 40.38 11.76
CA GLY G 121 9.26 41.57 12.57
C GLY G 121 10.31 41.51 13.66
N THR G 122 10.13 42.37 14.66
CA THR G 122 11.10 42.50 15.75
C THR G 122 10.95 41.36 16.74
N VAL G 123 12.03 41.05 17.45
CA VAL G 123 12.01 40.08 18.52
C VAL G 123 13.04 40.47 19.55
N TYR G 124 12.74 40.20 20.81
CA TYR G 124 13.65 40.45 21.92
C TYR G 124 13.92 39.11 22.59
N LEU G 125 15.17 38.67 22.55
CA LEU G 125 15.55 37.34 23.00
C LEU G 125 16.51 37.45 24.16
N GLN G 126 16.22 36.73 25.24
CA GLN G 126 17.12 36.59 26.36
C GLN G 126 17.99 35.35 26.13
N ALA G 127 19.26 35.45 26.52
CA ALA G 127 20.19 34.36 26.30
C ALA G 127 20.22 33.43 27.51
N SER G 128 20.27 32.13 27.25
CA SER G 128 20.38 31.16 28.33
C SER G 128 21.81 30.79 28.64
N VAL G 129 22.67 30.74 27.63
CA VAL G 129 24.08 30.43 27.80
C VAL G 129 24.90 31.43 27.00
N GLN G 130 26.18 31.50 27.33
CA GLN G 130 27.08 32.45 26.68
C GLN G 130 27.57 31.83 25.37
N VAL G 131 27.01 32.31 24.27
CA VAL G 131 27.39 31.88 22.94
C VAL G 131 27.63 33.11 22.08
N THR G 132 28.36 32.90 20.99
CA THR G 132 28.52 33.92 19.96
C THR G 132 27.57 33.62 18.80
N ILE G 133 27.59 34.50 17.81
CA ILE G 133 26.64 34.36 16.70
C ILE G 133 27.36 34.26 15.37
N ASP G 134 28.53 33.63 15.35
CA ASP G 134 29.18 33.26 14.08
C ASP G 134 29.52 34.45 13.21
N ALA G 135 30.56 35.21 13.58
CA ALA G 135 30.94 36.41 12.85
C ALA G 135 31.08 36.18 11.34
N GLY G 136 31.11 34.95 10.88
CA GLY G 136 31.11 34.70 9.46
C GLY G 136 29.85 35.12 8.74
N ALA G 137 28.78 35.43 9.45
CA ALA G 137 27.59 35.98 8.85
C ALA G 137 27.80 37.45 8.55
N THR G 138 27.46 37.85 7.32
CA THR G 138 27.61 39.24 6.93
C THR G 138 26.26 39.87 6.67
N ASP G 139 25.46 39.24 5.80
CA ASP G 139 24.18 39.81 5.43
C ASP G 139 23.09 39.36 6.39
N ALA G 140 21.96 40.08 6.35
CA ALA G 140 20.85 39.78 7.24
C ALA G 140 20.25 38.41 6.95
N ALA G 141 20.28 37.97 5.70
CA ALA G 141 19.72 36.67 5.36
C ALA G 141 20.43 35.54 6.10
N LYS G 142 21.76 35.64 6.22
CA LYS G 142 22.52 34.65 6.96
C LYS G 142 22.39 34.83 8.46
N LEU G 143 22.30 36.08 8.91
CA LEU G 143 22.14 36.34 10.33
C LEU G 143 20.85 35.76 10.87
N ASP G 144 19.77 35.86 10.09
CA ASP G 144 18.50 35.30 10.54
C ASP G 144 18.62 33.80 10.77
N ALA G 145 19.28 33.09 9.86
CA ALA G 145 19.40 31.65 10.00
C ALA G 145 20.31 31.28 11.16
N GLU G 146 21.40 32.03 11.36
CA GLU G 146 22.24 31.78 12.53
C GLU G 146 21.47 31.97 13.82
N ILE G 147 20.67 33.04 13.89
CA ILE G 147 19.89 33.31 15.09
C ILE G 147 18.84 32.24 15.31
N LYS G 148 18.17 31.80 14.25
CA LYS G 148 17.19 30.73 14.41
C LYS G 148 17.86 29.45 14.87
N LYS G 149 19.04 29.14 14.35
CA LYS G 149 19.75 27.96 14.84
C LYS G 149 20.07 28.09 16.31
N GLN G 150 20.47 29.27 16.75
CA GLN G 150 20.68 29.47 18.18
C GLN G 150 19.38 29.28 18.96
N MET G 151 18.28 29.85 18.47
CA MET G 151 17.02 29.80 19.21
C MET G 151 16.52 28.37 19.35
N GLU G 152 16.68 27.56 18.31
CA GLU G 152 16.22 26.17 18.41
C GLU G 152 17.00 25.41 19.46
N ALA G 153 18.31 25.63 19.53
CA ALA G 153 19.13 24.91 20.50
C ALA G 153 18.81 25.33 21.92
N GLY G 154 18.06 26.40 22.08
CA GLY G 154 17.70 26.90 23.39
C GLY G 154 18.62 27.95 23.95
N ALA G 155 19.61 28.40 23.18
CA ALA G 155 20.53 29.40 23.70
C ALA G 155 19.87 30.76 23.80
N LEU G 156 18.77 30.97 23.07
CA LEU G 156 18.15 32.29 22.95
C LEU G 156 16.66 32.12 22.89
N VAL G 157 15.95 32.49 23.96
CA VAL G 157 14.49 32.38 23.96
C VAL G 157 13.91 33.78 23.90
N GLU G 158 12.92 33.96 23.03
CA GLU G 158 12.30 35.27 22.89
C GLU G 158 11.48 35.60 24.12
N ILE G 159 11.53 36.86 24.53
CA ILE G 159 10.92 37.28 25.79
C ILE G 159 10.25 38.62 25.58
N ALA G 160 9.37 38.97 26.52
CA ALA G 160 8.77 40.29 26.57
C ALA G 160 8.40 40.55 28.02
N GLU G 161 8.66 41.78 28.48
CA GLU G 161 8.46 42.07 29.88
C GLU G 161 8.15 43.54 30.05
N GLY G 162 7.25 43.85 30.97
CA GLY G 162 6.85 45.21 31.22
C GLY G 162 7.84 45.95 32.10
N MET G 163 7.52 47.21 32.36
CA MET G 163 8.39 48.13 33.06
C MET G 163 8.25 47.92 34.55
N ALA G 164 9.26 48.34 35.31
CA ALA G 164 9.13 48.39 36.76
C ALA G 164 8.52 49.71 37.19
N THR G 165 7.74 49.68 38.27
CA THR G 165 7.06 50.88 38.71
C THR G 165 8.05 51.97 39.10
N SER G 166 9.13 51.59 39.78
CA SER G 166 10.17 52.55 40.15
C SER G 166 10.79 53.24 38.95
N ILE G 167 10.51 52.77 37.75
CA ILE G 167 10.95 53.42 36.52
C ILE G 167 9.79 54.06 35.79
N ALA G 168 8.59 53.46 35.89
CA ALA G 168 7.43 54.02 35.22
C ALA G 168 7.04 55.35 35.82
N GLU G 169 6.97 55.43 37.15
CA GLU G 169 6.47 56.64 37.78
C GLU G 169 7.41 57.82 37.60
N LEU G 170 8.64 57.58 37.15
CA LEU G 170 9.58 58.66 36.92
C LEU G 170 9.58 59.16 35.49
N GLN G 171 8.65 58.70 34.66
CA GLN G 171 8.77 58.89 33.22
C GLN G 171 8.76 60.36 32.86
N GLU G 172 9.71 60.74 32.00
CA GLU G 172 9.83 62.07 31.43
C GLU G 172 10.12 63.13 32.49
N GLY G 173 11.18 62.92 33.26
CA GLY G 173 11.74 63.99 34.06
C GLY G 173 11.04 64.28 35.36
N PHE G 174 10.22 63.36 35.85
CA PHE G 174 9.61 63.55 37.16
C PHE G 174 10.64 63.28 38.25
N ASN G 175 10.57 64.06 39.32
CA ASN G 175 11.48 63.94 40.46
C ASN G 175 12.93 64.16 40.04
N GLY G 176 13.15 65.02 39.07
CA GLY G 176 14.51 65.37 38.71
C GLY G 176 15.25 64.33 37.88
N SER G 177 14.63 63.18 37.59
CA SER G 177 15.22 62.27 36.64
C SER G 177 15.27 62.93 35.26
N THR G 178 15.95 62.28 34.33
CA THR G 178 16.09 62.87 33.00
C THR G 178 16.42 61.79 31.98
N ASP G 179 16.20 62.14 30.71
CA ASP G 179 16.45 61.24 29.58
C ASP G 179 15.67 59.95 29.71
N ASN G 180 14.43 60.06 30.18
CA ASN G 180 13.52 58.91 30.28
C ASN G 180 12.17 59.25 29.67
N PRO G 181 12.12 59.52 28.36
CA PRO G 181 10.86 59.90 27.75
C PRO G 181 9.96 58.70 27.48
N TRP G 182 8.72 59.00 27.12
CA TRP G 182 7.75 57.99 26.78
C TRP G 182 7.98 57.50 25.35
N ASN G 183 7.51 56.29 25.07
CA ASN G 183 7.52 55.80 23.70
C ASN G 183 6.21 56.14 23.03
N GLU G 184 6.29 56.85 21.91
CA GLU G 184 5.12 57.44 21.28
C GLU G 184 4.80 56.74 19.97
N MET G 185 3.69 57.14 19.36
CA MET G 185 3.24 56.60 18.09
C MET G 185 2.65 57.71 17.23
N GLY G 186 2.31 57.38 16.00
CA GLY G 186 1.74 58.33 15.07
C GLY G 186 1.13 57.62 13.88
N PHE G 187 0.67 58.39 12.91
CA PHE G 187 0.12 57.79 11.70
C PHE G 187 0.45 58.66 10.50
N ARG G 188 0.48 58.02 9.32
CA ARG G 188 1.09 58.62 8.15
C ARG G 188 0.13 59.20 7.12
N ILE G 189 -0.75 58.37 6.55
CA ILE G 189 -1.68 58.77 5.49
C ILE G 189 -0.94 59.20 4.23
N ASP G 190 -0.99 58.37 3.20
CA ASP G 190 -0.40 58.63 1.89
C ASP G 190 -1.42 58.28 0.81
N LYS G 191 -1.11 58.56 -0.45
CA LYS G 191 -2.11 58.31 -1.48
C LYS G 191 -1.46 57.86 -2.78
N GLN G 192 -2.25 57.13 -3.58
CA GLN G 192 -1.85 56.66 -4.88
C GLN G 192 -2.87 57.11 -5.91
N VAL G 193 -2.39 57.43 -7.11
CA VAL G 193 -3.24 57.99 -8.15
C VAL G 193 -3.25 57.07 -9.35
N ILE G 194 -4.38 57.06 -10.07
CA ILE G 194 -4.50 56.32 -11.31
C ILE G 194 -4.89 57.29 -12.42
N GLU G 195 -4.94 56.78 -13.64
CA GLU G 195 -5.24 57.58 -14.80
C GLU G 195 -5.60 56.65 -15.94
N ALA G 196 -6.51 57.11 -16.81
CA ALA G 196 -7.13 56.26 -17.82
C ALA G 196 -6.30 56.23 -19.10
N LYS G 197 -5.50 55.18 -19.25
CA LYS G 197 -4.87 54.90 -20.53
C LYS G 197 -5.90 54.33 -21.49
N SER G 198 -5.94 54.85 -22.71
CA SER G 198 -7.01 54.53 -23.65
C SER G 198 -6.56 53.47 -24.64
N ARG G 199 -7.51 53.07 -25.49
CA ARG G 199 -7.33 51.99 -26.44
C ARG G 199 -8.45 52.08 -27.46
N GLN G 200 -8.11 51.99 -28.74
CA GLN G 200 -9.09 52.25 -29.79
C GLN G 200 -8.69 51.52 -31.06
N LEU G 201 -9.66 51.35 -31.96
CA LEU G 201 -9.42 50.70 -33.24
C LEU G 201 -10.32 51.28 -34.31
N LYS G 202 -10.00 51.01 -35.57
CA LYS G 202 -10.76 51.50 -36.71
C LYS G 202 -11.00 50.33 -37.68
N ALA G 203 -12.03 50.43 -38.52
CA ALA G 203 -12.28 49.30 -39.43
C ALA G 203 -12.16 49.65 -40.92
N ALA G 204 -12.96 50.58 -41.43
CA ALA G 204 -12.79 51.12 -42.78
C ALA G 204 -12.83 50.03 -43.86
N TYR G 205 -14.01 49.45 -44.07
CA TYR G 205 -14.19 48.52 -45.17
C TYR G 205 -14.65 49.26 -46.42
N SER G 206 -15.11 48.51 -47.43
CA SER G 206 -15.54 49.06 -48.70
C SER G 206 -16.97 48.64 -49.04
N ILE G 207 -17.64 49.47 -49.84
CA ILE G 207 -19.04 49.23 -50.18
C ILE G 207 -19.19 48.00 -51.07
N GLU G 208 -18.40 47.94 -52.14
CA GLU G 208 -18.55 46.85 -53.10
C GLU G 208 -18.24 45.52 -52.45
N LEU G 209 -17.28 45.50 -51.53
CA LEU G 209 -17.07 44.30 -50.73
C LEU G 209 -18.32 43.94 -49.97
N ALA G 210 -19.00 44.94 -49.40
CA ALA G 210 -20.21 44.67 -48.64
C ALA G 210 -21.27 44.00 -49.52
N GLN G 211 -21.51 44.58 -50.69
CA GLN G 211 -22.52 44.02 -51.59
C GLN G 211 -22.14 42.61 -52.02
N ASP G 212 -20.91 42.42 -52.46
CA ASP G 212 -20.50 41.11 -52.95
C ASP G 212 -20.55 40.06 -51.84
N LEU G 213 -20.06 40.41 -50.65
CA LEU G 213 -20.03 39.46 -49.55
C LEU G 213 -21.44 39.08 -49.15
N ARG G 214 -22.36 40.05 -49.10
CA ARG G 214 -23.74 39.72 -48.79
C ARG G 214 -24.34 38.85 -49.87
N ALA G 215 -24.04 39.15 -51.13
CA ALA G 215 -24.66 38.42 -52.23
C ALA G 215 -24.21 36.96 -52.25
N VAL G 216 -22.92 36.71 -52.07
CA VAL G 216 -22.41 35.36 -52.21
C VAL G 216 -22.55 34.57 -50.92
N HIS G 217 -21.89 35.02 -49.86
CA HIS G 217 -21.82 34.23 -48.63
C HIS G 217 -22.93 34.54 -47.64
N GLY G 218 -23.70 35.61 -47.85
CA GLY G 218 -24.76 35.90 -46.94
C GLY G 218 -24.33 36.44 -45.59
N MET G 219 -23.05 36.70 -45.40
CA MET G 219 -22.63 37.40 -44.20
C MET G 219 -22.76 38.90 -44.41
N ASP G 220 -22.53 39.66 -43.35
CA ASP G 220 -22.91 41.07 -43.35
C ASP G 220 -21.80 41.97 -43.86
N ALA G 221 -20.55 41.67 -43.50
CA ALA G 221 -19.37 42.43 -43.92
C ALA G 221 -19.30 43.81 -43.26
N ASP G 222 -20.30 44.17 -42.45
CA ASP G 222 -20.20 45.37 -41.63
C ASP G 222 -20.30 44.96 -40.17
N ALA G 223 -21.24 44.06 -39.87
CA ALA G 223 -21.37 43.56 -38.52
C ALA G 223 -20.14 42.78 -38.10
N GLU G 224 -19.47 42.13 -39.05
CA GLU G 224 -18.27 41.38 -38.72
C GLU G 224 -17.17 42.31 -38.19
N LEU G 225 -16.90 43.39 -38.90
CA LEU G 225 -15.81 44.26 -38.51
C LEU G 225 -16.04 44.88 -37.14
N SER G 226 -17.26 45.37 -36.87
CA SER G 226 -17.56 45.87 -35.55
C SER G 226 -17.45 44.76 -34.51
N GLY G 227 -17.97 43.58 -34.83
CA GLY G 227 -17.82 42.46 -33.92
C GLY G 227 -16.37 42.14 -33.66
N ILE G 228 -15.55 42.15 -34.71
CA ILE G 228 -14.13 41.82 -34.58
C ILE G 228 -13.42 42.85 -33.72
N LEU G 229 -13.72 44.14 -33.94
CA LEU G 229 -13.02 45.18 -33.19
C LEU G 229 -13.42 45.15 -31.72
N ALA G 230 -14.72 45.01 -31.43
CA ALA G 230 -15.13 44.89 -30.04
C ALA G 230 -14.50 43.67 -29.40
N THR G 231 -14.53 42.54 -30.10
CA THR G 231 -13.95 41.32 -29.55
C THR G 231 -12.47 41.50 -29.27
N GLU G 232 -11.77 42.17 -30.18
CA GLU G 232 -10.32 42.28 -30.03
C GLU G 232 -9.96 43.20 -28.87
N ILE G 233 -10.65 44.32 -28.73
CA ILE G 233 -10.32 45.20 -27.61
C ILE G 233 -10.63 44.52 -26.29
N MET G 234 -11.78 43.83 -26.21
CA MET G 234 -12.10 43.11 -24.98
C MET G 234 -11.06 42.05 -24.69
N LEU G 235 -10.66 41.29 -25.71
CA LEU G 235 -9.67 40.23 -25.53
C LEU G 235 -8.34 40.79 -25.05
N GLU G 236 -7.88 41.87 -25.67
CA GLU G 236 -6.60 42.45 -25.29
C GLU G 236 -6.64 42.99 -23.88
N ILE G 237 -7.76 43.62 -23.49
CA ILE G 237 -7.84 44.14 -22.13
C ILE G 237 -7.80 43.00 -21.11
N ASN G 238 -8.58 41.95 -21.36
CA ASN G 238 -8.56 40.81 -20.45
C ASN G 238 -7.16 40.20 -20.36
N ARG G 239 -6.51 40.05 -21.51
CA ARG G 239 -5.17 39.46 -21.50
C ARG G 239 -4.20 40.37 -20.76
N GLU G 240 -4.39 41.69 -20.86
CA GLU G 240 -3.55 42.61 -20.13
C GLU G 240 -3.70 42.41 -18.64
N VAL G 241 -4.94 42.22 -18.20
CA VAL G 241 -5.15 42.00 -16.77
C VAL G 241 -4.46 40.72 -16.33
N VAL G 242 -4.58 39.64 -17.11
CA VAL G 242 -3.92 38.40 -16.72
C VAL G 242 -2.41 38.58 -16.68
N ASP G 243 -1.87 39.28 -17.68
CA ASP G 243 -0.42 39.47 -17.72
C ASP G 243 0.05 40.32 -16.57
N TRP G 244 -0.72 41.33 -16.18
CA TRP G 244 -0.32 42.13 -15.02
C TRP G 244 -0.38 41.31 -13.75
N ILE G 245 -1.35 40.41 -13.64
CA ILE G 245 -1.43 39.58 -12.45
C ILE G 245 -0.23 38.65 -12.37
N ASN G 246 0.16 38.06 -13.51
CA ASN G 246 1.31 37.16 -13.49
C ASN G 246 2.63 37.92 -13.38
N TYR G 247 2.67 39.14 -13.88
CA TYR G 247 3.87 39.96 -13.81
C TYR G 247 4.09 40.49 -12.40
N SER G 248 3.00 40.71 -11.67
CA SER G 248 3.11 41.26 -10.32
C SER G 248 3.22 40.18 -9.25
N ALA G 249 3.01 38.91 -9.61
CA ALA G 249 3.04 37.86 -8.61
C ALA G 249 4.42 37.72 -8.00
N GLN G 250 4.44 37.27 -6.75
CA GLN G 250 5.70 37.03 -6.05
C GLN G 250 6.30 35.70 -6.47
N VAL G 251 7.57 35.52 -6.12
CA VAL G 251 8.26 34.27 -6.41
C VAL G 251 7.84 33.24 -5.37
N GLY G 252 7.02 32.29 -5.78
CA GLY G 252 6.42 31.36 -4.84
C GLY G 252 7.42 30.38 -4.29
N LYS G 253 6.90 29.46 -3.47
CA LYS G 253 7.68 28.39 -2.85
C LYS G 253 8.99 28.92 -2.31
N SER G 254 8.90 30.10 -1.70
CA SER G 254 10.07 30.75 -1.15
C SER G 254 9.72 31.29 0.22
N GLY G 255 10.72 31.86 0.88
CA GLY G 255 10.50 32.32 2.23
C GLY G 255 10.09 31.16 3.10
N MET G 256 9.00 31.35 3.84
CA MET G 256 8.56 30.34 4.79
C MET G 256 7.73 29.24 4.15
N THR G 257 7.47 29.31 2.84
CA THR G 257 6.85 28.23 2.10
C THR G 257 7.87 27.19 1.63
N LEU G 258 9.15 27.51 1.72
CA LEU G 258 10.20 26.61 1.29
C LEU G 258 10.30 25.41 2.22
N THR G 259 10.45 24.27 1.64
CA THR G 259 11.03 23.19 2.39
C THR G 259 12.53 23.36 2.36
N PRO G 260 13.27 23.07 3.44
CA PRO G 260 14.71 23.36 3.43
C PRO G 260 15.49 22.71 2.29
N GLY G 261 15.07 21.55 1.83
CA GLY G 261 15.77 20.88 0.75
C GLY G 261 15.23 21.11 -0.63
N SER G 262 14.25 21.98 -0.79
CA SER G 262 13.56 22.16 -2.06
C SER G 262 14.38 23.02 -3.02
N LYS G 263 13.75 23.41 -4.12
CA LYS G 263 14.43 24.13 -5.19
C LYS G 263 14.16 25.63 -5.19
N ALA G 264 13.44 26.14 -4.21
CA ALA G 264 13.32 27.58 -4.00
C ALA G 264 12.73 28.34 -5.17
N GLY G 265 11.47 28.06 -5.51
CA GLY G 265 10.77 28.78 -6.55
C GLY G 265 10.13 27.89 -7.57
N VAL G 266 10.49 26.62 -7.63
CA VAL G 266 9.91 25.67 -8.58
C VAL G 266 9.61 24.37 -7.85
N PHE G 267 8.36 23.92 -7.95
CA PHE G 267 7.95 22.66 -7.34
C PHE G 267 8.21 21.56 -8.35
N ASP G 268 9.16 20.70 -8.05
CA ASP G 268 9.60 19.65 -8.98
C ASP G 268 8.99 18.33 -8.54
N PHE G 269 8.25 17.70 -9.45
CA PHE G 269 7.67 16.40 -9.15
C PHE G 269 8.70 15.30 -8.98
N GLN G 270 9.90 15.47 -9.53
CA GLN G 270 10.92 14.42 -9.44
C GLN G 270 11.79 14.55 -8.21
N ASP G 271 11.66 15.62 -7.44
CA ASP G 271 12.50 15.83 -6.27
C ASP G 271 11.78 15.30 -5.03
N PRO G 272 12.31 14.28 -4.37
CA PRO G 272 11.59 13.68 -3.24
C PRO G 272 11.35 14.63 -2.09
N ILE G 273 12.17 15.68 -1.96
CA ILE G 273 11.96 16.65 -0.90
C ILE G 273 10.63 17.35 -1.08
N ASP G 274 10.30 17.73 -2.31
CA ASP G 274 9.06 18.46 -2.56
C ASP G 274 7.83 17.57 -2.47
N ILE G 275 7.90 16.34 -2.94
CA ILE G 275 6.75 15.46 -2.95
C ILE G 275 6.64 14.67 -1.65
N ARG G 276 7.40 15.05 -0.63
CA ARG G 276 7.27 14.49 0.71
C ARG G 276 7.43 12.97 0.69
N GLY G 277 8.35 12.51 -0.15
CA GLY G 277 8.66 11.10 -0.19
C GLY G 277 7.61 10.21 -0.80
N ALA G 278 6.71 10.76 -1.61
CA ALA G 278 5.63 9.97 -2.16
C ALA G 278 6.16 8.97 -3.17
N ARG G 279 5.52 7.81 -3.21
CA ARG G 279 5.78 6.81 -4.23
C ARG G 279 4.66 6.88 -5.26
N TRP G 280 4.99 6.59 -6.51
CA TRP G 280 4.03 6.58 -7.60
C TRP G 280 3.21 7.86 -7.70
N ALA G 281 2.20 7.87 -8.56
CA ALA G 281 1.66 9.13 -9.03
C ALA G 281 0.49 9.59 -8.19
N GLY G 282 -0.26 8.65 -7.62
CA GLY G 282 -1.48 9.02 -6.91
C GLY G 282 -1.19 9.78 -5.64
N GLU G 283 0.07 9.87 -5.25
CA GLU G 283 0.48 10.54 -4.02
C GLU G 283 1.42 11.70 -4.28
N SER G 284 2.30 11.55 -5.27
CA SER G 284 3.12 12.66 -5.69
C SER G 284 2.25 13.81 -6.16
N PHE G 285 1.03 13.52 -6.60
CA PHE G 285 0.09 14.58 -6.96
C PHE G 285 -0.46 15.25 -5.71
N LYS G 286 -0.83 14.46 -4.70
CA LYS G 286 -1.33 15.05 -3.45
C LYS G 286 -0.33 16.03 -2.87
N ALA G 287 0.96 15.73 -3.02
CA ALA G 287 1.96 16.68 -2.55
C ALA G 287 1.78 18.05 -3.20
N LEU G 288 1.34 18.08 -4.46
CA LEU G 288 1.09 19.36 -5.11
C LEU G 288 -0.04 20.12 -4.43
N LEU G 289 -1.11 19.42 -4.07
CA LEU G 289 -2.19 20.07 -3.34
C LEU G 289 -1.67 20.67 -2.04
N PHE G 290 -0.79 19.94 -1.35
CA PHE G 290 -0.24 20.47 -0.10
C PHE G 290 0.56 21.73 -0.36
N GLN G 291 1.30 21.76 -1.47
CA GLN G 291 2.05 22.96 -1.80
C GLN G 291 1.11 24.14 -2.07
N ILE G 292 0.00 23.88 -2.76
CA ILE G 292 -0.97 24.94 -3.01
C ILE G 292 -1.48 25.52 -1.70
N ASP G 293 -1.80 24.64 -0.76
CA ASP G 293 -2.31 25.11 0.53
C ASP G 293 -1.29 25.96 1.27
N LYS G 294 -0.02 25.53 1.26
CA LYS G 294 1.01 26.34 1.91
C LYS G 294 1.13 27.71 1.27
N GLU G 295 1.06 27.76 -0.06
CA GLU G 295 1.14 29.06 -0.74
C GLU G 295 -0.01 29.95 -0.33
N ALA G 296 -1.22 29.39 -0.27
CA ALA G 296 -2.37 30.20 0.11
C ALA G 296 -2.24 30.73 1.54
N VAL G 297 -1.76 29.88 2.46
CA VAL G 297 -1.62 30.32 3.85
C VAL G 297 -0.59 31.43 3.94
N GLU G 298 0.48 31.36 3.15
CA GLU G 298 1.44 32.47 3.17
C GLU G 298 0.82 33.74 2.58
N ILE G 299 -0.10 33.59 1.63
CA ILE G 299 -0.85 34.75 1.17
C ILE G 299 -1.60 35.38 2.32
N ALA G 300 -2.32 34.56 3.09
CA ALA G 300 -3.05 35.05 4.25
C ALA G 300 -2.12 35.74 5.23
N ARG G 301 -0.88 35.26 5.34
CA ARG G 301 0.08 35.89 6.22
C ARG G 301 0.49 37.26 5.70
N GLN G 302 0.83 37.35 4.42
CA GLN G 302 1.46 38.57 3.91
C GLN G 302 0.44 39.67 3.66
N THR G 303 -0.70 39.34 3.06
CA THR G 303 -1.70 40.35 2.78
C THR G 303 -2.40 40.87 4.02
N GLY G 304 -2.62 40.00 5.01
CA GLY G 304 -3.44 40.37 6.13
C GLY G 304 -4.92 40.37 5.85
N ARG G 305 -5.34 39.80 4.74
CA ARG G 305 -6.75 39.76 4.40
C ARG G 305 -7.34 38.35 4.32
N GLY G 306 -6.52 37.32 4.28
CA GLY G 306 -7.02 35.96 4.27
C GLY G 306 -6.37 35.13 3.19
N GLU G 307 -6.65 33.83 3.22
CA GLU G 307 -6.02 32.91 2.29
C GLU G 307 -6.45 33.21 0.86
N GLY G 308 -5.53 33.00 -0.06
CA GLY G 308 -5.83 33.12 -1.47
C GLY G 308 -6.91 32.14 -1.87
N ASN G 309 -7.80 32.55 -2.75
CA ASN G 309 -8.93 31.71 -3.10
C ASN G 309 -9.00 31.36 -4.57
N PHE G 310 -8.05 31.82 -5.39
CA PHE G 310 -8.11 31.45 -6.79
C PHE G 310 -6.74 31.05 -7.29
N ILE G 311 -6.74 30.22 -8.32
CA ILE G 311 -5.52 29.75 -8.97
C ILE G 311 -5.62 30.06 -10.45
N ILE G 312 -4.63 30.75 -11.00
CA ILE G 312 -4.48 30.88 -12.43
C ILE G 312 -3.36 29.93 -12.84
N ALA G 313 -3.70 28.90 -13.60
CA ALA G 313 -2.75 27.83 -13.86
C ALA G 313 -2.79 27.48 -15.34
N SER G 314 -1.71 26.88 -15.80
CA SER G 314 -1.65 26.42 -17.19
C SER G 314 -2.43 25.13 -17.33
N ARG G 315 -2.49 24.61 -18.56
CA ARG G 315 -3.30 23.44 -18.81
C ARG G 315 -2.82 22.23 -18.02
N ASN G 316 -1.50 22.02 -17.97
CA ASN G 316 -0.99 20.82 -17.33
C ASN G 316 -1.28 20.80 -15.84
N VAL G 317 -1.14 21.95 -15.17
CA VAL G 317 -1.40 21.98 -13.74
C VAL G 317 -2.86 21.63 -13.47
N VAL G 318 -3.77 22.20 -14.25
CA VAL G 318 -5.18 21.88 -14.05
C VAL G 318 -5.44 20.41 -14.37
N ASN G 319 -4.77 19.88 -15.38
CA ASN G 319 -4.94 18.48 -15.72
C ASN G 319 -4.52 17.58 -14.57
N VAL G 320 -3.38 17.87 -13.93
CA VAL G 320 -2.97 17.04 -12.81
C VAL G 320 -3.86 17.27 -11.60
N LEU G 321 -4.45 18.45 -11.47
CA LEU G 321 -5.42 18.68 -10.40
C LEU G 321 -6.66 17.84 -10.60
N ALA G 322 -7.11 17.69 -11.85
CA ALA G 322 -8.38 17.02 -12.10
C ALA G 322 -8.22 15.51 -12.15
N SER G 323 -7.00 15.00 -11.97
CA SER G 323 -6.80 13.56 -12.05
C SER G 323 -6.56 12.90 -10.70
N VAL G 324 -6.80 13.61 -9.59
CA VAL G 324 -6.62 13.03 -8.26
C VAL G 324 -7.82 13.36 -7.39
N ASP G 325 -8.02 12.52 -6.38
CA ASP G 325 -9.00 12.79 -5.33
C ASP G 325 -8.49 13.96 -4.51
N THR G 326 -9.11 15.12 -4.68
CA THR G 326 -8.64 16.34 -4.04
C THR G 326 -8.93 16.37 -2.56
N GLY G 327 -9.91 15.62 -2.09
CA GLY G 327 -10.19 15.56 -0.67
C GLY G 327 -9.14 14.77 0.06
N ILE G 328 -9.37 14.59 1.36
CA ILE G 328 -8.45 13.80 2.18
C ILE G 328 -8.92 12.36 2.09
N SER G 329 -8.50 11.69 1.02
CA SER G 329 -8.97 10.34 0.75
C SER G 329 -7.88 9.55 0.05
N TYR G 330 -7.09 8.81 0.84
CA TYR G 330 -5.99 7.96 0.43
C TYR G 330 -5.33 8.34 -0.89
N ALA G 331 -4.83 7.36 -1.61
CA ALA G 331 -4.15 7.58 -2.87
C ALA G 331 -5.06 7.18 -4.02
N ALA G 332 -5.26 8.09 -4.97
CA ALA G 332 -6.16 7.80 -6.08
C ALA G 332 -5.75 8.60 -7.30
N GLN G 333 -6.04 8.04 -8.48
CA GLN G 333 -5.68 8.71 -9.73
C GLN G 333 -6.40 8.06 -10.89
N GLY G 334 -6.70 8.86 -11.89
CA GLY G 334 -7.42 8.36 -13.05
C GLY G 334 -7.64 9.43 -14.08
N LEU G 335 -8.51 9.13 -15.04
CA LEU G 335 -8.84 10.07 -16.10
C LEU G 335 -9.42 11.35 -15.50
N ALA G 336 -8.93 12.49 -15.99
CA ALA G 336 -9.32 13.78 -15.44
C ALA G 336 -10.81 14.03 -15.72
N THR G 337 -11.59 14.21 -14.67
CA THR G 337 -13.04 14.38 -14.81
C THR G 337 -13.63 15.52 -14.00
N GLY G 338 -12.99 15.96 -12.92
CA GLY G 338 -13.61 16.95 -12.06
C GLY G 338 -13.56 18.36 -12.60
N PHE G 339 -12.69 18.62 -13.58
CA PHE G 339 -12.42 19.98 -14.01
C PHE G 339 -12.55 20.07 -15.52
N SER G 340 -12.76 21.29 -16.02
CA SER G 340 -12.80 21.52 -17.44
C SER G 340 -11.47 22.07 -17.94
N THR G 341 -10.68 21.22 -18.58
CA THR G 341 -9.39 21.62 -19.12
C THR G 341 -9.50 22.22 -20.51
N ASP G 342 -10.66 22.11 -21.16
CA ASP G 342 -10.87 22.73 -22.46
C ASP G 342 -10.76 24.24 -22.30
N THR G 343 -9.74 24.83 -22.89
CA THR G 343 -9.78 26.27 -23.09
C THR G 343 -10.76 26.66 -24.18
N THR G 344 -11.30 25.68 -24.90
CA THR G 344 -12.30 25.90 -25.91
C THR G 344 -13.69 26.16 -25.35
N LYS G 345 -14.08 25.45 -24.31
CA LYS G 345 -15.39 25.64 -23.70
C LYS G 345 -15.42 26.83 -22.76
N SER G 346 -14.50 26.87 -21.81
CA SER G 346 -14.43 27.98 -20.88
C SER G 346 -13.07 27.95 -20.21
N VAL G 347 -12.50 29.12 -20.03
CA VAL G 347 -11.24 29.23 -19.30
C VAL G 347 -11.42 28.76 -17.87
N PHE G 348 -12.53 29.11 -17.25
CA PHE G 348 -12.76 28.78 -15.85
C PHE G 348 -12.72 27.27 -15.66
N ALA G 349 -11.65 26.79 -15.04
CA ALA G 349 -11.46 25.35 -14.83
C ALA G 349 -12.49 24.78 -13.87
N GLY G 350 -12.72 25.44 -12.75
CA GLY G 350 -13.74 24.97 -11.84
C GLY G 350 -13.46 25.46 -10.42
N VAL G 351 -13.95 24.68 -9.46
CA VAL G 351 -13.74 24.93 -8.05
C VAL G 351 -12.97 23.76 -7.48
N LEU G 352 -11.73 24.01 -7.10
CA LEU G 352 -10.89 22.98 -6.49
C LEU G 352 -11.22 22.90 -5.00
N GLY G 353 -11.60 21.70 -4.57
CA GLY G 353 -11.86 21.43 -3.17
C GLY G 353 -12.95 22.26 -2.53
N GLY G 354 -13.79 22.90 -3.34
CA GLY G 354 -14.79 23.77 -2.79
C GLY G 354 -14.24 25.03 -2.16
N LYS G 355 -12.94 25.25 -2.24
CA LYS G 355 -12.29 26.40 -1.63
C LYS G 355 -11.63 27.32 -2.63
N TYR G 356 -11.05 26.79 -3.70
CA TYR G 356 -10.29 27.59 -4.66
C TYR G 356 -11.03 27.71 -5.98
N ARG G 357 -10.94 28.86 -6.62
CA ARG G 357 -11.55 29.04 -7.93
C ARG G 357 -10.47 28.99 -8.99
N VAL G 358 -10.37 27.88 -9.69
CA VAL G 358 -9.27 27.59 -10.59
C VAL G 358 -9.63 28.06 -11.99
N TYR G 359 -8.81 28.95 -12.54
CA TYR G 359 -8.87 29.39 -13.92
C TYR G 359 -7.71 28.78 -14.69
N ILE G 360 -7.73 28.93 -16.00
CA ILE G 360 -6.74 28.32 -16.87
C ILE G 360 -6.05 29.40 -17.68
N ASP G 361 -4.72 29.37 -17.70
CA ASP G 361 -3.92 30.37 -18.42
C ASP G 361 -3.61 29.83 -19.81
N GLN G 362 -4.56 30.02 -20.74
CA GLN G 362 -4.47 29.31 -22.02
C GLN G 362 -3.24 29.68 -22.82
N TYR G 363 -2.63 30.83 -22.59
CA TYR G 363 -1.43 31.23 -23.30
C TYR G 363 -0.21 31.19 -22.39
N ALA G 364 -0.18 30.22 -21.49
CA ALA G 364 0.97 30.08 -20.62
C ALA G 364 2.20 29.70 -21.42
N LYS G 365 3.34 30.28 -21.07
CA LYS G 365 4.54 29.98 -21.83
C LYS G 365 5.04 28.58 -21.51
N GLN G 366 5.42 28.31 -20.27
CA GLN G 366 5.83 26.95 -19.99
C GLN G 366 4.92 26.22 -19.01
N ASP G 367 4.91 26.62 -17.74
CA ASP G 367 4.13 25.90 -16.74
C ASP G 367 4.17 26.58 -15.39
N TYR G 368 3.02 26.82 -14.78
CA TYR G 368 3.00 27.45 -13.46
C TYR G 368 1.59 27.40 -12.91
N PHE G 369 1.49 27.67 -11.61
CA PHE G 369 0.23 28.00 -10.99
C PHE G 369 0.44 29.20 -10.10
N THR G 370 -0.52 30.13 -10.13
CA THR G 370 -0.45 31.36 -9.37
C THR G 370 -1.63 31.42 -8.41
N VAL G 371 -1.34 31.41 -7.12
CA VAL G 371 -2.36 31.46 -6.07
C VAL G 371 -2.58 32.92 -5.72
N GLY G 372 -3.83 33.32 -5.61
CA GLY G 372 -4.15 34.71 -5.38
C GLY G 372 -5.41 34.88 -4.56
N TYR G 373 -5.54 36.09 -4.02
CA TYR G 373 -6.62 36.47 -3.12
C TYR G 373 -7.51 37.50 -3.79
N LYS G 374 -8.82 37.39 -3.56
CA LYS G 374 -9.80 38.35 -4.05
C LYS G 374 -10.82 38.60 -2.95
N GLY G 375 -10.71 39.74 -2.28
CA GLY G 375 -11.58 40.07 -1.18
C GLY G 375 -12.97 40.42 -1.63
N PRO G 376 -13.94 40.35 -0.72
CA PRO G 376 -15.33 40.64 -1.12
C PRO G 376 -15.51 42.02 -1.70
N ASN G 377 -14.88 43.04 -1.12
CA ASN G 377 -14.93 44.38 -1.67
C ASN G 377 -14.01 44.45 -2.87
N GLU G 378 -14.33 45.34 -3.79
CA GLU G 378 -13.41 45.58 -4.89
C GLU G 378 -12.20 46.38 -4.45
N MET G 379 -12.19 46.91 -3.22
CA MET G 379 -11.07 47.70 -2.75
C MET G 379 -9.97 46.84 -2.15
N ASP G 380 -10.18 45.53 -2.03
CA ASP G 380 -9.18 44.61 -1.50
C ASP G 380 -9.05 43.47 -2.51
N ALA G 381 -8.26 43.70 -3.54
CA ALA G 381 -8.12 42.74 -4.63
C ALA G 381 -6.71 42.54 -5.13
N GLY G 382 -5.79 43.49 -4.94
CA GLY G 382 -4.46 43.39 -5.46
C GLY G 382 -4.24 44.18 -6.75
N ILE G 383 -5.18 44.12 -7.68
CA ILE G 383 -5.09 44.90 -8.89
C ILE G 383 -6.50 45.18 -9.38
N TYR G 384 -6.74 46.41 -9.79
CA TYR G 384 -8.07 46.90 -10.08
C TYR G 384 -8.16 47.30 -11.54
N TYR G 385 -9.11 46.71 -12.25
CA TYR G 385 -9.44 47.10 -13.62
C TYR G 385 -10.60 48.06 -13.56
N ALA G 386 -10.32 49.35 -13.69
CA ALA G 386 -11.28 50.42 -13.43
C ALA G 386 -11.74 51.06 -14.72
N PRO G 387 -12.74 50.50 -15.39
CA PRO G 387 -13.20 51.09 -16.65
C PRO G 387 -13.78 52.47 -16.40
N TYR G 388 -13.54 53.37 -17.34
CA TYR G 388 -14.08 54.73 -17.26
C TYR G 388 -15.08 55.01 -18.36
N VAL G 389 -14.69 54.88 -19.62
CA VAL G 389 -15.61 55.02 -20.74
C VAL G 389 -15.55 53.73 -21.54
N ALA G 390 -16.70 53.13 -21.78
CA ALA G 390 -16.74 51.77 -22.27
C ALA G 390 -17.24 51.72 -23.70
N LEU G 391 -16.39 51.23 -24.59
CA LEU G 391 -16.76 50.84 -25.95
C LEU G 391 -17.64 51.88 -26.63
N THR G 392 -17.07 53.04 -26.86
CA THR G 392 -17.78 54.07 -27.58
C THR G 392 -17.65 53.81 -29.08
N PRO G 393 -18.72 53.46 -29.77
CA PRO G 393 -18.62 53.21 -31.21
C PRO G 393 -18.81 54.48 -32.01
N LEU G 394 -17.87 54.72 -32.91
CA LEU G 394 -17.89 55.85 -33.82
C LEU G 394 -18.02 55.31 -35.23
N ARG G 395 -18.71 56.05 -36.09
CA ARG G 395 -18.83 55.63 -37.47
C ARG G 395 -18.70 56.85 -38.35
N GLY G 396 -18.49 56.62 -39.64
CA GLY G 396 -18.45 57.73 -40.57
C GLY G 396 -18.17 57.23 -41.96
N SER G 397 -18.03 58.18 -42.87
CA SER G 397 -17.64 57.87 -44.24
C SER G 397 -16.65 58.92 -44.69
N ASP G 398 -15.94 58.62 -45.76
CA ASP G 398 -15.04 59.62 -46.32
C ASP G 398 -15.75 60.33 -47.47
N PRO G 399 -15.93 61.65 -47.41
CA PRO G 399 -16.68 62.34 -48.47
C PRO G 399 -16.06 62.24 -49.85
N LYS G 400 -14.76 61.94 -49.95
CA LYS G 400 -14.16 61.74 -51.26
C LYS G 400 -14.57 60.44 -51.92
N ASN G 401 -14.54 59.35 -51.18
CA ASN G 401 -14.77 58.03 -51.77
C ASN G 401 -16.07 57.39 -51.32
N PHE G 402 -16.84 58.01 -50.44
CA PHE G 402 -18.11 57.49 -49.95
C PHE G 402 -17.97 56.15 -49.26
N GLN G 403 -16.76 55.70 -49.02
CA GLN G 403 -16.66 54.43 -48.36
C GLN G 403 -16.73 54.63 -46.84
N PRO G 404 -17.30 53.66 -46.12
CA PRO G 404 -17.50 53.83 -44.69
C PRO G 404 -16.31 53.34 -43.89
N VAL G 405 -16.05 54.03 -42.78
CA VAL G 405 -15.12 53.59 -41.77
C VAL G 405 -15.85 53.57 -40.45
N MET G 406 -15.36 52.76 -39.52
CA MET G 406 -15.93 52.67 -38.20
C MET G 406 -14.79 52.47 -37.21
N GLY G 407 -15.05 52.82 -35.96
CA GLY G 407 -14.02 52.72 -34.95
C GLY G 407 -14.64 52.58 -33.59
N PHE G 408 -13.81 52.25 -32.62
CA PHE G 408 -14.22 52.13 -31.24
C PHE G 408 -13.18 52.81 -30.37
N LYS G 409 -13.65 53.44 -29.30
CA LYS G 409 -12.78 54.04 -28.29
C LYS G 409 -13.07 53.41 -26.94
N THR G 410 -12.08 53.45 -26.05
CA THR G 410 -12.21 52.93 -24.70
C THR G 410 -11.15 53.58 -23.84
N ARG G 411 -11.51 53.99 -22.63
CA ARG G 411 -10.55 54.54 -21.69
C ARG G 411 -10.73 53.86 -20.35
N TYR G 412 -9.83 52.96 -20.00
CA TYR G 412 -10.07 52.24 -18.76
C TYR G 412 -9.06 52.60 -17.68
N GLY G 413 -7.79 52.33 -17.91
CA GLY G 413 -6.82 52.48 -16.85
C GLY G 413 -7.05 51.45 -15.76
N ILE G 414 -5.95 51.06 -15.10
CA ILE G 414 -6.00 50.11 -14.00
C ILE G 414 -5.10 50.63 -12.90
N GLY G 415 -5.00 49.87 -11.83
CA GLY G 415 -4.15 50.26 -10.73
C GLY G 415 -3.88 49.09 -9.83
N ILE G 416 -3.06 49.31 -8.81
CA ILE G 416 -2.72 48.27 -7.85
C ILE G 416 -3.38 48.59 -6.52
N ASN G 417 -3.28 47.64 -5.62
CA ASN G 417 -3.79 47.84 -4.28
C ASN G 417 -2.72 48.44 -3.39
N PRO G 418 -2.86 49.68 -2.94
CA PRO G 418 -1.88 50.21 -1.97
C PRO G 418 -1.83 49.28 -0.78
N PHE G 419 -0.61 49.06 -0.29
CA PHE G 419 -0.21 47.87 0.46
C PHE G 419 -0.06 46.72 -0.52
N ALA G 420 0.30 46.99 -1.77
CA ALA G 420 0.68 45.92 -2.66
C ALA G 420 1.91 45.20 -2.14
N GLU G 421 2.98 45.95 -1.87
CA GLU G 421 4.19 45.31 -1.38
C GLU G 421 3.94 44.62 -0.04
N SER G 422 3.30 45.33 0.89
CA SER G 422 2.86 44.76 2.16
C SER G 422 4.04 44.26 2.98
N ALA G 423 5.26 44.46 2.46
CA ALA G 423 6.45 44.23 3.26
C ALA G 423 7.17 45.54 3.52
N ALA G 424 6.86 46.55 2.72
CA ALA G 424 7.32 47.90 3.01
C ALA G 424 6.43 48.52 4.08
N GLN G 425 7.05 49.11 5.07
CA GLN G 425 6.32 49.73 6.15
C GLN G 425 5.97 51.18 5.86
N ALA G 426 6.42 51.71 4.72
CA ALA G 426 6.14 53.09 4.40
C ALA G 426 6.37 53.29 2.91
N PRO G 427 5.49 53.97 2.21
CA PRO G 427 5.71 54.18 0.78
C PRO G 427 6.67 55.33 0.56
N ALA G 428 7.15 55.43 -0.67
CA ALA G 428 7.98 56.56 -1.03
C ALA G 428 7.13 57.70 -1.57
N SER G 429 7.56 58.93 -1.29
CA SER G 429 7.12 60.16 -1.92
C SER G 429 5.74 60.64 -1.46
N ARG G 430 5.01 59.84 -0.68
CA ARG G 430 3.74 60.24 -0.08
C ARG G 430 2.64 60.44 -1.12
N ILE G 431 3.02 60.46 -2.39
CA ILE G 431 2.10 60.56 -3.51
C ILE G 431 2.66 59.68 -4.61
N GLN G 432 2.08 58.51 -4.81
CA GLN G 432 2.64 57.57 -5.76
C GLN G 432 1.68 57.30 -6.89
N SER G 433 2.20 56.68 -7.94
CA SER G 433 1.33 56.10 -8.95
C SER G 433 0.94 54.69 -8.55
N GLY G 434 -0.36 54.44 -8.51
CA GLY G 434 -0.87 53.11 -8.29
C GLY G 434 -0.93 52.27 -9.54
N MET G 435 -0.70 52.86 -10.69
CA MET G 435 -0.65 52.13 -11.94
C MET G 435 0.64 51.32 -12.01
N PRO G 436 0.56 50.02 -12.22
CA PRO G 436 1.70 49.14 -11.94
C PRO G 436 2.88 49.45 -12.84
N SER G 437 4.08 49.25 -12.30
CA SER G 437 5.31 49.49 -13.03
C SER G 437 6.39 48.62 -12.43
N ILE G 438 7.64 48.91 -12.81
CA ILE G 438 8.78 48.20 -12.25
C ILE G 438 8.92 48.53 -10.77
N LEU G 439 8.80 49.81 -10.43
CA LEU G 439 9.29 50.29 -9.15
C LEU G 439 8.40 49.88 -7.99
N ASN G 440 7.18 49.42 -8.26
CA ASN G 440 6.26 49.05 -7.18
C ASN G 440 5.61 47.68 -7.34
N SER G 441 5.37 47.21 -8.55
CA SER G 441 4.59 45.99 -8.73
C SER G 441 5.39 44.78 -9.16
N LEU G 442 6.59 44.94 -9.70
CA LEU G 442 7.29 43.84 -10.34
C LEU G 442 7.72 42.83 -9.27
N GLY G 443 7.01 41.72 -9.20
CA GLY G 443 7.37 40.68 -8.25
C GLY G 443 7.17 41.05 -6.81
N LYS G 444 6.52 42.19 -6.53
CA LYS G 444 6.31 42.65 -5.17
C LYS G 444 4.89 42.47 -4.66
N ASN G 445 3.91 42.41 -5.54
CA ASN G 445 2.52 42.36 -5.12
C ASN G 445 2.29 41.13 -4.26
N ALA G 446 1.83 41.34 -3.02
CA ALA G 446 1.74 40.27 -2.05
C ALA G 446 0.46 39.45 -2.17
N TYR G 447 -0.43 39.80 -3.10
CA TYR G 447 -1.65 39.03 -3.20
C TYR G 447 -1.51 37.78 -4.05
N PHE G 448 -0.39 37.61 -4.76
CA PHE G 448 -0.25 36.48 -5.66
C PHE G 448 1.13 35.85 -5.51
N ARG G 449 1.15 34.54 -5.32
CA ARG G 449 2.39 33.77 -5.32
C ARG G 449 2.38 32.88 -6.56
N ARG G 450 3.45 32.97 -7.34
CA ARG G 450 3.57 32.22 -8.58
C ARG G 450 4.60 31.12 -8.40
N VAL G 451 4.24 29.90 -8.78
CA VAL G 451 5.13 28.75 -8.63
C VAL G 451 5.22 28.04 -9.97
N TYR G 452 6.42 27.70 -10.38
CA TYR G 452 6.60 26.89 -11.57
C TYR G 452 6.59 25.42 -11.19
N VAL G 453 5.90 24.61 -12.00
CA VAL G 453 5.77 23.20 -11.75
C VAL G 453 6.47 22.45 -12.86
N LYS G 454 7.40 21.58 -12.49
CA LYS G 454 8.15 20.78 -13.44
C LYS G 454 8.03 19.32 -13.06
N GLY G 455 8.11 18.45 -14.05
CA GLY G 455 7.91 17.04 -13.82
C GLY G 455 6.50 16.57 -14.04
N ILE G 456 5.69 17.33 -14.76
CA ILE G 456 4.35 16.87 -15.09
C ILE G 456 4.45 15.83 -16.19
N ALA H 1 -13.80 -63.79 -43.95
CA ALA H 1 -12.34 -63.83 -44.00
C ALA H 1 -11.79 -62.62 -44.74
N GLU H 2 -12.67 -61.90 -45.43
CA GLU H 2 -12.27 -60.73 -46.19
C GLU H 2 -11.91 -59.60 -45.23
N ILE H 3 -10.78 -58.96 -45.48
CA ILE H 3 -10.25 -57.91 -44.62
C ILE H 3 -10.67 -56.57 -45.20
N GLY H 4 -11.46 -55.80 -44.44
CA GLY H 4 -11.85 -54.49 -44.91
C GLY H 4 -10.65 -53.62 -45.22
N GLY H 5 -9.60 -53.75 -44.43
CA GLY H 5 -8.36 -53.05 -44.72
C GLY H 5 -8.36 -51.63 -44.21
N ASP H 6 -7.20 -50.99 -44.29
CA ASP H 6 -7.02 -49.60 -43.90
C ASP H 6 -6.26 -48.88 -45.00
N HIS H 7 -6.58 -47.60 -45.17
CA HIS H 7 -5.81 -46.75 -46.06
C HIS H 7 -4.41 -46.61 -45.50
N GLY H 8 -3.51 -46.11 -46.32
CA GLY H 8 -2.17 -45.98 -45.82
C GLY H 8 -1.94 -44.81 -44.89
N TYR H 9 -2.99 -44.08 -44.54
CA TYR H 9 -2.89 -42.82 -43.83
C TYR H 9 -2.06 -41.81 -44.60
N ASN H 10 -1.97 -42.02 -45.91
CA ASN H 10 -1.33 -41.08 -46.83
C ASN H 10 -2.42 -40.23 -47.45
N ALA H 11 -2.21 -38.92 -47.47
CA ALA H 11 -3.24 -38.01 -47.98
C ALA H 11 -3.68 -38.40 -49.39
N THR H 12 -2.74 -38.83 -50.22
CA THR H 12 -3.08 -39.20 -51.60
C THR H 12 -4.05 -40.36 -51.63
N ASN H 13 -3.74 -41.44 -50.92
CA ASN H 13 -4.61 -42.60 -50.90
C ASN H 13 -5.97 -42.26 -50.29
N ILE H 14 -5.96 -41.48 -49.21
CA ILE H 14 -7.22 -41.13 -48.56
C ILE H 14 -8.11 -40.35 -49.52
N ALA H 15 -7.54 -39.37 -50.22
CA ALA H 15 -8.34 -38.59 -51.15
C ALA H 15 -8.84 -39.44 -52.30
N ALA H 16 -7.99 -40.29 -52.86
CA ALA H 16 -8.42 -41.12 -53.97
C ALA H 16 -9.31 -42.28 -53.54
N GLY H 17 -9.32 -42.62 -52.26
CA GLY H 17 -10.11 -43.75 -51.80
C GLY H 17 -9.39 -45.07 -51.83
N GLN H 18 -8.07 -45.07 -51.92
CA GLN H 18 -7.31 -46.31 -51.97
C GLN H 18 -7.25 -46.93 -50.58
N THR H 19 -7.77 -48.14 -50.44
CA THR H 19 -7.57 -48.93 -49.24
C THR H 19 -6.76 -50.16 -49.61
N SER H 20 -6.18 -50.81 -48.60
CA SER H 20 -5.44 -52.03 -48.82
C SER H 20 -6.28 -53.27 -48.61
N GLY H 21 -7.59 -53.11 -48.39
CA GLY H 21 -8.46 -54.23 -48.08
C GLY H 21 -9.24 -54.66 -49.31
N ALA H 22 -10.38 -55.31 -49.05
CA ALA H 22 -11.20 -55.81 -50.16
C ALA H 22 -11.95 -54.69 -50.86
N VAL H 23 -12.56 -53.78 -50.12
CA VAL H 23 -13.43 -52.77 -50.68
C VAL H 23 -12.64 -51.49 -50.87
N THR H 24 -12.89 -50.80 -51.97
CA THR H 24 -12.22 -49.54 -52.24
C THR H 24 -13.19 -48.37 -52.10
N GLN H 25 -12.81 -47.42 -51.26
CA GLN H 25 -13.70 -46.34 -50.84
C GLN H 25 -14.03 -45.41 -51.98
N ILE H 26 -15.28 -44.97 -52.02
CA ILE H 26 -15.72 -44.04 -53.05
C ILE H 26 -15.01 -42.71 -52.90
N GLY H 27 -15.04 -42.14 -51.71
CA GLY H 27 -14.51 -40.83 -51.48
C GLY H 27 -14.54 -40.45 -50.00
N PRO H 28 -13.76 -39.46 -49.64
CA PRO H 28 -13.49 -39.20 -48.23
C PRO H 28 -14.55 -38.34 -47.57
N ALA H 29 -15.82 -38.70 -47.77
CA ALA H 29 -16.96 -38.03 -47.17
C ALA H 29 -16.89 -36.50 -47.33
N VAL H 30 -17.58 -35.79 -46.44
CA VAL H 30 -17.55 -34.33 -46.40
C VAL H 30 -17.79 -33.92 -44.95
N MET H 31 -16.84 -33.19 -44.36
CA MET H 31 -16.98 -32.78 -42.98
C MET H 31 -17.39 -31.33 -42.83
N GLY H 32 -17.24 -30.55 -43.88
CA GLY H 32 -17.62 -29.15 -43.84
C GLY H 32 -16.72 -28.35 -44.76
N MET H 33 -16.92 -27.05 -44.73
CA MET H 33 -16.10 -26.11 -45.48
C MET H 33 -15.71 -24.97 -44.56
N VAL H 34 -14.42 -24.63 -44.56
CA VAL H 34 -13.88 -23.62 -43.66
C VAL H 34 -13.43 -22.44 -44.49
N ARG H 35 -13.96 -21.27 -44.19
CA ARG H 35 -13.67 -20.05 -44.92
C ARG H 35 -13.09 -19.01 -44.00
N ARG H 36 -12.14 -18.23 -44.51
CA ARG H 36 -11.55 -17.15 -43.73
C ARG H 36 -12.61 -16.16 -43.31
N ALA H 37 -12.55 -15.69 -42.07
CA ALA H 37 -13.55 -14.76 -41.59
C ALA H 37 -13.34 -13.39 -42.21
N ILE H 38 -14.44 -12.65 -42.37
CA ILE H 38 -14.43 -11.32 -42.94
C ILE H 38 -14.20 -10.31 -41.83
N PRO H 39 -13.16 -9.48 -41.93
CA PRO H 39 -12.86 -8.54 -40.83
C PRO H 39 -13.91 -7.45 -40.72
N ASN H 40 -13.93 -6.81 -39.56
CA ASN H 40 -14.80 -5.68 -39.32
C ASN H 40 -14.12 -4.38 -39.73
N LEU H 41 -14.93 -3.35 -39.89
CA LEU H 41 -14.41 -2.03 -40.23
C LEU H 41 -14.30 -1.16 -38.98
N ILE H 42 -13.51 -0.10 -39.09
CA ILE H 42 -13.39 0.89 -38.03
C ILE H 42 -14.44 1.98 -38.15
N ALA H 43 -15.39 1.83 -39.07
CA ALA H 43 -16.39 2.84 -39.39
C ALA H 43 -15.75 4.16 -39.77
N PHE H 44 -16.54 5.23 -39.84
CA PHE H 44 -16.03 6.52 -40.27
C PHE H 44 -16.63 7.62 -39.43
N ASP H 45 -17.02 7.30 -38.21
CA ASP H 45 -17.42 8.30 -37.24
C ASP H 45 -16.22 8.85 -36.49
N ILE H 46 -15.02 8.41 -36.86
CA ILE H 46 -13.76 8.88 -36.31
C ILE H 46 -13.20 10.03 -37.12
N CYS H 47 -13.78 10.32 -38.27
CA CYS H 47 -13.47 11.50 -39.05
C CYS H 47 -14.75 11.95 -39.72
N GLY H 48 -14.79 13.21 -40.12
CA GLY H 48 -15.99 13.74 -40.72
C GLY H 48 -16.35 13.02 -41.99
N VAL H 49 -17.65 13.00 -42.28
CA VAL H 49 -18.16 12.32 -43.47
C VAL H 49 -18.42 13.31 -44.60
N GLN H 50 -19.34 14.23 -44.41
CA GLN H 50 -19.62 15.27 -45.39
C GLN H 50 -19.77 14.68 -46.79
N PRO H 51 -20.78 13.85 -47.05
CA PRO H 51 -20.84 13.16 -48.34
C PRO H 51 -21.01 14.15 -49.49
N MET H 52 -20.54 13.74 -50.65
CA MET H 52 -20.59 14.55 -51.86
C MET H 52 -21.81 14.19 -52.69
N ASN H 53 -22.45 15.23 -53.25
CA ASN H 53 -23.45 15.05 -54.27
C ASN H 53 -22.86 15.21 -55.66
N SER H 54 -21.75 15.92 -55.79
CA SER H 54 -20.97 16.01 -57.01
C SER H 54 -19.51 16.00 -56.61
N PRO H 55 -18.62 15.55 -57.48
CA PRO H 55 -17.20 15.52 -57.11
C PRO H 55 -16.68 16.92 -56.84
N THR H 56 -15.46 16.99 -56.31
CA THR H 56 -14.77 18.25 -56.08
C THR H 56 -15.53 19.17 -55.13
N GLY H 57 -15.67 18.74 -53.89
CA GLY H 57 -16.18 19.65 -52.87
C GLY H 57 -15.20 20.75 -52.53
N GLN H 58 -15.72 21.83 -51.95
CA GLN H 58 -14.89 22.93 -51.47
C GLN H 58 -15.43 23.48 -50.16
N VAL H 59 -14.56 24.16 -49.41
CA VAL H 59 -14.89 24.67 -48.08
C VAL H 59 -14.12 25.96 -47.85
N PHE H 60 -14.81 26.99 -47.40
CA PHE H 60 -14.19 28.27 -47.14
C PHE H 60 -13.69 28.36 -45.71
N ALA H 61 -12.85 29.35 -45.45
CA ALA H 61 -12.26 29.54 -44.13
C ALA H 61 -11.99 31.01 -43.91
N LEU H 62 -12.63 31.57 -42.89
CA LEU H 62 -12.53 32.99 -42.58
C LEU H 62 -11.52 33.18 -41.46
N ARG H 63 -10.56 34.06 -41.69
CA ARG H 63 -9.56 34.40 -40.69
C ARG H 63 -9.58 35.90 -40.46
N ALA H 64 -9.44 36.31 -39.20
CA ALA H 64 -9.33 37.72 -38.88
C ALA H 64 -7.89 38.06 -38.55
N VAL H 65 -7.33 39.04 -39.26
CA VAL H 65 -5.94 39.43 -39.10
C VAL H 65 -5.88 40.95 -39.03
N TYR H 66 -4.84 41.46 -38.36
CA TYR H 66 -4.87 42.89 -38.05
C TYR H 66 -3.75 43.63 -38.75
N GLY H 67 -4.01 44.89 -39.06
CA GLY H 67 -3.04 45.76 -39.69
C GLY H 67 -3.45 46.38 -41.01
N LYS H 68 -4.75 46.54 -41.23
CA LYS H 68 -5.30 47.17 -42.42
C LYS H 68 -5.18 46.29 -43.65
N ASP H 69 -4.45 45.19 -43.54
CA ASP H 69 -4.08 44.38 -44.69
C ASP H 69 -4.46 42.93 -44.42
N PRO H 70 -5.65 42.53 -44.81
CA PRO H 70 -6.05 41.13 -44.62
C PRO H 70 -5.12 40.17 -45.32
N VAL H 71 -4.53 40.57 -46.43
CA VAL H 71 -3.70 39.71 -47.26
C VAL H 71 -2.35 40.38 -47.41
N ALA H 72 -1.39 40.02 -46.57
CA ALA H 72 -0.07 40.61 -46.65
C ALA H 72 0.91 39.63 -46.05
N ALA H 73 2.12 39.61 -46.61
CA ALA H 73 3.13 38.66 -46.17
C ALA H 73 3.42 38.83 -44.68
N GLY H 74 3.02 37.84 -43.89
CA GLY H 74 3.30 37.85 -42.48
C GLY H 74 2.32 38.60 -41.62
N ALA H 75 1.09 38.80 -42.09
CA ALA H 75 0.04 39.31 -41.19
C ALA H 75 -0.30 38.24 -40.17
N LYS H 76 -0.59 38.68 -38.95
CA LYS H 76 -0.83 37.77 -37.85
C LYS H 76 -2.33 37.57 -37.65
N GLU H 77 -2.74 36.31 -37.56
CA GLU H 77 -4.14 35.98 -37.38
C GLU H 77 -4.58 36.44 -36.01
N ALA H 78 -5.76 37.07 -35.93
CA ALA H 78 -6.14 37.70 -34.67
C ALA H 78 -6.48 36.65 -33.62
N PHE H 79 -7.54 35.89 -33.85
CA PHE H 79 -7.98 34.89 -32.90
C PHE H 79 -7.24 33.61 -33.23
N HIS H 80 -6.58 33.03 -32.23
CA HIS H 80 -5.83 31.84 -32.58
C HIS H 80 -5.80 30.88 -31.42
N PRO H 81 -6.02 29.60 -31.64
CA PRO H 81 -5.98 28.64 -30.53
C PRO H 81 -4.67 28.64 -29.76
N MET H 82 -3.55 28.81 -30.44
CA MET H 82 -2.24 28.78 -29.80
C MET H 82 -1.66 30.15 -29.54
N TYR H 83 -1.74 31.05 -30.50
CA TYR H 83 -1.08 32.34 -30.42
C TYR H 83 -1.96 33.32 -29.66
N GLY H 84 -1.45 33.84 -28.57
CA GLY H 84 -2.16 34.84 -27.81
C GLY H 84 -2.22 36.14 -28.56
N PRO H 85 -3.09 37.03 -28.10
CA PRO H 85 -3.27 38.31 -28.79
C PRO H 85 -2.09 39.23 -28.56
N ASP H 86 -1.85 40.12 -29.51
CA ASP H 86 -0.87 41.17 -29.30
C ASP H 86 -1.53 42.16 -28.34
N ALA H 87 -1.37 41.90 -27.05
CA ALA H 87 -2.15 42.61 -26.06
C ALA H 87 -1.83 44.10 -26.04
N MET H 88 -0.75 44.50 -26.69
CA MET H 88 -0.47 45.92 -26.87
C MET H 88 -0.67 46.37 -28.31
N PHE H 89 -1.33 45.57 -29.14
CA PHE H 89 -1.56 45.99 -30.51
C PHE H 89 -2.45 47.21 -30.57
N SER H 90 -3.61 47.16 -29.93
CA SER H 90 -4.51 48.28 -29.86
C SER H 90 -4.09 49.32 -28.83
N GLY H 91 -3.26 48.93 -27.87
CA GLY H 91 -2.85 49.85 -26.84
C GLY H 91 -1.64 50.64 -27.27
N GLN H 92 -0.55 50.56 -26.50
CA GLN H 92 0.59 51.41 -26.75
C GLN H 92 1.29 51.06 -28.06
N GLY H 93 1.12 49.81 -28.52
CA GLY H 93 1.67 49.45 -29.81
C GLY H 93 1.12 50.27 -30.95
N ALA H 94 -0.02 50.92 -30.73
CA ALA H 94 -0.50 51.94 -31.63
C ALA H 94 0.08 53.32 -31.33
N ALA H 95 1.14 53.38 -30.52
CA ALA H 95 1.84 54.62 -30.24
C ALA H 95 3.34 54.52 -30.48
N LYS H 96 3.97 53.43 -30.07
CA LYS H 96 5.39 53.25 -30.28
C LYS H 96 5.64 51.80 -30.71
N LYS H 97 6.71 51.62 -31.47
CA LYS H 97 7.09 50.30 -31.94
C LYS H 97 8.30 49.81 -31.15
N PHE H 98 8.15 48.65 -30.54
CA PHE H 98 9.07 48.12 -29.56
C PHE H 98 10.14 47.28 -30.23
N PRO H 99 11.40 47.47 -29.86
CA PRO H 99 12.47 46.72 -30.50
C PRO H 99 12.31 45.23 -30.28
N ALA H 100 12.60 44.47 -31.32
CA ALA H 100 12.47 43.03 -31.25
C ALA H 100 13.53 42.45 -30.33
N LEU H 101 13.29 41.23 -29.88
CA LEU H 101 14.28 40.50 -29.13
C LEU H 101 15.08 39.62 -30.08
N ALA H 102 16.40 39.69 -30.00
CA ALA H 102 17.26 38.96 -30.91
C ALA H 102 18.42 38.35 -30.14
N ALA H 103 19.13 37.45 -30.80
CA ALA H 103 20.26 36.77 -30.16
C ALA H 103 21.40 37.75 -29.90
N SER H 104 22.01 37.62 -28.71
CA SER H 104 23.03 38.54 -28.21
C SER H 104 22.54 39.98 -28.15
N THR H 105 21.25 40.19 -27.95
CA THR H 105 20.74 41.55 -27.74
C THR H 105 20.91 41.95 -26.29
N GLN H 106 21.88 42.82 -26.03
CA GLN H 106 22.10 43.32 -24.68
C GLN H 106 20.84 44.07 -24.25
N THR H 107 20.49 43.94 -22.97
CA THR H 107 19.21 44.42 -22.46
C THR H 107 19.43 45.64 -21.59
N THR H 108 18.74 46.73 -21.93
CA THR H 108 18.61 47.83 -20.99
C THR H 108 17.50 47.50 -19.99
N VAL H 109 17.48 48.22 -18.89
CA VAL H 109 16.51 47.98 -17.82
C VAL H 109 15.34 48.92 -18.04
N GLY H 110 14.14 48.36 -18.11
CA GLY H 110 12.93 49.13 -18.23
C GLY H 110 12.34 49.16 -19.62
N ASP H 111 13.11 48.80 -20.64
CA ASP H 111 12.57 48.81 -21.98
C ASP H 111 11.70 47.58 -22.20
N ILE H 112 10.81 47.68 -23.19
CA ILE H 112 9.91 46.61 -23.55
C ILE H 112 10.31 46.09 -24.91
N TYR H 113 10.47 44.76 -25.02
CA TYR H 113 10.85 44.12 -26.26
C TYR H 113 9.81 43.07 -26.63
N THR H 114 9.42 43.06 -27.89
CA THR H 114 8.47 42.08 -28.39
C THR H 114 9.19 40.76 -28.62
N HIS H 115 8.41 39.69 -28.67
CA HIS H 115 8.93 38.41 -29.13
C HIS H 115 7.76 37.53 -29.56
N PHE H 116 8.09 36.47 -30.29
CA PHE H 116 7.12 35.58 -30.90
C PHE H 116 7.64 34.16 -30.79
N PHE H 117 7.26 33.45 -29.72
CA PHE H 117 7.62 32.04 -29.65
C PHE H 117 6.86 31.28 -30.72
N GLN H 118 7.46 30.18 -31.18
CA GLN H 118 6.80 29.37 -32.19
C GLN H 118 5.47 28.84 -31.69
N GLU H 119 5.37 28.61 -30.38
CA GLU H 119 4.12 28.33 -29.71
C GLU H 119 3.75 29.57 -28.90
N THR H 120 2.50 29.60 -28.42
CA THR H 120 2.12 30.58 -27.41
C THR H 120 2.19 32.03 -27.90
N GLY H 121 2.43 32.24 -29.18
CA GLY H 121 2.16 33.54 -29.80
C GLY H 121 2.98 34.72 -29.35
N THR H 122 2.48 35.92 -29.67
CA THR H 122 3.18 37.16 -29.34
C THR H 122 3.28 37.36 -27.84
N VAL H 123 4.31 38.07 -27.41
CA VAL H 123 4.50 38.39 -26.01
C VAL H 123 5.39 39.62 -25.95
N TYR H 124 5.16 40.48 -24.97
CA TYR H 124 5.99 41.65 -24.76
C TYR H 124 6.67 41.52 -23.41
N LEU H 125 7.99 41.61 -23.38
CA LEU H 125 8.76 41.38 -22.18
C LEU H 125 9.46 42.68 -21.78
N GLN H 126 9.22 43.13 -20.57
CA GLN H 126 10.02 44.16 -19.94
C GLN H 126 11.22 43.49 -19.30
N ALA H 127 12.32 44.22 -19.21
CA ALA H 127 13.55 43.67 -18.66
C ALA H 127 13.71 44.11 -17.21
N SER H 128 13.98 43.15 -16.33
CA SER H 128 14.20 43.46 -14.92
C SER H 128 15.67 43.57 -14.57
N VAL H 129 16.55 42.86 -15.26
CA VAL H 129 17.98 42.97 -15.09
C VAL H 129 18.63 42.98 -16.47
N GLN H 130 19.64 43.83 -16.65
CA GLN H 130 20.39 43.87 -17.90
C GLN H 130 21.09 42.54 -18.13
N VAL H 131 20.85 41.93 -19.29
CA VAL H 131 21.45 40.65 -19.65
C VAL H 131 21.78 40.64 -21.13
N THR H 132 22.39 39.53 -21.56
CA THR H 132 22.67 39.27 -22.96
C THR H 132 22.11 37.91 -23.32
N ILE H 133 21.60 37.79 -24.54
CA ILE H 133 20.72 36.68 -24.88
C ILE H 133 21.48 35.42 -25.29
N ASP H 134 22.82 35.46 -25.28
CA ASP H 134 23.60 34.26 -25.60
C ASP H 134 23.34 33.78 -27.03
N ALA H 135 23.88 34.49 -28.01
CA ALA H 135 23.66 34.18 -29.43
C ALA H 135 24.12 32.79 -29.82
N GLY H 136 24.68 32.01 -28.89
CA GLY H 136 24.81 30.58 -29.13
C GLY H 136 23.47 29.94 -29.43
N ALA H 137 22.37 30.59 -29.03
CA ALA H 137 21.03 30.18 -29.43
C ALA H 137 20.60 30.95 -30.68
N THR H 138 21.39 30.80 -31.74
CA THR H 138 21.07 31.45 -33.00
C THR H 138 19.80 30.90 -33.61
N ASP H 139 19.60 29.58 -33.55
CA ASP H 139 18.43 28.95 -34.11
C ASP H 139 17.17 29.46 -33.43
N ALA H 140 16.07 29.54 -34.19
CA ALA H 140 14.85 30.11 -33.66
C ALA H 140 14.33 29.33 -32.47
N ALA H 141 14.33 28.00 -32.56
CA ALA H 141 13.91 27.19 -31.42
C ALA H 141 14.84 27.37 -30.23
N LYS H 142 16.15 27.47 -30.49
CA LYS H 142 17.05 27.74 -29.38
C LYS H 142 16.87 29.16 -28.85
N LEU H 143 16.52 30.11 -29.71
CA LEU H 143 16.19 31.44 -29.21
C LEU H 143 15.01 31.37 -28.26
N ASP H 144 13.99 30.59 -28.62
CA ASP H 144 12.84 30.42 -27.75
C ASP H 144 13.26 29.79 -26.42
N ALA H 145 14.12 28.78 -26.47
CA ALA H 145 14.57 28.18 -25.22
C ALA H 145 15.29 29.19 -24.35
N GLU H 146 16.16 30.01 -24.95
CA GLU H 146 16.87 31.01 -24.17
C GLU H 146 15.92 32.02 -23.55
N ILE H 147 14.96 32.50 -24.33
CA ILE H 147 14.05 33.52 -23.82
C ILE H 147 13.17 32.93 -22.73
N LYS H 148 12.74 31.68 -22.88
CA LYS H 148 11.96 31.06 -21.81
C LYS H 148 12.80 30.91 -20.54
N LYS H 149 14.07 30.54 -20.69
CA LYS H 149 14.94 30.44 -19.52
C LYS H 149 15.09 31.78 -18.84
N GLN H 150 15.29 32.84 -19.61
CA GLN H 150 15.40 34.17 -19.02
C GLN H 150 14.10 34.59 -18.33
N MET H 151 12.96 34.31 -18.96
CA MET H 151 11.67 34.65 -18.37
C MET H 151 11.49 33.95 -17.04
N GLU H 152 11.79 32.65 -16.99
CA GLU H 152 11.69 31.94 -15.73
C GLU H 152 12.64 32.53 -14.69
N ALA H 153 13.83 32.93 -15.13
CA ALA H 153 14.75 33.58 -14.21
C ALA H 153 14.27 34.95 -13.77
N GLY H 154 13.24 35.48 -14.40
CA GLY H 154 12.72 36.77 -14.01
C GLY H 154 13.41 37.94 -14.67
N ALA H 155 14.36 37.70 -15.55
CA ALA H 155 15.02 38.80 -16.24
C ALA H 155 14.07 39.51 -17.19
N LEU H 156 13.20 38.77 -17.86
CA LEU H 156 12.21 39.34 -18.77
C LEU H 156 10.84 38.85 -18.34
N VAL H 157 9.89 39.78 -18.21
CA VAL H 157 8.55 39.49 -17.73
C VAL H 157 7.53 40.22 -18.60
N GLU H 158 6.46 39.53 -18.97
CA GLU H 158 5.54 40.05 -19.97
C GLU H 158 4.65 41.14 -19.41
N ILE H 159 4.17 42.01 -20.29
CA ILE H 159 3.44 43.22 -19.90
C ILE H 159 2.54 43.63 -21.05
N ALA H 160 1.40 44.24 -20.71
CA ALA H 160 0.52 44.82 -21.71
C ALA H 160 -0.01 46.14 -21.19
N GLU H 161 -0.19 47.10 -22.11
CA GLU H 161 -0.48 48.46 -21.68
C GLU H 161 -1.38 49.13 -22.68
N GLY H 162 -2.08 50.17 -22.21
CA GLY H 162 -2.82 51.05 -23.08
C GLY H 162 -2.05 52.30 -23.40
N MET H 163 -2.64 53.14 -24.24
CA MET H 163 -2.00 54.35 -24.73
C MET H 163 -2.51 55.56 -23.97
N ALA H 164 -1.68 56.59 -23.88
CA ALA H 164 -2.03 57.79 -23.13
C ALA H 164 -3.18 58.52 -23.82
N THR H 165 -3.89 59.33 -23.04
CA THR H 165 -5.00 60.09 -23.59
C THR H 165 -4.51 61.19 -24.54
N SER H 166 -3.45 61.90 -24.15
CA SER H 166 -2.88 62.93 -25.01
C SER H 166 -2.47 62.37 -26.36
N ILE H 167 -2.09 61.10 -26.43
CA ILE H 167 -1.77 60.42 -27.66
C ILE H 167 -3.02 59.86 -28.31
N ALA H 168 -3.96 59.37 -27.49
CA ALA H 168 -5.13 58.70 -28.02
C ALA H 168 -6.04 59.66 -28.77
N GLU H 169 -6.25 60.86 -28.23
CA GLU H 169 -7.25 61.75 -28.76
C GLU H 169 -6.86 62.34 -30.10
N LEU H 170 -5.58 62.29 -30.45
CA LEU H 170 -5.09 62.92 -31.67
C LEU H 170 -4.99 61.97 -32.85
N GLN H 171 -5.53 60.77 -32.74
CA GLN H 171 -5.21 59.73 -33.71
C GLN H 171 -5.60 60.16 -35.12
N GLU H 172 -4.65 59.98 -36.04
CA GLU H 172 -4.80 60.35 -37.44
C GLU H 172 -4.99 61.85 -37.62
N GLY H 173 -4.06 62.62 -37.06
CA GLY H 173 -3.90 64.00 -37.49
C GLY H 173 -4.91 65.00 -36.97
N PHE H 174 -5.73 64.63 -36.01
CA PHE H 174 -6.55 65.63 -35.33
C PHE H 174 -5.62 66.60 -34.63
N ASN H 175 -5.98 67.89 -34.66
CA ASN H 175 -5.14 68.95 -34.12
C ASN H 175 -3.80 69.02 -34.83
N GLY H 176 -3.81 68.78 -36.13
CA GLY H 176 -2.61 69.01 -36.91
C GLY H 176 -1.45 68.11 -36.61
N SER H 177 -1.67 66.96 -36.00
CA SER H 177 -0.61 65.98 -35.88
C SER H 177 -0.45 65.22 -37.19
N THR H 178 0.49 64.28 -37.21
CA THR H 178 0.67 63.41 -38.36
C THR H 178 1.32 62.11 -37.92
N ASP H 179 1.26 61.11 -38.81
CA ASP H 179 1.90 59.82 -38.59
C ASP H 179 1.49 59.22 -37.25
N ASN H 180 0.20 59.00 -37.08
CA ASN H 180 -0.32 58.24 -35.94
C ASN H 180 -1.62 57.55 -36.33
N PRO H 181 -1.57 56.64 -37.29
CA PRO H 181 -2.80 55.96 -37.70
C PRO H 181 -3.29 54.99 -36.64
N TRP H 182 -4.56 54.65 -36.74
CA TRP H 182 -5.16 53.67 -35.84
C TRP H 182 -4.71 52.28 -36.23
N ASN H 183 -4.88 51.32 -35.32
CA ASN H 183 -4.44 49.96 -35.58
C ASN H 183 -5.60 49.12 -36.05
N GLU H 184 -6.03 49.35 -37.29
CA GLU H 184 -7.22 48.70 -37.80
C GLU H 184 -7.05 47.19 -37.90
N MET H 185 -8.13 46.50 -38.24
CA MET H 185 -8.12 45.07 -38.43
C MET H 185 -8.90 44.73 -39.69
N GLY H 186 -8.99 43.43 -39.98
CA GLY H 186 -9.78 43.00 -41.11
C GLY H 186 -9.88 41.49 -41.17
N PHE H 187 -10.50 40.96 -42.22
CA PHE H 187 -10.66 39.53 -42.34
C PHE H 187 -10.34 39.11 -43.76
N ARG H 188 -10.09 37.82 -43.95
CA ARG H 188 -9.44 37.34 -45.15
C ARG H 188 -10.33 36.48 -46.03
N ILE H 189 -10.83 35.36 -45.50
CA ILE H 189 -11.60 34.38 -46.26
C ILE H 189 -10.79 33.79 -47.40
N ASP H 190 -10.44 32.52 -47.28
CA ASP H 190 -9.81 31.75 -48.35
C ASP H 190 -10.62 30.48 -48.55
N LYS H 191 -10.19 29.61 -49.45
CA LYS H 191 -10.90 28.34 -49.57
C LYS H 191 -9.96 27.22 -49.90
N GLN H 192 -10.35 26.02 -49.47
CA GLN H 192 -9.68 24.79 -49.80
C GLN H 192 -10.64 23.92 -50.59
N VAL H 193 -10.10 23.14 -51.52
CA VAL H 193 -10.91 22.37 -52.45
C VAL H 193 -10.44 20.92 -52.39
N ILE H 194 -11.36 19.99 -52.65
CA ILE H 194 -11.14 18.57 -52.40
C ILE H 194 -11.73 17.78 -53.54
N GLU H 195 -10.88 17.13 -54.33
CA GLU H 195 -11.33 16.38 -55.49
C GLU H 195 -11.26 14.88 -55.22
N ALA H 196 -12.18 14.15 -55.83
CA ALA H 196 -12.40 12.73 -55.53
C ALA H 196 -11.48 11.85 -56.39
N LYS H 197 -10.92 10.83 -55.74
CA LYS H 197 -10.19 9.79 -56.46
C LYS H 197 -11.05 8.55 -56.60
N SER H 198 -10.54 7.53 -57.29
CA SER H 198 -11.28 6.31 -57.56
C SER H 198 -10.47 5.08 -57.20
N ARG H 199 -11.16 3.94 -57.17
CA ARG H 199 -10.60 2.69 -56.66
C ARG H 199 -11.45 1.54 -57.18
N GLN H 200 -10.80 0.54 -57.80
CA GLN H 200 -11.55 -0.47 -58.54
C GLN H 200 -10.79 -1.80 -58.59
N LEU H 201 -11.53 -2.87 -58.88
CA LEU H 201 -11.00 -4.24 -58.89
C LEU H 201 -11.80 -5.13 -59.84
N LYS H 202 -11.22 -6.27 -60.19
CA LYS H 202 -11.78 -7.23 -61.14
C LYS H 202 -11.70 -8.65 -60.59
N ALA H 203 -12.58 -9.53 -61.09
CA ALA H 203 -12.60 -10.89 -60.55
C ALA H 203 -12.11 -11.94 -61.56
N ALA H 204 -12.72 -11.99 -62.74
CA ALA H 204 -12.25 -12.83 -63.83
C ALA H 204 -12.23 -14.33 -63.52
N TYR H 205 -13.39 -14.94 -63.33
CA TYR H 205 -13.50 -16.38 -63.14
C TYR H 205 -13.97 -17.03 -64.42
N SER H 206 -14.15 -18.34 -64.39
CA SER H 206 -14.60 -19.08 -65.56
C SER H 206 -15.87 -19.87 -65.25
N ILE H 207 -16.67 -20.10 -66.30
CA ILE H 207 -17.96 -20.76 -66.14
C ILE H 207 -17.78 -22.19 -65.65
N GLU H 208 -16.70 -22.86 -66.10
CA GLU H 208 -16.41 -24.19 -65.60
C GLU H 208 -16.27 -24.18 -64.10
N LEU H 209 -15.58 -23.17 -63.56
CA LEU H 209 -15.46 -23.04 -62.11
C LEU H 209 -16.83 -22.85 -61.48
N ALA H 210 -17.70 -22.07 -62.12
CA ALA H 210 -19.01 -21.83 -61.56
C ALA H 210 -19.82 -23.12 -61.49
N GLN H 211 -19.81 -23.92 -62.55
CA GLN H 211 -20.54 -25.17 -62.53
C GLN H 211 -19.98 -26.12 -61.49
N ASP H 212 -18.65 -26.25 -61.44
CA ASP H 212 -18.05 -27.16 -60.46
C ASP H 212 -18.36 -26.71 -59.04
N LEU H 213 -18.36 -25.39 -58.80
CA LEU H 213 -18.57 -24.90 -57.45
C LEU H 213 -20.03 -25.07 -57.03
N ARG H 214 -20.96 -24.71 -57.91
CA ARG H 214 -22.37 -24.86 -57.57
C ARG H 214 -22.74 -26.33 -57.41
N ALA H 215 -22.03 -27.21 -58.12
CA ALA H 215 -22.35 -28.63 -58.02
C ALA H 215 -21.80 -29.25 -56.74
N VAL H 216 -20.53 -29.00 -56.44
CA VAL H 216 -19.89 -29.68 -55.32
C VAL H 216 -20.20 -28.98 -54.00
N HIS H 217 -20.05 -27.66 -53.96
CA HIS H 217 -20.18 -26.92 -52.71
C HIS H 217 -21.45 -26.07 -52.62
N GLY H 218 -22.08 -25.76 -53.74
CA GLY H 218 -23.28 -24.97 -53.71
C GLY H 218 -23.04 -23.48 -53.59
N MET H 219 -21.78 -23.05 -53.50
CA MET H 219 -21.49 -21.64 -53.50
C MET H 219 -21.72 -21.06 -54.89
N ASP H 220 -22.35 -19.88 -54.93
CA ASP H 220 -22.83 -19.33 -56.19
C ASP H 220 -21.69 -19.11 -57.18
N ALA H 221 -20.47 -18.89 -56.69
CA ALA H 221 -19.24 -18.70 -57.45
C ALA H 221 -19.25 -17.39 -58.22
N ASP H 222 -20.33 -16.63 -58.20
CA ASP H 222 -20.33 -15.27 -58.72
C ASP H 222 -20.56 -14.25 -57.62
N ALA H 223 -21.69 -14.36 -56.93
CA ALA H 223 -21.96 -13.46 -55.81
C ALA H 223 -20.79 -13.45 -54.84
N GLU H 224 -20.32 -14.63 -54.46
CA GLU H 224 -19.17 -14.70 -53.55
C GLU H 224 -18.03 -13.84 -54.06
N LEU H 225 -17.65 -14.03 -55.34
CA LEU H 225 -16.61 -13.19 -55.90
C LEU H 225 -16.95 -11.73 -55.75
N SER H 226 -18.13 -11.32 -56.20
CA SER H 226 -18.54 -9.94 -56.01
C SER H 226 -18.42 -9.55 -54.54
N GLY H 227 -19.00 -10.37 -53.66
CA GLY H 227 -18.80 -10.15 -52.24
C GLY H 227 -17.34 -9.90 -51.91
N ILE H 228 -16.49 -10.88 -52.20
CA ILE H 228 -15.06 -10.73 -51.95
C ILE H 228 -14.59 -9.39 -52.48
N LEU H 229 -14.82 -9.14 -53.78
CA LEU H 229 -14.41 -7.89 -54.37
C LEU H 229 -14.86 -6.71 -53.51
N ALA H 230 -16.17 -6.55 -53.37
CA ALA H 230 -16.68 -5.42 -52.62
C ALA H 230 -16.04 -5.37 -51.26
N THR H 231 -16.03 -6.49 -50.57
CA THR H 231 -15.45 -6.52 -49.23
C THR H 231 -14.06 -5.91 -49.25
N GLU H 232 -13.17 -6.48 -50.05
CA GLU H 232 -11.80 -5.99 -50.04
C GLU H 232 -11.77 -4.50 -50.32
N ILE H 233 -12.50 -4.06 -51.36
CA ILE H 233 -12.44 -2.66 -51.72
C ILE H 233 -12.86 -1.81 -50.53
N MET H 234 -14.01 -2.13 -49.94
CA MET H 234 -14.45 -1.35 -48.78
C MET H 234 -13.42 -1.44 -47.69
N LEU H 235 -12.94 -2.65 -47.40
CA LEU H 235 -11.91 -2.82 -46.39
C LEU H 235 -10.72 -1.94 -46.72
N GLU H 236 -10.25 -2.02 -47.95
CA GLU H 236 -9.07 -1.23 -48.31
C GLU H 236 -9.35 0.25 -48.12
N ILE H 237 -10.53 0.71 -48.53
CA ILE H 237 -10.85 2.12 -48.36
C ILE H 237 -10.70 2.48 -46.89
N ASN H 238 -11.29 1.67 -46.02
CA ASN H 238 -11.20 1.94 -44.59
C ASN H 238 -9.75 2.08 -44.17
N ARG H 239 -8.90 1.14 -44.58
CA ARG H 239 -7.51 1.18 -44.17
C ARG H 239 -6.89 2.51 -44.56
N GLU H 240 -7.16 2.95 -45.80
CA GLU H 240 -6.61 4.23 -46.23
C GLU H 240 -6.91 5.32 -45.24
N VAL H 241 -8.18 5.44 -44.86
CA VAL H 241 -8.57 6.49 -43.93
C VAL H 241 -7.73 6.41 -42.67
N VAL H 242 -7.65 5.21 -42.09
CA VAL H 242 -6.93 5.05 -40.83
C VAL H 242 -5.49 5.46 -41.01
N ASP H 243 -4.88 5.07 -42.12
CA ASP H 243 -3.48 5.41 -42.32
C ASP H 243 -3.28 6.91 -42.33
N TRP H 244 -4.19 7.64 -42.98
CA TRP H 244 -4.11 9.08 -42.95
C TRP H 244 -4.12 9.60 -41.52
N ILE H 245 -5.00 9.06 -40.69
CA ILE H 245 -5.06 9.47 -39.31
C ILE H 245 -3.71 9.24 -38.65
N ASN H 246 -3.10 8.08 -38.87
CA ASN H 246 -1.76 7.88 -38.35
C ASN H 246 -0.76 8.74 -39.10
N TYR H 247 -0.93 8.88 -40.41
CA TYR H 247 0.05 9.61 -41.21
C TYR H 247 0.06 11.08 -40.85
N SER H 248 -1.12 11.70 -40.80
CA SER H 248 -1.21 13.12 -40.52
C SER H 248 -1.07 13.44 -39.04
N ALA H 249 -0.98 12.43 -38.20
CA ALA H 249 -0.88 12.65 -36.76
C ALA H 249 0.37 13.44 -36.43
N GLN H 250 0.24 14.36 -35.49
CA GLN H 250 1.39 14.99 -34.91
C GLN H 250 2.13 14.01 -34.02
N VAL H 251 3.41 14.31 -33.77
CA VAL H 251 4.18 13.46 -32.88
C VAL H 251 3.78 13.77 -31.44
N GLY H 252 3.16 12.81 -30.78
CA GLY H 252 2.73 12.99 -29.41
C GLY H 252 3.91 12.94 -28.45
N LYS H 253 3.59 13.07 -27.17
CA LYS H 253 4.57 12.90 -26.10
C LYS H 253 5.74 13.87 -26.25
N SER H 254 5.53 14.90 -27.06
CA SER H 254 6.63 15.80 -27.37
C SER H 254 6.16 17.24 -27.29
N GLY H 255 7.11 18.13 -27.04
CA GLY H 255 6.74 19.51 -26.77
C GLY H 255 6.18 19.64 -25.38
N MET H 256 4.95 20.14 -25.28
CA MET H 256 4.36 20.38 -23.98
C MET H 256 3.91 19.10 -23.29
N THR H 257 3.60 18.05 -24.05
CA THR H 257 3.19 16.78 -23.46
C THR H 257 4.39 15.97 -22.98
N LEU H 258 5.60 16.45 -23.22
CA LEU H 258 6.82 15.69 -22.97
C LEU H 258 7.27 15.87 -21.54
N THR H 259 7.20 14.81 -20.75
CA THR H 259 7.87 14.83 -19.47
C THR H 259 9.37 14.98 -19.71
N PRO H 260 10.05 15.89 -19.01
CA PRO H 260 11.44 16.17 -19.35
C PRO H 260 12.38 14.98 -19.29
N GLY H 261 12.04 13.94 -18.52
CA GLY H 261 12.88 12.77 -18.45
C GLY H 261 12.55 11.64 -19.40
N SER H 262 11.66 11.86 -20.38
CA SER H 262 11.19 10.77 -21.22
C SER H 262 11.91 10.79 -22.56
N LYS H 263 11.50 9.89 -23.48
CA LYS H 263 12.21 9.62 -24.71
C LYS H 263 11.65 10.35 -25.91
N ALA H 264 10.90 11.43 -25.69
CA ALA H 264 10.48 12.32 -26.77
C ALA H 264 9.67 11.61 -27.84
N GLY H 265 8.52 11.06 -27.47
CA GLY H 265 7.58 10.53 -28.43
C GLY H 265 7.13 9.11 -28.17
N VAL H 266 7.73 8.42 -27.22
CA VAL H 266 7.36 7.04 -26.92
C VAL H 266 7.18 6.88 -25.42
N PHE H 267 6.06 6.29 -25.03
CA PHE H 267 5.75 6.04 -23.64
C PHE H 267 6.07 4.59 -23.30
N ASP H 268 6.98 4.40 -22.35
CA ASP H 268 7.55 3.09 -22.07
C ASP H 268 7.18 2.69 -20.65
N PHE H 269 6.70 1.47 -20.48
CA PHE H 269 6.31 0.98 -19.16
C PHE H 269 7.49 0.55 -18.31
N GLN H 270 8.71 0.62 -18.82
CA GLN H 270 9.88 0.31 -18.00
C GLN H 270 10.56 1.56 -17.47
N ASP H 271 10.31 2.72 -18.05
CA ASP H 271 10.98 3.93 -17.59
C ASP H 271 10.24 4.48 -16.39
N PRO H 272 10.86 4.54 -15.22
CA PRO H 272 10.17 5.10 -14.06
C PRO H 272 9.73 6.53 -14.23
N ILE H 273 10.37 7.29 -15.10
CA ILE H 273 9.95 8.66 -15.36
C ILE H 273 8.56 8.67 -16.00
N ASP H 274 8.32 7.77 -16.95
CA ASP H 274 7.03 7.73 -17.62
C ASP H 274 5.93 7.24 -16.69
N ILE H 275 6.15 6.12 -16.01
CA ILE H 275 5.17 5.58 -15.09
C ILE H 275 5.20 6.29 -13.75
N ARG H 276 6.00 7.35 -13.64
CA ARG H 276 6.01 8.22 -12.47
C ARG H 276 6.24 7.43 -11.19
N GLY H 277 7.10 6.43 -11.27
CA GLY H 277 7.49 5.68 -10.10
C GLY H 277 6.52 4.62 -9.66
N ALA H 278 5.49 4.31 -10.44
CA ALA H 278 4.53 3.31 -10.02
C ALA H 278 5.19 1.94 -9.96
N ARG H 279 4.77 1.14 -8.98
CA ARG H 279 5.14 -0.26 -8.89
C ARG H 279 3.89 -1.10 -9.00
N TRP H 280 4.04 -2.29 -9.58
CA TRP H 280 2.91 -3.18 -9.83
C TRP H 280 1.96 -2.59 -10.87
N ALA H 281 1.27 -3.47 -11.59
CA ALA H 281 0.43 -3.04 -12.71
C ALA H 281 -0.71 -2.15 -12.25
N GLY H 282 -1.21 -2.39 -11.03
CA GLY H 282 -2.37 -1.64 -10.59
C GLY H 282 -2.15 -0.15 -10.57
N GLU H 283 -0.89 0.27 -10.52
CA GLU H 283 -0.57 1.69 -10.51
C GLU H 283 0.12 2.16 -11.78
N SER H 284 0.76 1.25 -12.51
CA SER H 284 1.48 1.65 -13.70
C SER H 284 0.53 2.11 -14.80
N PHE H 285 -0.62 1.44 -14.93
CA PHE H 285 -1.51 1.73 -16.05
C PHE H 285 -2.16 3.11 -15.92
N LYS H 286 -2.40 3.54 -14.70
CA LYS H 286 -2.96 4.87 -14.51
C LYS H 286 -2.02 5.94 -15.02
N ALA H 287 -0.73 5.65 -15.11
CA ALA H 287 0.18 6.55 -15.80
C ALA H 287 -0.14 6.65 -17.28
N LEU H 288 -0.50 5.53 -17.91
CA LEU H 288 -0.94 5.61 -19.30
C LEU H 288 -2.19 6.45 -19.42
N LEU H 289 -3.10 6.31 -18.45
CA LEU H 289 -4.29 7.16 -18.45
C LEU H 289 -3.89 8.63 -18.42
N PHE H 290 -2.92 8.98 -17.58
CA PHE H 290 -2.47 10.36 -17.51
C PHE H 290 -1.85 10.82 -18.81
N GLN H 291 -1.09 9.94 -19.47
CA GLN H 291 -0.52 10.29 -20.76
C GLN H 291 -1.60 10.58 -21.79
N ILE H 292 -2.64 9.75 -21.81
CA ILE H 292 -3.78 10.00 -22.68
C ILE H 292 -4.37 11.37 -22.41
N ASP H 293 -4.53 11.70 -21.12
CA ASP H 293 -5.08 12.99 -20.76
C ASP H 293 -4.21 14.13 -21.27
N LYS H 294 -2.90 14.01 -21.11
CA LYS H 294 -2.02 15.08 -21.58
C LYS H 294 -2.16 15.28 -23.08
N GLU H 295 -2.18 14.18 -23.84
CA GLU H 295 -2.29 14.32 -25.28
C GLU H 295 -3.60 14.98 -25.67
N ALA H 296 -4.71 14.54 -25.07
CA ALA H 296 -6.00 15.10 -25.42
C ALA H 296 -6.07 16.58 -25.08
N VAL H 297 -5.52 16.96 -23.92
CA VAL H 297 -5.53 18.36 -23.52
C VAL H 297 -4.73 19.19 -24.51
N GLU H 298 -3.58 18.68 -24.94
CA GLU H 298 -2.79 19.42 -25.92
C GLU H 298 -3.52 19.55 -27.24
N ILE H 299 -4.29 18.53 -27.62
CA ILE H 299 -5.12 18.66 -28.81
C ILE H 299 -6.08 19.83 -28.64
N ALA H 300 -6.75 19.89 -27.50
CA ALA H 300 -7.65 21.01 -27.23
C ALA H 300 -6.93 22.33 -27.38
N ARG H 301 -5.68 22.38 -26.93
CA ARG H 301 -4.91 23.61 -27.04
C ARG H 301 -4.64 23.99 -28.49
N GLN H 302 -4.10 23.05 -29.26
CA GLN H 302 -3.72 23.38 -30.63
C GLN H 302 -4.92 23.50 -31.55
N THR H 303 -5.88 22.58 -31.43
CA THR H 303 -7.03 22.62 -32.31
C THR H 303 -7.86 23.87 -32.09
N GLY H 304 -8.05 24.28 -30.85
CA GLY H 304 -8.96 25.37 -30.57
C GLY H 304 -10.41 25.03 -30.79
N ARG H 305 -10.77 23.75 -30.81
CA ARG H 305 -12.15 23.32 -30.94
C ARG H 305 -12.60 22.48 -29.76
N GLY H 306 -11.78 21.54 -29.32
CA GLY H 306 -12.16 20.75 -28.16
C GLY H 306 -11.07 19.76 -27.82
N GLU H 307 -11.27 19.13 -26.66
CA GLU H 307 -10.36 18.08 -26.21
C GLU H 307 -10.46 16.88 -27.14
N GLY H 308 -9.41 16.06 -27.17
CA GLY H 308 -9.46 14.83 -27.92
C GLY H 308 -10.64 13.98 -27.48
N ASN H 309 -11.38 13.42 -28.43
CA ASN H 309 -12.59 12.69 -28.06
C ASN H 309 -12.63 11.28 -28.64
N PHE H 310 -11.60 10.82 -29.32
CA PHE H 310 -11.52 9.42 -29.69
C PHE H 310 -10.08 8.98 -29.68
N ILE H 311 -9.89 7.67 -29.56
CA ILE H 311 -8.56 7.07 -29.45
C ILE H 311 -8.51 5.83 -30.32
N ILE H 312 -7.48 5.72 -31.16
CA ILE H 312 -7.25 4.55 -31.98
C ILE H 312 -5.97 3.89 -31.48
N ALA H 313 -6.07 2.64 -31.04
CA ALA H 313 -4.92 1.99 -30.46
C ALA H 313 -4.96 0.49 -30.75
N SER H 314 -3.78 -0.12 -30.66
CA SER H 314 -3.62 -1.52 -30.98
C SER H 314 -4.27 -2.39 -29.92
N ARG H 315 -4.15 -3.71 -30.12
CA ARG H 315 -4.72 -4.65 -29.15
C ARG H 315 -4.05 -4.52 -27.80
N ASN H 316 -2.73 -4.34 -27.77
CA ASN H 316 -2.02 -4.32 -26.49
C ASN H 316 -2.45 -3.13 -25.65
N VAL H 317 -2.45 -1.92 -26.23
CA VAL H 317 -2.84 -0.73 -25.47
C VAL H 317 -4.30 -0.83 -25.05
N VAL H 318 -5.16 -1.26 -25.96
CA VAL H 318 -6.58 -1.33 -25.62
C VAL H 318 -6.80 -2.34 -24.50
N ASN H 319 -6.11 -3.47 -24.55
CA ASN H 319 -6.27 -4.45 -23.48
C ASN H 319 -5.73 -3.93 -22.17
N VAL H 320 -4.65 -3.13 -22.22
CA VAL H 320 -4.17 -2.49 -21.00
C VAL H 320 -5.24 -1.57 -20.43
N LEU H 321 -5.88 -0.79 -21.30
CA LEU H 321 -6.95 0.09 -20.85
C LEU H 321 -8.10 -0.70 -20.23
N ALA H 322 -8.49 -1.80 -20.87
CA ALA H 322 -9.67 -2.52 -20.43
C ALA H 322 -9.42 -3.25 -19.13
N SER H 323 -8.16 -3.31 -18.68
CA SER H 323 -7.83 -4.05 -17.48
C SER H 323 -7.39 -3.15 -16.33
N VAL H 324 -7.63 -1.85 -16.42
CA VAL H 324 -7.31 -0.93 -15.33
C VAL H 324 -8.57 -0.17 -14.97
N ASP H 325 -8.71 0.16 -13.70
CA ASP H 325 -9.86 0.93 -13.25
C ASP H 325 -9.74 2.34 -13.78
N THR H 326 -10.42 2.63 -14.88
CA THR H 326 -10.20 3.87 -15.61
C THR H 326 -10.53 5.11 -14.80
N GLY H 327 -11.55 5.06 -13.96
CA GLY H 327 -11.91 6.24 -13.22
C GLY H 327 -10.96 6.51 -12.07
N ILE H 328 -11.16 7.66 -11.43
CA ILE H 328 -10.28 8.08 -10.35
C ILE H 328 -10.43 7.10 -9.20
N SER H 329 -9.42 6.26 -8.99
CA SER H 329 -9.45 5.25 -7.95
C SER H 329 -8.05 4.98 -7.43
N TYR H 330 -7.92 4.02 -6.52
CA TYR H 330 -6.65 3.81 -5.83
C TYR H 330 -5.63 3.05 -6.68
N ALA H 331 -5.89 1.79 -6.96
CA ALA H 331 -5.08 1.00 -7.88
C ALA H 331 -5.81 -0.30 -8.14
N ALA H 332 -5.89 -0.72 -9.38
CA ALA H 332 -6.60 -1.95 -9.64
C ALA H 332 -6.18 -2.49 -10.99
N GLN H 333 -6.27 -3.80 -11.13
CA GLN H 333 -5.89 -4.45 -12.37
C GLN H 333 -6.48 -5.85 -12.34
N GLY H 334 -7.04 -6.28 -13.46
CA GLY H 334 -7.64 -7.60 -13.52
C GLY H 334 -8.04 -7.98 -14.93
N LEU H 335 -9.10 -8.77 -15.05
CA LEU H 335 -9.56 -9.19 -16.36
C LEU H 335 -10.17 -8.01 -17.13
N ALA H 336 -10.19 -8.14 -18.44
CA ALA H 336 -10.73 -7.07 -19.28
C ALA H 336 -12.24 -7.18 -19.36
N THR H 337 -12.93 -6.20 -18.79
CA THR H 337 -14.39 -6.24 -18.73
C THR H 337 -15.04 -5.10 -19.48
N GLY H 338 -14.49 -3.89 -19.35
CA GLY H 338 -15.16 -2.70 -19.83
C GLY H 338 -15.16 -2.54 -21.34
N PHE H 339 -14.34 -3.29 -22.07
CA PHE H 339 -14.14 -3.05 -23.49
C PHE H 339 -14.17 -4.34 -24.29
N SER H 340 -14.57 -4.23 -25.55
CA SER H 340 -14.46 -5.36 -26.45
C SER H 340 -13.04 -5.48 -26.98
N THR H 341 -12.24 -6.32 -26.33
CA THR H 341 -10.84 -6.45 -26.66
C THR H 341 -10.58 -7.31 -27.88
N ASP H 342 -11.56 -8.08 -28.35
CA ASP H 342 -11.33 -8.89 -29.52
C ASP H 342 -11.83 -8.17 -30.76
N THR H 343 -11.06 -8.29 -31.85
CA THR H 343 -11.32 -7.56 -33.07
C THR H 343 -12.23 -8.34 -34.00
N THR H 344 -13.05 -9.24 -33.47
CA THR H 344 -13.96 -10.02 -34.28
C THR H 344 -15.42 -9.64 -34.10
N LYS H 345 -15.88 -9.50 -32.85
CA LYS H 345 -17.22 -9.00 -32.63
C LYS H 345 -17.38 -7.59 -33.16
N SER H 346 -16.39 -6.73 -32.94
CA SER H 346 -16.40 -5.37 -33.43
C SER H 346 -14.99 -4.82 -33.30
N VAL H 347 -14.77 -3.69 -33.94
CA VAL H 347 -13.52 -2.97 -33.75
C VAL H 347 -13.66 -1.91 -32.67
N PHE H 348 -14.75 -1.15 -32.70
CA PHE H 348 -15.04 -0.24 -31.60
C PHE H 348 -15.08 -1.01 -30.29
N ALA H 349 -14.17 -0.70 -29.38
CA ALA H 349 -13.99 -1.49 -28.18
C ALA H 349 -14.79 -0.96 -27.00
N GLY H 350 -15.12 0.33 -27.01
CA GLY H 350 -15.92 0.88 -25.94
C GLY H 350 -15.73 2.38 -25.86
N VAL H 351 -16.14 2.92 -24.72
CA VAL H 351 -15.94 4.33 -24.38
C VAL H 351 -15.06 4.38 -23.15
N LEU H 352 -13.98 5.15 -23.22
CA LEU H 352 -13.02 5.22 -22.12
C LEU H 352 -13.40 6.33 -21.17
N GLY H 353 -13.95 5.97 -20.02
CA GLY H 353 -14.31 6.95 -19.02
C GLY H 353 -15.36 7.95 -19.45
N GLY H 354 -16.13 7.64 -20.48
CA GLY H 354 -17.16 8.53 -20.95
C GLY H 354 -16.67 9.65 -21.83
N LYS H 355 -15.36 9.78 -22.03
CA LYS H 355 -14.81 10.86 -22.82
C LYS H 355 -14.42 10.43 -24.22
N TYR H 356 -13.55 9.43 -24.36
CA TYR H 356 -13.05 9.01 -25.66
C TYR H 356 -13.72 7.72 -26.09
N ARG H 357 -13.97 7.61 -27.39
CA ARG H 357 -14.36 6.35 -28.00
C ARG H 357 -13.08 5.63 -28.41
N VAL H 358 -12.94 4.39 -28.01
CA VAL H 358 -11.71 3.64 -28.25
C VAL H 358 -11.94 2.66 -29.39
N TYR H 359 -11.06 2.71 -30.39
CA TYR H 359 -11.12 1.81 -31.54
C TYR H 359 -9.84 0.99 -31.61
N ILE H 360 -9.96 -0.22 -32.12
CA ILE H 360 -8.84 -1.15 -32.19
C ILE H 360 -8.34 -1.21 -33.62
N ASP H 361 -7.10 -0.81 -33.84
CA ASP H 361 -6.45 -0.99 -35.14
C ASP H 361 -5.89 -2.41 -35.17
N GLN H 362 -6.64 -3.34 -35.76
CA GLN H 362 -6.23 -4.73 -35.70
C GLN H 362 -5.00 -5.03 -36.55
N TYR H 363 -4.55 -4.07 -37.36
CA TYR H 363 -3.37 -4.27 -38.21
C TYR H 363 -2.21 -3.40 -37.77
N ALA H 364 -2.15 -3.03 -36.50
CA ALA H 364 -1.12 -2.12 -36.04
C ALA H 364 0.25 -2.75 -36.21
N LYS H 365 1.19 -1.98 -36.71
CA LYS H 365 2.52 -2.52 -36.98
C LYS H 365 3.31 -2.77 -35.71
N GLN H 366 3.48 -1.79 -34.84
CA GLN H 366 4.20 -2.12 -33.61
C GLN H 366 3.38 -2.00 -32.35
N ASP H 367 3.07 -0.77 -31.91
CA ASP H 367 2.20 -0.53 -30.77
C ASP H 367 1.99 0.95 -30.58
N TYR H 368 0.74 1.42 -30.49
CA TYR H 368 0.55 2.86 -30.42
C TYR H 368 -0.85 3.19 -29.95
N PHE H 369 -1.03 4.44 -29.56
CA PHE H 369 -2.34 5.03 -29.40
C PHE H 369 -2.29 6.42 -30.01
N THR H 370 -3.36 6.78 -30.70
CA THR H 370 -3.49 8.08 -31.29
C THR H 370 -4.78 8.72 -30.81
N VAL H 371 -4.64 9.88 -30.18
CA VAL H 371 -5.75 10.66 -29.65
C VAL H 371 -6.14 11.69 -30.68
N GLY H 372 -7.43 11.76 -31.00
CA GLY H 372 -7.90 12.67 -32.01
C GLY H 372 -9.23 13.28 -31.61
N TYR H 373 -9.56 14.38 -32.27
CA TYR H 373 -10.78 15.13 -32.01
C TYR H 373 -11.71 15.04 -33.21
N LYS H 374 -12.99 14.86 -32.94
CA LYS H 374 -14.02 14.83 -33.96
C LYS H 374 -15.26 15.49 -33.36
N GLY H 375 -15.53 16.72 -33.78
CA GLY H 375 -16.57 17.51 -33.17
C GLY H 375 -17.96 17.02 -33.52
N PRO H 376 -18.96 17.53 -32.81
CA PRO H 376 -20.35 17.15 -33.14
C PRO H 376 -20.75 17.51 -34.55
N ASN H 377 -20.31 18.66 -35.04
CA ASN H 377 -20.58 19.08 -36.40
C ASN H 377 -19.77 18.22 -37.36
N GLU H 378 -20.22 18.14 -38.62
CA GLU H 378 -19.51 17.32 -39.58
C GLU H 378 -18.28 18.03 -40.14
N MET H 379 -18.28 19.36 -40.17
CA MET H 379 -17.10 20.07 -40.65
C MET H 379 -15.98 20.10 -39.63
N ASP H 380 -16.28 20.25 -38.34
CA ASP H 380 -15.26 20.31 -37.31
C ASP H 380 -14.71 18.90 -37.07
N ALA H 381 -13.95 18.43 -38.05
CA ALA H 381 -13.58 17.03 -38.15
C ALA H 381 -12.09 16.76 -38.13
N GLY H 382 -11.29 17.53 -38.84
CA GLY H 382 -9.88 17.18 -39.02
C GLY H 382 -9.57 16.43 -40.30
N ILE H 383 -10.30 15.35 -40.58
CA ILE H 383 -10.19 14.64 -41.84
C ILE H 383 -11.59 14.35 -42.36
N TYR H 384 -11.82 14.60 -43.64
CA TYR H 384 -13.10 14.35 -44.28
C TYR H 384 -12.98 13.17 -45.22
N TYR H 385 -13.72 12.11 -44.94
CA TYR H 385 -13.93 11.01 -45.87
C TYR H 385 -15.29 11.26 -46.51
N ALA H 386 -15.28 11.68 -47.77
CA ALA H 386 -16.48 12.20 -48.42
C ALA H 386 -16.83 11.34 -49.61
N PRO H 387 -17.56 10.25 -49.40
CA PRO H 387 -17.92 9.36 -50.52
C PRO H 387 -18.77 10.08 -51.54
N TYR H 388 -18.59 9.70 -52.79
CA TYR H 388 -19.36 10.26 -53.90
C TYR H 388 -20.14 9.21 -54.66
N VAL H 389 -19.50 8.13 -55.06
CA VAL H 389 -20.17 7.00 -55.70
C VAL H 389 -19.80 5.76 -54.92
N ALA H 390 -20.78 4.93 -54.60
CA ALA H 390 -20.55 3.80 -53.70
C ALA H 390 -20.58 2.50 -54.47
N LEU H 391 -19.44 1.81 -54.47
CA LEU H 391 -19.31 0.41 -54.88
C LEU H 391 -20.19 0.07 -56.08
N THR H 392 -19.95 0.76 -57.18
CA THR H 392 -20.65 0.48 -58.42
C THR H 392 -20.20 -0.88 -58.95
N PRO H 393 -21.11 -1.81 -59.22
CA PRO H 393 -20.72 -3.10 -59.79
C PRO H 393 -20.85 -3.10 -61.30
N LEU H 394 -20.09 -3.99 -61.92
CA LEU H 394 -20.11 -4.20 -63.36
C LEU H 394 -19.87 -5.67 -63.66
N ARG H 395 -20.54 -6.16 -64.70
CA ARG H 395 -20.38 -7.54 -65.13
C ARG H 395 -20.13 -7.56 -66.62
N GLY H 396 -19.46 -8.60 -67.09
CA GLY H 396 -19.28 -8.77 -68.52
C GLY H 396 -18.72 -10.13 -68.82
N SER H 397 -18.30 -10.30 -70.07
CA SER H 397 -17.67 -11.55 -70.45
C SER H 397 -16.67 -11.27 -71.57
N ASP H 398 -15.72 -12.18 -71.73
CA ASP H 398 -14.73 -12.09 -72.80
C ASP H 398 -15.36 -12.62 -74.08
N PRO H 399 -15.48 -11.81 -75.13
CA PRO H 399 -16.14 -12.29 -76.36
C PRO H 399 -15.40 -13.44 -77.03
N LYS H 400 -14.10 -13.59 -76.80
CA LYS H 400 -13.34 -14.65 -77.46
C LYS H 400 -13.55 -16.01 -76.81
N ASN H 401 -13.98 -16.07 -75.57
CA ASN H 401 -14.21 -17.37 -74.95
C ASN H 401 -15.42 -17.42 -74.04
N PHE H 402 -16.30 -16.43 -74.05
CA PHE H 402 -17.52 -16.40 -73.24
C PHE H 402 -17.26 -16.51 -71.75
N GLN H 403 -16.02 -16.43 -71.31
CA GLN H 403 -15.85 -16.60 -69.89
C GLN H 403 -16.08 -15.28 -69.18
N PRO H 404 -16.78 -15.31 -68.04
CA PRO H 404 -17.28 -14.07 -67.44
C PRO H 404 -16.20 -13.34 -66.66
N VAL H 405 -16.44 -12.06 -66.44
CA VAL H 405 -15.57 -11.21 -65.62
C VAL H 405 -16.46 -10.32 -64.77
N MET H 406 -16.08 -10.15 -63.51
CA MET H 406 -16.82 -9.39 -62.51
C MET H 406 -15.93 -8.25 -62.04
N GLY H 407 -16.51 -7.08 -61.80
CA GLY H 407 -15.68 -5.97 -61.38
C GLY H 407 -16.47 -4.94 -60.59
N PHE H 408 -15.72 -4.09 -59.89
CA PHE H 408 -16.27 -3.05 -59.04
C PHE H 408 -15.43 -1.78 -59.15
N LYS H 409 -16.08 -0.64 -58.94
CA LYS H 409 -15.37 0.64 -58.91
C LYS H 409 -16.14 1.64 -58.07
N THR H 410 -15.40 2.49 -57.34
CA THR H 410 -15.99 3.54 -56.52
C THR H 410 -15.13 4.80 -56.61
N ARG H 411 -15.75 5.94 -56.33
CA ARG H 411 -15.06 7.23 -56.32
C ARG H 411 -15.38 7.95 -55.02
N TYR H 412 -14.38 8.16 -54.18
CA TYR H 412 -14.65 8.78 -52.89
C TYR H 412 -13.87 10.07 -52.66
N GLY H 413 -12.57 10.04 -52.84
CA GLY H 413 -11.77 11.19 -52.47
C GLY H 413 -11.77 11.44 -50.97
N ILE H 414 -10.87 12.32 -50.53
CA ILE H 414 -10.67 12.55 -49.09
C ILE H 414 -9.93 13.86 -48.94
N GLY H 415 -10.29 14.62 -47.91
CA GLY H 415 -9.71 15.93 -47.72
C GLY H 415 -9.34 16.24 -46.29
N ILE H 416 -8.65 17.34 -46.07
CA ILE H 416 -8.20 17.71 -44.74
C ILE H 416 -8.94 18.96 -44.30
N ASN H 417 -9.09 19.09 -43.01
CA ASN H 417 -9.69 20.28 -42.45
C ASN H 417 -8.75 21.46 -42.65
N PRO H 418 -9.24 22.60 -43.14
CA PRO H 418 -8.44 23.81 -43.04
C PRO H 418 -8.22 24.15 -41.58
N PHE H 419 -7.20 24.95 -41.31
CA PHE H 419 -6.67 25.20 -39.97
C PHE H 419 -6.03 23.95 -39.38
N ALA H 420 -5.79 22.92 -40.18
CA ALA H 420 -5.23 21.68 -39.64
C ALA H 420 -3.84 21.91 -39.06
N GLU H 421 -3.00 22.69 -39.73
CA GLU H 421 -1.66 22.92 -39.22
C GLU H 421 -1.68 23.63 -37.89
N SER H 422 -2.60 24.57 -37.70
CA SER H 422 -2.81 25.21 -36.40
C SER H 422 -1.57 25.94 -35.93
N ALA H 423 -0.68 26.26 -36.85
CA ALA H 423 0.48 27.10 -36.53
C ALA H 423 0.76 28.05 -37.68
N ALA H 424 -0.26 28.24 -38.52
CA ALA H 424 -0.09 29.09 -39.69
C ALA H 424 -1.21 30.13 -39.68
N GLN H 425 -0.84 31.39 -39.47
CA GLN H 425 -1.85 32.42 -39.37
C GLN H 425 -2.63 32.59 -40.66
N ALA H 426 -2.04 32.31 -41.81
CA ALA H 426 -2.73 32.56 -43.06
C ALA H 426 -2.15 31.65 -44.13
N PRO H 427 -2.98 31.04 -44.95
CA PRO H 427 -2.48 30.11 -45.96
C PRO H 427 -1.96 30.85 -47.17
N ALA H 428 -1.43 30.08 -48.11
CA ALA H 428 -0.95 30.67 -49.35
C ALA H 428 -1.92 30.40 -50.50
N SER H 429 -1.97 31.36 -51.42
CA SER H 429 -2.66 31.25 -52.71
C SER H 429 -4.18 31.29 -52.57
N ARG H 430 -4.68 31.23 -51.33
CA ARG H 430 -6.08 31.48 -51.03
C ARG H 430 -7.01 30.44 -51.64
N ILE H 431 -6.48 29.58 -52.49
CA ILE H 431 -7.22 28.45 -53.05
C ILE H 431 -6.31 27.24 -52.95
N GLN H 432 -6.50 26.45 -51.91
CA GLN H 432 -5.52 25.43 -51.58
C GLN H 432 -6.07 24.05 -51.80
N SER H 433 -5.16 23.10 -51.88
CA SER H 433 -5.52 21.72 -52.12
C SER H 433 -5.93 21.06 -50.81
N GLY H 434 -7.21 20.77 -50.70
CA GLY H 434 -7.65 20.13 -49.49
C GLY H 434 -7.30 18.67 -49.39
N MET H 435 -6.73 18.14 -50.39
CA MET H 435 -6.39 16.72 -50.32
C MET H 435 -5.04 16.53 -49.66
N PRO H 436 -4.93 15.53 -48.78
CA PRO H 436 -3.72 15.40 -47.97
C PRO H 436 -2.50 15.07 -48.80
N SER H 437 -1.35 15.53 -48.33
CA SER H 437 -0.10 15.35 -49.04
C SER H 437 1.03 15.44 -48.02
N ILE H 438 2.26 15.44 -48.53
CA ILE H 438 3.41 15.56 -47.65
C ILE H 438 3.66 17.01 -47.27
N LEU H 439 3.26 17.95 -48.12
CA LEU H 439 3.57 19.35 -47.85
C LEU H 439 2.69 19.93 -46.76
N ASN H 440 1.52 19.37 -46.51
CA ASN H 440 0.54 19.98 -45.64
C ASN H 440 -0.10 19.05 -44.62
N SER H 441 0.31 17.79 -44.54
CA SER H 441 -0.31 16.88 -43.58
C SER H 441 0.66 16.02 -42.79
N LEU H 442 1.88 15.78 -43.27
CA LEU H 442 2.75 14.79 -42.63
C LEU H 442 3.26 15.34 -41.30
N GLY H 443 2.64 14.90 -40.21
CA GLY H 443 3.05 15.39 -38.91
C GLY H 443 2.69 16.83 -38.65
N LYS H 444 1.67 17.35 -39.32
CA LYS H 444 1.23 18.71 -39.11
C LYS H 444 -0.20 18.82 -38.60
N ASN H 445 -1.06 17.84 -38.86
CA ASN H 445 -2.47 17.95 -38.53
C ASN H 445 -2.60 17.86 -37.02
N ALA H 446 -2.86 19.00 -36.38
CA ALA H 446 -2.91 19.03 -34.92
C ALA H 446 -4.08 18.24 -34.37
N TYR H 447 -5.03 17.86 -35.21
CA TYR H 447 -6.20 17.12 -34.73
C TYR H 447 -5.87 15.72 -34.25
N PHE H 448 -4.67 15.23 -34.49
CA PHE H 448 -4.30 13.89 -34.04
C PHE H 448 -2.92 13.93 -33.39
N ARG H 449 -2.73 13.08 -32.40
CA ARG H 449 -1.41 12.92 -31.78
C ARG H 449 -1.15 11.43 -31.56
N ARG H 450 0.04 10.99 -31.93
CA ARG H 450 0.38 9.57 -31.95
C ARG H 450 1.53 9.30 -31.01
N VAL H 451 1.41 8.26 -30.18
CA VAL H 451 2.47 7.86 -29.27
C VAL H 451 2.64 6.35 -29.34
N TYR H 452 3.88 5.90 -29.41
CA TYR H 452 4.18 4.48 -29.38
C TYR H 452 4.39 4.00 -27.96
N VAL H 453 3.84 2.84 -27.64
CA VAL H 453 3.88 2.29 -26.29
C VAL H 453 4.74 1.04 -26.33
N LYS H 454 5.75 0.99 -25.48
CA LYS H 454 6.65 -0.15 -25.39
C LYS H 454 6.67 -0.67 -23.97
N GLY H 455 6.93 -1.96 -23.83
CA GLY H 455 7.04 -2.57 -22.53
C GLY H 455 5.79 -3.27 -22.05
N ILE H 456 4.73 -3.33 -22.86
CA ILE H 456 3.55 -4.07 -22.48
C ILE H 456 3.88 -5.54 -22.42
#